data_2LS5
#
_entry.id   2LS5
#
_entity_poly.entity_id   1
_entity_poly.type   'polypeptide(L)'
_entity_poly.pdbx_seq_one_letter_code
;MSLGYIVRIGEMAPDFTITLTDGKQVTLSSLRGKVVMLQFTASWCGVCRKEMPFIEKDIWLKHKDNADFALIGIDRDEPL
EKVLAFAKSTGVTYPLGLDPGADIFAKYALRDAGITRNVLIDREGKIVKLTRLYNEEEFASLVQQINEMLKEGHHHHHH
;
_entity_poly.pdbx_strand_id   A
#
# COMPACT_ATOMS: atom_id res chain seq x y z
N MET A 1 13.65 9.53 -12.19
CA MET A 1 14.04 10.60 -11.23
C MET A 1 13.91 10.09 -9.80
N SER A 2 13.93 10.98 -8.82
CA SER A 2 13.80 10.59 -7.42
C SER A 2 12.34 10.28 -7.07
N LEU A 3 11.55 11.32 -6.83
CA LEU A 3 10.14 11.12 -6.49
C LEU A 3 9.27 11.30 -7.72
N GLY A 4 9.32 10.32 -8.60
CA GLY A 4 8.59 10.40 -9.85
C GLY A 4 7.19 9.86 -9.75
N TYR A 5 6.27 10.69 -9.27
CA TYR A 5 4.87 10.33 -9.20
C TYR A 5 4.14 10.84 -10.43
N ILE A 6 3.35 9.97 -11.05
CA ILE A 6 2.50 10.41 -12.15
C ILE A 6 1.09 10.69 -11.63
N VAL A 7 0.85 10.23 -10.41
CA VAL A 7 -0.42 10.46 -9.75
C VAL A 7 -0.22 11.44 -8.58
N ARG A 8 -1.25 12.18 -8.24
CA ARG A 8 -1.11 13.25 -7.24
C ARG A 8 -2.13 13.10 -6.12
N ILE A 9 -1.95 13.87 -5.05
CA ILE A 9 -2.88 13.85 -3.93
C ILE A 9 -4.24 14.40 -4.35
N GLY A 10 -5.28 13.63 -4.07
CA GLY A 10 -6.62 14.02 -4.43
C GLY A 10 -7.05 13.40 -5.74
N GLU A 11 -6.14 12.69 -6.38
CA GLU A 11 -6.42 12.03 -7.63
C GLU A 11 -6.96 10.64 -7.37
N MET A 12 -7.79 10.13 -8.27
CA MET A 12 -8.36 8.80 -8.09
C MET A 12 -7.36 7.73 -8.50
N ALA A 13 -7.37 6.63 -7.76
CA ALA A 13 -6.43 5.55 -7.97
C ALA A 13 -6.83 4.65 -9.14
N PRO A 14 -5.88 4.35 -10.04
CA PRO A 14 -6.11 3.44 -11.17
C PRO A 14 -6.41 2.02 -10.70
N ASP A 15 -7.09 1.26 -11.54
CA ASP A 15 -7.49 -0.09 -11.18
C ASP A 15 -6.51 -1.11 -11.73
N PHE A 16 -6.62 -2.33 -11.22
CA PHE A 16 -5.72 -3.41 -11.58
C PHE A 16 -6.15 -4.68 -10.87
N THR A 17 -5.61 -5.81 -11.31
CA THR A 17 -5.85 -7.09 -10.65
C THR A 17 -4.51 -7.78 -10.45
N ILE A 18 -4.05 -7.80 -9.21
CA ILE A 18 -2.72 -8.28 -8.90
C ILE A 18 -2.77 -9.63 -8.19
N THR A 19 -1.81 -10.49 -8.51
CA THR A 19 -1.73 -11.81 -7.92
C THR A 19 -0.97 -11.75 -6.60
N LEU A 20 -1.61 -12.23 -5.53
CA LEU A 20 -1.02 -12.22 -4.20
C LEU A 20 -0.08 -13.42 -4.01
N THR A 21 0.61 -13.43 -2.87
CA THR A 21 1.60 -14.43 -2.55
C THR A 21 1.04 -15.85 -2.55
N ASP A 22 -0.24 -15.98 -2.21
CA ASP A 22 -0.87 -17.29 -2.10
C ASP A 22 -1.70 -17.57 -3.34
N GLY A 23 -1.43 -16.82 -4.41
CA GLY A 23 -2.06 -17.08 -5.69
C GLY A 23 -3.47 -16.55 -5.76
N LYS A 24 -3.69 -15.38 -5.19
CA LYS A 24 -5.01 -14.76 -5.22
C LYS A 24 -5.03 -13.56 -6.14
N GLN A 25 -6.07 -13.46 -6.93
CA GLN A 25 -6.25 -12.33 -7.82
C GLN A 25 -7.20 -11.32 -7.21
N VAL A 26 -6.71 -10.13 -6.91
CA VAL A 26 -7.52 -9.10 -6.29
C VAL A 26 -7.59 -7.85 -7.17
N THR A 27 -8.80 -7.44 -7.46
CA THR A 27 -9.04 -6.25 -8.27
C THR A 27 -9.23 -5.04 -7.35
N LEU A 28 -8.73 -3.88 -7.80
CA LEU A 28 -8.77 -2.67 -6.99
C LEU A 28 -10.22 -2.20 -6.79
N SER A 29 -11.06 -2.48 -7.79
CA SER A 29 -12.49 -2.18 -7.71
C SER A 29 -13.11 -2.75 -6.44
N SER A 30 -12.75 -3.99 -6.13
CA SER A 30 -13.32 -4.71 -5.00
C SER A 30 -12.91 -4.09 -3.67
N LEU A 31 -11.78 -3.39 -3.67
CA LEU A 31 -11.25 -2.81 -2.44
C LEU A 31 -11.80 -1.41 -2.20
N ARG A 32 -12.27 -0.75 -3.25
CA ARG A 32 -12.82 0.60 -3.13
C ARG A 32 -14.01 0.63 -2.18
N GLY A 33 -14.31 1.82 -1.67
CA GLY A 33 -15.32 1.96 -0.64
C GLY A 33 -14.72 1.72 0.73
N LYS A 34 -13.61 0.99 0.74
CA LYS A 34 -12.87 0.72 1.94
C LYS A 34 -11.56 1.49 1.90
N VAL A 35 -10.88 1.53 3.03
CA VAL A 35 -9.59 2.20 3.10
C VAL A 35 -8.48 1.26 2.59
N VAL A 36 -7.88 1.64 1.48
CA VAL A 36 -6.91 0.77 0.83
C VAL A 36 -5.51 1.33 0.95
N MET A 37 -4.65 0.61 1.65
CA MET A 37 -3.25 0.99 1.76
C MET A 37 -2.40 0.16 0.82
N LEU A 38 -1.81 0.81 -0.16
CA LEU A 38 -0.95 0.14 -1.13
C LEU A 38 0.50 0.54 -0.94
N GLN A 39 1.31 -0.39 -0.44
CA GLN A 39 2.73 -0.13 -0.29
C GLN A 39 3.47 -0.66 -1.51
N PHE A 40 4.32 0.17 -2.10
CA PHE A 40 5.14 -0.26 -3.21
C PHE A 40 6.55 -0.54 -2.71
N THR A 41 6.88 -1.82 -2.66
CA THR A 41 8.11 -2.26 -2.04
C THR A 41 8.85 -3.22 -2.97
N ALA A 42 9.94 -3.78 -2.48
CA ALA A 42 10.72 -4.76 -3.22
C ALA A 42 11.66 -5.48 -2.28
N SER A 43 11.87 -6.76 -2.53
CA SER A 43 12.70 -7.59 -1.67
C SER A 43 14.14 -7.06 -1.55
N TRP A 44 14.58 -6.31 -2.55
CA TRP A 44 15.94 -5.78 -2.55
C TRP A 44 16.01 -4.40 -1.91
N CYS A 45 14.91 -3.95 -1.30
CA CYS A 45 14.89 -2.67 -0.63
C CYS A 45 15.20 -2.85 0.86
N GLY A 46 16.18 -2.09 1.34
CA GLY A 46 16.54 -2.15 2.73
C GLY A 46 15.69 -1.25 3.60
N VAL A 47 15.25 -0.12 3.04
CA VAL A 47 14.44 0.86 3.78
C VAL A 47 13.08 0.25 4.14
N CYS A 48 12.57 -0.60 3.25
CA CYS A 48 11.29 -1.24 3.47
C CYS A 48 11.34 -2.20 4.65
N ARG A 49 12.55 -2.56 5.08
CA ARG A 49 12.72 -3.45 6.20
C ARG A 49 12.52 -2.69 7.51
N LYS A 50 12.29 -1.39 7.39
CA LYS A 50 11.73 -0.58 8.47
C LYS A 50 10.25 -0.34 8.18
N GLU A 51 9.99 0.01 6.94
CA GLU A 51 8.66 0.36 6.46
C GLU A 51 7.63 -0.74 6.74
N MET A 52 7.88 -1.90 6.13
CA MET A 52 6.94 -3.01 6.18
C MET A 52 6.66 -3.50 7.61
N PRO A 53 7.70 -3.80 8.43
CA PRO A 53 7.50 -4.26 9.82
C PRO A 53 6.68 -3.27 10.64
N PHE A 54 6.94 -1.98 10.47
CA PHE A 54 6.17 -0.97 11.17
C PHE A 54 4.72 -0.96 10.69
N ILE A 55 4.55 -1.01 9.37
CA ILE A 55 3.23 -1.08 8.76
C ILE A 55 2.46 -2.28 9.31
N GLU A 56 3.12 -3.42 9.38
CA GLU A 56 2.51 -4.62 9.91
C GLU A 56 2.12 -4.45 11.38
N LYS A 57 3.06 -3.95 12.18
CA LYS A 57 2.89 -3.87 13.63
C LYS A 57 1.74 -2.94 14.03
N ASP A 58 1.76 -1.69 13.56
CA ASP A 58 0.82 -0.70 14.08
C ASP A 58 -0.32 -0.40 13.11
N ILE A 59 -0.21 -0.85 11.87
CA ILE A 59 -1.29 -0.66 10.92
C ILE A 59 -2.03 -1.97 10.69
N TRP A 60 -1.32 -2.95 10.13
CA TRP A 60 -1.91 -4.23 9.77
C TRP A 60 -2.52 -4.94 10.98
N LEU A 61 -1.68 -5.26 11.96
CA LEU A 61 -2.10 -6.04 13.12
C LEU A 61 -3.31 -5.43 13.83
N LYS A 62 -3.52 -4.13 13.64
CA LYS A 62 -4.62 -3.45 14.30
C LYS A 62 -5.89 -3.48 13.45
N HIS A 63 -5.77 -3.06 12.19
CA HIS A 63 -6.96 -2.78 11.38
C HIS A 63 -7.13 -3.75 10.22
N LYS A 64 -6.24 -4.74 10.10
CA LYS A 64 -6.19 -5.62 8.91
C LYS A 64 -7.56 -6.03 8.38
N ASP A 65 -8.45 -6.37 9.28
CA ASP A 65 -9.81 -6.72 8.91
C ASP A 65 -10.73 -5.50 9.08
N ASN A 66 -11.04 -5.22 10.34
CA ASN A 66 -11.95 -4.14 10.73
C ASN A 66 -13.36 -4.43 10.24
N ALA A 67 -13.52 -4.30 8.92
CA ALA A 67 -14.79 -4.43 8.21
C ALA A 67 -14.67 -3.65 6.92
N ASP A 68 -13.79 -2.66 6.94
CA ASP A 68 -13.66 -1.72 5.84
C ASP A 68 -12.19 -1.39 5.58
N PHE A 69 -11.27 -2.26 6.00
CA PHE A 69 -9.85 -1.98 5.81
C PHE A 69 -9.22 -2.95 4.82
N ALA A 70 -8.36 -2.42 3.95
CA ALA A 70 -7.63 -3.24 2.99
C ALA A 70 -6.17 -2.81 2.90
N LEU A 71 -5.26 -3.76 3.03
CA LEU A 71 -3.83 -3.48 2.94
C LEU A 71 -3.16 -4.51 2.05
N ILE A 72 -2.58 -4.04 0.94
CA ILE A 72 -1.89 -4.93 0.01
C ILE A 72 -0.49 -4.38 -0.28
N GLY A 73 0.51 -5.24 -0.18
CA GLY A 73 1.86 -4.85 -0.51
C GLY A 73 2.24 -5.32 -1.90
N ILE A 74 2.84 -4.43 -2.69
CA ILE A 74 3.19 -4.75 -4.06
C ILE A 74 4.70 -4.72 -4.27
N ASP A 75 5.26 -5.79 -4.82
CA ASP A 75 6.68 -5.81 -5.17
C ASP A 75 6.85 -5.32 -6.60
N ARG A 76 7.83 -4.45 -6.80
CA ARG A 76 8.00 -3.72 -8.04
C ARG A 76 8.44 -4.61 -9.21
N ASP A 77 9.14 -5.70 -8.94
CA ASP A 77 9.75 -6.46 -10.04
C ASP A 77 10.10 -7.89 -9.67
N GLU A 78 10.36 -8.17 -8.40
CA GLU A 78 10.77 -9.50 -8.00
C GLU A 78 9.59 -10.47 -8.00
N PRO A 79 9.80 -11.64 -8.63
CA PRO A 79 8.75 -12.67 -8.79
C PRO A 79 8.32 -13.36 -7.50
N LEU A 80 7.60 -14.47 -7.68
CA LEU A 80 6.90 -15.16 -6.59
C LEU A 80 7.86 -15.63 -5.49
N GLU A 81 8.88 -16.39 -5.88
CA GLU A 81 9.78 -17.01 -4.90
C GLU A 81 10.56 -15.95 -4.12
N LYS A 82 10.93 -14.87 -4.79
CA LYS A 82 11.63 -13.76 -4.15
C LYS A 82 10.81 -13.18 -3.03
N VAL A 83 9.59 -12.79 -3.36
CA VAL A 83 8.70 -12.15 -2.40
C VAL A 83 8.39 -13.06 -1.23
N LEU A 84 8.15 -14.34 -1.51
CA LEU A 84 7.87 -15.32 -0.46
C LEU A 84 9.06 -15.48 0.48
N ALA A 85 10.26 -15.56 -0.10
CA ALA A 85 11.47 -15.73 0.70
C ALA A 85 11.78 -14.49 1.52
N PHE A 86 11.35 -13.34 1.02
CA PHE A 86 11.56 -12.07 1.71
C PHE A 86 10.53 -11.89 2.82
N ALA A 87 9.25 -12.00 2.47
CA ALA A 87 8.16 -11.78 3.42
C ALA A 87 8.29 -12.68 4.65
N LYS A 88 8.61 -13.95 4.43
CA LYS A 88 8.71 -14.90 5.53
C LYS A 88 9.82 -14.51 6.50
N SER A 89 10.82 -13.80 6.00
CA SER A 89 11.97 -13.44 6.79
C SER A 89 11.74 -12.12 7.54
N THR A 90 10.82 -11.31 7.03
CA THR A 90 10.46 -10.06 7.66
C THR A 90 9.22 -10.22 8.52
N GLY A 91 8.53 -11.34 8.32
CA GLY A 91 7.30 -11.62 9.04
C GLY A 91 6.12 -11.46 8.12
N VAL A 92 5.79 -10.20 7.85
CA VAL A 92 4.74 -9.78 6.91
C VAL A 92 3.59 -10.78 6.77
N THR A 93 2.62 -10.67 7.66
CA THR A 93 1.45 -11.52 7.62
C THR A 93 0.39 -10.98 6.66
N TYR A 94 0.68 -9.84 6.02
CA TYR A 94 -0.23 -9.29 5.02
C TYR A 94 0.20 -9.69 3.63
N PRO A 95 -0.78 -10.03 2.77
CA PRO A 95 -0.51 -10.53 1.41
C PRO A 95 0.24 -9.53 0.54
N LEU A 96 1.25 -10.04 -0.13
CA LEU A 96 2.03 -9.24 -1.06
C LEU A 96 1.73 -9.69 -2.49
N GLY A 97 1.61 -8.74 -3.39
CA GLY A 97 1.33 -9.06 -4.76
C GLY A 97 2.55 -8.89 -5.64
N LEU A 98 2.64 -9.70 -6.68
CA LEU A 98 3.78 -9.64 -7.58
C LEU A 98 3.47 -8.71 -8.74
N ASP A 99 4.35 -7.75 -8.97
CA ASP A 99 4.23 -6.87 -10.15
C ASP A 99 5.49 -7.00 -11.02
N PRO A 100 5.61 -8.13 -11.75
CA PRO A 100 6.81 -8.42 -12.56
C PRO A 100 6.91 -7.49 -13.77
N GLY A 101 7.73 -6.45 -13.64
CA GLY A 101 7.92 -5.52 -14.72
C GLY A 101 7.60 -4.10 -14.32
N ALA A 102 7.11 -3.95 -13.10
CA ALA A 102 6.74 -2.64 -12.56
C ALA A 102 5.61 -2.01 -13.37
N ASP A 103 4.59 -2.79 -13.70
CA ASP A 103 3.45 -2.28 -14.45
C ASP A 103 2.45 -1.63 -13.52
N ILE A 104 2.08 -2.34 -12.45
CA ILE A 104 1.19 -1.78 -11.45
C ILE A 104 1.87 -0.62 -10.75
N PHE A 105 3.19 -0.75 -10.60
CA PHE A 105 4.02 0.31 -10.09
C PHE A 105 3.99 1.52 -11.03
N ALA A 106 4.05 1.24 -12.33
CA ALA A 106 4.05 2.29 -13.35
C ALA A 106 2.70 2.98 -13.44
N LYS A 107 1.67 2.34 -12.91
CA LYS A 107 0.33 2.92 -12.90
C LYS A 107 0.19 3.98 -11.82
N TYR A 108 1.20 4.10 -10.97
CA TYR A 108 1.19 5.08 -9.89
C TYR A 108 2.41 5.98 -9.94
N ALA A 109 3.53 5.43 -10.39
CA ALA A 109 4.78 6.17 -10.44
C ALA A 109 5.66 5.70 -11.58
N LEU A 110 6.71 6.45 -11.86
CA LEU A 110 7.67 6.06 -12.89
C LEU A 110 8.50 4.88 -12.42
N ARG A 111 8.64 3.89 -13.30
CA ARG A 111 9.38 2.66 -12.97
C ARG A 111 10.82 3.00 -12.59
N ASP A 112 11.33 4.06 -13.20
CA ASP A 112 12.71 4.48 -13.03
C ASP A 112 12.81 5.62 -12.02
N ALA A 113 11.79 5.78 -11.20
CA ALA A 113 11.76 6.86 -10.23
C ALA A 113 11.70 6.33 -8.81
N GLY A 114 12.67 5.51 -8.45
CA GLY A 114 12.76 4.98 -7.10
C GLY A 114 11.83 3.79 -6.89
N ILE A 115 11.48 3.54 -5.63
CA ILE A 115 10.60 2.43 -5.30
C ILE A 115 9.81 2.69 -4.01
N THR A 116 10.52 2.87 -2.91
CA THR A 116 9.91 2.98 -1.58
C THR A 116 8.87 4.09 -1.49
N ARG A 117 7.60 3.70 -1.33
CA ARG A 117 6.51 4.65 -1.21
C ARG A 117 5.22 3.96 -0.78
N ASN A 118 4.32 4.71 -0.15
CA ASN A 118 3.03 4.16 0.26
C ASN A 118 1.91 5.01 -0.30
N VAL A 119 0.94 4.34 -0.90
CA VAL A 119 -0.23 4.99 -1.46
C VAL A 119 -1.46 4.69 -0.62
N LEU A 120 -1.96 5.68 0.08
CA LEU A 120 -3.16 5.48 0.88
C LEU A 120 -4.38 5.96 0.12
N ILE A 121 -5.22 5.01 -0.25
CA ILE A 121 -6.44 5.29 -1.00
C ILE A 121 -7.61 5.46 -0.04
N ASP A 122 -8.45 6.45 -0.29
CA ASP A 122 -9.57 6.75 0.58
C ASP A 122 -10.82 5.98 0.16
N ARG A 123 -11.89 6.18 0.92
CA ARG A 123 -13.14 5.46 0.72
C ARG A 123 -13.77 5.74 -0.65
N GLU A 124 -13.52 6.93 -1.20
CA GLU A 124 -14.02 7.27 -2.52
C GLU A 124 -13.20 6.58 -3.60
N GLY A 125 -11.93 6.37 -3.31
CA GLY A 125 -11.03 5.80 -4.28
C GLY A 125 -9.96 6.77 -4.71
N LYS A 126 -9.78 7.81 -3.90
CA LYS A 126 -8.80 8.84 -4.20
C LYS A 126 -7.56 8.66 -3.33
N ILE A 127 -6.41 9.04 -3.86
CA ILE A 127 -5.17 8.94 -3.12
C ILE A 127 -4.98 10.17 -2.26
N VAL A 128 -5.03 9.99 -0.95
CA VAL A 128 -4.97 11.11 -0.02
C VAL A 128 -3.59 11.26 0.63
N LYS A 129 -2.88 10.16 0.78
CA LYS A 129 -1.62 10.20 1.51
C LYS A 129 -0.48 9.64 0.66
N LEU A 130 0.44 10.50 0.30
CA LEU A 130 1.70 10.09 -0.32
C LEU A 130 2.80 10.13 0.74
N THR A 131 3.44 9.00 0.97
CA THR A 131 4.54 8.93 1.91
C THR A 131 5.80 8.43 1.23
N ARG A 132 6.95 8.95 1.64
CA ARG A 132 8.22 8.59 1.02
C ARG A 132 9.01 7.65 1.92
N LEU A 133 9.38 6.48 1.37
CA LEU A 133 10.22 5.49 2.06
C LEU A 133 9.90 5.35 3.54
N TYR A 134 8.61 5.16 3.83
CA TYR A 134 8.13 5.05 5.21
C TYR A 134 8.24 6.40 5.94
N ASN A 135 9.46 6.78 6.32
CA ASN A 135 9.73 8.01 7.08
C ASN A 135 8.99 8.02 8.43
N GLU A 136 9.77 8.12 9.50
CA GLU A 136 9.25 8.00 10.87
C GLU A 136 8.01 8.85 11.09
N GLU A 137 8.16 10.17 10.96
CA GLU A 137 7.10 11.12 11.23
C GLU A 137 5.89 10.91 10.32
N GLU A 138 6.15 10.65 9.05
CA GLU A 138 5.09 10.44 8.08
C GLU A 138 4.28 9.19 8.40
N PHE A 139 4.97 8.17 8.88
CA PHE A 139 4.30 6.94 9.29
C PHE A 139 3.38 7.20 10.48
N ALA A 140 3.88 7.97 11.45
CA ALA A 140 3.11 8.32 12.63
C ALA A 140 1.80 9.02 12.23
N SER A 141 1.91 10.02 11.37
CA SER A 141 0.75 10.75 10.90
C SER A 141 -0.15 9.85 10.05
N LEU A 142 0.47 8.98 9.27
CA LEU A 142 -0.25 8.08 8.38
C LEU A 142 -1.17 7.17 9.21
N VAL A 143 -0.60 6.56 10.25
CA VAL A 143 -1.36 5.66 11.13
C VAL A 143 -2.54 6.39 11.78
N GLN A 144 -2.27 7.58 12.31
CA GLN A 144 -3.32 8.38 12.94
C GLN A 144 -4.43 8.66 11.94
N GLN A 145 -4.05 9.06 10.74
CA GLN A 145 -5.01 9.32 9.68
C GLN A 145 -5.81 8.07 9.35
N ILE A 146 -5.14 6.92 9.34
CA ILE A 146 -5.81 5.64 9.11
C ILE A 146 -6.94 5.44 10.09
N ASN A 147 -6.67 5.67 11.37
CA ASN A 147 -7.70 5.58 12.40
C ASN A 147 -8.91 6.43 12.02
N GLU A 148 -8.66 7.63 11.52
CA GLU A 148 -9.75 8.48 11.03
C GLU A 148 -10.39 7.88 9.78
N MET A 149 -9.56 7.38 8.86
CA MET A 149 -10.02 6.93 7.55
C MET A 149 -11.08 5.85 7.68
N LEU A 150 -10.91 5.01 8.69
CA LEU A 150 -11.86 3.95 8.99
C LEU A 150 -13.23 4.52 9.32
N LYS A 151 -13.24 5.73 9.85
CA LYS A 151 -14.49 6.42 10.21
C LYS A 151 -14.88 7.36 9.07
N GLU A 152 -13.90 8.18 8.67
CA GLU A 152 -14.02 9.16 7.60
C GLU A 152 -14.70 10.43 8.09
N GLY A 153 -13.87 11.39 8.48
CA GLY A 153 -14.37 12.67 8.88
C GLY A 153 -13.65 13.80 8.17
N HIS A 154 -12.74 13.44 7.26
CA HIS A 154 -11.96 14.43 6.55
C HIS A 154 -12.77 15.05 5.42
N HIS A 155 -13.87 14.42 5.04
CA HIS A 155 -14.82 15.04 4.14
C HIS A 155 -15.47 16.24 4.81
N HIS A 156 -15.82 16.07 6.09
CA HIS A 156 -16.40 17.12 6.93
C HIS A 156 -17.83 17.46 6.49
N HIS A 157 -18.04 17.62 5.19
CA HIS A 157 -19.36 17.90 4.63
C HIS A 157 -20.16 16.59 4.51
N HIS A 158 -19.55 15.50 4.97
CA HIS A 158 -20.12 14.14 4.86
C HIS A 158 -20.07 13.65 3.42
N HIS A 159 -20.30 14.56 2.50
CA HIS A 159 -20.07 14.31 1.08
C HIS A 159 -19.50 15.58 0.46
N MET A 1 15.71 13.62 -12.72
CA MET A 1 14.24 13.77 -12.60
C MET A 1 13.89 14.51 -11.32
N SER A 2 12.61 14.79 -11.13
CA SER A 2 12.16 15.53 -9.94
C SER A 2 11.95 14.59 -8.75
N LEU A 3 10.78 13.99 -8.66
CA LEU A 3 10.45 13.14 -7.51
C LEU A 3 10.02 11.74 -7.95
N GLY A 4 9.40 11.66 -9.12
CA GLY A 4 9.02 10.37 -9.66
C GLY A 4 7.52 10.13 -9.62
N TYR A 5 6.82 10.86 -8.76
CA TYR A 5 5.37 10.73 -8.66
C TYR A 5 4.69 11.45 -9.80
N ILE A 6 3.82 10.73 -10.49
CA ILE A 6 3.08 11.28 -11.62
C ILE A 6 1.60 11.44 -11.28
N VAL A 7 1.20 10.85 -10.15
CA VAL A 7 -0.17 10.90 -9.71
C VAL A 7 -0.31 11.95 -8.60
N ARG A 8 -1.51 12.47 -8.42
CA ARG A 8 -1.74 13.56 -7.48
C ARG A 8 -2.77 13.18 -6.42
N ILE A 9 -2.79 13.95 -5.35
CA ILE A 9 -3.75 13.75 -4.27
C ILE A 9 -5.12 14.26 -4.70
N GLY A 10 -6.12 13.42 -4.60
CA GLY A 10 -7.46 13.79 -5.00
C GLY A 10 -7.92 13.03 -6.21
N GLU A 11 -6.97 12.57 -7.01
CA GLU A 11 -7.27 11.79 -8.21
C GLU A 11 -7.67 10.38 -7.81
N MET A 12 -8.42 9.70 -8.67
CA MET A 12 -8.89 8.35 -8.36
C MET A 12 -7.82 7.33 -8.70
N ALA A 13 -7.66 6.35 -7.83
CA ALA A 13 -6.67 5.31 -7.99
C ALA A 13 -6.92 4.48 -9.24
N PRO A 14 -5.93 4.42 -10.15
CA PRO A 14 -6.02 3.61 -11.36
C PRO A 14 -6.16 2.13 -11.04
N ASP A 15 -7.31 1.57 -11.39
CA ASP A 15 -7.67 0.21 -11.00
C ASP A 15 -6.71 -0.81 -11.59
N PHE A 16 -6.55 -1.94 -10.89
CA PHE A 16 -5.67 -3.00 -11.34
C PHE A 16 -6.04 -4.31 -10.68
N THR A 17 -5.49 -5.39 -11.21
CA THR A 17 -5.67 -6.71 -10.63
C THR A 17 -4.31 -7.39 -10.46
N ILE A 18 -3.87 -7.50 -9.22
CA ILE A 18 -2.54 -8.01 -8.94
C ILE A 18 -2.61 -9.42 -8.37
N THR A 19 -1.63 -10.24 -8.74
CA THR A 19 -1.55 -11.61 -8.26
C THR A 19 -0.85 -11.66 -6.90
N LEU A 20 -1.45 -12.36 -5.95
CA LEU A 20 -0.88 -12.47 -4.62
C LEU A 20 0.12 -13.62 -4.53
N THR A 21 0.80 -13.71 -3.39
CA THR A 21 1.83 -14.69 -3.14
C THR A 21 1.35 -16.14 -3.34
N ASP A 22 0.08 -16.38 -3.02
CA ASP A 22 -0.45 -17.73 -3.03
C ASP A 22 -1.30 -17.95 -4.28
N GLY A 23 -1.10 -17.10 -5.28
CA GLY A 23 -1.76 -17.29 -6.56
C GLY A 23 -3.20 -16.81 -6.54
N LYS A 24 -3.45 -15.73 -5.84
CA LYS A 24 -4.78 -15.13 -5.80
C LYS A 24 -4.78 -13.83 -6.60
N GLN A 25 -5.97 -13.31 -6.89
CA GLN A 25 -6.09 -12.10 -7.68
C GLN A 25 -7.01 -11.11 -6.98
N VAL A 26 -6.49 -9.94 -6.66
CA VAL A 26 -7.32 -8.88 -6.09
C VAL A 26 -7.42 -7.72 -7.05
N THR A 27 -8.59 -7.09 -7.08
CA THR A 27 -8.83 -5.96 -7.96
C THR A 27 -9.25 -4.75 -7.12
N LEU A 28 -8.82 -3.56 -7.52
CA LEU A 28 -9.19 -2.35 -6.80
C LEU A 28 -10.69 -2.14 -6.83
N SER A 29 -11.32 -2.49 -7.96
CA SER A 29 -12.77 -2.44 -8.08
C SER A 29 -13.45 -3.26 -6.99
N SER A 30 -12.82 -4.36 -6.61
CA SER A 30 -13.35 -5.23 -5.58
C SER A 30 -13.14 -4.60 -4.20
N LEU A 31 -12.12 -3.75 -4.08
CA LEU A 31 -11.80 -3.13 -2.81
C LEU A 31 -12.42 -1.73 -2.70
N ARG A 32 -13.13 -1.29 -3.73
CA ARG A 32 -13.83 0.00 -3.68
C ARG A 32 -14.83 -0.01 -2.53
N GLY A 33 -14.90 1.09 -1.80
CA GLY A 33 -15.79 1.19 -0.67
C GLY A 33 -15.02 1.04 0.62
N LYS A 34 -13.85 0.45 0.52
CA LYS A 34 -12.97 0.26 1.65
C LYS A 34 -11.75 1.17 1.52
N VAL A 35 -11.09 1.44 2.64
CA VAL A 35 -9.86 2.21 2.62
C VAL A 35 -8.68 1.29 2.30
N VAL A 36 -8.04 1.55 1.18
CA VAL A 36 -7.00 0.66 0.66
C VAL A 36 -5.62 1.28 0.86
N MET A 37 -4.70 0.50 1.40
CA MET A 37 -3.32 0.94 1.55
C MET A 37 -2.41 0.15 0.63
N LEU A 38 -1.68 0.86 -0.22
CA LEU A 38 -0.75 0.23 -1.15
C LEU A 38 0.69 0.41 -0.66
N GLN A 39 1.33 -0.71 -0.36
CA GLN A 39 2.73 -0.71 0.05
C GLN A 39 3.60 -1.28 -1.08
N PHE A 40 4.47 -0.45 -1.65
CA PHE A 40 5.34 -0.90 -2.72
C PHE A 40 6.73 -1.24 -2.18
N THR A 41 7.08 -2.52 -2.20
CA THR A 41 8.31 -2.98 -1.60
C THR A 41 9.14 -3.81 -2.61
N ALA A 42 10.24 -4.38 -2.12
CA ALA A 42 11.14 -5.20 -2.92
C ALA A 42 12.12 -5.92 -2.01
N SER A 43 12.74 -6.98 -2.51
CA SER A 43 13.64 -7.79 -1.71
C SER A 43 14.99 -7.09 -1.52
N TRP A 44 15.27 -6.13 -2.38
CA TRP A 44 16.57 -5.45 -2.38
C TRP A 44 16.50 -4.06 -1.75
N CYS A 45 15.40 -3.75 -1.07
CA CYS A 45 15.29 -2.45 -0.43
C CYS A 45 15.33 -2.57 1.09
N GLY A 46 16.38 -2.03 1.68
CA GLY A 46 16.56 -2.11 3.12
C GLY A 46 15.63 -1.20 3.89
N VAL A 47 15.20 -0.12 3.25
CA VAL A 47 14.31 0.85 3.90
C VAL A 47 12.97 0.21 4.25
N CYS A 48 12.50 -0.68 3.38
CA CYS A 48 11.24 -1.37 3.62
C CYS A 48 11.34 -2.34 4.78
N ARG A 49 12.56 -2.68 5.21
CA ARG A 49 12.73 -3.53 6.36
C ARG A 49 12.46 -2.75 7.65
N LYS A 50 12.29 -1.45 7.51
CA LYS A 50 11.66 -0.62 8.53
C LYS A 50 10.15 -0.62 8.30
N GLU A 51 9.82 -0.25 7.07
CA GLU A 51 8.47 0.02 6.64
C GLU A 51 7.53 -1.17 6.86
N MET A 52 7.83 -2.27 6.19
CA MET A 52 6.94 -3.44 6.17
C MET A 52 6.56 -3.93 7.58
N PRO A 53 7.55 -4.24 8.46
CA PRO A 53 7.26 -4.70 9.83
C PRO A 53 6.50 -3.66 10.65
N PHE A 54 6.80 -2.38 10.46
CA PHE A 54 6.07 -1.33 11.13
C PHE A 54 4.63 -1.28 10.61
N ILE A 55 4.47 -1.41 9.31
CA ILE A 55 3.15 -1.42 8.68
C ILE A 55 2.31 -2.57 9.22
N GLU A 56 2.84 -3.78 9.17
CA GLU A 56 2.06 -4.94 9.61
C GLU A 56 1.76 -4.87 11.11
N LYS A 57 2.66 -4.27 11.86
CA LYS A 57 2.54 -4.20 13.31
C LYS A 57 1.43 -3.24 13.75
N ASP A 58 1.50 -2.00 13.31
CA ASP A 58 0.58 -0.98 13.82
C ASP A 58 -0.47 -0.54 12.81
N ILE A 59 -0.25 -0.82 11.54
CA ILE A 59 -1.25 -0.50 10.53
C ILE A 59 -2.13 -1.72 10.29
N TRP A 60 -1.49 -2.85 9.97
CA TRP A 60 -2.19 -4.09 9.70
C TRP A 60 -2.81 -4.65 10.98
N LEU A 61 -2.00 -5.18 11.87
CA LEU A 61 -2.49 -5.85 13.09
C LEU A 61 -3.54 -5.05 13.85
N LYS A 62 -3.48 -3.72 13.76
CA LYS A 62 -4.37 -2.86 14.52
C LYS A 62 -5.65 -2.53 13.74
N HIS A 63 -5.56 -2.41 12.43
CA HIS A 63 -6.69 -1.91 11.63
C HIS A 63 -7.11 -2.86 10.52
N LYS A 64 -6.38 -3.94 10.33
CA LYS A 64 -6.53 -4.84 9.18
C LYS A 64 -7.98 -5.15 8.84
N ASP A 65 -8.74 -5.58 9.84
CA ASP A 65 -10.11 -5.96 9.61
C ASP A 65 -10.99 -4.72 9.66
N ASN A 66 -11.31 -4.31 10.89
CA ASN A 66 -12.19 -3.17 11.17
C ASN A 66 -13.59 -3.41 10.60
N ALA A 67 -13.69 -3.34 9.28
CA ALA A 67 -14.95 -3.48 8.56
C ALA A 67 -14.72 -3.19 7.08
N ASP A 68 -13.71 -2.38 6.81
CA ASP A 68 -13.47 -1.88 5.46
C ASP A 68 -12.02 -1.52 5.25
N PHE A 69 -11.10 -2.17 5.95
CA PHE A 69 -9.70 -1.84 5.74
C PHE A 69 -9.04 -2.88 4.83
N ALA A 70 -8.43 -2.38 3.76
CA ALA A 70 -7.82 -3.26 2.77
C ALA A 70 -6.35 -2.88 2.56
N LEU A 71 -5.45 -3.70 3.08
CA LEU A 71 -4.02 -3.45 2.94
C LEU A 71 -3.40 -4.51 2.02
N ILE A 72 -2.83 -4.05 0.92
CA ILE A 72 -2.20 -4.94 -0.05
C ILE A 72 -0.75 -4.54 -0.28
N GLY A 73 0.16 -5.49 -0.10
CA GLY A 73 1.56 -5.22 -0.40
C GLY A 73 1.89 -5.52 -1.83
N ILE A 74 2.59 -4.62 -2.49
CA ILE A 74 2.96 -4.80 -3.88
C ILE A 74 4.47 -4.78 -4.05
N ASP A 75 5.05 -5.90 -4.45
CA ASP A 75 6.46 -5.95 -4.77
C ASP A 75 6.68 -5.36 -6.15
N ARG A 76 7.62 -4.42 -6.26
CA ARG A 76 7.82 -3.61 -7.46
C ARG A 76 7.81 -4.44 -8.74
N ASP A 77 8.81 -5.29 -8.89
CA ASP A 77 8.91 -6.14 -10.06
C ASP A 77 9.54 -7.48 -9.66
N GLU A 78 9.44 -7.77 -8.38
CA GLU A 78 10.02 -8.97 -7.80
C GLU A 78 9.26 -10.22 -8.27
N PRO A 79 9.98 -11.22 -8.77
CA PRO A 79 9.38 -12.51 -9.12
C PRO A 79 8.81 -13.23 -7.89
N LEU A 80 8.04 -14.28 -8.16
CA LEU A 80 7.27 -14.99 -7.12
C LEU A 80 8.16 -15.41 -5.95
N GLU A 81 9.26 -16.10 -6.23
CA GLU A 81 10.09 -16.67 -5.18
C GLU A 81 10.79 -15.58 -4.34
N LYS A 82 11.05 -14.43 -4.95
CA LYS A 82 11.62 -13.31 -4.21
C LYS A 82 10.65 -12.82 -3.16
N VAL A 83 9.42 -12.57 -3.57
CA VAL A 83 8.38 -12.07 -2.68
C VAL A 83 8.23 -12.97 -1.46
N LEU A 84 8.06 -14.27 -1.70
CA LEU A 84 7.86 -15.23 -0.62
C LEU A 84 9.10 -15.34 0.27
N ALA A 85 10.27 -15.29 -0.34
CA ALA A 85 11.52 -15.45 0.40
C ALA A 85 11.84 -14.23 1.22
N PHE A 86 11.36 -13.06 0.79
CA PHE A 86 11.63 -11.83 1.52
C PHE A 86 10.61 -11.64 2.65
N ALA A 87 9.33 -11.82 2.35
CA ALA A 87 8.26 -11.68 3.33
C ALA A 87 8.53 -12.52 4.57
N LYS A 88 8.89 -13.78 4.36
CA LYS A 88 9.14 -14.70 5.47
C LYS A 88 10.31 -14.23 6.33
N SER A 89 11.18 -13.44 5.74
CA SER A 89 12.39 -12.99 6.40
C SER A 89 12.16 -11.65 7.10
N THR A 90 10.95 -11.13 6.99
CA THR A 90 10.57 -9.91 7.68
C THR A 90 9.34 -10.16 8.56
N GLY A 91 8.60 -11.20 8.23
CA GLY A 91 7.38 -11.53 8.92
C GLY A 91 6.19 -11.39 8.01
N VAL A 92 5.81 -10.13 7.79
CA VAL A 92 4.71 -9.75 6.90
C VAL A 92 3.47 -10.61 7.08
N THR A 93 2.63 -10.20 8.01
CA THR A 93 1.38 -10.89 8.32
C THR A 93 0.29 -10.53 7.29
N TYR A 94 0.59 -9.61 6.39
CA TYR A 94 -0.37 -9.21 5.36
C TYR A 94 0.06 -9.77 3.99
N PRO A 95 -0.92 -10.14 3.14
CA PRO A 95 -0.62 -10.71 1.81
C PRO A 95 0.11 -9.74 0.89
N LEU A 96 1.12 -10.26 0.21
CA LEU A 96 1.85 -9.49 -0.78
C LEU A 96 1.45 -9.92 -2.18
N GLY A 97 1.55 -9.01 -3.11
CA GLY A 97 1.30 -9.31 -4.49
C GLY A 97 2.48 -8.91 -5.34
N LEU A 98 2.74 -9.68 -6.38
CA LEU A 98 3.89 -9.43 -7.23
C LEU A 98 3.47 -8.70 -8.48
N ASP A 99 4.23 -7.65 -8.82
CA ASP A 99 4.01 -6.88 -10.04
C ASP A 99 5.15 -7.14 -11.02
N PRO A 100 5.09 -8.25 -11.78
CA PRO A 100 6.16 -8.61 -12.72
C PRO A 100 6.20 -7.65 -13.91
N GLY A 101 6.94 -6.57 -13.75
CA GLY A 101 7.04 -5.59 -14.80
C GLY A 101 7.19 -4.18 -14.26
N ALA A 102 6.75 -3.99 -13.01
CA ALA A 102 6.79 -2.68 -12.34
C ALA A 102 5.79 -1.73 -12.96
N ASP A 103 4.76 -2.29 -13.57
CA ASP A 103 3.76 -1.49 -14.27
C ASP A 103 2.61 -1.11 -13.35
N ILE A 104 2.31 -1.93 -12.36
CA ILE A 104 1.36 -1.55 -11.33
C ILE A 104 2.00 -0.45 -10.49
N PHE A 105 3.29 -0.59 -10.29
CA PHE A 105 4.12 0.44 -9.66
C PHE A 105 4.06 1.72 -10.49
N ALA A 106 4.09 1.56 -11.82
CA ALA A 106 4.05 2.68 -12.75
C ALA A 106 2.71 3.38 -12.75
N LYS A 107 1.67 2.66 -12.36
CA LYS A 107 0.31 3.22 -12.31
C LYS A 107 0.17 4.23 -11.17
N TYR A 108 1.22 4.36 -10.38
CA TYR A 108 1.20 5.29 -9.26
C TYR A 108 2.42 6.22 -9.25
N ALA A 109 3.40 5.92 -10.09
CA ALA A 109 4.61 6.72 -10.20
C ALA A 109 5.51 6.17 -11.30
N LEU A 110 6.62 6.86 -11.57
CA LEU A 110 7.57 6.38 -12.56
C LEU A 110 8.11 5.01 -12.16
N ARG A 111 8.19 4.12 -13.15
CA ARG A 111 8.64 2.73 -12.94
C ARG A 111 9.95 2.68 -12.17
N ASP A 112 10.93 3.42 -12.63
CA ASP A 112 12.27 3.37 -12.08
C ASP A 112 12.56 4.59 -11.23
N ALA A 113 11.52 5.08 -10.56
CA ALA A 113 11.65 6.24 -9.68
C ALA A 113 12.12 5.83 -8.29
N GLY A 114 12.53 4.58 -8.16
CA GLY A 114 13.04 4.10 -6.89
C GLY A 114 12.18 2.97 -6.33
N ILE A 115 12.19 2.85 -5.02
CA ILE A 115 11.47 1.79 -4.33
C ILE A 115 11.05 2.29 -2.96
N THR A 116 10.21 1.52 -2.25
CA THR A 116 9.74 1.89 -0.92
C THR A 116 8.76 3.05 -1.00
N ARG A 117 7.47 2.73 -1.05
CA ARG A 117 6.43 3.73 -1.25
C ARG A 117 5.15 3.37 -0.52
N ASN A 118 4.43 4.39 -0.07
CA ASN A 118 3.16 4.22 0.62
C ASN A 118 2.09 5.06 -0.06
N VAL A 119 1.05 4.40 -0.55
CA VAL A 119 -0.06 5.10 -1.19
C VAL A 119 -1.36 4.71 -0.51
N LEU A 120 -2.09 5.70 -0.01
CA LEU A 120 -3.34 5.43 0.69
C LEU A 120 -4.54 5.87 -0.15
N ILE A 121 -5.49 4.97 -0.28
CA ILE A 121 -6.71 5.22 -1.05
C ILE A 121 -7.90 5.32 -0.11
N ASP A 122 -8.79 6.25 -0.38
CA ASP A 122 -10.01 6.41 0.43
C ASP A 122 -11.10 5.45 -0.04
N ARG A 123 -12.18 5.38 0.73
CA ARG A 123 -13.31 4.49 0.42
C ARG A 123 -13.93 4.83 -0.93
N GLU A 124 -13.78 6.08 -1.35
CA GLU A 124 -14.42 6.58 -2.55
C GLU A 124 -13.60 6.20 -3.79
N GLY A 125 -12.38 5.74 -3.56
CA GLY A 125 -11.56 5.28 -4.65
C GLY A 125 -10.48 6.28 -5.03
N LYS A 126 -10.40 7.36 -4.29
CA LYS A 126 -9.42 8.41 -4.58
C LYS A 126 -8.15 8.26 -3.76
N ILE A 127 -7.08 8.88 -4.21
CA ILE A 127 -5.79 8.83 -3.55
C ILE A 127 -5.61 10.04 -2.63
N VAL A 128 -5.28 9.78 -1.38
CA VAL A 128 -5.14 10.88 -0.40
C VAL A 128 -3.73 11.00 0.16
N LYS A 129 -2.95 9.93 0.12
CA LYS A 129 -1.64 9.95 0.75
C LYS A 129 -0.55 9.48 -0.20
N LEU A 130 0.37 10.39 -0.52
CA LEU A 130 1.53 10.08 -1.36
C LEU A 130 2.80 10.12 -0.51
N THR A 131 3.40 8.96 -0.27
CA THR A 131 4.60 8.87 0.53
C THR A 131 5.63 7.95 -0.12
N ARG A 132 6.90 8.32 -0.03
CA ARG A 132 7.99 7.44 -0.42
C ARG A 132 8.94 7.29 0.74
N LEU A 133 9.60 6.13 0.81
CA LEU A 133 10.59 5.79 1.86
C LEU A 133 10.11 6.10 3.29
N TYR A 134 9.74 5.04 4.01
CA TYR A 134 9.33 5.12 5.41
C TYR A 134 10.18 6.11 6.20
N ASN A 135 9.54 7.18 6.61
CA ASN A 135 10.16 8.16 7.49
C ASN A 135 9.48 8.07 8.86
N GLU A 136 10.26 8.20 9.92
CA GLU A 136 9.75 8.00 11.28
C GLU A 136 8.50 8.86 11.56
N GLU A 137 8.63 10.17 11.42
CA GLU A 137 7.51 11.10 11.65
C GLU A 137 6.35 10.80 10.71
N GLU A 138 6.68 10.34 9.50
CA GLU A 138 5.68 10.06 8.48
C GLU A 138 4.77 8.92 8.91
N PHE A 139 5.38 7.84 9.39
CA PHE A 139 4.62 6.67 9.81
C PHE A 139 3.69 7.01 10.97
N ALA A 140 4.16 7.84 11.89
CA ALA A 140 3.35 8.29 13.01
C ALA A 140 2.12 9.04 12.49
N SER A 141 2.35 9.94 11.54
CA SER A 141 1.28 10.70 10.90
C SER A 141 0.34 9.75 10.17
N LEU A 142 0.93 8.74 9.52
CA LEU A 142 0.17 7.74 8.80
C LEU A 142 -0.77 6.99 9.73
N VAL A 143 -0.25 6.55 10.88
CA VAL A 143 -1.05 5.80 11.86
C VAL A 143 -2.29 6.60 12.27
N GLN A 144 -2.09 7.87 12.62
CA GLN A 144 -3.19 8.72 13.02
C GLN A 144 -4.12 8.99 11.85
N GLN A 145 -3.54 9.20 10.67
CA GLN A 145 -4.29 9.39 9.44
C GLN A 145 -5.18 8.17 9.19
N ILE A 146 -4.59 6.99 9.33
CA ILE A 146 -5.32 5.74 9.16
C ILE A 146 -6.52 5.70 10.10
N ASN A 147 -6.30 6.09 11.35
CA ASN A 147 -7.36 6.06 12.36
C ASN A 147 -8.59 6.82 11.87
N GLU A 148 -8.37 8.06 11.44
CA GLU A 148 -9.47 8.91 10.99
C GLU A 148 -9.95 8.49 9.60
N MET A 149 -9.11 7.79 8.85
CA MET A 149 -9.50 7.26 7.53
C MET A 149 -10.46 6.09 7.69
N LEU A 150 -10.32 5.39 8.81
CA LEU A 150 -11.22 4.30 9.14
C LEU A 150 -12.55 4.84 9.64
N LYS A 151 -12.58 6.14 9.90
CA LYS A 151 -13.80 6.82 10.30
C LYS A 151 -14.37 7.58 9.11
N GLU A 152 -13.49 8.38 8.50
CA GLU A 152 -13.81 9.33 7.42
C GLU A 152 -15.05 10.16 7.71
N GLY A 153 -15.46 10.97 6.76
CA GLY A 153 -16.60 11.80 6.99
C GLY A 153 -17.03 12.58 5.78
N HIS A 154 -17.80 11.94 4.91
CA HIS A 154 -18.50 12.67 3.85
C HIS A 154 -19.36 13.73 4.53
N HIS A 155 -19.78 13.39 5.75
CA HIS A 155 -20.33 14.33 6.70
C HIS A 155 -19.89 13.92 8.10
N HIS A 156 -18.65 14.28 8.45
CA HIS A 156 -18.06 13.89 9.73
C HIS A 156 -18.73 14.66 10.87
N HIS A 157 -19.31 15.80 10.53
CA HIS A 157 -20.06 16.63 11.48
C HIS A 157 -21.39 15.96 11.81
N HIS A 158 -21.55 15.56 13.06
CA HIS A 158 -22.79 14.91 13.51
C HIS A 158 -23.42 15.67 14.66
N HIS A 159 -22.89 16.85 14.94
CA HIS A 159 -23.42 17.72 15.99
C HIS A 159 -23.03 19.16 15.70
N MET A 1 10.90 15.84 -11.37
CA MET A 1 10.29 14.50 -11.45
C MET A 1 10.94 13.53 -10.47
N SER A 2 11.71 14.08 -9.52
CA SER A 2 12.52 13.27 -8.62
C SER A 2 11.67 12.49 -7.61
N LEU A 3 10.41 12.86 -7.51
CA LEU A 3 9.49 12.16 -6.61
C LEU A 3 8.97 10.88 -7.26
N GLY A 4 9.12 10.79 -8.57
CA GLY A 4 8.74 9.59 -9.30
C GLY A 4 7.24 9.51 -9.58
N TYR A 5 6.44 10.17 -8.76
CA TYR A 5 4.99 10.09 -8.87
C TYR A 5 4.48 10.71 -10.17
N ILE A 6 3.65 9.96 -10.87
CA ILE A 6 2.91 10.50 -12.00
C ILE A 6 1.48 10.80 -11.57
N VAL A 7 1.12 10.32 -10.39
CA VAL A 7 -0.19 10.55 -9.81
C VAL A 7 -0.07 11.46 -8.59
N ARG A 8 -1.11 12.24 -8.34
CA ARG A 8 -1.08 13.23 -7.28
C ARG A 8 -2.14 12.95 -6.23
N ILE A 9 -1.98 13.58 -5.07
CA ILE A 9 -2.97 13.51 -4.01
C ILE A 9 -4.21 14.29 -4.41
N GLY A 10 -5.37 13.68 -4.25
CA GLY A 10 -6.60 14.30 -4.69
C GLY A 10 -7.15 13.62 -5.92
N GLU A 11 -6.26 13.04 -6.70
CA GLU A 11 -6.64 12.31 -7.90
C GLU A 11 -7.13 10.92 -7.52
N MET A 12 -7.61 10.17 -8.50
CA MET A 12 -8.09 8.82 -8.23
C MET A 12 -7.02 7.81 -8.60
N ALA A 13 -6.99 6.72 -7.85
CA ALA A 13 -6.00 5.67 -8.05
C ALA A 13 -6.39 4.77 -9.20
N PRO A 14 -5.43 4.43 -10.08
CA PRO A 14 -5.66 3.53 -11.20
C PRO A 14 -6.00 2.11 -10.74
N ASP A 15 -7.20 1.67 -11.08
CA ASP A 15 -7.68 0.34 -10.69
C ASP A 15 -6.89 -0.73 -11.43
N PHE A 16 -6.58 -1.82 -10.74
CA PHE A 16 -5.73 -2.86 -11.29
C PHE A 16 -6.02 -4.21 -10.66
N THR A 17 -5.59 -5.26 -11.34
CA THR A 17 -5.70 -6.61 -10.82
C THR A 17 -4.29 -7.14 -10.48
N ILE A 18 -4.06 -7.40 -9.20
CA ILE A 18 -2.74 -7.83 -8.74
C ILE A 18 -2.78 -9.25 -8.21
N THR A 19 -1.73 -10.01 -8.48
CA THR A 19 -1.62 -11.38 -8.01
C THR A 19 -0.88 -11.42 -6.68
N LEU A 20 -1.52 -11.97 -5.66
CA LEU A 20 -0.91 -12.08 -4.34
C LEU A 20 0.08 -13.25 -4.27
N THR A 21 0.77 -13.34 -3.14
CA THR A 21 1.83 -14.31 -2.92
C THR A 21 1.36 -15.76 -3.11
N ASP A 22 0.12 -16.04 -2.74
CA ASP A 22 -0.40 -17.40 -2.77
C ASP A 22 -1.26 -17.61 -4.01
N GLY A 23 -1.08 -16.74 -5.00
CA GLY A 23 -1.75 -16.93 -6.27
C GLY A 23 -3.18 -16.44 -6.24
N LYS A 24 -3.42 -15.36 -5.51
CA LYS A 24 -4.75 -14.77 -5.45
C LYS A 24 -4.78 -13.46 -6.21
N GLN A 25 -5.45 -13.47 -7.34
CA GLN A 25 -5.55 -12.28 -8.16
C GLN A 25 -6.76 -11.45 -7.75
N VAL A 26 -6.50 -10.27 -7.21
CA VAL A 26 -7.57 -9.39 -6.76
C VAL A 26 -7.52 -8.08 -7.53
N THR A 27 -8.66 -7.43 -7.65
CA THR A 27 -8.73 -6.16 -8.34
C THR A 27 -9.05 -5.04 -7.35
N LEU A 28 -8.59 -3.82 -7.63
CA LEU A 28 -8.82 -2.71 -6.73
C LEU A 28 -10.33 -2.48 -6.56
N SER A 29 -11.07 -2.65 -7.66
CA SER A 29 -12.53 -2.56 -7.65
C SER A 29 -13.16 -3.49 -6.62
N SER A 30 -12.48 -4.57 -6.30
CA SER A 30 -12.99 -5.56 -5.35
C SER A 30 -12.93 -5.02 -3.92
N LEU A 31 -12.09 -4.01 -3.72
CA LEU A 31 -11.92 -3.42 -2.40
C LEU A 31 -12.40 -1.97 -2.37
N ARG A 32 -12.94 -1.51 -3.50
CA ARG A 32 -13.46 -0.14 -3.59
C ARG A 32 -14.66 0.02 -2.69
N GLY A 33 -14.74 1.15 -2.01
CA GLY A 33 -15.77 1.34 -1.01
C GLY A 33 -15.16 1.34 0.38
N LYS A 34 -13.97 0.76 0.47
CA LYS A 34 -13.22 0.72 1.71
C LYS A 34 -11.92 1.50 1.57
N VAL A 35 -11.29 1.80 2.69
CA VAL A 35 -9.98 2.44 2.66
C VAL A 35 -8.89 1.40 2.40
N VAL A 36 -8.16 1.59 1.31
CA VAL A 36 -7.16 0.63 0.87
C VAL A 36 -5.76 1.22 0.94
N MET A 37 -4.86 0.56 1.64
CA MET A 37 -3.49 1.01 1.74
C MET A 37 -2.58 0.18 0.84
N LEU A 38 -1.85 0.85 -0.04
CA LEU A 38 -0.91 0.20 -0.94
C LEU A 38 0.51 0.69 -0.65
N GLN A 39 1.47 -0.20 -0.72
CA GLN A 39 2.86 0.18 -0.57
C GLN A 39 3.72 -0.59 -1.57
N PHE A 40 4.64 0.11 -2.21
CA PHE A 40 5.52 -0.52 -3.18
C PHE A 40 6.86 -0.88 -2.55
N THR A 41 7.18 -2.16 -2.57
CA THR A 41 8.36 -2.69 -1.92
C THR A 41 9.17 -3.54 -2.91
N ALA A 42 10.26 -4.13 -2.43
CA ALA A 42 11.09 -5.03 -3.22
C ALA A 42 12.04 -5.80 -2.30
N SER A 43 12.49 -6.96 -2.75
CA SER A 43 13.32 -7.84 -1.94
C SER A 43 14.65 -7.20 -1.57
N TRP A 44 15.10 -6.24 -2.37
CA TRP A 44 16.38 -5.59 -2.15
C TRP A 44 16.21 -4.22 -1.51
N CYS A 45 14.99 -3.90 -1.10
CA CYS A 45 14.72 -2.63 -0.43
C CYS A 45 14.92 -2.75 1.07
N GLY A 46 16.07 -2.30 1.55
CA GLY A 46 16.34 -2.31 2.97
C GLY A 46 15.51 -1.28 3.71
N VAL A 47 15.01 -0.28 3.00
CA VAL A 47 14.17 0.74 3.59
C VAL A 47 12.76 0.20 3.82
N CYS A 48 12.26 -0.55 2.84
CA CYS A 48 10.96 -1.19 2.96
C CYS A 48 11.00 -2.30 4.01
N ARG A 49 12.21 -2.70 4.36
CA ARG A 49 12.42 -3.69 5.41
C ARG A 49 12.11 -3.06 6.77
N LYS A 50 11.94 -1.74 6.77
CA LYS A 50 11.42 -1.03 7.93
C LYS A 50 9.90 -1.00 7.89
N GLU A 51 9.38 -0.45 6.80
CA GLU A 51 7.97 -0.13 6.70
C GLU A 51 7.08 -1.37 6.76
N MET A 52 7.43 -2.42 6.04
CA MET A 52 6.56 -3.60 5.98
C MET A 52 6.26 -4.18 7.37
N PRO A 53 7.29 -4.53 8.18
CA PRO A 53 7.07 -5.03 9.53
C PRO A 53 6.36 -4.02 10.42
N PHE A 54 6.61 -2.73 10.20
CA PHE A 54 5.91 -1.69 10.95
C PHE A 54 4.44 -1.59 10.54
N ILE A 55 4.19 -1.59 9.23
CA ILE A 55 2.84 -1.54 8.70
C ILE A 55 2.01 -2.72 9.22
N GLU A 56 2.55 -3.92 9.07
CA GLU A 56 1.83 -5.12 9.47
C GLU A 56 1.62 -5.17 10.97
N LYS A 57 2.60 -4.66 11.72
CA LYS A 57 2.56 -4.75 13.17
C LYS A 57 1.46 -3.87 13.75
N ASP A 58 1.31 -2.66 13.25
CA ASP A 58 0.25 -1.79 13.73
C ASP A 58 -0.89 -1.68 12.72
N ILE A 59 -0.60 -1.10 11.57
CA ILE A 59 -1.64 -0.75 10.60
C ILE A 59 -2.46 -1.97 10.22
N TRP A 60 -1.78 -3.11 10.06
CA TRP A 60 -2.46 -4.35 9.76
C TRP A 60 -3.16 -4.90 11.00
N LEU A 61 -2.40 -5.39 11.98
CA LEU A 61 -2.99 -6.08 13.14
C LEU A 61 -4.12 -5.26 13.81
N LYS A 62 -3.99 -3.95 13.83
CA LYS A 62 -4.95 -3.10 14.52
C LYS A 62 -6.18 -2.80 13.67
N HIS A 63 -6.01 -2.74 12.35
CA HIS A 63 -7.08 -2.20 11.51
C HIS A 63 -7.45 -3.10 10.32
N LYS A 64 -6.67 -4.15 10.11
CA LYS A 64 -6.78 -5.03 8.92
C LYS A 64 -8.22 -5.30 8.48
N ASP A 65 -9.06 -5.67 9.42
CA ASP A 65 -10.41 -6.05 9.10
C ASP A 65 -11.35 -4.85 9.21
N ASN A 66 -11.78 -4.60 10.44
CA ASN A 66 -12.86 -3.64 10.74
C ASN A 66 -14.13 -4.06 10.01
N ALA A 67 -14.14 -3.76 8.72
CA ALA A 67 -15.28 -3.92 7.82
C ALA A 67 -15.08 -2.97 6.67
N ASP A 68 -14.28 -1.95 6.93
CA ASP A 68 -14.08 -0.84 6.01
C ASP A 68 -12.61 -0.71 5.61
N PHE A 69 -11.74 -1.59 6.11
CA PHE A 69 -10.32 -1.44 5.80
C PHE A 69 -9.81 -2.55 4.87
N ALA A 70 -8.79 -2.21 4.08
CA ALA A 70 -8.08 -3.16 3.24
C ALA A 70 -6.62 -2.74 3.09
N LEU A 71 -5.71 -3.72 3.09
CA LEU A 71 -4.28 -3.43 3.00
C LEU A 71 -3.62 -4.44 2.07
N ILE A 72 -2.87 -3.95 1.09
CA ILE A 72 -2.15 -4.80 0.15
C ILE A 72 -0.73 -4.27 -0.08
N GLY A 73 0.24 -5.16 0.03
CA GLY A 73 1.61 -4.79 -0.29
C GLY A 73 1.95 -5.16 -1.72
N ILE A 74 2.66 -4.29 -2.42
CA ILE A 74 2.99 -4.53 -3.82
C ILE A 74 4.50 -4.57 -4.01
N ASP A 75 5.01 -5.71 -4.45
CA ASP A 75 6.45 -5.84 -4.71
C ASP A 75 6.71 -5.59 -6.19
N ARG A 76 7.70 -4.75 -6.48
CA ARG A 76 7.93 -4.27 -7.83
C ARG A 76 9.00 -5.08 -8.55
N ASP A 77 8.61 -5.66 -9.68
CA ASP A 77 9.50 -6.41 -10.57
C ASP A 77 9.91 -7.77 -10.01
N GLU A 78 10.10 -7.85 -8.70
CA GLU A 78 10.51 -9.09 -8.06
C GLU A 78 9.44 -10.18 -8.23
N PRO A 79 9.89 -11.42 -8.49
CA PRO A 79 9.01 -12.55 -8.72
C PRO A 79 8.50 -13.21 -7.44
N LEU A 80 7.89 -14.38 -7.62
CA LEU A 80 7.16 -15.08 -6.57
C LEU A 80 8.03 -15.35 -5.34
N GLU A 81 9.14 -16.04 -5.55
CA GLU A 81 9.99 -16.49 -4.44
C GLU A 81 10.60 -15.32 -3.69
N LYS A 82 10.99 -14.27 -4.41
CA LYS A 82 11.55 -13.07 -3.80
C LYS A 82 10.59 -12.45 -2.81
N VAL A 83 9.35 -12.25 -3.25
CA VAL A 83 8.33 -11.64 -2.41
C VAL A 83 8.12 -12.44 -1.13
N LEU A 84 8.01 -13.76 -1.28
CA LEU A 84 7.81 -14.65 -0.15
C LEU A 84 9.01 -14.63 0.80
N ALA A 85 10.20 -14.74 0.24
CA ALA A 85 11.42 -14.81 1.02
C ALA A 85 11.68 -13.51 1.78
N PHE A 86 11.28 -12.39 1.20
CA PHE A 86 11.47 -11.10 1.82
C PHE A 86 10.44 -10.87 2.93
N ALA A 87 9.19 -11.21 2.63
CA ALA A 87 8.09 -11.06 3.59
C ALA A 87 8.35 -11.86 4.86
N LYS A 88 8.60 -13.15 4.69
CA LYS A 88 8.77 -14.07 5.83
C LYS A 88 9.89 -13.61 6.76
N SER A 89 10.85 -12.88 6.21
CA SER A 89 12.02 -12.48 6.97
C SER A 89 11.76 -11.19 7.75
N THR A 90 10.59 -10.62 7.57
CA THR A 90 10.18 -9.44 8.33
C THR A 90 8.81 -9.67 8.97
N GLY A 91 8.32 -10.90 8.83
CA GLY A 91 7.02 -11.26 9.37
C GLY A 91 5.93 -11.09 8.35
N VAL A 92 5.60 -9.84 8.08
CA VAL A 92 4.53 -9.44 7.16
C VAL A 92 3.29 -10.33 7.29
N THR A 93 2.44 -9.99 8.24
CA THR A 93 1.21 -10.74 8.47
C THR A 93 0.14 -10.42 7.40
N TYR A 94 0.44 -9.48 6.50
CA TYR A 94 -0.50 -9.13 5.43
C TYR A 94 0.00 -9.66 4.09
N PRO A 95 -0.92 -9.93 3.16
CA PRO A 95 -0.55 -10.46 1.83
C PRO A 95 0.16 -9.43 0.95
N LEU A 96 1.20 -9.90 0.28
CA LEU A 96 1.90 -9.10 -0.70
C LEU A 96 1.52 -9.57 -2.09
N GLY A 97 1.62 -8.68 -3.06
CA GLY A 97 1.40 -9.04 -4.43
C GLY A 97 2.61 -8.74 -5.27
N LEU A 98 2.84 -9.54 -6.29
CA LEU A 98 4.01 -9.36 -7.13
C LEU A 98 3.64 -8.65 -8.42
N ASP A 99 4.42 -7.63 -8.76
CA ASP A 99 4.22 -6.86 -9.98
C ASP A 99 5.44 -6.95 -10.88
N PRO A 100 5.63 -8.10 -11.57
CA PRO A 100 6.74 -8.31 -12.49
C PRO A 100 6.63 -7.43 -13.73
N GLY A 101 7.62 -6.60 -13.95
CA GLY A 101 7.57 -5.65 -15.04
C GLY A 101 7.23 -4.27 -14.56
N ALA A 102 6.86 -4.18 -13.28
CA ALA A 102 6.48 -2.93 -12.64
C ALA A 102 5.38 -2.22 -13.41
N ASP A 103 4.34 -2.97 -13.80
CA ASP A 103 3.22 -2.38 -14.51
C ASP A 103 2.32 -1.62 -13.55
N ILE A 104 1.97 -2.28 -12.46
CA ILE A 104 1.15 -1.66 -11.43
C ILE A 104 1.92 -0.51 -10.79
N PHE A 105 3.23 -0.71 -10.66
CA PHE A 105 4.11 0.32 -10.17
C PHE A 105 4.12 1.51 -11.14
N ALA A 106 4.21 1.23 -12.43
CA ALA A 106 4.27 2.26 -13.46
C ALA A 106 2.97 3.05 -13.54
N LYS A 107 1.89 2.47 -13.04
CA LYS A 107 0.60 3.15 -13.00
C LYS A 107 0.58 4.23 -11.92
N TYR A 108 1.59 4.22 -11.06
CA TYR A 108 1.67 5.19 -9.98
C TYR A 108 2.94 6.03 -10.08
N ALA A 109 4.02 5.42 -10.54
CA ALA A 109 5.31 6.08 -10.64
C ALA A 109 6.18 5.45 -11.71
N LEU A 110 7.18 6.19 -12.18
CA LEU A 110 8.11 5.67 -13.16
C LEU A 110 8.95 4.55 -12.53
N ARG A 111 9.13 3.46 -13.28
CA ARG A 111 9.76 2.24 -12.75
C ARG A 111 11.09 2.49 -12.04
N ASP A 112 11.91 3.39 -12.56
CA ASP A 112 13.24 3.64 -12.00
C ASP A 112 13.24 4.87 -11.09
N ALA A 113 12.15 5.61 -11.08
CA ALA A 113 12.08 6.89 -10.39
C ALA A 113 11.83 6.74 -8.90
N GLY A 114 12.48 5.75 -8.29
CA GLY A 114 12.32 5.54 -6.86
C GLY A 114 11.31 4.44 -6.56
N ILE A 115 11.79 3.35 -5.99
CA ILE A 115 10.92 2.22 -5.66
C ILE A 115 10.09 2.51 -4.41
N THR A 116 10.74 2.95 -3.36
CA THR A 116 10.11 3.13 -2.06
C THR A 116 9.05 4.24 -2.09
N ARG A 117 7.79 3.85 -1.89
CA ARG A 117 6.67 4.80 -1.90
C ARG A 117 5.39 4.15 -1.40
N ASN A 118 4.57 4.93 -0.71
CA ASN A 118 3.33 4.42 -0.14
C ASN A 118 2.14 5.20 -0.65
N VAL A 119 1.04 4.50 -0.87
CA VAL A 119 -0.18 5.09 -1.42
C VAL A 119 -1.38 4.74 -0.55
N LEU A 120 -2.06 5.74 -0.01
CA LEU A 120 -3.28 5.49 0.74
C LEU A 120 -4.49 5.90 -0.10
N ILE A 121 -5.31 4.92 -0.42
CA ILE A 121 -6.50 5.14 -1.22
C ILE A 121 -7.73 5.25 -0.32
N ASP A 122 -8.55 6.25 -0.60
CA ASP A 122 -9.78 6.44 0.17
C ASP A 122 -10.88 5.51 -0.33
N ARG A 123 -12.03 5.55 0.32
CA ARG A 123 -13.13 4.64 0.02
C ARG A 123 -13.70 4.89 -1.37
N GLU A 124 -13.60 6.11 -1.88
CA GLU A 124 -14.06 6.43 -3.21
C GLU A 124 -13.10 5.88 -4.25
N GLY A 125 -11.83 5.79 -3.89
CA GLY A 125 -10.81 5.36 -4.82
C GLY A 125 -9.83 6.46 -5.13
N LYS A 126 -9.82 7.50 -4.32
CA LYS A 126 -8.95 8.64 -4.51
C LYS A 126 -7.70 8.51 -3.64
N ILE A 127 -6.64 9.19 -4.03
CA ILE A 127 -5.39 9.16 -3.28
C ILE A 127 -5.35 10.28 -2.25
N VAL A 128 -5.23 9.92 -0.98
CA VAL A 128 -5.24 10.91 0.09
C VAL A 128 -3.89 10.98 0.82
N LYS A 129 -2.92 10.19 0.38
CA LYS A 129 -1.62 10.17 1.03
C LYS A 129 -0.56 9.52 0.14
N LEU A 130 0.51 10.26 -0.11
CA LEU A 130 1.66 9.75 -0.84
C LEU A 130 2.94 10.00 -0.04
N THR A 131 3.49 8.94 0.54
CA THR A 131 4.71 9.07 1.32
C THR A 131 5.91 8.49 0.57
N ARG A 132 7.07 9.06 0.81
CA ARG A 132 8.31 8.53 0.27
C ARG A 132 8.93 7.58 1.28
N LEU A 133 8.87 6.29 0.98
CA LEU A 133 9.41 5.22 1.85
C LEU A 133 8.96 5.34 3.31
N TYR A 134 9.54 4.52 4.16
CA TYR A 134 9.27 4.60 5.59
C TYR A 134 9.96 5.81 6.20
N ASN A 135 9.29 6.94 6.12
CA ASN A 135 9.71 8.14 6.83
C ASN A 135 9.16 8.07 8.24
N GLU A 136 10.03 8.03 9.24
CA GLU A 136 9.62 7.92 10.64
C GLU A 136 8.51 8.92 10.98
N GLU A 137 8.60 10.13 10.44
CA GLU A 137 7.63 11.17 10.74
C GLU A 137 6.35 10.99 9.92
N GLU A 138 6.50 10.86 8.60
CA GLU A 138 5.33 10.73 7.72
C GLU A 138 4.57 9.43 7.98
N PHE A 139 5.29 8.38 8.34
CA PHE A 139 4.67 7.11 8.66
C PHE A 139 3.86 7.24 9.95
N ALA A 140 4.44 7.91 10.93
CA ALA A 140 3.75 8.18 12.19
C ALA A 140 2.46 8.95 11.94
N SER A 141 2.57 10.01 11.15
CA SER A 141 1.42 10.81 10.77
C SER A 141 0.42 9.98 9.96
N LEU A 142 0.94 9.07 9.15
CA LEU A 142 0.12 8.21 8.30
C LEU A 142 -0.69 7.25 9.16
N VAL A 143 -0.05 6.68 10.18
CA VAL A 143 -0.73 5.77 11.10
C VAL A 143 -1.92 6.45 11.77
N GLN A 144 -1.68 7.62 12.36
CA GLN A 144 -2.76 8.37 13.01
C GLN A 144 -3.85 8.73 12.00
N GLN A 145 -3.43 9.11 10.81
CA GLN A 145 -4.34 9.37 9.71
C GLN A 145 -5.21 8.14 9.42
N ILE A 146 -4.58 6.98 9.36
CA ILE A 146 -5.28 5.72 9.13
C ILE A 146 -6.22 5.41 10.29
N ASN A 147 -5.78 5.70 11.51
CA ASN A 147 -6.61 5.47 12.69
C ASN A 147 -7.95 6.14 12.54
N GLU A 148 -7.95 7.38 12.07
CA GLU A 148 -9.20 8.13 11.88
C GLU A 148 -10.01 7.55 10.72
N MET A 149 -9.32 7.11 9.68
CA MET A 149 -9.98 6.51 8.51
C MET A 149 -10.70 5.23 8.92
N LEU A 150 -10.23 4.63 10.00
CA LEU A 150 -10.83 3.42 10.54
C LEU A 150 -11.97 3.74 11.48
N LYS A 151 -11.97 4.95 12.03
CA LYS A 151 -13.05 5.38 12.91
C LYS A 151 -14.20 5.92 12.10
N GLU A 152 -13.86 6.81 11.14
CA GLU A 152 -14.82 7.40 10.21
C GLU A 152 -15.87 8.23 10.95
N GLY A 153 -15.67 8.41 12.25
CA GLY A 153 -16.71 8.99 13.08
C GLY A 153 -17.96 8.13 13.03
N HIS A 154 -17.74 6.80 12.95
CA HIS A 154 -18.78 5.77 12.77
C HIS A 154 -19.51 5.94 11.43
N HIS A 155 -19.77 4.81 10.76
CA HIS A 155 -20.42 4.81 9.46
C HIS A 155 -21.68 5.66 9.47
N HIS A 156 -21.63 6.75 8.73
CA HIS A 156 -22.70 7.74 8.74
C HIS A 156 -23.87 7.32 7.88
N HIS A 157 -24.79 6.58 8.49
CA HIS A 157 -26.04 6.21 7.84
C HIS A 157 -27.14 6.05 8.90
N HIS A 158 -26.97 6.80 9.98
CA HIS A 158 -27.92 6.77 11.09
C HIS A 158 -27.88 8.11 11.81
N HIS A 159 -26.69 8.46 12.28
CA HIS A 159 -26.43 9.74 12.93
C HIS A 159 -24.99 9.76 13.42
N MET A 1 12.96 16.16 -5.38
CA MET A 1 12.47 17.39 -6.03
C MET A 1 11.31 17.07 -6.95
N SER A 2 11.61 16.59 -8.16
CA SER A 2 10.57 16.23 -9.11
C SER A 2 10.06 14.82 -8.82
N LEU A 3 8.85 14.74 -8.29
CA LEU A 3 8.28 13.45 -7.95
C LEU A 3 7.79 12.75 -9.21
N GLY A 4 8.33 11.56 -9.44
CA GLY A 4 7.97 10.79 -10.62
C GLY A 4 6.63 10.13 -10.47
N TYR A 5 5.58 10.93 -10.30
CA TYR A 5 4.23 10.42 -10.19
C TYR A 5 3.41 10.88 -11.39
N ILE A 6 2.38 10.12 -11.73
CA ILE A 6 1.47 10.50 -12.80
C ILE A 6 0.07 10.75 -12.25
N VAL A 7 -0.06 10.61 -10.94
CA VAL A 7 -1.34 10.82 -10.27
C VAL A 7 -1.25 11.98 -9.28
N ARG A 8 -2.41 12.51 -8.91
CA ARG A 8 -2.47 13.67 -8.03
C ARG A 8 -3.07 13.28 -6.68
N ILE A 9 -2.92 14.14 -5.69
CA ILE A 9 -3.58 13.94 -4.42
C ILE A 9 -5.02 14.42 -4.52
N GLY A 10 -5.95 13.51 -4.32
CA GLY A 10 -7.34 13.80 -4.55
C GLY A 10 -7.81 13.24 -5.88
N GLU A 11 -6.86 12.69 -6.61
CA GLU A 11 -7.13 12.05 -7.89
C GLU A 11 -7.43 10.57 -7.66
N MET A 12 -8.20 9.96 -8.55
CA MET A 12 -8.58 8.57 -8.38
C MET A 12 -7.44 7.64 -8.74
N ALA A 13 -7.28 6.59 -7.94
CA ALA A 13 -6.24 5.62 -8.15
C ALA A 13 -6.59 4.68 -9.30
N PRO A 14 -5.63 4.42 -10.20
CA PRO A 14 -5.81 3.50 -11.31
C PRO A 14 -6.10 2.08 -10.82
N ASP A 15 -6.85 1.33 -11.59
CA ASP A 15 -7.24 -0.02 -11.21
C ASP A 15 -6.33 -1.06 -11.86
N PHE A 16 -6.43 -2.30 -11.41
CA PHE A 16 -5.54 -3.35 -11.86
C PHE A 16 -6.00 -4.71 -11.34
N THR A 17 -5.35 -5.75 -11.81
CA THR A 17 -5.60 -7.09 -11.30
C THR A 17 -4.27 -7.71 -10.87
N ILE A 18 -4.02 -7.69 -9.57
CA ILE A 18 -2.72 -8.10 -9.05
C ILE A 18 -2.78 -9.53 -8.53
N THR A 19 -1.69 -10.26 -8.73
CA THR A 19 -1.60 -11.62 -8.25
C THR A 19 -0.95 -11.64 -6.87
N LEU A 20 -1.67 -12.17 -5.90
CA LEU A 20 -1.19 -12.23 -4.52
C LEU A 20 -0.20 -13.36 -4.32
N THR A 21 0.34 -13.43 -3.10
CA THR A 21 1.31 -14.45 -2.71
C THR A 21 0.74 -15.87 -2.86
N ASP A 22 -0.57 -15.97 -2.73
CA ASP A 22 -1.28 -17.24 -2.87
C ASP A 22 -1.42 -17.59 -4.34
N GLY A 23 -1.47 -16.57 -5.18
CA GLY A 23 -1.80 -16.75 -6.57
C GLY A 23 -3.16 -16.14 -6.89
N LYS A 24 -3.80 -15.59 -5.86
CA LYS A 24 -5.09 -14.94 -6.01
C LYS A 24 -4.96 -13.64 -6.79
N GLN A 25 -5.58 -13.59 -7.94
CA GLN A 25 -5.62 -12.35 -8.71
C GLN A 25 -6.86 -11.55 -8.33
N VAL A 26 -6.62 -10.38 -7.74
CA VAL A 26 -7.71 -9.54 -7.29
C VAL A 26 -7.70 -8.22 -8.03
N THR A 27 -8.88 -7.64 -8.17
CA THR A 27 -9.02 -6.35 -8.83
C THR A 27 -9.12 -5.24 -7.78
N LEU A 28 -8.61 -4.06 -8.09
CA LEU A 28 -8.66 -2.95 -7.12
C LEU A 28 -10.10 -2.49 -6.99
N SER A 29 -10.89 -2.72 -8.03
CA SER A 29 -12.32 -2.42 -8.02
C SER A 29 -13.04 -3.16 -6.89
N SER A 30 -12.46 -4.28 -6.46
CA SER A 30 -13.06 -5.10 -5.41
C SER A 30 -12.89 -4.46 -4.04
N LEU A 31 -11.94 -3.53 -3.94
CA LEU A 31 -11.66 -2.86 -2.67
C LEU A 31 -12.21 -1.43 -2.67
N ARG A 32 -12.90 -1.06 -3.75
CA ARG A 32 -13.52 0.26 -3.83
C ARG A 32 -14.63 0.36 -2.81
N GLY A 33 -14.47 1.25 -1.85
CA GLY A 33 -15.42 1.36 -0.77
C GLY A 33 -14.74 1.31 0.57
N LYS A 34 -13.53 0.75 0.59
CA LYS A 34 -12.72 0.70 1.79
C LYS A 34 -11.44 1.52 1.59
N VAL A 35 -10.75 1.83 2.68
CA VAL A 35 -9.46 2.49 2.58
C VAL A 35 -8.41 1.45 2.17
N VAL A 36 -7.71 1.73 1.09
CA VAL A 36 -6.79 0.75 0.52
C VAL A 36 -5.35 1.24 0.60
N MET A 37 -4.57 0.63 1.49
CA MET A 37 -3.17 0.98 1.65
C MET A 37 -2.28 0.11 0.78
N LEU A 38 -1.62 0.73 -0.19
CA LEU A 38 -0.72 0.01 -1.08
C LEU A 38 0.72 0.47 -0.90
N GLN A 39 1.57 -0.42 -0.44
CA GLN A 39 2.98 -0.10 -0.31
C GLN A 39 3.79 -0.80 -1.40
N PHE A 40 4.43 0.00 -2.25
CA PHE A 40 5.35 -0.54 -3.21
C PHE A 40 6.71 -0.69 -2.55
N THR A 41 7.10 -1.92 -2.33
CA THR A 41 8.26 -2.23 -1.53
C THR A 41 9.18 -3.17 -2.31
N ALA A 42 10.25 -3.62 -1.70
CA ALA A 42 11.19 -4.49 -2.38
C ALA A 42 11.85 -5.45 -1.42
N SER A 43 11.96 -6.69 -1.85
CA SER A 43 12.65 -7.72 -1.10
C SER A 43 14.17 -7.48 -1.10
N TRP A 44 14.61 -6.49 -1.87
CA TRP A 44 16.03 -6.19 -1.99
C TRP A 44 16.37 -4.83 -1.39
N CYS A 45 15.45 -4.28 -0.61
CA CYS A 45 15.67 -2.99 0.03
C CYS A 45 15.76 -3.15 1.55
N GLY A 46 16.71 -2.44 2.15
CA GLY A 46 16.91 -2.53 3.58
C GLY A 46 16.02 -1.58 4.34
N VAL A 47 15.73 -0.42 3.76
CA VAL A 47 14.81 0.54 4.36
C VAL A 47 13.44 -0.10 4.57
N CYS A 48 13.06 -0.95 3.63
CA CYS A 48 11.78 -1.63 3.68
C CYS A 48 11.69 -2.59 4.86
N ARG A 49 12.83 -2.93 5.44
CA ARG A 49 12.84 -3.83 6.58
C ARG A 49 12.42 -3.11 7.85
N LYS A 50 12.19 -1.81 7.73
CA LYS A 50 11.52 -1.04 8.78
C LYS A 50 10.01 -1.10 8.59
N GLU A 51 9.58 -0.72 7.39
CA GLU A 51 8.16 -0.55 7.09
C GLU A 51 7.38 -1.86 7.27
N MET A 52 7.92 -2.96 6.74
CA MET A 52 7.21 -4.25 6.76
C MET A 52 6.79 -4.65 8.19
N PRO A 53 7.74 -4.80 9.15
CA PRO A 53 7.40 -5.14 10.53
C PRO A 53 6.53 -4.08 11.20
N PHE A 54 6.81 -2.81 10.94
CA PHE A 54 6.05 -1.71 11.52
C PHE A 54 4.61 -1.70 11.03
N ILE A 55 4.43 -1.85 9.72
CA ILE A 55 3.09 -1.87 9.13
C ILE A 55 2.28 -3.02 9.69
N GLU A 56 2.89 -4.20 9.74
CA GLU A 56 2.23 -5.36 10.33
C GLU A 56 1.84 -5.09 11.78
N LYS A 57 2.78 -4.56 12.56
CA LYS A 57 2.59 -4.36 13.99
C LYS A 57 1.51 -3.31 14.30
N ASP A 58 1.64 -2.12 13.71
CA ASP A 58 0.79 -1.01 14.13
C ASP A 58 -0.32 -0.67 13.16
N ILE A 59 -0.23 -1.17 11.94
CA ILE A 59 -1.28 -0.92 10.96
C ILE A 59 -2.16 -2.15 10.76
N TRP A 60 -1.54 -3.24 10.31
CA TRP A 60 -2.27 -4.47 10.03
C TRP A 60 -2.90 -5.04 11.29
N LEU A 61 -2.06 -5.46 12.23
CA LEU A 61 -2.52 -6.13 13.44
C LEU A 61 -3.70 -5.41 14.11
N LYS A 62 -3.74 -4.10 13.99
CA LYS A 62 -4.72 -3.28 14.67
C LYS A 62 -6.06 -3.25 13.91
N HIS A 63 -6.01 -3.40 12.60
CA HIS A 63 -7.23 -3.28 11.79
C HIS A 63 -7.42 -4.47 10.86
N LYS A 64 -6.34 -4.90 10.23
CA LYS A 64 -6.34 -6.00 9.25
C LYS A 64 -7.30 -5.71 8.10
N ASP A 65 -8.55 -6.17 8.22
CA ASP A 65 -9.56 -5.84 7.23
C ASP A 65 -10.55 -4.87 7.85
N ASN A 66 -10.86 -5.13 9.12
CA ASN A 66 -11.75 -4.27 9.92
C ASN A 66 -13.18 -4.32 9.42
N ALA A 67 -13.40 -3.71 8.27
CA ALA A 67 -14.71 -3.54 7.65
C ALA A 67 -14.58 -2.49 6.57
N ASP A 68 -13.65 -1.55 6.80
CA ASP A 68 -13.43 -0.44 5.88
C ASP A 68 -11.95 -0.28 5.57
N PHE A 69 -11.15 -1.31 5.87
CA PHE A 69 -9.71 -1.21 5.67
C PHE A 69 -9.23 -2.32 4.72
N ALA A 70 -8.22 -1.99 3.92
CA ALA A 70 -7.56 -2.95 3.05
C ALA A 70 -6.08 -2.60 2.91
N LEU A 71 -5.23 -3.61 2.83
CA LEU A 71 -3.79 -3.39 2.76
C LEU A 71 -3.15 -4.42 1.84
N ILE A 72 -2.45 -3.94 0.81
CA ILE A 72 -1.73 -4.84 -0.08
C ILE A 72 -0.26 -4.44 -0.17
N GLY A 73 0.62 -5.35 0.21
CA GLY A 73 2.03 -5.11 0.06
C GLY A 73 2.50 -5.57 -1.31
N ILE A 74 3.10 -4.68 -2.07
CA ILE A 74 3.46 -5.02 -3.43
C ILE A 74 4.96 -4.94 -3.63
N ASP A 75 5.58 -6.04 -4.07
CA ASP A 75 6.97 -5.97 -4.48
C ASP A 75 7.01 -5.42 -5.88
N ARG A 76 7.65 -4.28 -6.02
CA ARG A 76 7.55 -3.47 -7.22
C ARG A 76 8.33 -4.05 -8.40
N ASP A 77 9.10 -5.11 -8.19
CA ASP A 77 9.90 -5.62 -9.30
C ASP A 77 10.21 -7.12 -9.18
N GLU A 78 10.30 -7.63 -7.96
CA GLU A 78 10.72 -9.02 -7.74
C GLU A 78 9.52 -10.00 -7.84
N PRO A 79 9.80 -11.26 -8.22
CA PRO A 79 8.77 -12.28 -8.41
C PRO A 79 8.25 -12.93 -7.13
N LEU A 80 7.45 -13.98 -7.34
CA LEU A 80 6.74 -14.72 -6.30
C LEU A 80 7.70 -15.17 -5.19
N GLU A 81 8.74 -15.89 -5.59
CA GLU A 81 9.70 -16.47 -4.65
C GLU A 81 10.26 -15.43 -3.69
N LYS A 82 10.57 -14.26 -4.21
CA LYS A 82 11.18 -13.20 -3.41
C LYS A 82 10.22 -12.70 -2.36
N VAL A 83 8.99 -12.43 -2.79
CA VAL A 83 7.96 -11.90 -1.89
C VAL A 83 7.71 -12.86 -0.72
N LEU A 84 7.59 -14.15 -1.02
CA LEU A 84 7.25 -15.15 0.00
C LEU A 84 8.37 -15.34 1.02
N ALA A 85 9.59 -15.03 0.63
CA ALA A 85 10.73 -15.14 1.53
C ALA A 85 10.87 -13.86 2.35
N PHE A 86 10.74 -12.72 1.69
CA PHE A 86 10.97 -11.43 2.34
C PHE A 86 9.91 -11.13 3.40
N ALA A 87 8.64 -11.36 3.07
CA ALA A 87 7.56 -11.07 4.00
C ALA A 87 7.60 -12.04 5.17
N LYS A 88 8.05 -13.23 4.86
CA LYS A 88 8.18 -14.31 5.82
C LYS A 88 9.30 -14.02 6.82
N SER A 89 10.34 -13.36 6.35
CA SER A 89 11.50 -13.05 7.17
C SER A 89 11.32 -11.72 7.91
N THR A 90 10.26 -11.00 7.58
CA THR A 90 10.02 -9.70 8.20
C THR A 90 8.81 -9.77 9.15
N GLY A 91 8.18 -10.94 9.21
CA GLY A 91 7.07 -11.14 10.12
C GLY A 91 5.78 -10.49 9.63
N VAL A 92 5.58 -10.53 8.32
CA VAL A 92 4.41 -9.94 7.70
C VAL A 92 3.26 -10.94 7.60
N THR A 93 2.08 -10.52 8.05
CA THR A 93 0.88 -11.34 7.98
C THR A 93 -0.01 -10.89 6.82
N TYR A 94 -0.04 -9.58 6.57
CA TYR A 94 -0.86 -9.04 5.49
C TYR A 94 -0.44 -9.57 4.13
N PRO A 95 -1.41 -9.87 3.26
CA PRO A 95 -1.14 -10.42 1.92
C PRO A 95 -0.36 -9.45 1.03
N LEU A 96 0.48 -10.02 0.17
CA LEU A 96 1.28 -9.23 -0.73
C LEU A 96 1.02 -9.64 -2.18
N GLY A 97 1.25 -8.71 -3.08
CA GLY A 97 1.08 -8.99 -4.49
C GLY A 97 2.34 -8.73 -5.28
N LEU A 98 2.40 -9.29 -6.47
CA LEU A 98 3.56 -9.17 -7.33
C LEU A 98 3.38 -8.05 -8.34
N ASP A 99 4.46 -7.32 -8.60
CA ASP A 99 4.49 -6.37 -9.71
C ASP A 99 5.77 -6.55 -10.52
N PRO A 100 5.80 -7.57 -11.40
CA PRO A 100 6.98 -7.89 -12.19
C PRO A 100 7.37 -6.77 -13.17
N GLY A 101 8.43 -6.06 -12.85
CA GLY A 101 8.93 -5.04 -13.73
C GLY A 101 8.32 -3.67 -13.49
N ALA A 102 7.76 -3.48 -12.29
CA ALA A 102 7.13 -2.20 -11.91
C ALA A 102 6.04 -1.77 -12.90
N ASP A 103 5.16 -2.68 -13.25
CA ASP A 103 4.07 -2.36 -14.19
C ASP A 103 2.95 -1.63 -13.45
N ILE A 104 2.51 -2.21 -12.36
CA ILE A 104 1.47 -1.59 -11.55
C ILE A 104 2.05 -0.34 -10.90
N PHE A 105 3.35 -0.38 -10.59
CA PHE A 105 4.06 0.79 -10.11
C PHE A 105 4.07 1.88 -11.19
N ALA A 106 4.15 1.47 -12.44
CA ALA A 106 4.15 2.41 -13.56
C ALA A 106 2.77 3.01 -13.79
N LYS A 107 1.75 2.33 -13.27
CA LYS A 107 0.39 2.84 -13.34
C LYS A 107 0.16 3.94 -12.31
N TYR A 108 1.04 4.01 -11.32
CA TYR A 108 0.93 5.04 -10.28
C TYR A 108 2.06 6.06 -10.42
N ALA A 109 3.24 5.58 -10.78
CA ALA A 109 4.42 6.42 -10.86
C ALA A 109 5.14 6.22 -12.20
N LEU A 110 6.16 7.04 -12.43
CA LEU A 110 6.89 7.04 -13.69
C LEU A 110 8.02 6.03 -13.70
N ARG A 111 8.11 5.29 -12.62
CA ARG A 111 9.17 4.29 -12.37
C ARG A 111 10.45 4.96 -11.92
N ASP A 112 10.74 6.13 -12.48
CA ASP A 112 11.91 6.93 -12.09
C ASP A 112 11.67 7.61 -10.74
N ALA A 113 10.67 7.14 -10.02
CA ALA A 113 10.36 7.65 -8.70
C ALA A 113 11.04 6.81 -7.63
N GLY A 114 11.72 5.75 -8.06
CA GLY A 114 12.41 4.89 -7.14
C GLY A 114 11.71 3.56 -6.96
N ILE A 115 11.90 2.95 -5.79
CA ILE A 115 11.29 1.67 -5.50
C ILE A 115 10.17 1.80 -4.47
N THR A 116 10.51 2.25 -3.28
CA THR A 116 9.58 2.22 -2.17
C THR A 116 8.69 3.46 -2.13
N ARG A 117 7.40 3.24 -2.41
CA ARG A 117 6.41 4.31 -2.35
C ARG A 117 5.10 3.75 -1.79
N ASN A 118 4.53 4.44 -0.82
CA ASN A 118 3.25 3.99 -0.25
C ASN A 118 2.12 4.87 -0.73
N VAL A 119 1.15 4.25 -1.40
CA VAL A 119 0.01 4.95 -1.93
C VAL A 119 -1.23 4.61 -1.10
N LEU A 120 -1.72 5.59 -0.34
CA LEU A 120 -2.90 5.38 0.46
C LEU A 120 -4.15 5.79 -0.32
N ILE A 121 -4.95 4.81 -0.67
CA ILE A 121 -6.18 5.04 -1.41
C ILE A 121 -7.36 5.13 -0.46
N ASP A 122 -8.19 6.12 -0.66
CA ASP A 122 -9.39 6.31 0.15
C ASP A 122 -10.53 5.45 -0.38
N ARG A 123 -11.57 5.30 0.41
CA ARG A 123 -12.75 4.51 0.08
C ARG A 123 -13.33 4.88 -1.28
N GLU A 124 -13.32 6.17 -1.61
CA GLU A 124 -13.86 6.65 -2.87
C GLU A 124 -13.00 6.24 -4.06
N GLY A 125 -11.85 5.64 -3.78
CA GLY A 125 -10.95 5.26 -4.83
C GLY A 125 -9.96 6.37 -5.15
N LYS A 126 -9.89 7.36 -4.27
CA LYS A 126 -9.03 8.52 -4.47
C LYS A 126 -7.73 8.37 -3.69
N ILE A 127 -6.64 8.85 -4.25
CA ILE A 127 -5.36 8.83 -3.56
C ILE A 127 -5.24 10.04 -2.66
N VAL A 128 -5.17 9.81 -1.35
CA VAL A 128 -5.14 10.90 -0.39
C VAL A 128 -3.75 11.09 0.22
N LYS A 129 -2.94 10.04 0.21
CA LYS A 129 -1.63 10.11 0.84
C LYS A 129 -0.57 9.36 0.06
N LEU A 130 0.40 10.11 -0.44
CA LEU A 130 1.59 9.52 -1.04
C LEU A 130 2.70 9.50 0.01
N THR A 131 3.31 8.34 0.19
CA THR A 131 4.32 8.18 1.22
C THR A 131 5.68 7.87 0.60
N ARG A 132 6.71 8.51 1.11
CA ARG A 132 8.06 8.31 0.65
C ARG A 132 8.69 7.16 1.42
N LEU A 133 8.86 6.02 0.77
CA LEU A 133 9.41 4.83 1.43
C LEU A 133 8.70 4.57 2.75
N TYR A 134 9.47 4.24 3.77
CA TYR A 134 8.93 4.14 5.12
C TYR A 134 8.83 5.52 5.75
N ASN A 135 9.97 6.23 5.78
CA ASN A 135 10.07 7.58 6.34
C ASN A 135 9.60 7.64 7.80
N GLU A 136 10.57 7.84 8.68
CA GLU A 136 10.36 7.79 10.14
C GLU A 136 9.09 8.55 10.56
N GLU A 137 9.01 9.80 10.16
CA GLU A 137 7.89 10.66 10.54
C GLU A 137 6.67 10.45 9.67
N GLU A 138 6.88 10.17 8.39
CA GLU A 138 5.77 10.04 7.48
C GLU A 138 4.98 8.79 7.78
N PHE A 139 5.68 7.71 8.13
CA PHE A 139 5.01 6.48 8.55
C PHE A 139 4.20 6.75 9.82
N ALA A 140 4.81 7.47 10.76
CA ALA A 140 4.14 7.85 11.99
C ALA A 140 2.86 8.64 11.66
N SER A 141 3.01 9.70 10.88
CA SER A 141 1.86 10.46 10.39
C SER A 141 0.84 9.55 9.69
N LEU A 142 1.35 8.67 8.83
CA LEU A 142 0.51 7.76 8.05
C LEU A 142 -0.35 6.91 8.97
N VAL A 143 0.26 6.31 9.98
CA VAL A 143 -0.46 5.47 10.95
C VAL A 143 -1.55 6.27 11.66
N GLN A 144 -1.20 7.48 12.09
CA GLN A 144 -2.15 8.36 12.76
C GLN A 144 -3.34 8.63 11.85
N GLN A 145 -3.06 8.90 10.59
CA GLN A 145 -4.11 9.16 9.61
C GLN A 145 -4.93 7.89 9.37
N ILE A 146 -4.27 6.74 9.33
CA ILE A 146 -4.96 5.46 9.20
C ILE A 146 -5.98 5.30 10.32
N ASN A 147 -5.56 5.57 11.55
CA ASN A 147 -6.41 5.48 12.71
C ASN A 147 -7.59 6.44 12.61
N GLU A 148 -7.35 7.58 11.96
CA GLU A 148 -8.40 8.56 11.70
C GLU A 148 -9.40 8.07 10.65
N MET A 149 -8.89 7.49 9.56
CA MET A 149 -9.74 7.05 8.45
C MET A 149 -10.62 5.91 8.91
N LEU A 150 -10.14 5.19 9.91
CA LEU A 150 -10.91 4.11 10.52
C LEU A 150 -11.98 4.66 11.45
N LYS A 151 -12.03 5.97 11.60
CA LYS A 151 -13.10 6.62 12.36
C LYS A 151 -14.11 7.20 11.38
N GLU A 152 -13.65 8.21 10.64
CA GLU A 152 -14.44 8.87 9.59
C GLU A 152 -15.88 9.16 10.05
N GLY A 153 -16.81 8.27 9.72
CA GLY A 153 -18.19 8.45 10.14
C GLY A 153 -19.20 7.84 9.18
N HIS A 154 -19.22 8.33 7.94
CA HIS A 154 -20.29 7.95 7.01
C HIS A 154 -19.93 6.74 6.16
N HIS A 155 -18.77 6.13 6.45
CA HIS A 155 -18.37 4.91 5.75
C HIS A 155 -19.19 3.70 6.20
N HIS A 156 -20.38 3.58 5.62
CA HIS A 156 -21.30 2.48 5.96
C HIS A 156 -21.19 1.32 4.97
N HIS A 157 -20.76 1.63 3.75
CA HIS A 157 -20.68 0.64 2.65
C HIS A 157 -22.07 0.23 2.20
N HIS A 158 -23.07 0.93 2.72
CA HIS A 158 -24.47 0.66 2.43
C HIS A 158 -25.30 1.65 3.23
N HIS A 159 -26.60 1.42 3.33
CA HIS A 159 -27.42 2.23 4.21
C HIS A 159 -27.22 1.80 5.66
N MET A 1 7.16 13.13 -11.44
CA MET A 1 8.34 12.62 -12.19
C MET A 1 9.54 12.44 -11.25
N SER A 2 10.12 13.55 -10.83
CA SER A 2 11.32 13.56 -10.00
C SER A 2 11.15 12.72 -8.74
N LEU A 3 10.09 12.99 -7.98
CA LEU A 3 9.83 12.26 -6.74
C LEU A 3 9.24 10.88 -7.01
N GLY A 4 9.27 10.46 -8.26
CA GLY A 4 8.76 9.16 -8.62
C GLY A 4 7.34 9.22 -9.13
N TYR A 5 6.45 9.76 -8.32
CA TYR A 5 5.03 9.82 -8.64
C TYR A 5 4.75 10.71 -9.84
N ILE A 6 3.84 10.27 -10.69
CA ILE A 6 3.22 11.13 -11.69
C ILE A 6 1.76 11.39 -11.30
N VAL A 7 1.34 10.71 -10.25
CA VAL A 7 -0.01 10.85 -9.73
C VAL A 7 0.01 11.89 -8.59
N ARG A 8 -1.15 12.44 -8.27
CA ARG A 8 -1.21 13.53 -7.30
C ARG A 8 -2.22 13.26 -6.20
N ILE A 9 -2.16 14.05 -5.13
CA ILE A 9 -3.08 13.92 -4.01
C ILE A 9 -4.49 14.34 -4.41
N GLY A 10 -5.46 13.51 -4.09
CA GLY A 10 -6.84 13.82 -4.41
C GLY A 10 -7.26 13.19 -5.72
N GLU A 11 -6.32 12.55 -6.40
CA GLU A 11 -6.60 11.91 -7.67
C GLU A 11 -7.20 10.54 -7.43
N MET A 12 -8.01 10.06 -8.36
CA MET A 12 -8.62 8.76 -8.23
C MET A 12 -7.63 7.67 -8.66
N ALA A 13 -7.38 6.74 -7.76
CA ALA A 13 -6.41 5.68 -7.99
C ALA A 13 -6.79 4.82 -9.20
N PRO A 14 -5.85 4.66 -10.15
CA PRO A 14 -6.04 3.81 -11.32
C PRO A 14 -6.33 2.37 -10.94
N ASP A 15 -7.48 1.87 -11.38
CA ASP A 15 -7.92 0.53 -10.99
C ASP A 15 -7.05 -0.52 -11.66
N PHE A 16 -6.76 -1.58 -10.94
CA PHE A 16 -5.93 -2.66 -11.45
C PHE A 16 -6.27 -3.97 -10.77
N THR A 17 -5.83 -5.06 -11.37
CA THR A 17 -5.97 -6.37 -10.76
C THR A 17 -4.60 -7.02 -10.63
N ILE A 18 -4.10 -7.10 -9.41
CA ILE A 18 -2.74 -7.60 -9.20
C ILE A 18 -2.78 -9.00 -8.59
N THR A 19 -1.78 -9.80 -8.94
CA THR A 19 -1.66 -11.15 -8.42
C THR A 19 -1.02 -11.12 -7.03
N LEU A 20 -1.60 -11.86 -6.10
CA LEU A 20 -1.04 -11.96 -4.76
C LEU A 20 -0.09 -13.13 -4.66
N THR A 21 0.46 -13.34 -3.47
CA THR A 21 1.51 -14.32 -3.22
C THR A 21 1.14 -15.75 -3.65
N ASP A 22 -0.10 -16.16 -3.38
CA ASP A 22 -0.50 -17.53 -3.71
C ASP A 22 -1.25 -17.58 -5.04
N GLY A 23 -1.26 -16.47 -5.75
CA GLY A 23 -1.92 -16.43 -7.04
C GLY A 23 -3.28 -15.77 -7.01
N LYS A 24 -3.63 -15.16 -5.88
CA LYS A 24 -4.90 -14.44 -5.77
C LYS A 24 -4.95 -13.28 -6.77
N GLN A 25 -6.16 -12.94 -7.19
CA GLN A 25 -6.37 -11.79 -8.05
C GLN A 25 -7.25 -10.77 -7.34
N VAL A 26 -6.71 -9.60 -7.07
CA VAL A 26 -7.45 -8.57 -6.38
C VAL A 26 -7.56 -7.30 -7.23
N THR A 27 -8.79 -6.86 -7.43
CA THR A 27 -9.08 -5.69 -8.22
C THR A 27 -9.47 -4.52 -7.30
N LEU A 28 -9.03 -3.33 -7.63
CA LEU A 28 -9.35 -2.14 -6.81
C LEU A 28 -10.85 -1.89 -6.80
N SER A 29 -11.51 -2.23 -7.90
CA SER A 29 -12.97 -2.10 -8.00
C SER A 29 -13.67 -2.81 -6.83
N SER A 30 -13.10 -3.91 -6.38
CA SER A 30 -13.67 -4.68 -5.27
C SER A 30 -13.36 -4.02 -3.94
N LEU A 31 -12.36 -3.15 -3.94
CA LEU A 31 -11.92 -2.49 -2.72
C LEU A 31 -12.46 -1.06 -2.65
N ARG A 32 -13.23 -0.67 -3.66
CA ARG A 32 -13.85 0.65 -3.67
C ARG A 32 -14.89 0.74 -2.56
N GLY A 33 -14.79 1.77 -1.74
CA GLY A 33 -15.69 1.91 -0.61
C GLY A 33 -14.95 1.81 0.70
N LYS A 34 -13.85 1.08 0.69
CA LYS A 34 -13.06 0.86 1.89
C LYS A 34 -11.66 1.47 1.73
N VAL A 35 -10.93 1.58 2.84
CA VAL A 35 -9.60 2.17 2.80
C VAL A 35 -8.58 1.16 2.31
N VAL A 36 -7.80 1.55 1.31
CA VAL A 36 -6.82 0.67 0.69
C VAL A 36 -5.42 1.24 0.84
N MET A 37 -4.54 0.48 1.47
CA MET A 37 -3.14 0.89 1.61
C MET A 37 -2.25 0.06 0.70
N LEU A 38 -1.57 0.74 -0.21
CA LEU A 38 -0.72 0.07 -1.19
C LEU A 38 0.69 0.62 -1.16
N GLN A 39 1.61 -0.10 -0.55
CA GLN A 39 3.00 0.32 -0.56
C GLN A 39 3.83 -0.58 -1.47
N PHE A 40 4.63 0.05 -2.31
CA PHE A 40 5.48 -0.66 -3.25
C PHE A 40 6.83 -0.96 -2.60
N THR A 41 7.27 -2.19 -2.73
CA THR A 41 8.51 -2.62 -2.12
C THR A 41 9.27 -3.55 -3.06
N ALA A 42 10.51 -3.85 -2.70
CA ALA A 42 11.27 -4.89 -3.38
C ALA A 42 11.97 -5.75 -2.34
N SER A 43 12.21 -7.01 -2.69
CA SER A 43 12.79 -7.99 -1.77
C SER A 43 14.28 -7.76 -1.51
N TRP A 44 14.72 -6.51 -1.62
CA TRP A 44 16.10 -6.14 -1.32
C TRP A 44 16.20 -4.74 -0.74
N CYS A 45 15.05 -4.13 -0.45
CA CYS A 45 15.02 -2.77 0.09
C CYS A 45 15.16 -2.79 1.61
N GLY A 46 16.08 -1.97 2.12
CA GLY A 46 16.33 -1.93 3.55
C GLY A 46 15.36 -1.04 4.28
N VAL A 47 14.91 0.01 3.59
CA VAL A 47 13.94 0.92 4.17
C VAL A 47 12.64 0.18 4.44
N CYS A 48 12.29 -0.73 3.54
CA CYS A 48 11.08 -1.52 3.67
C CYS A 48 11.20 -2.53 4.81
N ARG A 49 12.43 -2.83 5.20
CA ARG A 49 12.68 -3.70 6.34
C ARG A 49 12.40 -2.95 7.63
N LYS A 50 12.15 -1.66 7.52
CA LYS A 50 11.75 -0.85 8.65
C LYS A 50 10.25 -0.61 8.58
N GLU A 51 9.79 -0.14 7.44
CA GLU A 51 8.39 0.25 7.28
C GLU A 51 7.46 -0.95 7.41
N MET A 52 7.78 -2.08 6.77
CA MET A 52 6.86 -3.21 6.75
C MET A 52 6.62 -3.80 8.14
N PRO A 53 7.68 -4.09 8.93
CA PRO A 53 7.51 -4.48 10.34
C PRO A 53 6.69 -3.46 11.14
N PHE A 54 6.94 -2.17 10.87
CA PHE A 54 6.18 -1.11 11.52
C PHE A 54 4.72 -1.12 11.06
N ILE A 55 4.51 -1.37 9.76
CA ILE A 55 3.16 -1.50 9.21
C ILE A 55 2.41 -2.60 9.92
N GLU A 56 3.03 -3.77 10.02
CA GLU A 56 2.43 -4.89 10.74
C GLU A 56 2.13 -4.48 12.18
N LYS A 57 3.12 -3.93 12.85
CA LYS A 57 3.04 -3.56 14.25
C LYS A 57 1.85 -2.64 14.57
N ASP A 58 1.83 -1.46 13.97
CA ASP A 58 0.86 -0.45 14.39
C ASP A 58 -0.26 -0.22 13.40
N ILE A 59 -0.12 -0.70 12.17
CA ILE A 59 -1.17 -0.52 11.18
C ILE A 59 -2.00 -1.79 11.02
N TRP A 60 -1.35 -2.85 10.59
CA TRP A 60 -2.02 -4.10 10.26
C TRP A 60 -2.56 -4.79 11.50
N LEU A 61 -1.72 -4.91 12.52
CA LEU A 61 -2.05 -5.62 13.76
C LEU A 61 -3.34 -5.10 14.40
N LYS A 62 -3.63 -3.82 14.19
CA LYS A 62 -4.74 -3.17 14.87
C LYS A 62 -6.06 -3.34 14.11
N HIS A 63 -5.97 -3.55 12.81
CA HIS A 63 -7.17 -3.56 11.98
C HIS A 63 -7.32 -4.87 11.23
N LYS A 64 -6.21 -5.41 10.72
CA LYS A 64 -6.21 -6.61 9.87
C LYS A 64 -7.24 -6.49 8.76
N ASP A 65 -8.36 -7.17 8.93
CA ASP A 65 -9.37 -7.23 7.89
C ASP A 65 -10.33 -6.05 8.00
N ASN A 66 -11.06 -5.99 9.12
CA ASN A 66 -12.10 -4.97 9.34
C ASN A 66 -13.29 -5.10 8.36
N ALA A 67 -13.01 -5.68 7.18
CA ALA A 67 -13.97 -5.85 6.07
C ALA A 67 -13.94 -4.62 5.17
N ASP A 68 -13.36 -3.56 5.70
CA ASP A 68 -13.20 -2.32 4.96
C ASP A 68 -11.80 -1.77 5.11
N PHE A 69 -10.86 -2.62 5.49
CA PHE A 69 -9.46 -2.24 5.51
C PHE A 69 -8.65 -3.15 4.61
N ALA A 70 -8.21 -2.62 3.48
CA ALA A 70 -7.49 -3.40 2.51
C ALA A 70 -6.03 -2.96 2.43
N LEU A 71 -5.15 -3.74 3.01
CA LEU A 71 -3.73 -3.43 2.98
C LEU A 71 -3.00 -4.48 2.15
N ILE A 72 -2.44 -4.05 1.03
CA ILE A 72 -1.71 -4.96 0.15
C ILE A 72 -0.30 -4.43 -0.09
N GLY A 73 0.69 -5.25 0.21
CA GLY A 73 2.06 -4.87 -0.05
C GLY A 73 2.49 -5.30 -1.44
N ILE A 74 2.86 -4.34 -2.27
CA ILE A 74 3.17 -4.64 -3.65
C ILE A 74 4.67 -4.69 -3.87
N ASP A 75 5.22 -5.88 -3.97
CA ASP A 75 6.61 -6.03 -4.38
C ASP A 75 6.61 -5.95 -5.91
N ARG A 76 7.64 -5.37 -6.47
CA ARG A 76 7.60 -5.02 -7.87
C ARG A 76 8.01 -6.18 -8.78
N ASP A 77 9.22 -6.10 -9.31
CA ASP A 77 9.65 -7.00 -10.36
C ASP A 77 10.27 -8.28 -9.79
N GLU A 78 10.01 -8.53 -8.51
CA GLU A 78 10.52 -9.72 -7.85
C GLU A 78 9.52 -10.87 -7.96
N PRO A 79 10.02 -12.09 -8.21
CA PRO A 79 9.19 -13.28 -8.33
C PRO A 79 8.57 -13.72 -7.00
N LEU A 80 7.77 -14.79 -7.06
CA LEU A 80 7.03 -15.29 -5.91
C LEU A 80 7.94 -15.63 -4.75
N GLU A 81 8.89 -16.51 -5.03
CA GLU A 81 9.83 -17.01 -4.03
C GLU A 81 10.53 -15.86 -3.29
N LYS A 82 10.82 -14.79 -4.02
CA LYS A 82 11.41 -13.59 -3.41
C LYS A 82 10.45 -12.98 -2.40
N VAL A 83 9.26 -12.63 -2.88
CA VAL A 83 8.24 -11.99 -2.05
C VAL A 83 7.95 -12.79 -0.78
N LEU A 84 7.70 -14.09 -0.95
CA LEU A 84 7.36 -14.95 0.17
C LEU A 84 8.50 -15.05 1.18
N ALA A 85 9.71 -15.18 0.69
CA ALA A 85 10.88 -15.36 1.54
C ALA A 85 11.27 -14.07 2.25
N PHE A 86 10.99 -12.94 1.61
CA PHE A 86 11.32 -11.64 2.17
C PHE A 86 10.29 -11.23 3.22
N ALA A 87 9.01 -11.41 2.89
CA ALA A 87 7.91 -11.07 3.79
C ALA A 87 8.04 -11.76 5.14
N LYS A 88 8.18 -13.08 5.10
CA LYS A 88 8.26 -13.89 6.31
C LYS A 88 9.37 -13.42 7.25
N SER A 89 10.43 -12.88 6.67
CA SER A 89 11.60 -12.49 7.44
C SER A 89 11.39 -11.15 8.13
N THR A 90 10.35 -10.44 7.71
CA THR A 90 10.00 -9.16 8.34
C THR A 90 8.64 -9.25 9.01
N GLY A 91 8.11 -10.47 9.09
CA GLY A 91 6.84 -10.71 9.71
C GLY A 91 5.73 -10.74 8.67
N VAL A 92 5.42 -9.56 8.15
CA VAL A 92 4.37 -9.34 7.14
C VAL A 92 3.23 -10.36 7.21
N THR A 93 2.22 -10.06 8.02
CA THR A 93 1.07 -10.94 8.17
C THR A 93 -0.07 -10.46 7.25
N TYR A 94 0.28 -9.60 6.30
CA TYR A 94 -0.68 -9.11 5.32
C TYR A 94 -0.28 -9.58 3.92
N PRO A 95 -1.27 -9.85 3.05
CA PRO A 95 -1.01 -10.34 1.69
C PRO A 95 -0.18 -9.39 0.86
N LEU A 96 0.78 -9.96 0.15
CA LEU A 96 1.60 -9.18 -0.76
C LEU A 96 1.27 -9.53 -2.20
N GLY A 97 1.47 -8.58 -3.08
CA GLY A 97 1.28 -8.82 -4.49
C GLY A 97 2.56 -8.55 -5.26
N LEU A 98 2.66 -9.06 -6.47
CA LEU A 98 3.85 -8.87 -7.27
C LEU A 98 3.51 -8.19 -8.58
N ASP A 99 4.35 -7.25 -8.98
CA ASP A 99 4.13 -6.47 -10.20
C ASP A 99 5.32 -6.61 -11.16
N PRO A 100 5.45 -7.79 -11.80
CA PRO A 100 6.53 -8.05 -12.76
C PRO A 100 6.35 -7.25 -14.04
N GLY A 101 7.24 -6.30 -14.25
CA GLY A 101 7.15 -5.42 -15.40
C GLY A 101 6.95 -3.98 -14.98
N ALA A 102 6.89 -3.78 -13.66
CA ALA A 102 6.65 -2.47 -13.07
C ALA A 102 5.45 -1.75 -13.70
N ASP A 103 4.37 -2.49 -13.99
CA ASP A 103 3.20 -1.92 -14.63
C ASP A 103 2.29 -1.23 -13.62
N ILE A 104 1.92 -1.98 -12.58
CA ILE A 104 1.07 -1.44 -11.54
C ILE A 104 1.80 -0.32 -10.83
N PHE A 105 3.11 -0.48 -10.73
CA PHE A 105 3.97 0.56 -10.18
C PHE A 105 3.93 1.80 -11.07
N ALA A 106 4.03 1.58 -12.38
CA ALA A 106 4.06 2.68 -13.36
C ALA A 106 2.75 3.47 -13.36
N LYS A 107 1.69 2.86 -12.86
CA LYS A 107 0.40 3.53 -12.77
C LYS A 107 0.38 4.58 -11.67
N TYR A 108 1.45 4.62 -10.88
CA TYR A 108 1.57 5.57 -9.79
C TYR A 108 2.89 6.34 -9.86
N ALA A 109 3.97 5.62 -10.18
CA ALA A 109 5.30 6.21 -10.24
C ALA A 109 6.06 5.66 -11.44
N LEU A 110 7.06 6.41 -11.91
CA LEU A 110 7.88 5.95 -13.03
C LEU A 110 8.61 4.66 -12.66
N ARG A 111 8.66 3.73 -13.60
CA ARG A 111 9.34 2.45 -13.40
C ARG A 111 10.79 2.72 -13.00
N ASP A 112 11.31 3.75 -13.62
CA ASP A 112 12.71 4.10 -13.53
C ASP A 112 12.95 5.05 -12.35
N ALA A 113 11.95 5.17 -11.49
CA ALA A 113 12.04 6.04 -10.33
C ALA A 113 12.17 5.22 -9.04
N GLY A 114 12.09 5.91 -7.91
CA GLY A 114 12.22 5.26 -6.62
C GLY A 114 11.17 4.20 -6.37
N ILE A 115 11.61 2.96 -6.18
CA ILE A 115 10.73 1.82 -6.04
C ILE A 115 9.90 1.86 -4.76
N THR A 116 10.51 2.28 -3.66
CA THR A 116 9.80 2.35 -2.39
C THR A 116 8.84 3.54 -2.35
N ARG A 117 7.57 3.26 -2.61
CA ARG A 117 6.54 4.30 -2.61
C ARG A 117 5.30 3.81 -1.89
N ASN A 118 4.75 4.64 -1.02
CA ASN A 118 3.61 4.25 -0.22
C ASN A 118 2.37 5.03 -0.64
N VAL A 119 1.36 4.31 -1.10
CA VAL A 119 0.13 4.92 -1.59
C VAL A 119 -1.03 4.58 -0.66
N LEU A 120 -1.77 5.60 -0.24
CA LEU A 120 -2.96 5.38 0.56
C LEU A 120 -4.20 5.83 -0.20
N ILE A 121 -5.06 4.87 -0.49
CA ILE A 121 -6.31 5.12 -1.19
C ILE A 121 -7.44 5.20 -0.18
N ASP A 122 -8.27 6.22 -0.29
CA ASP A 122 -9.38 6.39 0.63
C ASP A 122 -10.61 5.63 0.14
N ARG A 123 -11.64 5.63 0.97
CA ARG A 123 -12.88 4.90 0.72
C ARG A 123 -13.48 5.28 -0.65
N GLU A 124 -13.31 6.54 -1.03
CA GLU A 124 -13.92 7.07 -2.23
C GLU A 124 -13.11 6.72 -3.48
N GLY A 125 -11.99 6.03 -3.29
CA GLY A 125 -11.20 5.59 -4.41
C GLY A 125 -10.11 6.58 -4.77
N LYS A 126 -9.98 7.62 -3.96
CA LYS A 126 -9.00 8.68 -4.23
C LYS A 126 -7.74 8.47 -3.41
N ILE A 127 -6.62 8.90 -3.95
CA ILE A 127 -5.35 8.81 -3.24
C ILE A 127 -5.18 10.02 -2.33
N VAL A 128 -5.25 9.79 -1.04
CA VAL A 128 -5.20 10.88 -0.08
C VAL A 128 -3.81 11.04 0.53
N LYS A 129 -2.97 10.02 0.39
CA LYS A 129 -1.65 10.07 0.97
C LYS A 129 -0.67 9.26 0.14
N LEU A 130 0.23 9.95 -0.55
CA LEU A 130 1.32 9.29 -1.25
C LEU A 130 2.65 9.79 -0.71
N THR A 131 3.35 8.93 0.00
CA THR A 131 4.60 9.31 0.63
C THR A 131 5.77 8.50 0.07
N ARG A 132 6.97 8.99 0.34
CA ARG A 132 8.19 8.38 -0.18
C ARG A 132 8.89 7.58 0.90
N LEU A 133 8.83 6.25 0.78
CA LEU A 133 9.47 5.29 1.71
C LEU A 133 9.15 5.56 3.18
N TYR A 134 9.75 4.78 4.06
CA TYR A 134 9.57 4.94 5.50
C TYR A 134 10.20 6.24 5.99
N ASN A 135 9.40 7.29 5.99
CA ASN A 135 9.80 8.56 6.56
C ASN A 135 9.07 8.74 7.88
N GLU A 136 9.83 8.90 8.96
CA GLU A 136 9.29 9.00 10.33
C GLU A 136 7.99 9.81 10.40
N GLU A 137 8.08 11.09 10.08
CA GLU A 137 6.93 11.99 10.16
C GLU A 137 5.77 11.49 9.31
N GLU A 138 6.08 11.20 8.05
CA GLU A 138 5.09 10.77 7.08
C GLU A 138 4.42 9.46 7.48
N PHE A 139 5.22 8.51 7.94
CA PHE A 139 4.70 7.23 8.36
C PHE A 139 3.83 7.39 9.58
N ALA A 140 4.30 8.21 10.53
CA ALA A 140 3.54 8.51 11.73
C ALA A 140 2.18 9.10 11.38
N SER A 141 2.18 10.09 10.50
CA SER A 141 0.95 10.72 10.06
C SER A 141 0.07 9.72 9.31
N LEU A 142 0.70 8.86 8.53
CA LEU A 142 -0.01 7.86 7.75
C LEU A 142 -0.75 6.91 8.69
N VAL A 143 -0.05 6.41 9.70
CA VAL A 143 -0.64 5.50 10.68
C VAL A 143 -1.83 6.14 11.39
N GLN A 144 -1.66 7.39 11.81
CA GLN A 144 -2.72 8.10 12.50
C GLN A 144 -3.94 8.26 11.60
N GLN A 145 -3.69 8.61 10.34
CA GLN A 145 -4.76 8.75 9.37
C GLN A 145 -5.46 7.42 9.14
N ILE A 146 -4.68 6.35 9.06
CA ILE A 146 -5.23 4.99 8.94
C ILE A 146 -6.26 4.75 10.03
N ASN A 147 -5.88 5.04 11.27
CA ASN A 147 -6.74 4.83 12.41
C ASN A 147 -8.05 5.58 12.26
N GLU A 148 -7.99 6.84 11.81
CA GLU A 148 -9.21 7.62 11.62
C GLU A 148 -10.01 7.09 10.42
N MET A 149 -9.32 6.60 9.41
CA MET A 149 -9.97 6.05 8.22
C MET A 149 -10.88 4.89 8.61
N LEU A 150 -10.49 4.21 9.68
CA LEU A 150 -11.26 3.11 10.22
C LEU A 150 -12.45 3.61 11.06
N LYS A 151 -12.40 4.88 11.44
CA LYS A 151 -13.45 5.47 12.27
C LYS A 151 -14.39 6.33 11.45
N GLU A 152 -13.79 7.24 10.68
CA GLU A 152 -14.49 8.28 9.93
C GLU A 152 -15.36 9.13 10.85
N GLY A 153 -14.81 10.24 11.29
CA GLY A 153 -15.54 11.19 12.08
C GLY A 153 -15.50 12.56 11.46
N HIS A 154 -15.42 12.58 10.13
CA HIS A 154 -15.28 13.84 9.42
C HIS A 154 -16.47 14.14 8.52
N HIS A 155 -17.06 13.11 7.89
CA HIS A 155 -18.23 13.37 7.04
C HIS A 155 -18.87 12.09 6.51
N HIS A 156 -18.08 11.06 6.25
CA HIS A 156 -18.57 9.88 5.54
C HIS A 156 -19.13 8.84 6.50
N HIS A 157 -19.20 9.17 7.78
CA HIS A 157 -19.73 8.27 8.79
C HIS A 157 -21.24 8.16 8.65
N HIS A 158 -21.87 9.22 8.17
CA HIS A 158 -23.31 9.22 7.94
C HIS A 158 -23.62 8.77 6.52
N HIS A 159 -24.68 8.00 6.37
CA HIS A 159 -25.20 7.64 5.07
C HIS A 159 -26.71 7.85 5.07
N MET A 1 11.03 20.20 -7.95
CA MET A 1 10.22 19.15 -7.26
C MET A 1 10.89 17.79 -7.44
N SER A 2 10.75 17.22 -8.63
CA SER A 2 11.40 15.96 -8.98
C SER A 2 10.92 14.82 -8.06
N LEU A 3 9.76 14.27 -8.37
CA LEU A 3 9.21 13.18 -7.59
C LEU A 3 8.80 12.04 -8.51
N GLY A 4 9.01 10.81 -8.06
CA GLY A 4 8.68 9.66 -8.86
C GLY A 4 7.21 9.29 -8.77
N TYR A 5 6.37 10.14 -9.34
CA TYR A 5 4.92 9.91 -9.37
C TYR A 5 4.34 10.46 -10.66
N ILE A 6 3.30 9.81 -11.17
CA ILE A 6 2.56 10.34 -12.31
C ILE A 6 1.12 10.66 -11.88
N VAL A 7 0.79 10.29 -10.65
CA VAL A 7 -0.53 10.55 -10.10
C VAL A 7 -0.49 11.76 -9.18
N ARG A 8 -1.66 12.28 -8.83
CA ARG A 8 -1.76 13.48 -8.01
C ARG A 8 -2.65 13.21 -6.79
N ILE A 9 -2.62 14.12 -5.84
CA ILE A 9 -3.51 14.04 -4.68
C ILE A 9 -4.89 14.53 -5.06
N GLY A 10 -5.88 13.66 -4.94
CA GLY A 10 -7.23 13.99 -5.35
C GLY A 10 -7.70 13.13 -6.50
N GLU A 11 -6.75 12.65 -7.28
CA GLU A 11 -7.04 11.79 -8.42
C GLU A 11 -7.59 10.45 -7.93
N MET A 12 -8.44 9.83 -8.75
CA MET A 12 -8.92 8.51 -8.43
C MET A 12 -7.86 7.48 -8.80
N ALA A 13 -7.46 6.68 -7.83
CA ALA A 13 -6.38 5.72 -8.02
C ALA A 13 -6.66 4.78 -9.18
N PRO A 14 -5.73 4.71 -10.16
CA PRO A 14 -5.82 3.77 -11.27
C PRO A 14 -6.03 2.34 -10.78
N ASP A 15 -7.00 1.67 -11.38
CA ASP A 15 -7.35 0.32 -10.94
C ASP A 15 -6.42 -0.71 -11.57
N PHE A 16 -6.39 -1.89 -10.98
CA PHE A 16 -5.48 -2.94 -11.40
C PHE A 16 -5.87 -4.26 -10.80
N THR A 17 -5.36 -5.34 -11.35
CA THR A 17 -5.56 -6.67 -10.80
C THR A 17 -4.22 -7.34 -10.55
N ILE A 18 -3.78 -7.32 -9.31
CA ILE A 18 -2.46 -7.82 -8.95
C ILE A 18 -2.55 -9.27 -8.47
N THR A 19 -1.48 -10.01 -8.70
CA THR A 19 -1.41 -11.39 -8.26
C THR A 19 -0.79 -11.47 -6.88
N LEU A 20 -1.48 -12.13 -5.95
CA LEU A 20 -0.98 -12.31 -4.60
C LEU A 20 0.05 -13.42 -4.53
N THR A 21 0.64 -13.61 -3.36
CA THR A 21 1.68 -14.61 -3.15
C THR A 21 1.21 -16.03 -3.48
N ASP A 22 -0.09 -16.25 -3.36
CA ASP A 22 -0.68 -17.56 -3.61
C ASP A 22 -1.07 -17.71 -5.08
N GLY A 23 -1.21 -16.58 -5.77
CA GLY A 23 -1.69 -16.60 -7.13
C GLY A 23 -3.05 -15.95 -7.27
N LYS A 24 -3.63 -15.52 -6.16
CA LYS A 24 -4.93 -14.86 -6.18
C LYS A 24 -4.86 -13.52 -6.90
N GLN A 25 -5.73 -13.35 -7.88
CA GLN A 25 -5.81 -12.08 -8.60
C GLN A 25 -6.83 -11.18 -7.93
N VAL A 26 -6.36 -10.05 -7.41
CA VAL A 26 -7.25 -9.11 -6.72
C VAL A 26 -7.26 -7.75 -7.43
N THR A 27 -8.47 -7.28 -7.71
CA THR A 27 -8.66 -6.01 -8.40
C THR A 27 -8.95 -4.89 -7.40
N LEU A 28 -8.52 -3.67 -7.71
CA LEU A 28 -8.74 -2.53 -6.80
C LEU A 28 -10.24 -2.22 -6.74
N SER A 29 -10.95 -2.54 -7.82
CA SER A 29 -12.39 -2.35 -7.89
C SER A 29 -13.10 -3.10 -6.75
N SER A 30 -12.50 -4.20 -6.31
CA SER A 30 -13.07 -5.00 -5.24
C SER A 30 -12.87 -4.33 -3.88
N LEU A 31 -11.96 -3.37 -3.83
CA LEU A 31 -11.64 -2.67 -2.58
C LEU A 31 -12.24 -1.27 -2.55
N ARG A 32 -12.98 -0.92 -3.61
CA ARG A 32 -13.61 0.39 -3.69
C ARG A 32 -14.71 0.50 -2.64
N GLY A 33 -14.59 1.49 -1.77
CA GLY A 33 -15.53 1.65 -0.68
C GLY A 33 -14.83 1.59 0.66
N LYS A 34 -13.64 1.02 0.65
CA LYS A 34 -12.84 0.92 1.85
C LYS A 34 -11.55 1.71 1.70
N VAL A 35 -10.96 2.14 2.82
CA VAL A 35 -9.67 2.81 2.79
C VAL A 35 -8.57 1.81 2.46
N VAL A 36 -7.90 2.03 1.34
CA VAL A 36 -6.93 1.07 0.83
C VAL A 36 -5.50 1.58 1.00
N MET A 37 -4.65 0.73 1.57
CA MET A 37 -3.24 1.06 1.71
C MET A 37 -2.41 0.22 0.73
N LEU A 38 -1.68 0.91 -0.15
CA LEU A 38 -0.86 0.23 -1.15
C LEU A 38 0.59 0.69 -1.04
N GLN A 39 1.41 -0.05 -0.31
CA GLN A 39 2.81 0.27 -0.21
C GLN A 39 3.61 -0.51 -1.24
N PHE A 40 4.47 0.21 -1.96
CA PHE A 40 5.32 -0.40 -2.97
C PHE A 40 6.70 -0.70 -2.39
N THR A 41 6.98 -1.99 -2.23
CA THR A 41 8.21 -2.43 -1.62
C THR A 41 9.03 -3.22 -2.65
N ALA A 42 10.10 -3.84 -2.19
CA ALA A 42 10.94 -4.68 -3.02
C ALA A 42 11.82 -5.55 -2.15
N SER A 43 12.04 -6.77 -2.58
CA SER A 43 12.76 -7.76 -1.79
C SER A 43 14.22 -7.36 -1.50
N TRP A 44 14.72 -6.35 -2.20
CA TRP A 44 16.08 -5.89 -1.99
C TRP A 44 16.15 -4.63 -1.13
N CYS A 45 14.98 -4.08 -0.79
CA CYS A 45 14.93 -2.83 -0.05
C CYS A 45 15.21 -3.03 1.43
N GLY A 46 16.20 -2.30 1.93
CA GLY A 46 16.53 -2.36 3.34
C GLY A 46 15.72 -1.35 4.13
N VAL A 47 15.17 -0.37 3.43
CA VAL A 47 14.31 0.62 4.05
C VAL A 47 12.98 -0.01 4.42
N CYS A 48 12.40 -0.75 3.49
CA CYS A 48 11.11 -1.39 3.70
C CYS A 48 11.19 -2.47 4.77
N ARG A 49 12.38 -2.93 5.07
CA ARG A 49 12.57 -3.92 6.13
C ARG A 49 12.37 -3.29 7.50
N LYS A 50 12.20 -1.97 7.52
CA LYS A 50 11.78 -1.25 8.70
C LYS A 50 10.31 -0.85 8.54
N GLU A 51 10.02 -0.33 7.36
CA GLU A 51 8.69 0.16 7.00
C GLU A 51 7.63 -0.91 7.19
N MET A 52 7.82 -2.05 6.52
CA MET A 52 6.82 -3.10 6.48
C MET A 52 6.51 -3.70 7.86
N PRO A 53 7.53 -4.11 8.64
CA PRO A 53 7.31 -4.60 10.02
C PRO A 53 6.57 -3.57 10.88
N PHE A 54 6.85 -2.30 10.68
CA PHE A 54 6.12 -1.25 11.38
C PHE A 54 4.68 -1.18 10.86
N ILE A 55 4.53 -1.28 9.55
CA ILE A 55 3.20 -1.28 8.93
C ILE A 55 2.32 -2.38 9.51
N GLU A 56 2.80 -3.61 9.51
CA GLU A 56 2.00 -4.71 10.01
C GLU A 56 1.78 -4.57 11.52
N LYS A 57 2.76 -4.01 12.21
CA LYS A 57 2.68 -3.82 13.65
C LYS A 57 1.52 -2.92 14.06
N ASP A 58 1.51 -1.68 13.59
CA ASP A 58 0.54 -0.70 14.08
C ASP A 58 -0.55 -0.39 13.07
N ILE A 59 -0.41 -0.86 11.85
CA ILE A 59 -1.46 -0.66 10.86
C ILE A 59 -2.25 -1.94 10.64
N TRP A 60 -1.55 -3.01 10.24
CA TRP A 60 -2.20 -4.28 9.97
C TRP A 60 -2.79 -4.88 11.24
N LEU A 61 -1.94 -5.29 12.16
CA LEU A 61 -2.37 -5.99 13.38
C LEU A 61 -3.55 -5.30 14.07
N LYS A 62 -3.61 -3.98 13.97
CA LYS A 62 -4.65 -3.21 14.63
C LYS A 62 -5.98 -3.28 13.89
N HIS A 63 -5.95 -3.31 12.55
CA HIS A 63 -7.20 -3.26 11.78
C HIS A 63 -7.31 -4.41 10.78
N LYS A 64 -6.20 -4.71 10.11
CA LYS A 64 -6.11 -5.75 9.08
C LYS A 64 -7.05 -5.47 7.91
N ASP A 65 -8.32 -5.83 8.05
CA ASP A 65 -9.31 -5.48 7.04
C ASP A 65 -10.43 -4.70 7.70
N ASN A 66 -10.78 -5.13 8.92
CA ASN A 66 -11.77 -4.45 9.75
C ASN A 66 -13.17 -4.64 9.19
N ALA A 67 -13.45 -3.91 8.12
CA ALA A 67 -14.75 -3.87 7.48
C ALA A 67 -14.76 -2.78 6.43
N ASP A 68 -14.02 -1.71 6.70
CA ASP A 68 -13.96 -0.56 5.81
C ASP A 68 -12.49 -0.22 5.48
N PHE A 69 -11.60 -1.19 5.69
CA PHE A 69 -10.18 -0.98 5.43
C PHE A 69 -9.62 -2.11 4.56
N ALA A 70 -8.55 -1.82 3.84
CA ALA A 70 -7.87 -2.82 3.02
C ALA A 70 -6.39 -2.52 2.92
N LEU A 71 -5.55 -3.53 3.13
CA LEU A 71 -4.11 -3.35 3.07
C LEU A 71 -3.49 -4.42 2.16
N ILE A 72 -2.83 -3.98 1.10
CA ILE A 72 -2.19 -4.88 0.16
C ILE A 72 -0.74 -4.44 -0.08
N GLY A 73 0.21 -5.32 0.23
CA GLY A 73 1.60 -5.00 0.01
C GLY A 73 2.05 -5.38 -1.38
N ILE A 74 2.66 -4.46 -2.10
CA ILE A 74 3.07 -4.72 -3.48
C ILE A 74 4.58 -4.69 -3.63
N ASP A 75 5.17 -5.80 -4.06
CA ASP A 75 6.60 -5.83 -4.35
C ASP A 75 6.81 -5.50 -5.82
N ARG A 76 7.67 -4.53 -6.09
CA ARG A 76 7.83 -3.99 -7.42
C ARG A 76 8.89 -4.75 -8.22
N ASP A 77 8.44 -5.46 -9.24
CA ASP A 77 9.29 -6.08 -10.27
C ASP A 77 9.93 -7.39 -9.80
N GLU A 78 10.09 -7.56 -8.49
CA GLU A 78 10.63 -8.81 -7.95
C GLU A 78 9.63 -9.94 -8.13
N PRO A 79 10.11 -11.09 -8.63
CA PRO A 79 9.27 -12.26 -8.92
C PRO A 79 8.77 -13.01 -7.68
N LEU A 80 8.21 -14.19 -7.93
CA LEU A 80 7.44 -14.94 -6.95
C LEU A 80 8.30 -15.37 -5.75
N GLU A 81 9.43 -16.00 -6.00
CA GLU A 81 10.28 -16.53 -4.93
C GLU A 81 10.82 -15.40 -4.04
N LYS A 82 11.08 -14.26 -4.65
CA LYS A 82 11.52 -13.08 -3.92
C LYS A 82 10.49 -12.68 -2.88
N VAL A 83 9.27 -12.40 -3.34
CA VAL A 83 8.20 -11.93 -2.46
C VAL A 83 7.97 -12.91 -1.30
N LEU A 84 7.94 -14.19 -1.62
CA LEU A 84 7.68 -15.23 -0.62
C LEU A 84 8.82 -15.34 0.39
N ALA A 85 10.03 -15.06 -0.07
CA ALA A 85 11.21 -15.15 0.80
C ALA A 85 11.37 -13.88 1.62
N PHE A 86 11.07 -12.74 1.02
CA PHE A 86 11.21 -11.46 1.69
C PHE A 86 10.21 -11.31 2.83
N ALA A 87 8.94 -11.65 2.55
CA ALA A 87 7.88 -11.57 3.54
C ALA A 87 8.22 -12.35 4.80
N LYS A 88 8.59 -13.61 4.62
CA LYS A 88 8.84 -14.50 5.75
C LYS A 88 10.04 -14.05 6.58
N SER A 89 10.92 -13.29 5.95
CA SER A 89 12.13 -12.80 6.62
C SER A 89 11.81 -11.57 7.48
N THR A 90 10.79 -10.82 7.08
CA THR A 90 10.38 -9.64 7.83
C THR A 90 9.20 -9.97 8.75
N GLY A 91 8.51 -11.05 8.43
CA GLY A 91 7.32 -11.44 9.15
C GLY A 91 6.10 -11.30 8.27
N VAL A 92 5.70 -10.04 8.08
CA VAL A 92 4.58 -9.67 7.21
C VAL A 92 3.35 -10.57 7.39
N THR A 93 2.52 -10.18 8.34
CA THR A 93 1.29 -10.89 8.64
C THR A 93 0.17 -10.54 7.65
N TYR A 94 0.51 -9.77 6.62
CA TYR A 94 -0.46 -9.37 5.61
C TYR A 94 -0.06 -9.89 4.22
N PRO A 95 -1.04 -10.08 3.33
CA PRO A 95 -0.77 -10.59 1.99
C PRO A 95 0.02 -9.62 1.13
N LEU A 96 0.98 -10.17 0.39
CA LEU A 96 1.75 -9.40 -0.56
C LEU A 96 1.37 -9.82 -1.97
N GLY A 97 1.45 -8.87 -2.88
CA GLY A 97 1.26 -9.16 -4.28
C GLY A 97 2.51 -8.84 -5.05
N LEU A 98 2.76 -9.59 -6.10
CA LEU A 98 3.96 -9.38 -6.90
C LEU A 98 3.62 -8.63 -8.17
N ASP A 99 4.45 -7.65 -8.50
CA ASP A 99 4.26 -6.85 -9.70
C ASP A 99 5.42 -7.08 -10.68
N PRO A 100 5.47 -8.25 -11.35
CA PRO A 100 6.54 -8.58 -12.29
C PRO A 100 6.47 -7.70 -13.53
N GLY A 101 7.50 -6.91 -13.76
CA GLY A 101 7.49 -5.97 -14.85
C GLY A 101 7.21 -4.57 -14.38
N ALA A 102 6.87 -4.46 -13.09
CA ALA A 102 6.57 -3.17 -12.46
C ALA A 102 5.46 -2.44 -13.20
N ASP A 103 4.47 -3.19 -13.66
CA ASP A 103 3.35 -2.62 -14.39
C ASP A 103 2.43 -1.84 -13.46
N ILE A 104 2.12 -2.43 -12.33
CA ILE A 104 1.25 -1.80 -11.36
C ILE A 104 1.92 -0.55 -10.81
N PHE A 105 3.22 -0.64 -10.58
CA PHE A 105 4.01 0.51 -10.16
C PHE A 105 4.03 1.57 -11.26
N ALA A 106 4.12 1.12 -12.51
CA ALA A 106 4.16 2.03 -13.65
C ALA A 106 2.81 2.72 -13.86
N LYS A 107 1.77 2.19 -13.21
CA LYS A 107 0.45 2.83 -13.25
C LYS A 107 0.36 4.00 -12.28
N TYR A 108 1.29 4.07 -11.34
CA TYR A 108 1.27 5.14 -10.34
C TYR A 108 2.48 6.05 -10.51
N ALA A 109 3.52 5.55 -11.15
CA ALA A 109 4.75 6.30 -11.36
C ALA A 109 5.54 5.72 -12.52
N LEU A 110 6.68 6.31 -12.81
CA LEU A 110 7.58 5.74 -13.80
C LEU A 110 8.09 4.39 -13.29
N ARG A 111 8.16 3.40 -14.19
CA ARG A 111 8.49 2.03 -13.82
C ARG A 111 9.65 1.93 -12.84
N ASP A 112 10.72 2.65 -13.11
CA ASP A 112 11.91 2.59 -12.28
C ASP A 112 12.22 3.95 -11.68
N ALA A 113 11.17 4.68 -11.30
CA ALA A 113 11.32 5.98 -10.69
C ALA A 113 11.63 5.85 -9.20
N GLY A 114 12.38 4.82 -8.85
CA GLY A 114 12.74 4.60 -7.47
C GLY A 114 11.90 3.51 -6.83
N ILE A 115 11.91 3.47 -5.52
CA ILE A 115 11.18 2.47 -4.77
C ILE A 115 10.80 3.07 -3.40
N THR A 116 10.23 2.26 -2.51
CA THR A 116 9.89 2.66 -1.14
C THR A 116 8.93 3.86 -1.13
N ARG A 117 7.64 3.56 -1.16
CA ARG A 117 6.61 4.57 -1.18
C ARG A 117 5.24 3.94 -1.00
N ASN A 118 4.37 4.61 -0.25
CA ASN A 118 3.07 4.07 0.07
C ASN A 118 1.95 4.97 -0.44
N VAL A 119 1.01 4.36 -1.15
CA VAL A 119 -0.14 5.08 -1.67
C VAL A 119 -1.36 4.80 -0.80
N LEU A 120 -1.84 5.82 -0.11
CA LEU A 120 -3.03 5.66 0.71
C LEU A 120 -4.25 6.15 -0.06
N ILE A 121 -5.15 5.23 -0.34
CA ILE A 121 -6.35 5.51 -1.08
C ILE A 121 -7.52 5.67 -0.11
N ASP A 122 -8.34 6.69 -0.33
CA ASP A 122 -9.50 6.90 0.50
C ASP A 122 -10.59 5.90 0.14
N ARG A 123 -11.63 5.85 0.96
CA ARG A 123 -12.70 4.87 0.78
C ARG A 123 -13.61 5.25 -0.39
N GLU A 124 -13.30 6.35 -1.05
CA GLU A 124 -14.02 6.75 -2.25
C GLU A 124 -13.34 6.18 -3.48
N GLY A 125 -12.03 6.01 -3.39
CA GLY A 125 -11.26 5.50 -4.50
C GLY A 125 -10.20 6.48 -4.97
N LYS A 126 -10.04 7.58 -4.24
CA LYS A 126 -9.10 8.62 -4.62
C LYS A 126 -7.81 8.52 -3.81
N ILE A 127 -6.74 9.08 -4.34
CA ILE A 127 -5.45 9.10 -3.66
C ILE A 127 -5.31 10.36 -2.84
N VAL A 128 -5.15 10.21 -1.53
CA VAL A 128 -5.07 11.37 -0.64
C VAL A 128 -3.70 11.48 0.03
N LYS A 129 -2.99 10.36 0.13
CA LYS A 129 -1.73 10.36 0.86
C LYS A 129 -0.63 9.62 0.10
N LEU A 130 0.37 10.38 -0.32
CA LEU A 130 1.55 9.80 -0.94
C LEU A 130 2.68 9.76 0.08
N THR A 131 3.08 8.55 0.45
CA THR A 131 4.10 8.34 1.46
C THR A 131 5.46 8.14 0.79
N ARG A 132 6.50 8.76 1.34
CA ARG A 132 7.84 8.58 0.80
C ARG A 132 8.65 7.74 1.76
N LEU A 133 8.88 6.48 1.41
CA LEU A 133 9.62 5.51 2.23
C LEU A 133 9.24 5.58 3.72
N TYR A 134 10.08 5.00 4.57
CA TYR A 134 9.80 4.98 5.99
C TYR A 134 10.48 6.14 6.71
N ASN A 135 9.68 7.12 7.12
CA ASN A 135 10.14 8.19 7.98
C ASN A 135 9.34 8.15 9.27
N GLU A 136 9.95 8.57 10.37
CA GLU A 136 9.30 8.54 11.68
C GLU A 136 8.01 9.34 11.67
N GLU A 137 8.13 10.61 11.29
CA GLU A 137 6.98 11.51 11.27
C GLU A 137 5.99 11.05 10.21
N GLU A 138 6.50 10.62 9.07
CA GLU A 138 5.67 10.19 7.95
C GLU A 138 4.82 8.99 8.36
N PHE A 139 5.46 7.98 8.94
CA PHE A 139 4.76 6.78 9.36
C PHE A 139 3.80 7.09 10.51
N ALA A 140 4.23 7.98 11.40
CA ALA A 140 3.38 8.41 12.51
C ALA A 140 2.13 9.10 11.96
N SER A 141 2.31 9.93 10.95
CA SER A 141 1.20 10.61 10.31
C SER A 141 0.28 9.60 9.64
N LEU A 142 0.85 8.49 9.20
CA LEU A 142 0.09 7.43 8.56
C LEU A 142 -0.76 6.68 9.56
N VAL A 143 -0.11 6.14 10.59
CA VAL A 143 -0.81 5.31 11.57
C VAL A 143 -1.95 6.09 12.24
N GLN A 144 -1.72 7.37 12.52
CA GLN A 144 -2.76 8.21 13.09
C GLN A 144 -3.87 8.43 12.06
N GLN A 145 -3.47 8.76 10.84
CA GLN A 145 -4.41 8.99 9.74
C GLN A 145 -5.27 7.76 9.50
N ILE A 146 -4.63 6.61 9.45
CA ILE A 146 -5.30 5.35 9.19
C ILE A 146 -6.25 5.00 10.34
N ASN A 147 -5.83 5.25 11.57
CA ASN A 147 -6.69 5.02 12.72
C ASN A 147 -7.97 5.85 12.62
N GLU A 148 -7.84 7.07 12.13
CA GLU A 148 -8.98 7.95 11.95
C GLU A 148 -9.79 7.57 10.71
N MET A 149 -9.10 7.03 9.69
CA MET A 149 -9.76 6.59 8.47
C MET A 149 -10.66 5.40 8.75
N LEU A 150 -10.28 4.65 9.78
CA LEU A 150 -11.08 3.53 10.25
C LEU A 150 -12.28 4.01 11.06
N LYS A 151 -12.31 5.31 11.31
CA LYS A 151 -13.44 5.93 11.96
C LYS A 151 -14.30 6.63 10.91
N GLU A 152 -13.71 7.64 10.28
CA GLU A 152 -14.33 8.39 9.20
C GLU A 152 -15.64 9.05 9.66
N GLY A 153 -16.30 9.76 8.76
CA GLY A 153 -17.53 10.44 9.10
C GLY A 153 -18.70 9.95 8.29
N HIS A 154 -18.68 8.68 7.92
CA HIS A 154 -19.79 8.08 7.16
C HIS A 154 -20.94 7.68 8.08
N HIS A 155 -21.12 8.48 9.12
CA HIS A 155 -22.25 8.32 10.04
C HIS A 155 -22.69 9.69 10.52
N HIS A 156 -23.77 10.19 9.95
CA HIS A 156 -24.24 11.54 10.24
C HIS A 156 -25.46 11.51 11.14
N HIS A 157 -25.75 12.64 11.78
CA HIS A 157 -26.91 12.73 12.66
C HIS A 157 -28.01 13.54 11.97
N HIS A 158 -29.24 13.32 12.39
CA HIS A 158 -30.38 14.04 11.83
C HIS A 158 -30.45 15.45 12.40
N HIS A 159 -30.95 16.38 11.60
CA HIS A 159 -31.21 17.73 12.08
C HIS A 159 -32.56 17.75 12.80
N MET A 1 4.87 14.05 -1.78
CA MET A 1 5.01 14.99 -2.92
C MET A 1 5.29 14.23 -4.21
N SER A 2 4.67 14.67 -5.30
CA SER A 2 4.85 14.04 -6.59
C SER A 2 6.07 14.63 -7.31
N LEU A 3 7.23 14.05 -7.05
CA LEU A 3 8.46 14.47 -7.72
C LEU A 3 8.88 13.46 -8.79
N GLY A 4 8.15 12.36 -8.84
CA GLY A 4 8.40 11.34 -9.83
C GLY A 4 7.15 10.53 -10.09
N TYR A 5 6.01 11.17 -9.84
CA TYR A 5 4.71 10.53 -9.94
C TYR A 5 3.95 11.07 -11.13
N ILE A 6 3.21 10.22 -11.81
CA ILE A 6 2.32 10.66 -12.87
C ILE A 6 0.94 10.92 -12.30
N VAL A 7 0.74 10.45 -11.07
CA VAL A 7 -0.51 10.64 -10.36
C VAL A 7 -0.28 11.61 -9.20
N ARG A 8 -1.35 12.13 -8.65
CA ARG A 8 -1.25 13.14 -7.62
C ARG A 8 -2.18 12.84 -6.46
N ILE A 9 -1.95 13.53 -5.34
CA ILE A 9 -2.78 13.35 -4.16
C ILE A 9 -4.14 13.98 -4.39
N GLY A 10 -5.18 13.17 -4.23
CA GLY A 10 -6.53 13.65 -4.46
C GLY A 10 -7.16 13.00 -5.67
N GLU A 11 -6.31 12.51 -6.57
CA GLU A 11 -6.76 11.89 -7.80
C GLU A 11 -7.34 10.51 -7.54
N MET A 12 -8.15 10.02 -8.46
CA MET A 12 -8.74 8.69 -8.33
C MET A 12 -7.72 7.64 -8.73
N ALA A 13 -7.59 6.61 -7.92
CA ALA A 13 -6.62 5.55 -8.18
C ALA A 13 -7.01 4.70 -9.38
N PRO A 14 -6.07 4.50 -10.32
CA PRO A 14 -6.27 3.62 -11.48
C PRO A 14 -6.52 2.18 -11.05
N ASP A 15 -7.48 1.53 -11.69
CA ASP A 15 -7.85 0.17 -11.34
C ASP A 15 -6.88 -0.84 -11.95
N PHE A 16 -6.75 -1.98 -11.31
CA PHE A 16 -5.87 -3.05 -11.76
C PHE A 16 -6.26 -4.36 -11.10
N THR A 17 -5.75 -5.46 -11.64
CA THR A 17 -5.96 -6.77 -11.04
C THR A 17 -4.61 -7.41 -10.79
N ILE A 18 -4.22 -7.48 -9.53
CA ILE A 18 -2.89 -7.96 -9.17
C ILE A 18 -2.97 -9.36 -8.57
N THR A 19 -1.96 -10.16 -8.86
CA THR A 19 -1.89 -11.51 -8.35
C THR A 19 -1.18 -11.53 -6.99
N LEU A 20 -1.78 -12.20 -6.02
CA LEU A 20 -1.19 -12.33 -4.70
C LEU A 20 -0.15 -13.46 -4.68
N THR A 21 0.44 -13.67 -3.51
CA THR A 21 1.51 -14.64 -3.33
C THR A 21 1.10 -16.06 -3.72
N ASP A 22 -0.17 -16.37 -3.53
CA ASP A 22 -0.66 -17.73 -3.77
C ASP A 22 -1.33 -17.83 -5.13
N GLY A 23 -1.49 -16.70 -5.80
CA GLY A 23 -2.17 -16.69 -7.07
C GLY A 23 -3.54 -16.04 -7.02
N LYS A 24 -3.95 -15.55 -5.85
CA LYS A 24 -5.22 -14.84 -5.75
C LYS A 24 -5.15 -13.51 -6.48
N GLN A 25 -5.86 -13.39 -7.58
CA GLN A 25 -5.87 -12.17 -8.35
C GLN A 25 -7.01 -11.27 -7.91
N VAL A 26 -6.67 -10.12 -7.35
CA VAL A 26 -7.67 -9.20 -6.84
C VAL A 26 -7.70 -7.92 -7.67
N THR A 27 -8.89 -7.36 -7.81
CA THR A 27 -9.07 -6.12 -8.55
C THR A 27 -9.25 -4.97 -7.57
N LEU A 28 -8.77 -3.78 -7.93
CA LEU A 28 -8.87 -2.63 -7.04
C LEU A 28 -10.32 -2.31 -6.72
N SER A 29 -11.16 -2.29 -7.76
CA SER A 29 -12.59 -2.01 -7.59
C SER A 29 -13.29 -3.09 -6.76
N SER A 30 -12.64 -4.23 -6.60
CA SER A 30 -13.18 -5.31 -5.80
C SER A 30 -12.89 -5.07 -4.32
N LEU A 31 -11.96 -4.15 -4.08
CA LEU A 31 -11.59 -3.77 -2.72
C LEU A 31 -12.03 -2.34 -2.43
N ARG A 32 -12.56 -1.68 -3.44
CA ARG A 32 -12.99 -0.29 -3.30
C ARG A 32 -14.30 -0.20 -2.53
N GLY A 33 -14.53 0.95 -1.93
CA GLY A 33 -15.57 1.07 -0.93
C GLY A 33 -14.95 0.90 0.44
N LYS A 34 -13.75 0.37 0.42
CA LYS A 34 -12.94 0.19 1.61
C LYS A 34 -11.68 1.05 1.51
N VAL A 35 -11.06 1.32 2.64
CA VAL A 35 -9.78 2.02 2.64
C VAL A 35 -8.66 1.04 2.32
N VAL A 36 -7.97 1.30 1.22
CA VAL A 36 -6.96 0.38 0.72
C VAL A 36 -5.56 0.98 0.84
N MET A 37 -4.70 0.28 1.55
CA MET A 37 -3.31 0.69 1.64
C MET A 37 -2.45 -0.12 0.68
N LEU A 38 -1.89 0.56 -0.30
CA LEU A 38 -1.02 -0.09 -1.27
C LEU A 38 0.42 0.35 -1.07
N GLN A 39 1.19 -0.46 -0.37
CA GLN A 39 2.60 -0.16 -0.19
C GLN A 39 3.40 -0.80 -1.31
N PHE A 40 4.27 -0.02 -1.92
CA PHE A 40 5.09 -0.50 -3.02
C PHE A 40 6.53 -0.67 -2.57
N THR A 41 7.03 -1.89 -2.70
CA THR A 41 8.38 -2.21 -2.26
C THR A 41 8.96 -3.34 -3.11
N ALA A 42 10.10 -3.86 -2.71
CA ALA A 42 10.68 -5.02 -3.34
C ALA A 42 11.52 -5.79 -2.34
N SER A 43 11.84 -7.02 -2.68
CA SER A 43 12.57 -7.91 -1.79
C SER A 43 14.01 -7.45 -1.56
N TRP A 44 14.42 -6.40 -2.28
CA TRP A 44 15.76 -5.87 -2.12
C TRP A 44 15.74 -4.48 -1.45
N CYS A 45 14.61 -4.09 -0.90
CA CYS A 45 14.49 -2.79 -0.24
C CYS A 45 14.78 -2.91 1.25
N GLY A 46 15.99 -2.52 1.65
CA GLY A 46 16.39 -2.60 3.03
C GLY A 46 15.66 -1.60 3.92
N VAL A 47 15.33 -0.44 3.36
CA VAL A 47 14.61 0.59 4.10
C VAL A 47 13.22 0.09 4.49
N CYS A 48 12.58 -0.60 3.57
CA CYS A 48 11.22 -1.08 3.78
C CYS A 48 11.18 -2.17 4.84
N ARG A 49 12.32 -2.74 5.17
CA ARG A 49 12.40 -3.74 6.22
C ARG A 49 12.22 -3.10 7.59
N LYS A 50 12.08 -1.78 7.61
CA LYS A 50 11.69 -1.07 8.82
C LYS A 50 10.20 -0.76 8.79
N GLU A 51 9.75 -0.16 7.69
CA GLU A 51 8.38 0.32 7.59
C GLU A 51 7.38 -0.85 7.50
N MET A 52 7.73 -1.89 6.78
CA MET A 52 6.81 -3.03 6.60
C MET A 52 6.45 -3.69 7.94
N PRO A 53 7.44 -4.06 8.79
CA PRO A 53 7.14 -4.56 10.14
C PRO A 53 6.38 -3.54 10.99
N PHE A 54 6.69 -2.26 10.79
CA PHE A 54 5.96 -1.19 11.46
C PHE A 54 4.50 -1.16 10.99
N ILE A 55 4.31 -1.29 9.68
CA ILE A 55 2.98 -1.41 9.09
C ILE A 55 2.25 -2.61 9.70
N GLU A 56 2.94 -3.74 9.72
CA GLU A 56 2.43 -4.97 10.30
C GLU A 56 1.88 -4.73 11.71
N LYS A 57 2.71 -4.15 12.56
CA LYS A 57 2.40 -3.98 13.97
C LYS A 57 1.34 -2.90 14.22
N ASP A 58 1.52 -1.71 13.66
CA ASP A 58 0.70 -0.57 14.06
C ASP A 58 -0.36 -0.19 13.04
N ILE A 59 -0.26 -0.71 11.83
CA ILE A 59 -1.28 -0.44 10.82
C ILE A 59 -2.16 -1.67 10.59
N TRP A 60 -1.52 -2.74 10.14
CA TRP A 60 -2.23 -3.96 9.77
C TRP A 60 -2.95 -4.58 10.96
N LEU A 61 -2.19 -5.08 11.93
CA LEU A 61 -2.73 -5.80 13.09
C LEU A 61 -3.88 -5.04 13.75
N LYS A 62 -3.80 -3.72 13.73
CA LYS A 62 -4.79 -2.89 14.42
C LYS A 62 -6.15 -2.97 13.75
N HIS A 63 -6.19 -3.20 12.43
CA HIS A 63 -7.46 -3.19 11.73
C HIS A 63 -7.65 -4.44 10.87
N LYS A 64 -6.63 -4.79 10.09
CA LYS A 64 -6.72 -5.90 9.12
C LYS A 64 -8.06 -5.92 8.38
N ASP A 65 -8.98 -6.70 8.91
CA ASP A 65 -10.33 -6.78 8.47
C ASP A 65 -11.07 -5.49 8.84
N ASN A 66 -11.32 -5.33 10.15
CA ASN A 66 -11.92 -4.11 10.72
C ASN A 66 -13.38 -3.99 10.33
N ALA A 67 -13.60 -3.75 9.05
CA ALA A 67 -14.92 -3.55 8.47
C ALA A 67 -14.76 -3.19 7.01
N ASP A 68 -13.85 -2.26 6.76
CA ASP A 68 -13.61 -1.76 5.43
C ASP A 68 -12.13 -1.49 5.20
N PHE A 69 -11.26 -2.31 5.78
CA PHE A 69 -9.84 -2.10 5.58
C PHE A 69 -9.28 -3.13 4.59
N ALA A 70 -8.31 -2.70 3.80
CA ALA A 70 -7.59 -3.59 2.90
C ALA A 70 -6.13 -3.14 2.79
N LEU A 71 -5.21 -4.08 2.97
CA LEU A 71 -3.78 -3.76 2.89
C LEU A 71 -3.06 -4.81 2.06
N ILE A 72 -2.53 -4.39 0.93
CA ILE A 72 -1.79 -5.28 0.04
C ILE A 72 -0.41 -4.70 -0.25
N GLY A 73 0.63 -5.48 0.00
CA GLY A 73 1.97 -5.04 -0.30
C GLY A 73 2.38 -5.45 -1.70
N ILE A 74 2.71 -4.49 -2.53
CA ILE A 74 3.02 -4.76 -3.93
C ILE A 74 4.52 -4.70 -4.17
N ASP A 75 5.09 -5.79 -4.68
CA ASP A 75 6.50 -5.82 -5.04
C ASP A 75 6.68 -5.27 -6.45
N ARG A 76 7.70 -4.46 -6.63
CA ARG A 76 7.93 -3.73 -7.88
C ARG A 76 8.46 -4.63 -9.00
N ASP A 77 9.18 -5.69 -8.66
CA ASP A 77 9.85 -6.46 -9.69
C ASP A 77 10.27 -7.87 -9.25
N GLU A 78 10.32 -8.13 -7.96
CA GLU A 78 10.71 -9.45 -7.47
C GLU A 78 9.55 -10.45 -7.59
N PRO A 79 9.83 -11.64 -8.14
CA PRO A 79 8.83 -12.69 -8.35
C PRO A 79 8.36 -13.38 -7.06
N LEU A 80 7.61 -14.46 -7.26
CA LEU A 80 6.94 -15.19 -6.18
C LEU A 80 7.89 -15.59 -5.06
N GLU A 81 8.91 -16.37 -5.40
CA GLU A 81 9.79 -16.96 -4.39
C GLU A 81 10.47 -15.89 -3.55
N LYS A 82 10.77 -14.76 -4.16
CA LYS A 82 11.31 -13.61 -3.46
C LYS A 82 10.31 -13.09 -2.43
N VAL A 83 9.13 -12.76 -2.92
CA VAL A 83 8.07 -12.20 -2.09
C VAL A 83 7.72 -13.13 -0.93
N LEU A 84 7.59 -14.42 -1.23
CA LEU A 84 7.21 -15.41 -0.22
C LEU A 84 8.33 -15.63 0.80
N ALA A 85 9.52 -15.12 0.51
CA ALA A 85 10.63 -15.21 1.44
C ALA A 85 10.81 -13.90 2.19
N PHE A 86 10.69 -12.80 1.46
CA PHE A 86 10.88 -11.46 2.04
C PHE A 86 9.81 -11.18 3.09
N ALA A 87 8.58 -11.62 2.83
CA ALA A 87 7.47 -11.42 3.74
C ALA A 87 7.79 -11.96 5.13
N LYS A 88 8.16 -13.23 5.20
CA LYS A 88 8.40 -13.90 6.48
C LYS A 88 9.64 -13.32 7.17
N SER A 89 10.47 -12.65 6.37
CA SER A 89 11.68 -12.02 6.88
C SER A 89 11.39 -10.66 7.52
N THR A 90 10.12 -10.26 7.48
CA THR A 90 9.69 -9.02 8.12
C THR A 90 8.35 -9.23 8.82
N GLY A 91 7.95 -10.48 8.95
CA GLY A 91 6.69 -10.82 9.57
C GLY A 91 5.59 -10.95 8.53
N VAL A 92 5.17 -9.79 8.05
CA VAL A 92 4.13 -9.65 7.01
C VAL A 92 3.07 -10.76 7.01
N THR A 93 1.97 -10.53 7.71
CA THR A 93 0.85 -11.47 7.68
C THR A 93 -0.20 -11.02 6.67
N TYR A 94 -0.05 -9.79 6.20
CA TYR A 94 -0.95 -9.26 5.16
C TYR A 94 -0.50 -9.74 3.78
N PRO A 95 -1.47 -10.02 2.88
CA PRO A 95 -1.17 -10.53 1.54
C PRO A 95 -0.31 -9.59 0.72
N LEU A 96 0.63 -10.16 0.01
CA LEU A 96 1.50 -9.40 -0.88
C LEU A 96 1.19 -9.74 -2.32
N GLY A 97 1.24 -8.73 -3.17
CA GLY A 97 1.02 -8.93 -4.58
C GLY A 97 2.27 -8.63 -5.36
N LEU A 98 2.52 -9.40 -6.40
CA LEU A 98 3.72 -9.21 -7.19
C LEU A 98 3.42 -8.49 -8.50
N ASP A 99 4.17 -7.45 -8.79
CA ASP A 99 4.03 -6.69 -10.02
C ASP A 99 5.35 -6.74 -10.81
N PRO A 100 5.68 -7.92 -11.40
CA PRO A 100 6.93 -8.11 -12.12
C PRO A 100 7.03 -7.25 -13.37
N GLY A 101 7.89 -6.24 -13.30
CA GLY A 101 8.05 -5.34 -14.43
C GLY A 101 7.69 -3.92 -14.06
N ALA A 102 7.17 -3.75 -12.84
CA ALA A 102 6.75 -2.45 -12.33
C ALA A 102 5.67 -1.81 -13.20
N ASP A 103 4.68 -2.60 -13.59
CA ASP A 103 3.59 -2.09 -14.42
C ASP A 103 2.56 -1.36 -13.56
N ILE A 104 2.04 -2.06 -12.55
CA ILE A 104 1.12 -1.46 -11.61
C ILE A 104 1.81 -0.32 -10.89
N PHE A 105 3.11 -0.53 -10.64
CA PHE A 105 3.96 0.50 -10.06
C PHE A 105 4.00 1.73 -10.96
N ALA A 106 4.07 1.49 -12.27
CA ALA A 106 4.18 2.57 -13.26
C ALA A 106 2.83 3.26 -13.50
N LYS A 107 1.75 2.64 -13.05
CA LYS A 107 0.41 3.21 -13.19
C LYS A 107 0.22 4.39 -12.24
N TYR A 108 1.14 4.55 -11.30
CA TYR A 108 1.06 5.62 -10.32
C TYR A 108 2.23 6.59 -10.46
N ALA A 109 3.37 6.09 -10.91
CA ALA A 109 4.57 6.91 -10.99
C ALA A 109 5.59 6.26 -11.90
N LEU A 110 6.76 6.88 -12.02
CA LEU A 110 7.85 6.30 -12.78
C LEU A 110 8.43 5.12 -12.02
N ARG A 111 8.69 4.03 -12.74
CA ARG A 111 9.15 2.79 -12.13
C ARG A 111 10.47 3.01 -11.39
N ASP A 112 11.28 3.89 -11.94
CA ASP A 112 12.65 4.07 -11.47
C ASP A 112 12.78 5.36 -10.65
N ALA A 113 11.65 6.01 -10.37
CA ALA A 113 11.65 7.27 -9.65
C ALA A 113 11.40 7.06 -8.16
N GLY A 114 12.15 6.14 -7.57
CA GLY A 114 12.00 5.85 -6.15
C GLY A 114 10.94 4.82 -5.89
N ILE A 115 11.38 3.60 -5.58
CA ILE A 115 10.48 2.49 -5.38
C ILE A 115 9.70 2.60 -4.07
N THR A 116 10.41 2.81 -2.97
CA THR A 116 9.81 2.84 -1.64
C THR A 116 8.74 3.93 -1.51
N ARG A 117 7.49 3.51 -1.42
CA ARG A 117 6.37 4.43 -1.25
C ARG A 117 5.15 3.70 -0.72
N ASN A 118 4.43 4.35 0.18
CA ASN A 118 3.17 3.82 0.66
C ASN A 118 2.04 4.63 0.08
N VAL A 119 1.19 3.97 -0.69
CA VAL A 119 0.08 4.63 -1.35
C VAL A 119 -1.21 4.36 -0.60
N LEU A 120 -1.70 5.36 0.10
CA LEU A 120 -2.95 5.20 0.84
C LEU A 120 -4.12 5.66 0.01
N ILE A 121 -5.03 4.74 -0.27
CA ILE A 121 -6.23 5.04 -1.01
C ILE A 121 -7.42 5.13 -0.07
N ASP A 122 -8.20 6.19 -0.20
CA ASP A 122 -9.37 6.39 0.64
C ASP A 122 -10.49 5.45 0.19
N ARG A 123 -11.52 5.29 1.01
CA ARG A 123 -12.58 4.33 0.73
C ARG A 123 -13.40 4.71 -0.50
N GLU A 124 -13.26 5.94 -0.97
CA GLU A 124 -13.93 6.38 -2.19
C GLU A 124 -13.11 5.99 -3.42
N GLY A 125 -11.80 5.88 -3.25
CA GLY A 125 -10.95 5.49 -4.34
C GLY A 125 -9.91 6.54 -4.69
N LYS A 126 -9.77 7.55 -3.84
CA LYS A 126 -8.77 8.60 -4.07
C LYS A 126 -7.45 8.30 -3.38
N ILE A 127 -6.37 8.70 -4.00
CA ILE A 127 -5.04 8.53 -3.43
C ILE A 127 -4.71 9.73 -2.54
N VAL A 128 -4.56 9.49 -1.24
CA VAL A 128 -4.41 10.58 -0.29
C VAL A 128 -3.00 10.67 0.30
N LYS A 129 -2.20 9.62 0.18
CA LYS A 129 -0.87 9.65 0.79
C LYS A 129 0.20 9.05 -0.13
N LEU A 130 1.21 9.88 -0.40
CA LEU A 130 2.39 9.46 -1.16
C LEU A 130 3.65 9.69 -0.32
N THR A 131 4.22 8.62 0.20
CA THR A 131 5.39 8.74 1.07
C THR A 131 6.69 8.52 0.29
N ARG A 132 7.79 8.96 0.86
CA ARG A 132 9.11 8.71 0.30
C ARG A 132 10.01 8.08 1.36
N LEU A 133 10.27 6.78 1.22
CA LEU A 133 11.08 6.02 2.19
C LEU A 133 10.40 5.97 3.56
N TYR A 134 11.01 5.25 4.48
CA TYR A 134 10.53 5.20 5.85
C TYR A 134 11.07 6.39 6.63
N ASN A 135 10.33 7.49 6.57
CA ASN A 135 10.67 8.69 7.32
C ASN A 135 9.73 8.79 8.50
N GLU A 136 10.27 9.11 9.68
CA GLU A 136 9.53 9.00 10.93
C GLU A 136 8.22 9.78 10.89
N GLU A 137 8.31 11.10 10.72
CA GLU A 137 7.13 11.96 10.70
C GLU A 137 6.12 11.49 9.67
N GLU A 138 6.61 11.17 8.48
CA GLU A 138 5.76 10.74 7.38
C GLU A 138 5.03 9.44 7.70
N PHE A 139 5.76 8.48 8.24
CA PHE A 139 5.18 7.20 8.59
C PHE A 139 4.23 7.35 9.77
N ALA A 140 4.65 8.14 10.76
CA ALA A 140 3.82 8.40 11.92
C ALA A 140 2.51 9.07 11.51
N SER A 141 2.59 9.98 10.55
CA SER A 141 1.40 10.63 10.02
C SER A 141 0.54 9.64 9.26
N LEU A 142 1.20 8.72 8.55
CA LEU A 142 0.50 7.69 7.79
C LEU A 142 -0.31 6.78 8.72
N VAL A 143 0.35 6.28 9.77
CA VAL A 143 -0.29 5.39 10.72
C VAL A 143 -1.53 6.04 11.33
N GLN A 144 -1.35 7.23 11.90
CA GLN A 144 -2.44 7.94 12.53
C GLN A 144 -3.56 8.23 11.54
N GLN A 145 -3.16 8.65 10.34
CA GLN A 145 -4.11 8.92 9.26
C GLN A 145 -4.95 7.70 8.98
N ILE A 146 -4.30 6.55 8.83
CA ILE A 146 -5.01 5.30 8.55
C ILE A 146 -5.99 4.96 9.65
N ASN A 147 -5.52 4.96 10.90
CA ASN A 147 -6.37 4.65 12.03
C ASN A 147 -7.62 5.52 12.06
N GLU A 148 -7.45 6.81 11.79
CA GLU A 148 -8.58 7.73 11.80
C GLU A 148 -9.40 7.60 10.52
N MET A 149 -8.78 7.12 9.45
CA MET A 149 -9.48 6.84 8.20
C MET A 149 -10.51 5.76 8.41
N LEU A 150 -10.20 4.86 9.33
CA LEU A 150 -11.09 3.77 9.70
C LEU A 150 -12.16 4.26 10.67
N LYS A 151 -11.95 5.47 11.18
CA LYS A 151 -12.84 6.05 12.17
C LYS A 151 -13.77 7.08 11.54
N GLU A 152 -13.31 7.70 10.45
CA GLU A 152 -14.05 8.78 9.84
C GLU A 152 -15.33 8.25 9.18
N GLY A 153 -16.26 9.15 8.96
CA GLY A 153 -17.50 8.78 8.33
C GLY A 153 -17.99 9.85 7.39
N HIS A 154 -17.82 9.62 6.09
CA HIS A 154 -18.32 10.53 5.07
C HIS A 154 -19.81 10.80 5.28
N HIS A 155 -20.13 12.00 5.72
CA HIS A 155 -21.49 12.35 6.08
C HIS A 155 -22.16 13.21 5.04
N HIS A 156 -23.20 12.68 4.42
CA HIS A 156 -24.13 13.48 3.65
C HIS A 156 -24.95 14.27 4.66
N HIS A 157 -25.09 15.58 4.42
CA HIS A 157 -25.58 16.51 5.45
C HIS A 157 -24.50 16.69 6.50
N HIS A 158 -23.64 17.67 6.25
CA HIS A 158 -22.48 17.89 7.11
C HIS A 158 -22.87 18.61 8.39
N HIS A 159 -23.82 19.52 8.28
CA HIS A 159 -24.34 20.25 9.43
C HIS A 159 -25.82 20.52 9.22
N MET A 1 2.86 13.84 -9.55
CA MET A 1 2.91 15.31 -9.33
C MET A 1 4.27 15.74 -8.76
N SER A 2 4.97 14.81 -8.14
CA SER A 2 6.27 15.10 -7.55
C SER A 2 7.10 13.83 -7.41
N LEU A 3 8.42 14.01 -7.25
CA LEU A 3 9.38 12.90 -7.13
C LEU A 3 9.39 12.08 -8.44
N GLY A 4 8.46 11.16 -8.55
CA GLY A 4 8.36 10.34 -9.73
C GLY A 4 6.96 9.81 -9.92
N TYR A 5 6.02 10.43 -9.22
CA TYR A 5 4.62 10.03 -9.30
C TYR A 5 3.96 10.64 -10.52
N ILE A 6 3.22 9.83 -11.26
CA ILE A 6 2.44 10.31 -12.39
C ILE A 6 1.07 10.77 -11.90
N VAL A 7 0.69 10.30 -10.72
CA VAL A 7 -0.59 10.64 -10.14
C VAL A 7 -0.46 11.84 -9.20
N ARG A 8 -1.57 12.23 -8.59
CA ARG A 8 -1.58 13.37 -7.68
C ARG A 8 -2.54 13.15 -6.53
N ILE A 9 -2.43 13.97 -5.50
CA ILE A 9 -3.30 13.86 -4.34
C ILE A 9 -4.73 14.24 -4.71
N GLY A 10 -5.67 13.35 -4.36
CA GLY A 10 -7.07 13.59 -4.66
C GLY A 10 -7.48 12.99 -5.98
N GLU A 11 -6.55 12.30 -6.63
CA GLU A 11 -6.82 11.68 -7.92
C GLU A 11 -7.45 10.31 -7.73
N MET A 12 -8.24 9.90 -8.70
CA MET A 12 -8.83 8.57 -8.70
C MET A 12 -7.74 7.53 -8.94
N ALA A 13 -7.53 6.67 -7.94
CA ALA A 13 -6.49 5.64 -8.02
C ALA A 13 -6.65 4.78 -9.27
N PRO A 14 -5.57 4.69 -10.07
CA PRO A 14 -5.57 3.86 -11.28
C PRO A 14 -5.84 2.41 -10.96
N ASP A 15 -6.97 1.90 -11.45
CA ASP A 15 -7.41 0.56 -11.09
C ASP A 15 -6.51 -0.50 -11.73
N PHE A 16 -6.11 -1.47 -10.93
CA PHE A 16 -5.24 -2.53 -11.38
C PHE A 16 -5.72 -3.87 -10.85
N THR A 17 -5.31 -4.94 -11.50
CA THR A 17 -5.59 -6.27 -11.02
C THR A 17 -4.27 -6.97 -10.71
N ILE A 18 -3.91 -6.99 -9.43
CA ILE A 18 -2.62 -7.51 -9.01
C ILE A 18 -2.76 -8.96 -8.54
N THR A 19 -1.68 -9.71 -8.66
CA THR A 19 -1.65 -11.09 -8.21
C THR A 19 -0.96 -11.18 -6.86
N LEU A 20 -1.61 -11.84 -5.91
CA LEU A 20 -1.06 -11.98 -4.57
C LEU A 20 -0.10 -13.17 -4.49
N THR A 21 0.43 -13.41 -3.30
CA THR A 21 1.42 -14.46 -3.06
C THR A 21 0.86 -15.85 -3.37
N ASP A 22 -0.45 -15.99 -3.24
CA ASP A 22 -1.12 -17.26 -3.47
C ASP A 22 -1.60 -17.37 -4.90
N GLY A 23 -1.42 -16.28 -5.66
CA GLY A 23 -1.91 -16.25 -7.02
C GLY A 23 -3.22 -15.51 -7.14
N LYS A 24 -3.71 -14.99 -6.03
CA LYS A 24 -4.96 -14.25 -6.00
C LYS A 24 -4.90 -13.00 -6.86
N GLN A 25 -5.65 -13.00 -7.94
CA GLN A 25 -5.79 -11.81 -8.75
C GLN A 25 -6.92 -10.96 -8.20
N VAL A 26 -6.59 -9.76 -7.75
CA VAL A 26 -7.58 -8.87 -7.17
C VAL A 26 -7.57 -7.51 -7.86
N THR A 27 -8.75 -7.03 -8.19
CA THR A 27 -8.91 -5.75 -8.85
C THR A 27 -9.17 -4.65 -7.82
N LEU A 28 -8.65 -3.44 -8.08
CA LEU A 28 -8.81 -2.33 -7.15
C LEU A 28 -10.29 -1.97 -6.99
N SER A 29 -11.07 -2.20 -8.05
CA SER A 29 -12.50 -1.97 -8.01
C SER A 29 -13.16 -2.75 -6.87
N SER A 30 -12.60 -3.90 -6.52
CA SER A 30 -13.14 -4.72 -5.44
C SER A 30 -12.81 -4.10 -4.08
N LEU A 31 -11.75 -3.31 -4.03
CA LEU A 31 -11.29 -2.71 -2.79
C LEU A 31 -11.94 -1.35 -2.55
N ARG A 32 -12.60 -0.82 -3.57
CA ARG A 32 -13.29 0.46 -3.45
C ARG A 32 -14.32 0.40 -2.31
N GLY A 33 -14.64 1.55 -1.75
CA GLY A 33 -15.59 1.60 -0.64
C GLY A 33 -14.92 1.42 0.70
N LYS A 34 -13.72 0.85 0.67
CA LYS A 34 -12.93 0.61 1.86
C LYS A 34 -11.66 1.42 1.82
N VAL A 35 -10.92 1.45 2.92
CA VAL A 35 -9.64 2.13 2.95
C VAL A 35 -8.55 1.23 2.37
N VAL A 36 -7.87 1.71 1.34
CA VAL A 36 -6.91 0.89 0.63
C VAL A 36 -5.50 1.46 0.80
N MET A 37 -4.61 0.65 1.35
CA MET A 37 -3.22 1.06 1.54
C MET A 37 -2.30 0.25 0.64
N LEU A 38 -1.62 0.93 -0.26
CA LEU A 38 -0.70 0.29 -1.19
C LEU A 38 0.74 0.70 -0.86
N GLN A 39 1.51 -0.23 -0.31
CA GLN A 39 2.91 0.06 -0.06
C GLN A 39 3.78 -0.76 -1.01
N PHE A 40 4.67 -0.07 -1.71
CA PHE A 40 5.51 -0.72 -2.70
C PHE A 40 6.85 -1.10 -2.10
N THR A 41 7.15 -2.39 -2.16
CA THR A 41 8.34 -2.93 -1.56
C THR A 41 9.18 -3.65 -2.61
N ALA A 42 10.38 -4.04 -2.21
CA ALA A 42 11.28 -4.79 -3.07
C ALA A 42 12.16 -5.69 -2.23
N SER A 43 12.24 -6.96 -2.60
CA SER A 43 13.01 -7.93 -1.86
C SER A 43 14.49 -7.54 -1.76
N TRP A 44 14.98 -6.79 -2.74
CA TRP A 44 16.38 -6.36 -2.75
C TRP A 44 16.56 -5.00 -2.06
N CYS A 45 15.47 -4.45 -1.53
CA CYS A 45 15.52 -3.14 -0.91
C CYS A 45 15.42 -3.24 0.61
N GLY A 46 16.44 -2.75 1.29
CA GLY A 46 16.42 -2.76 2.75
C GLY A 46 15.68 -1.58 3.30
N VAL A 47 15.47 -0.56 2.48
CA VAL A 47 14.69 0.60 2.88
C VAL A 47 13.24 0.20 3.10
N CYS A 48 12.71 -0.61 2.19
CA CYS A 48 11.36 -1.14 2.32
C CYS A 48 11.26 -2.04 3.55
N ARG A 49 12.39 -2.64 3.92
CA ARG A 49 12.43 -3.58 5.04
C ARG A 49 12.22 -2.84 6.36
N LYS A 50 12.16 -1.52 6.29
CA LYS A 50 11.80 -0.71 7.44
C LYS A 50 10.27 -0.62 7.58
N GLU A 51 9.62 -0.19 6.51
CA GLU A 51 8.17 0.02 6.56
C GLU A 51 7.42 -1.30 6.64
N MET A 52 7.97 -2.36 6.05
CA MET A 52 7.30 -3.66 6.06
C MET A 52 6.88 -4.08 7.48
N PRO A 53 7.82 -4.21 8.44
CA PRO A 53 7.48 -4.55 9.82
C PRO A 53 6.76 -3.41 10.54
N PHE A 54 7.09 -2.15 10.19
CA PHE A 54 6.44 -1.02 10.83
C PHE A 54 4.95 -0.93 10.46
N ILE A 55 4.69 -0.99 9.16
CA ILE A 55 3.32 -0.94 8.65
C ILE A 55 2.50 -2.07 9.25
N GLU A 56 3.06 -3.27 9.28
CA GLU A 56 2.38 -4.38 9.91
C GLU A 56 2.10 -4.08 11.39
N LYS A 57 3.11 -3.61 12.10
CA LYS A 57 3.03 -3.38 13.54
C LYS A 57 1.90 -2.43 13.92
N ASP A 58 1.89 -1.22 13.35
CA ASP A 58 0.94 -0.21 13.81
C ASP A 58 -0.22 0.02 12.84
N ILE A 59 -0.15 -0.53 11.66
CA ILE A 59 -1.26 -0.41 10.72
C ILE A 59 -2.03 -1.72 10.63
N TRP A 60 -1.33 -2.79 10.28
CA TRP A 60 -1.96 -4.07 10.02
C TRP A 60 -2.51 -4.71 11.30
N LEU A 61 -1.68 -4.82 12.33
CA LEU A 61 -2.08 -5.48 13.58
C LEU A 61 -3.27 -4.78 14.25
N LYS A 62 -3.55 -3.54 13.85
CA LYS A 62 -4.62 -2.78 14.48
C LYS A 62 -5.97 -3.06 13.84
N HIS A 63 -5.96 -3.43 12.57
CA HIS A 63 -7.21 -3.58 11.83
C HIS A 63 -7.33 -4.93 11.14
N LYS A 64 -6.22 -5.40 10.56
CA LYS A 64 -6.21 -6.63 9.76
C LYS A 64 -7.25 -6.57 8.64
N ASP A 65 -8.45 -7.05 8.91
CA ASP A 65 -9.54 -7.01 7.95
C ASP A 65 -10.43 -5.80 8.20
N ASN A 66 -11.05 -5.77 9.37
CA ASN A 66 -11.85 -4.62 9.84
C ASN A 66 -13.11 -4.43 8.98
N ALA A 67 -13.33 -5.33 8.02
CA ALA A 67 -14.47 -5.26 7.08
C ALA A 67 -14.43 -4.01 6.20
N ASP A 68 -13.37 -3.22 6.33
CA ASP A 68 -13.27 -1.95 5.61
C ASP A 68 -11.80 -1.59 5.35
N PHE A 69 -10.89 -2.48 5.69
CA PHE A 69 -9.47 -2.18 5.59
C PHE A 69 -8.79 -3.11 4.59
N ALA A 70 -8.20 -2.53 3.56
CA ALA A 70 -7.50 -3.31 2.56
C ALA A 70 -6.04 -2.86 2.46
N LEU A 71 -5.14 -3.68 3.00
CA LEU A 71 -3.72 -3.39 2.93
C LEU A 71 -3.06 -4.38 1.97
N ILE A 72 -2.55 -3.85 0.87
CA ILE A 72 -1.88 -4.68 -0.12
C ILE A 72 -0.42 -4.28 -0.25
N GLY A 73 0.47 -5.19 0.09
CA GLY A 73 1.88 -4.93 -0.05
C GLY A 73 2.37 -5.34 -1.42
N ILE A 74 2.84 -4.38 -2.20
CA ILE A 74 3.21 -4.65 -3.57
C ILE A 74 4.72 -4.67 -3.74
N ASP A 75 5.28 -5.87 -3.80
CA ASP A 75 6.69 -6.02 -4.14
C ASP A 75 6.78 -6.04 -5.65
N ARG A 76 7.75 -5.33 -6.20
CA ARG A 76 7.73 -5.02 -7.64
C ARG A 76 8.06 -6.24 -8.51
N ASP A 77 9.20 -6.22 -9.18
CA ASP A 77 9.51 -7.21 -10.21
C ASP A 77 9.96 -8.54 -9.62
N GLU A 78 9.89 -8.64 -8.30
CA GLU A 78 10.37 -9.84 -7.62
C GLU A 78 9.36 -10.98 -7.75
N PRO A 79 9.85 -12.17 -8.13
CA PRO A 79 9.01 -13.37 -8.25
C PRO A 79 8.52 -13.88 -6.89
N LEU A 80 7.69 -14.92 -6.93
CA LEU A 80 7.02 -15.44 -5.74
C LEU A 80 7.99 -15.74 -4.59
N GLU A 81 8.95 -16.60 -4.83
CA GLU A 81 9.84 -17.08 -3.77
C GLU A 81 10.69 -15.94 -3.19
N LYS A 82 10.86 -14.87 -3.96
CA LYS A 82 11.51 -13.67 -3.46
C LYS A 82 10.58 -12.91 -2.52
N VAL A 83 9.38 -12.61 -3.00
CA VAL A 83 8.38 -11.88 -2.21
C VAL A 83 8.08 -12.62 -0.91
N LEU A 84 7.85 -13.92 -1.00
CA LEU A 84 7.53 -14.74 0.17
C LEU A 84 8.71 -14.78 1.15
N ALA A 85 9.92 -14.75 0.62
CA ALA A 85 11.11 -14.80 1.46
C ALA A 85 11.34 -13.47 2.16
N PHE A 86 11.02 -12.38 1.47
CA PHE A 86 11.16 -11.06 2.05
C PHE A 86 10.13 -10.87 3.16
N ALA A 87 8.91 -11.35 2.91
CA ALA A 87 7.85 -11.31 3.90
C ALA A 87 8.26 -12.02 5.18
N LYS A 88 8.65 -13.28 5.06
CA LYS A 88 8.99 -14.11 6.22
C LYS A 88 10.18 -13.53 6.99
N SER A 89 11.00 -12.76 6.31
CA SER A 89 12.18 -12.15 6.92
C SER A 89 11.83 -10.83 7.64
N THR A 90 10.55 -10.49 7.62
CA THR A 90 10.05 -9.32 8.34
C THR A 90 8.83 -9.67 9.19
N GLY A 91 8.11 -10.71 8.79
CA GLY A 91 6.90 -11.11 9.44
C GLY A 91 5.77 -11.16 8.44
N VAL A 92 5.21 -9.98 8.17
CA VAL A 92 4.20 -9.77 7.15
C VAL A 92 3.08 -10.81 7.16
N THR A 93 2.09 -10.57 8.00
CA THR A 93 0.89 -11.39 8.02
C THR A 93 -0.19 -10.79 7.13
N TYR A 94 0.21 -9.86 6.26
CA TYR A 94 -0.69 -9.29 5.27
C TYR A 94 -0.30 -9.75 3.87
N PRO A 95 -1.29 -9.89 2.97
CA PRO A 95 -1.04 -10.37 1.61
C PRO A 95 -0.16 -9.44 0.81
N LEU A 96 0.86 -10.02 0.19
CA LEU A 96 1.73 -9.29 -0.71
C LEU A 96 1.38 -9.64 -2.14
N GLY A 97 1.52 -8.66 -3.02
CA GLY A 97 1.32 -8.89 -4.43
C GLY A 97 2.58 -8.62 -5.20
N LEU A 98 2.77 -9.32 -6.30
CA LEU A 98 3.98 -9.15 -7.10
C LEU A 98 3.64 -8.41 -8.39
N ASP A 99 4.54 -7.54 -8.81
CA ASP A 99 4.34 -6.73 -10.00
C ASP A 99 5.49 -6.92 -11.00
N PRO A 100 5.52 -8.09 -11.68
CA PRO A 100 6.54 -8.38 -12.69
C PRO A 100 6.37 -7.50 -13.92
N GLY A 101 7.30 -6.57 -14.10
CA GLY A 101 7.21 -5.63 -15.20
C GLY A 101 7.07 -4.22 -14.69
N ALA A 102 6.98 -4.09 -13.36
CA ALA A 102 6.80 -2.81 -12.69
C ALA A 102 5.63 -2.00 -13.27
N ASP A 103 4.56 -2.69 -13.67
CA ASP A 103 3.44 -2.01 -14.31
C ASP A 103 2.45 -1.49 -13.30
N ILE A 104 2.20 -2.27 -12.26
CA ILE A 104 1.32 -1.84 -11.18
C ILE A 104 1.98 -0.67 -10.45
N PHE A 105 3.30 -0.74 -10.37
CA PHE A 105 4.10 0.35 -9.86
C PHE A 105 3.98 1.55 -10.80
N ALA A 106 3.96 1.26 -12.11
CA ALA A 106 3.87 2.29 -13.13
C ALA A 106 2.51 2.97 -13.14
N LYS A 107 1.52 2.34 -12.50
CA LYS A 107 0.19 2.94 -12.40
C LYS A 107 0.26 4.20 -11.54
N TYR A 108 1.26 4.24 -10.66
CA TYR A 108 1.37 5.32 -9.70
C TYR A 108 2.59 6.19 -9.97
N ALA A 109 3.68 5.57 -10.39
CA ALA A 109 4.94 6.28 -10.57
C ALA A 109 5.75 5.70 -11.72
N LEU A 110 6.79 6.41 -12.12
CA LEU A 110 7.72 5.91 -13.14
C LEU A 110 8.40 4.65 -12.61
N ARG A 111 8.53 3.66 -13.49
CA ARG A 111 8.97 2.32 -13.08
C ARG A 111 10.33 2.31 -12.40
N ASP A 112 11.18 3.28 -12.71
CA ASP A 112 12.52 3.32 -12.12
C ASP A 112 12.69 4.52 -11.19
N ALA A 113 11.56 5.15 -10.86
CA ALA A 113 11.58 6.34 -9.99
C ALA A 113 11.60 5.92 -8.53
N GLY A 114 12.47 4.98 -8.20
CA GLY A 114 12.57 4.48 -6.84
C GLY A 114 11.71 3.26 -6.63
N ILE A 115 11.39 2.97 -5.39
CA ILE A 115 10.50 1.86 -5.07
C ILE A 115 9.75 2.09 -3.75
N THR A 116 10.49 2.37 -2.69
CA THR A 116 9.91 2.50 -1.36
C THR A 116 8.97 3.69 -1.28
N ARG A 117 7.72 3.43 -0.87
CA ARG A 117 6.70 4.48 -0.78
C ARG A 117 5.40 3.92 -0.22
N ASN A 118 4.64 4.78 0.43
CA ASN A 118 3.34 4.39 0.96
C ASN A 118 2.25 5.18 0.26
N VAL A 119 1.36 4.46 -0.42
CA VAL A 119 0.26 5.08 -1.14
C VAL A 119 -1.05 4.75 -0.43
N LEU A 120 -1.82 5.76 -0.10
CA LEU A 120 -3.07 5.55 0.61
C LEU A 120 -4.27 6.04 -0.20
N ILE A 121 -5.23 5.17 -0.37
CA ILE A 121 -6.46 5.46 -1.10
C ILE A 121 -7.65 5.44 -0.14
N ASP A 122 -8.54 6.42 -0.29
CA ASP A 122 -9.71 6.53 0.57
C ASP A 122 -10.84 5.65 0.05
N ARG A 123 -11.96 5.66 0.78
CA ARG A 123 -13.11 4.80 0.45
C ARG A 123 -13.69 5.13 -0.92
N GLU A 124 -13.56 6.37 -1.36
CA GLU A 124 -14.08 6.77 -2.65
C GLU A 124 -13.15 6.33 -3.77
N GLY A 125 -11.95 5.92 -3.40
CA GLY A 125 -11.00 5.42 -4.38
C GLY A 125 -9.98 6.46 -4.77
N LYS A 126 -9.90 7.55 -4.03
CA LYS A 126 -8.96 8.62 -4.35
C LYS A 126 -7.66 8.45 -3.58
N ILE A 127 -6.56 8.79 -4.23
CA ILE A 127 -5.25 8.74 -3.60
C ILE A 127 -5.08 9.98 -2.72
N VAL A 128 -5.11 9.77 -1.41
CA VAL A 128 -5.14 10.90 -0.49
C VAL A 128 -3.80 11.13 0.20
N LYS A 129 -2.93 10.14 0.23
CA LYS A 129 -1.70 10.24 1.00
C LYS A 129 -0.55 9.52 0.32
N LEU A 130 0.55 10.24 0.11
CA LEU A 130 1.75 9.67 -0.50
C LEU A 130 2.97 9.90 0.40
N THR A 131 3.44 8.84 1.04
CA THR A 131 4.67 8.92 1.83
C THR A 131 5.87 8.45 1.00
N ARG A 132 6.98 9.16 1.14
CA ARG A 132 8.18 8.84 0.37
C ARG A 132 9.14 7.98 1.18
N LEU A 133 9.49 6.81 0.62
CA LEU A 133 10.51 5.90 1.15
C LEU A 133 10.33 5.56 2.65
N TYR A 134 9.11 5.74 3.15
CA TYR A 134 8.80 5.55 4.56
C TYR A 134 9.64 6.46 5.47
N ASN A 135 8.95 7.41 6.10
CA ASN A 135 9.55 8.28 7.09
C ASN A 135 8.85 8.08 8.42
N GLU A 136 9.63 8.06 9.51
CA GLU A 136 9.09 7.79 10.83
C GLU A 136 7.92 8.71 11.19
N GLU A 137 8.13 10.02 11.08
CA GLU A 137 7.09 11.01 11.36
C GLU A 137 5.87 10.78 10.47
N GLU A 138 6.13 10.60 9.18
CA GLU A 138 5.09 10.31 8.20
C GLU A 138 4.31 9.06 8.58
N PHE A 139 5.03 8.02 8.96
CA PHE A 139 4.41 6.77 9.37
C PHE A 139 3.52 6.98 10.59
N ALA A 140 4.05 7.69 11.58
CA ALA A 140 3.29 8.00 12.79
C ALA A 140 1.99 8.72 12.45
N SER A 141 2.10 9.70 11.57
CA SER A 141 0.94 10.45 11.13
C SER A 141 -0.01 9.54 10.33
N LEU A 142 0.58 8.67 9.53
CA LEU A 142 -0.19 7.73 8.70
C LEU A 142 -0.97 6.77 9.59
N VAL A 143 -0.34 6.31 10.66
CA VAL A 143 -1.00 5.43 11.62
C VAL A 143 -2.26 6.08 12.17
N GLN A 144 -2.10 7.28 12.73
CA GLN A 144 -3.25 8.01 13.28
C GLN A 144 -4.27 8.28 12.19
N GLN A 145 -3.79 8.71 11.04
CA GLN A 145 -4.64 9.01 9.90
C GLN A 145 -5.55 7.84 9.56
N ILE A 146 -4.96 6.66 9.38
CA ILE A 146 -5.73 5.48 9.04
C ILE A 146 -6.74 5.14 10.14
N ASN A 147 -6.30 5.20 11.39
CA ASN A 147 -7.21 4.96 12.51
C ASN A 147 -8.38 5.94 12.46
N GLU A 148 -8.07 7.17 12.10
CA GLU A 148 -9.08 8.21 11.94
C GLU A 148 -9.97 7.92 10.74
N MET A 149 -9.41 7.37 9.67
CA MET A 149 -10.16 7.08 8.45
C MET A 149 -11.22 6.02 8.74
N LEU A 150 -10.91 5.13 9.66
CA LEU A 150 -11.84 4.09 10.09
C LEU A 150 -12.98 4.70 10.91
N LYS A 151 -12.80 5.96 11.30
CA LYS A 151 -13.87 6.74 11.91
C LYS A 151 -14.52 7.59 10.84
N GLU A 152 -13.66 8.24 10.05
CA GLU A 152 -14.03 9.01 8.87
C GLU A 152 -14.67 10.35 9.23
N GLY A 153 -14.01 11.42 8.83
CA GLY A 153 -14.65 12.72 8.82
C GLY A 153 -15.76 12.72 7.81
N HIS A 154 -16.93 12.26 8.24
CA HIS A 154 -18.03 11.92 7.36
C HIS A 154 -18.34 13.01 6.34
N HIS A 155 -18.07 12.67 5.08
CA HIS A 155 -18.29 13.56 3.96
C HIS A 155 -19.78 13.64 3.61
N HIS A 156 -20.53 14.25 4.51
CA HIS A 156 -21.95 14.49 4.31
C HIS A 156 -22.39 15.69 5.15
N HIS A 157 -22.44 16.86 4.54
CA HIS A 157 -22.83 18.07 5.24
C HIS A 157 -24.06 18.69 4.60
N HIS A 158 -24.43 19.87 5.09
CA HIS A 158 -25.34 20.74 4.38
C HIS A 158 -24.53 21.93 3.87
N HIS A 159 -23.23 21.85 4.17
CA HIS A 159 -22.24 22.86 3.80
C HIS A 159 -20.94 22.52 4.55
N MET A 1 6.46 20.32 -6.41
CA MET A 1 7.53 19.33 -6.69
C MET A 1 6.95 17.93 -6.73
N SER A 2 7.53 17.07 -7.56
CA SER A 2 7.09 15.70 -7.67
C SER A 2 8.26 14.82 -8.09
N LEU A 3 8.42 13.70 -7.40
CA LEU A 3 9.47 12.75 -7.75
C LEU A 3 8.90 11.61 -8.58
N GLY A 4 8.50 11.94 -9.80
CA GLY A 4 8.01 10.94 -10.73
C GLY A 4 6.62 10.43 -10.38
N TYR A 5 5.84 11.23 -9.66
CA TYR A 5 4.46 10.88 -9.37
C TYR A 5 3.56 11.38 -10.50
N ILE A 6 2.92 10.45 -11.19
CA ILE A 6 2.01 10.80 -12.26
C ILE A 6 0.57 10.89 -11.73
N VAL A 7 0.31 10.17 -10.65
CA VAL A 7 -1.02 10.18 -10.02
C VAL A 7 -1.03 11.19 -8.88
N ARG A 8 -2.19 11.74 -8.58
CA ARG A 8 -2.28 12.86 -7.64
C ARG A 8 -3.10 12.52 -6.41
N ILE A 9 -2.84 13.25 -5.33
CA ILE A 9 -3.67 13.19 -4.14
C ILE A 9 -4.99 13.90 -4.40
N GLY A 10 -6.09 13.26 -4.03
CA GLY A 10 -7.41 13.80 -4.32
C GLY A 10 -7.93 13.28 -5.65
N GLU A 11 -7.06 12.60 -6.37
CA GLU A 11 -7.39 12.05 -7.67
C GLU A 11 -7.69 10.56 -7.53
N MET A 12 -8.45 10.02 -8.48
CA MET A 12 -8.88 8.62 -8.42
C MET A 12 -7.71 7.68 -8.71
N ALA A 13 -7.48 6.74 -7.80
CA ALA A 13 -6.42 5.77 -7.97
C ALA A 13 -6.72 4.84 -9.14
N PRO A 14 -5.76 4.72 -10.09
CA PRO A 14 -5.89 3.85 -11.26
C PRO A 14 -6.16 2.40 -10.88
N ASP A 15 -7.26 1.87 -11.37
CA ASP A 15 -7.70 0.52 -11.02
C ASP A 15 -6.78 -0.52 -11.66
N PHE A 16 -6.38 -1.51 -10.88
CA PHE A 16 -5.48 -2.54 -11.37
C PHE A 16 -5.87 -3.90 -10.81
N THR A 17 -5.18 -4.94 -11.27
CA THR A 17 -5.36 -6.29 -10.76
C THR A 17 -4.00 -6.92 -10.55
N ILE A 18 -3.67 -7.20 -9.28
CA ILE A 18 -2.35 -7.70 -8.94
C ILE A 18 -2.42 -9.15 -8.44
N THR A 19 -1.44 -9.94 -8.82
CA THR A 19 -1.36 -11.32 -8.39
C THR A 19 -0.61 -11.44 -7.07
N LEU A 20 -1.27 -11.97 -6.05
CA LEU A 20 -0.67 -12.16 -4.74
C LEU A 20 0.22 -13.40 -4.72
N THR A 21 0.79 -13.65 -3.55
CA THR A 21 1.77 -14.72 -3.34
C THR A 21 1.30 -16.09 -3.86
N ASP A 22 0.05 -16.44 -3.58
CA ASP A 22 -0.46 -17.76 -3.92
C ASP A 22 -1.30 -17.72 -5.20
N GLY A 23 -1.24 -16.61 -5.91
CA GLY A 23 -1.96 -16.50 -7.16
C GLY A 23 -3.32 -15.86 -7.00
N LYS A 24 -3.53 -15.17 -5.89
CA LYS A 24 -4.76 -14.43 -5.66
C LYS A 24 -4.70 -13.09 -6.38
N GLN A 25 -5.50 -12.92 -7.40
CA GLN A 25 -5.49 -11.68 -8.16
C GLN A 25 -6.64 -10.77 -7.72
N VAL A 26 -6.29 -9.66 -7.12
CA VAL A 26 -7.28 -8.73 -6.60
C VAL A 26 -7.39 -7.50 -7.49
N THR A 27 -8.59 -6.96 -7.59
CA THR A 27 -8.84 -5.78 -8.39
C THR A 27 -9.29 -4.63 -7.48
N LEU A 28 -8.86 -3.41 -7.79
CA LEU A 28 -9.22 -2.24 -6.97
C LEU A 28 -10.72 -2.03 -6.94
N SER A 29 -11.40 -2.35 -8.04
CA SER A 29 -12.85 -2.23 -8.11
C SER A 29 -13.52 -3.05 -7.00
N SER A 30 -12.88 -4.15 -6.61
CA SER A 30 -13.39 -5.00 -5.56
C SER A 30 -13.08 -4.42 -4.18
N LEU A 31 -12.10 -3.54 -4.13
CA LEU A 31 -11.70 -2.93 -2.87
C LEU A 31 -12.13 -1.47 -2.77
N ARG A 32 -12.99 -1.04 -3.69
CA ARG A 32 -13.60 0.28 -3.56
C ARG A 32 -14.60 0.23 -2.40
N GLY A 33 -14.60 1.28 -1.59
CA GLY A 33 -15.42 1.28 -0.39
C GLY A 33 -14.61 0.95 0.84
N LYS A 34 -13.36 0.58 0.63
CA LYS A 34 -12.42 0.32 1.70
C LYS A 34 -11.32 1.38 1.67
N VAL A 35 -10.65 1.59 2.79
CA VAL A 35 -9.46 2.43 2.79
C VAL A 35 -8.27 1.55 2.40
N VAL A 36 -7.84 1.72 1.17
CA VAL A 36 -6.84 0.84 0.58
C VAL A 36 -5.44 1.44 0.71
N MET A 37 -4.62 0.82 1.52
CA MET A 37 -3.23 1.22 1.64
C MET A 37 -2.34 0.36 0.76
N LEU A 38 -1.56 1.00 -0.08
CA LEU A 38 -0.63 0.29 -0.93
C LEU A 38 0.80 0.53 -0.48
N GLN A 39 1.53 -0.55 -0.35
CA GLN A 39 2.91 -0.51 0.05
C GLN A 39 3.78 -1.09 -1.07
N PHE A 40 4.61 -0.26 -1.66
CA PHE A 40 5.50 -0.72 -2.71
C PHE A 40 6.85 -1.11 -2.12
N THR A 41 7.09 -2.41 -2.05
CA THR A 41 8.28 -2.93 -1.41
C THR A 41 9.14 -3.69 -2.42
N ALA A 42 10.30 -4.14 -1.97
CA ALA A 42 11.21 -4.90 -2.80
C ALA A 42 12.08 -5.77 -1.90
N SER A 43 12.27 -7.03 -2.32
CA SER A 43 12.95 -8.02 -1.50
C SER A 43 14.42 -7.66 -1.19
N TRP A 44 14.95 -6.64 -1.85
CA TRP A 44 16.32 -6.22 -1.61
C TRP A 44 16.38 -4.79 -1.06
N CYS A 45 15.27 -4.31 -0.52
CA CYS A 45 15.23 -2.97 0.05
C CYS A 45 15.15 -3.05 1.58
N GLY A 46 16.20 -2.59 2.25
CA GLY A 46 16.22 -2.59 3.71
C GLY A 46 15.36 -1.49 4.29
N VAL A 47 15.04 -0.48 3.47
CA VAL A 47 14.15 0.59 3.90
C VAL A 47 12.76 0.02 4.18
N CYS A 48 12.35 -0.90 3.32
CA CYS A 48 11.08 -1.59 3.51
C CYS A 48 11.13 -2.52 4.71
N ARG A 49 12.33 -2.83 5.18
CA ARG A 49 12.48 -3.71 6.33
C ARG A 49 12.19 -2.94 7.62
N LYS A 50 12.13 -1.62 7.51
CA LYS A 50 11.51 -0.80 8.56
C LYS A 50 10.01 -0.76 8.31
N GLU A 51 9.68 -0.45 7.07
CA GLU A 51 8.32 -0.18 6.64
C GLU A 51 7.39 -1.35 6.93
N MET A 52 7.71 -2.50 6.35
CA MET A 52 6.84 -3.67 6.41
C MET A 52 6.51 -4.11 7.85
N PRO A 53 7.52 -4.33 8.73
CA PRO A 53 7.27 -4.70 10.13
C PRO A 53 6.47 -3.63 10.89
N PHE A 54 6.80 -2.36 10.68
CA PHE A 54 6.07 -1.27 11.32
C PHE A 54 4.63 -1.23 10.83
N ILE A 55 4.44 -1.35 9.52
CA ILE A 55 3.11 -1.41 8.94
C ILE A 55 2.34 -2.61 9.49
N GLU A 56 3.02 -3.75 9.59
CA GLU A 56 2.43 -4.93 10.21
C GLU A 56 1.90 -4.58 11.60
N LYS A 57 2.80 -4.09 12.45
CA LYS A 57 2.50 -3.83 13.84
C LYS A 57 1.39 -2.79 14.04
N ASP A 58 1.57 -1.58 13.53
CA ASP A 58 0.68 -0.48 13.90
C ASP A 58 -0.29 -0.09 12.79
N ILE A 59 -0.16 -0.69 11.62
CA ILE A 59 -1.14 -0.48 10.56
C ILE A 59 -2.05 -1.69 10.41
N TRP A 60 -1.41 -2.83 10.16
CA TRP A 60 -2.14 -4.06 9.84
C TRP A 60 -2.95 -4.55 11.04
N LEU A 61 -2.28 -5.11 12.06
CA LEU A 61 -2.98 -5.74 13.19
C LEU A 61 -4.05 -4.83 13.80
N LYS A 62 -3.87 -3.52 13.68
CA LYS A 62 -4.79 -2.56 14.24
C LYS A 62 -6.14 -2.58 13.55
N HIS A 63 -6.15 -2.85 12.25
CA HIS A 63 -7.41 -2.82 11.50
C HIS A 63 -7.60 -4.06 10.64
N LYS A 64 -6.52 -4.46 9.95
CA LYS A 64 -6.55 -5.59 9.01
C LYS A 64 -7.78 -5.59 8.11
N ASP A 65 -8.76 -6.35 8.55
CA ASP A 65 -10.00 -6.53 7.88
C ASP A 65 -10.96 -5.39 8.21
N ASN A 66 -11.47 -5.41 9.45
CA ASN A 66 -12.45 -4.44 9.94
C ASN A 66 -13.77 -4.59 9.20
N ALA A 67 -13.76 -4.21 7.93
CA ALA A 67 -14.91 -4.24 7.04
C ALA A 67 -14.60 -3.38 5.82
N ASP A 68 -13.78 -2.37 6.05
CA ASP A 68 -13.40 -1.44 5.00
C ASP A 68 -11.95 -0.99 5.13
N PHE A 69 -11.05 -1.90 5.48
CA PHE A 69 -9.63 -1.60 5.39
C PHE A 69 -8.97 -2.58 4.41
N ALA A 70 -8.07 -2.07 3.59
CA ALA A 70 -7.34 -2.90 2.64
C ALA A 70 -5.87 -2.55 2.66
N LEU A 71 -5.02 -3.57 2.58
CA LEU A 71 -3.58 -3.35 2.58
C LEU A 71 -2.93 -4.36 1.65
N ILE A 72 -2.30 -3.87 0.59
CA ILE A 72 -1.63 -4.74 -0.36
C ILE A 72 -0.13 -4.44 -0.37
N GLY A 73 0.67 -5.44 -0.01
CA GLY A 73 2.11 -5.28 -0.09
C GLY A 73 2.63 -5.69 -1.45
N ILE A 74 3.06 -4.72 -2.23
CA ILE A 74 3.44 -4.97 -3.61
C ILE A 74 4.95 -5.02 -3.76
N ASP A 75 5.48 -6.22 -3.97
CA ASP A 75 6.90 -6.37 -4.24
C ASP A 75 7.13 -6.18 -5.74
N ARG A 76 8.05 -5.31 -6.09
CA ARG A 76 8.18 -4.86 -7.46
C ARG A 76 9.16 -5.72 -8.24
N ASP A 77 8.69 -6.22 -9.39
CA ASP A 77 9.51 -6.96 -10.36
C ASP A 77 9.91 -8.35 -9.87
N GLU A 78 10.32 -8.45 -8.61
CA GLU A 78 10.79 -9.70 -8.05
C GLU A 78 9.70 -10.79 -8.07
N PRO A 79 10.10 -12.01 -8.46
CA PRO A 79 9.20 -13.17 -8.53
C PRO A 79 8.78 -13.71 -7.16
N LEU A 80 8.08 -14.84 -7.20
CA LEU A 80 7.45 -15.45 -6.03
C LEU A 80 8.41 -15.67 -4.87
N GLU A 81 9.48 -16.41 -5.13
CA GLU A 81 10.38 -16.84 -4.05
C GLU A 81 11.01 -15.64 -3.34
N LYS A 82 11.20 -14.54 -4.06
CA LYS A 82 11.67 -13.31 -3.44
C LYS A 82 10.62 -12.79 -2.45
N VAL A 83 9.43 -12.55 -2.98
CA VAL A 83 8.33 -11.98 -2.22
C VAL A 83 8.01 -12.81 -0.98
N LEU A 84 7.87 -14.12 -1.19
CA LEU A 84 7.50 -15.03 -0.10
C LEU A 84 8.55 -15.07 0.99
N ALA A 85 9.81 -15.21 0.59
CA ALA A 85 10.91 -15.32 1.55
C ALA A 85 11.15 -14.02 2.31
N PHE A 86 11.05 -12.90 1.62
CA PHE A 86 11.34 -11.60 2.23
C PHE A 86 10.28 -11.24 3.26
N ALA A 87 9.01 -11.44 2.91
CA ALA A 87 7.92 -11.16 3.84
C ALA A 87 8.01 -12.08 5.04
N LYS A 88 8.31 -13.34 4.75
CA LYS A 88 8.50 -14.37 5.77
C LYS A 88 9.63 -13.99 6.72
N SER A 89 10.60 -13.24 6.22
CA SER A 89 11.75 -12.83 7.00
C SER A 89 11.43 -11.61 7.87
N THR A 90 10.25 -11.04 7.67
CA THR A 90 9.85 -9.86 8.42
C THR A 90 8.54 -10.08 9.17
N GLY A 91 8.05 -11.32 9.16
CA GLY A 91 6.84 -11.66 9.90
C GLY A 91 5.57 -11.44 9.11
N VAL A 92 5.44 -10.22 8.58
CA VAL A 92 4.31 -9.75 7.74
C VAL A 92 3.24 -10.80 7.44
N THR A 93 2.05 -10.57 7.97
CA THR A 93 0.94 -11.50 7.78
C THR A 93 -0.03 -11.01 6.70
N TYR A 94 0.04 -9.72 6.36
CA TYR A 94 -0.80 -9.20 5.28
C TYR A 94 -0.29 -9.69 3.92
N PRO A 95 -1.20 -9.95 2.97
CA PRO A 95 -0.85 -10.54 1.67
C PRO A 95 0.08 -9.67 0.83
N LEU A 96 1.10 -10.30 0.27
CA LEU A 96 2.02 -9.65 -0.65
C LEU A 96 1.63 -9.99 -2.08
N GLY A 97 1.91 -9.08 -2.99
CA GLY A 97 1.62 -9.29 -4.39
C GLY A 97 2.80 -8.98 -5.26
N LEU A 98 2.82 -9.53 -6.46
CA LEU A 98 3.93 -9.34 -7.39
C LEU A 98 3.58 -8.27 -8.41
N ASP A 99 4.56 -7.44 -8.73
CA ASP A 99 4.40 -6.45 -9.79
C ASP A 99 5.54 -6.59 -10.82
N PRO A 100 5.48 -7.62 -11.67
CA PRO A 100 6.53 -7.90 -12.64
C PRO A 100 6.52 -6.92 -13.80
N GLY A 101 7.59 -6.14 -13.92
CA GLY A 101 7.66 -5.14 -14.96
C GLY A 101 7.37 -3.76 -14.41
N ALA A 102 7.10 -3.72 -13.10
CA ALA A 102 6.76 -2.48 -12.41
C ALA A 102 5.55 -1.80 -13.04
N ASP A 103 4.59 -2.60 -13.50
CA ASP A 103 3.41 -2.09 -14.18
C ASP A 103 2.45 -1.42 -13.20
N ILE A 104 2.17 -2.09 -12.10
CA ILE A 104 1.25 -1.55 -11.11
C ILE A 104 1.87 -0.34 -10.44
N PHE A 105 3.18 -0.38 -10.25
CA PHE A 105 3.91 0.76 -9.74
C PHE A 105 3.86 1.91 -10.74
N ALA A 106 4.00 1.56 -12.02
CA ALA A 106 4.00 2.56 -13.10
C ALA A 106 2.64 3.23 -13.24
N LYS A 107 1.60 2.58 -12.72
CA LYS A 107 0.25 3.15 -12.74
C LYS A 107 0.11 4.25 -11.72
N TYR A 108 1.08 4.35 -10.81
CA TYR A 108 1.07 5.37 -9.78
C TYR A 108 2.24 6.34 -9.94
N ALA A 109 3.39 5.80 -10.27
CA ALA A 109 4.60 6.59 -10.41
C ALA A 109 5.53 6.00 -11.44
N LEU A 110 6.55 6.74 -11.84
CA LEU A 110 7.53 6.24 -12.78
C LEU A 110 8.35 5.14 -12.13
N ARG A 111 8.48 4.01 -12.83
CA ARG A 111 9.20 2.85 -12.31
C ARG A 111 10.59 3.26 -11.86
N ASP A 112 11.24 4.00 -12.74
CA ASP A 112 12.63 4.37 -12.60
C ASP A 112 12.79 5.56 -11.67
N ALA A 113 11.71 5.94 -10.99
CA ALA A 113 11.73 7.05 -10.07
C ALA A 113 11.89 6.57 -8.62
N GLY A 114 11.94 5.26 -8.44
CA GLY A 114 12.15 4.70 -7.12
C GLY A 114 11.39 3.41 -6.90
N ILE A 115 11.30 2.98 -5.65
CA ILE A 115 10.58 1.75 -5.32
C ILE A 115 9.71 1.94 -4.08
N THR A 116 10.33 2.10 -2.92
CA THR A 116 9.61 2.16 -1.66
C THR A 116 8.74 3.41 -1.57
N ARG A 117 7.43 3.21 -1.64
CA ARG A 117 6.46 4.31 -1.58
C ARG A 117 5.15 3.82 -1.00
N ASN A 118 4.51 4.66 -0.19
CA ASN A 118 3.23 4.30 0.40
C ASN A 118 2.12 5.15 -0.19
N VAL A 119 1.14 4.49 -0.78
CA VAL A 119 0.02 5.16 -1.42
C VAL A 119 -1.27 4.80 -0.68
N LEU A 120 -1.93 5.80 -0.12
CA LEU A 120 -3.15 5.56 0.64
C LEU A 120 -4.38 6.03 -0.12
N ILE A 121 -5.35 5.13 -0.25
CA ILE A 121 -6.59 5.41 -0.94
C ILE A 121 -7.77 5.39 0.04
N ASP A 122 -8.68 6.35 -0.10
CA ASP A 122 -9.88 6.42 0.74
C ASP A 122 -10.97 5.50 0.22
N ARG A 123 -12.12 5.49 0.91
CA ARG A 123 -13.24 4.61 0.56
C ARG A 123 -13.73 4.87 -0.86
N GLU A 124 -13.65 6.12 -1.30
CA GLU A 124 -14.20 6.52 -2.57
C GLU A 124 -13.32 6.07 -3.73
N GLY A 125 -12.05 5.83 -3.43
CA GLY A 125 -11.13 5.41 -4.45
C GLY A 125 -10.09 6.47 -4.75
N LYS A 126 -10.10 7.54 -3.96
CA LYS A 126 -9.16 8.64 -4.15
C LYS A 126 -7.93 8.45 -3.29
N ILE A 127 -6.80 8.96 -3.76
CA ILE A 127 -5.56 8.91 -3.00
C ILE A 127 -5.49 10.07 -2.02
N VAL A 128 -5.19 9.78 -0.77
CA VAL A 128 -5.14 10.81 0.27
C VAL A 128 -3.77 10.87 0.94
N LYS A 129 -2.82 10.08 0.48
CA LYS A 129 -1.49 10.09 1.05
C LYS A 129 -0.46 9.48 0.09
N LEU A 130 0.62 10.22 -0.14
CA LEU A 130 1.74 9.73 -0.94
C LEU A 130 3.04 10.01 -0.20
N THR A 131 3.64 8.98 0.39
CA THR A 131 4.92 9.16 1.07
C THR A 131 6.06 8.51 0.30
N ARG A 132 7.26 9.00 0.54
CA ARG A 132 8.46 8.46 -0.10
C ARG A 132 9.21 7.62 0.91
N LEU A 133 9.37 6.34 0.61
CA LEU A 133 9.98 5.38 1.53
C LEU A 133 9.10 5.21 2.76
N TYR A 134 9.61 4.47 3.74
CA TYR A 134 8.94 4.34 5.03
C TYR A 134 8.77 5.71 5.67
N ASN A 135 9.85 6.51 5.62
CA ASN A 135 9.84 7.90 6.10
C ASN A 135 9.37 7.98 7.54
N GLU A 136 10.33 8.01 8.47
CA GLU A 136 10.08 7.92 9.91
C GLU A 136 8.86 8.74 10.34
N GLU A 137 8.92 10.04 10.08
CA GLU A 137 7.88 10.98 10.49
C GLU A 137 6.58 10.75 9.72
N GLU A 138 6.70 10.61 8.41
CA GLU A 138 5.53 10.49 7.54
C GLU A 138 4.76 9.21 7.81
N PHE A 139 5.45 8.13 8.16
CA PHE A 139 4.76 6.91 8.53
C PHE A 139 3.95 7.13 9.79
N ALA A 140 4.53 7.82 10.76
CA ALA A 140 3.83 8.15 12.00
C ALA A 140 2.63 9.04 11.69
N SER A 141 2.83 10.00 10.81
CA SER A 141 1.76 10.89 10.41
C SER A 141 0.63 10.12 9.74
N LEU A 142 0.95 9.21 8.81
CA LEU A 142 -0.08 8.51 8.09
C LEU A 142 -0.68 7.37 8.89
N VAL A 143 0.09 6.76 9.78
CA VAL A 143 -0.47 5.72 10.65
C VAL A 143 -1.60 6.32 11.49
N GLN A 144 -1.38 7.52 12.00
CA GLN A 144 -2.42 8.25 12.72
C GLN A 144 -3.55 8.64 11.77
N GLN A 145 -3.17 9.15 10.61
CA GLN A 145 -4.13 9.54 9.58
C GLN A 145 -5.04 8.37 9.21
N ILE A 146 -4.43 7.24 8.87
CA ILE A 146 -5.15 6.04 8.47
C ILE A 146 -6.11 5.61 9.58
N ASN A 147 -5.62 5.56 10.82
CA ASN A 147 -6.43 5.14 11.95
C ASN A 147 -7.76 5.87 11.96
N GLU A 148 -7.71 7.19 12.03
CA GLU A 148 -8.91 8.01 12.13
C GLU A 148 -9.74 7.93 10.86
N MET A 149 -9.09 7.67 9.73
CA MET A 149 -9.79 7.58 8.46
C MET A 149 -10.87 6.53 8.51
N LEU A 150 -10.53 5.34 9.00
CA LEU A 150 -11.54 4.29 9.06
C LEU A 150 -12.27 4.29 10.40
N LYS A 151 -11.96 5.26 11.27
CA LYS A 151 -12.81 5.55 12.40
C LYS A 151 -14.03 6.34 11.92
N GLU A 152 -13.75 7.34 11.07
CA GLU A 152 -14.72 8.22 10.36
C GLU A 152 -15.90 8.79 11.19
N GLY A 153 -16.07 8.36 12.44
CA GLY A 153 -17.06 8.95 13.31
C GLY A 153 -18.50 8.64 12.92
N HIS A 154 -18.70 7.65 12.06
CA HIS A 154 -20.05 7.26 11.68
C HIS A 154 -20.39 5.90 12.29
N HIS A 155 -19.69 4.87 11.83
CA HIS A 155 -19.88 3.50 12.34
C HIS A 155 -21.36 3.10 12.32
N HIS A 156 -21.88 2.82 11.14
CA HIS A 156 -23.29 2.46 11.00
C HIS A 156 -23.46 1.21 10.15
N HIS A 157 -23.73 0.08 10.81
CA HIS A 157 -24.08 -1.18 10.15
C HIS A 157 -22.87 -1.89 9.54
N HIS A 158 -21.97 -1.15 8.92
CA HIS A 158 -20.79 -1.75 8.32
C HIS A 158 -19.80 -2.13 9.40
N HIS A 159 -19.84 -1.36 10.49
CA HIS A 159 -19.08 -1.62 11.72
C HIS A 159 -19.21 -0.40 12.62
N MET A 1 3.35 14.78 -11.31
CA MET A 1 4.77 14.49 -11.61
C MET A 1 5.55 14.22 -10.32
N SER A 2 5.52 15.19 -9.38
CA SER A 2 6.16 15.03 -8.08
C SER A 2 7.58 14.47 -8.24
N LEU A 3 7.98 13.59 -7.34
CA LEU A 3 9.26 12.91 -7.45
C LEU A 3 9.08 11.53 -8.09
N GLY A 4 8.26 11.47 -9.14
CA GLY A 4 8.05 10.23 -9.84
C GLY A 4 6.64 9.70 -9.70
N TYR A 5 5.69 10.58 -9.39
CA TYR A 5 4.30 10.19 -9.25
C TYR A 5 3.47 10.73 -10.40
N ILE A 6 2.88 9.83 -11.18
CA ILE A 6 1.99 10.24 -12.26
C ILE A 6 0.56 10.35 -11.73
N VAL A 7 0.36 9.86 -10.52
CA VAL A 7 -0.93 9.94 -9.86
C VAL A 7 -0.96 11.19 -8.96
N ARG A 8 -2.16 11.62 -8.56
CA ARG A 8 -2.30 12.91 -7.90
C ARG A 8 -3.06 12.79 -6.58
N ILE A 9 -2.78 13.68 -5.64
CA ILE A 9 -3.49 13.70 -4.36
C ILE A 9 -4.87 14.29 -4.54
N GLY A 10 -5.87 13.61 -3.98
CA GLY A 10 -7.24 14.05 -4.11
C GLY A 10 -7.83 13.63 -5.45
N GLU A 11 -7.06 12.87 -6.19
CA GLU A 11 -7.44 12.44 -7.52
C GLU A 11 -7.62 10.93 -7.55
N MET A 12 -8.33 10.44 -8.56
CA MET A 12 -8.70 9.03 -8.65
C MET A 12 -7.48 8.13 -8.88
N ALA A 13 -7.40 7.06 -8.12
CA ALA A 13 -6.38 6.04 -8.32
C ALA A 13 -6.79 5.10 -9.44
N PRO A 14 -5.86 4.79 -10.36
CA PRO A 14 -6.08 3.81 -11.43
C PRO A 14 -6.34 2.41 -10.87
N ASP A 15 -7.50 1.87 -11.21
CA ASP A 15 -7.90 0.54 -10.74
C ASP A 15 -7.09 -0.51 -11.49
N PHE A 16 -6.58 -1.49 -10.76
CA PHE A 16 -5.68 -2.48 -11.34
C PHE A 16 -6.02 -3.87 -10.85
N THR A 17 -5.48 -4.87 -11.53
CA THR A 17 -5.58 -6.25 -11.09
C THR A 17 -4.18 -6.80 -10.83
N ILE A 18 -3.90 -7.14 -9.58
CA ILE A 18 -2.57 -7.58 -9.19
C ILE A 18 -2.58 -9.06 -8.81
N THR A 19 -1.45 -9.72 -9.01
CA THR A 19 -1.30 -11.12 -8.65
C THR A 19 -0.59 -11.25 -7.30
N LEU A 20 -1.22 -11.94 -6.38
CA LEU A 20 -0.69 -12.09 -5.02
C LEU A 20 0.32 -13.23 -4.93
N THR A 21 0.82 -13.45 -3.71
CA THR A 21 1.85 -14.43 -3.43
C THR A 21 1.48 -15.84 -3.90
N ASP A 22 0.23 -16.22 -3.69
CA ASP A 22 -0.22 -17.56 -4.05
C ASP A 22 -0.93 -17.56 -5.39
N GLY A 23 -0.82 -16.47 -6.13
CA GLY A 23 -1.39 -16.41 -7.46
C GLY A 23 -2.76 -15.78 -7.50
N LYS A 24 -3.26 -15.30 -6.36
CA LYS A 24 -4.56 -14.65 -6.32
C LYS A 24 -4.55 -13.36 -7.14
N GLN A 25 -5.45 -13.25 -8.08
CA GLN A 25 -5.56 -12.05 -8.89
C GLN A 25 -6.76 -11.24 -8.44
N VAL A 26 -6.49 -10.06 -7.90
CA VAL A 26 -7.54 -9.21 -7.36
C VAL A 26 -7.54 -7.85 -8.03
N THR A 27 -8.72 -7.26 -8.15
CA THR A 27 -8.86 -5.94 -8.72
C THR A 27 -9.16 -4.93 -7.61
N LEU A 28 -8.70 -3.69 -7.77
CA LEU A 28 -8.90 -2.67 -6.73
C LEU A 28 -10.39 -2.44 -6.50
N SER A 29 -11.18 -2.59 -7.57
CA SER A 29 -12.63 -2.45 -7.50
C SER A 29 -13.25 -3.39 -6.46
N SER A 30 -12.57 -4.48 -6.16
CA SER A 30 -13.08 -5.46 -5.20
C SER A 30 -12.90 -4.96 -3.76
N LEU A 31 -12.12 -3.89 -3.61
CA LEU A 31 -11.87 -3.30 -2.30
C LEU A 31 -12.36 -1.86 -2.26
N ARG A 32 -12.92 -1.40 -3.38
CA ARG A 32 -13.44 -0.05 -3.47
C ARG A 32 -14.66 0.10 -2.58
N GLY A 33 -14.68 1.16 -1.78
CA GLY A 33 -15.69 1.32 -0.77
C GLY A 33 -15.07 1.33 0.61
N LYS A 34 -13.93 0.66 0.72
CA LYS A 34 -13.16 0.68 1.96
C LYS A 34 -11.82 1.35 1.70
N VAL A 35 -11.10 1.70 2.76
CA VAL A 35 -9.83 2.39 2.62
C VAL A 35 -8.71 1.40 2.32
N VAL A 36 -8.03 1.61 1.21
CA VAL A 36 -6.98 0.70 0.76
C VAL A 36 -5.59 1.32 0.88
N MET A 37 -4.72 0.63 1.60
CA MET A 37 -3.33 1.05 1.75
C MET A 37 -2.42 0.21 0.86
N LEU A 38 -1.56 0.87 0.11
CA LEU A 38 -0.63 0.20 -0.78
C LEU A 38 0.79 0.62 -0.50
N GLN A 39 1.72 -0.27 -0.70
CA GLN A 39 3.13 0.08 -0.69
C GLN A 39 3.86 -0.66 -1.80
N PHE A 40 4.89 -0.03 -2.34
CA PHE A 40 5.69 -0.64 -3.38
C PHE A 40 7.09 -0.93 -2.87
N THR A 41 7.42 -2.21 -2.77
CA THR A 41 8.67 -2.63 -2.17
C THR A 41 9.41 -3.61 -3.08
N ALA A 42 10.46 -4.22 -2.51
CA ALA A 42 11.27 -5.21 -3.18
C ALA A 42 12.08 -5.97 -2.12
N SER A 43 12.66 -7.09 -2.50
CA SER A 43 13.32 -7.96 -1.53
C SER A 43 14.65 -7.37 -1.06
N TRP A 44 15.24 -6.53 -1.90
CA TRP A 44 16.52 -5.91 -1.56
C TRP A 44 16.33 -4.60 -0.78
N CYS A 45 15.09 -4.22 -0.53
CA CYS A 45 14.81 -2.98 0.17
C CYS A 45 15.01 -3.12 1.67
N GLY A 46 16.17 -2.67 2.15
CA GLY A 46 16.49 -2.75 3.56
C GLY A 46 15.62 -1.87 4.43
N VAL A 47 15.28 -0.69 3.92
CA VAL A 47 14.44 0.26 4.66
C VAL A 47 13.05 -0.33 4.90
N CYS A 48 12.58 -1.14 3.95
CA CYS A 48 11.28 -1.77 4.06
C CYS A 48 11.26 -2.83 5.14
N ARG A 49 12.44 -3.26 5.58
CA ARG A 49 12.55 -4.21 6.67
C ARG A 49 12.32 -3.52 8.01
N LYS A 50 12.20 -2.20 7.96
CA LYS A 50 11.67 -1.42 9.07
C LYS A 50 10.22 -1.07 8.76
N GLU A 51 9.99 -0.67 7.52
CA GLU A 51 8.69 -0.22 7.03
C GLU A 51 7.59 -1.24 7.32
N MET A 52 7.70 -2.43 6.73
CA MET A 52 6.62 -3.42 6.77
C MET A 52 6.35 -3.94 8.18
N PRO A 53 7.39 -4.32 8.98
CA PRO A 53 7.19 -4.72 10.37
C PRO A 53 6.44 -3.66 11.16
N PHE A 54 6.73 -2.40 10.89
CA PHE A 54 6.04 -1.29 11.52
C PHE A 54 4.60 -1.21 11.02
N ILE A 55 4.41 -1.38 9.71
CA ILE A 55 3.07 -1.43 9.12
C ILE A 55 2.25 -2.54 9.78
N GLU A 56 2.85 -3.72 9.88
CA GLU A 56 2.23 -4.85 10.57
C GLU A 56 1.89 -4.46 12.00
N LYS A 57 2.84 -3.87 12.68
CA LYS A 57 2.71 -3.50 14.09
C LYS A 57 1.48 -2.61 14.35
N ASP A 58 1.39 -1.47 13.68
CA ASP A 58 0.36 -0.50 14.02
C ASP A 58 -0.77 -0.42 13.01
N ILE A 59 -0.46 -0.44 11.73
CA ILE A 59 -1.48 -0.31 10.71
C ILE A 59 -2.28 -1.60 10.56
N TRP A 60 -1.58 -2.68 10.28
CA TRP A 60 -2.20 -3.94 9.98
C TRP A 60 -2.81 -4.57 11.23
N LEU A 61 -1.97 -4.81 12.22
CA LEU A 61 -2.34 -5.53 13.45
C LEU A 61 -3.68 -5.08 14.03
N LYS A 62 -3.90 -3.78 14.06
CA LYS A 62 -5.10 -3.23 14.70
C LYS A 62 -6.30 -3.23 13.75
N HIS A 63 -6.01 -3.24 12.47
CA HIS A 63 -7.02 -2.97 11.46
C HIS A 63 -7.13 -4.07 10.41
N LYS A 64 -6.75 -5.30 10.74
CA LYS A 64 -6.77 -6.39 9.77
C LYS A 64 -8.12 -6.56 9.12
N ASP A 65 -8.18 -5.90 8.00
CA ASP A 65 -9.38 -5.63 7.21
C ASP A 65 -10.35 -4.74 7.98
N ASN A 66 -10.51 -5.06 9.26
CA ASN A 66 -11.40 -4.33 10.18
C ASN A 66 -12.87 -4.50 9.78
N ALA A 67 -13.14 -4.13 8.54
CA ALA A 67 -14.46 -4.16 7.93
C ALA A 67 -14.39 -3.35 6.65
N ASP A 68 -13.53 -2.34 6.70
CA ASP A 68 -13.41 -1.37 5.63
C ASP A 68 -11.99 -0.85 5.50
N PHE A 69 -11.02 -1.71 5.79
CA PHE A 69 -9.62 -1.40 5.54
C PHE A 69 -8.99 -2.52 4.71
N ALA A 70 -8.26 -2.13 3.69
CA ALA A 70 -7.52 -3.09 2.88
C ALA A 70 -6.04 -2.71 2.83
N LEU A 71 -5.17 -3.71 2.87
CA LEU A 71 -3.74 -3.47 2.80
C LEU A 71 -3.10 -4.45 1.84
N ILE A 72 -2.50 -3.92 0.78
CA ILE A 72 -1.83 -4.75 -0.20
C ILE A 72 -0.37 -4.31 -0.35
N GLY A 73 0.54 -5.23 -0.07
CA GLY A 73 1.94 -4.94 -0.30
C GLY A 73 2.35 -5.36 -1.69
N ILE A 74 3.01 -4.49 -2.43
CA ILE A 74 3.31 -4.76 -3.83
C ILE A 74 4.82 -4.79 -4.07
N ASP A 75 5.27 -5.70 -4.93
CA ASP A 75 6.67 -5.76 -5.29
C ASP A 75 6.81 -5.42 -6.75
N ARG A 76 7.56 -4.37 -7.03
CA ARG A 76 7.53 -3.75 -8.36
C ARG A 76 8.23 -4.57 -9.43
N ASP A 77 8.84 -5.70 -9.11
CA ASP A 77 9.59 -6.40 -10.15
C ASP A 77 10.04 -7.81 -9.75
N GLU A 78 10.32 -8.02 -8.48
CA GLU A 78 10.89 -9.29 -8.06
C GLU A 78 9.83 -10.38 -7.95
N PRO A 79 10.20 -11.62 -8.34
CA PRO A 79 9.28 -12.75 -8.41
C PRO A 79 8.83 -13.29 -7.05
N LEU A 80 8.08 -14.40 -7.10
CA LEU A 80 7.47 -15.00 -5.93
C LEU A 80 8.45 -15.22 -4.79
N GLU A 81 9.51 -15.97 -5.05
CA GLU A 81 10.42 -16.38 -4.00
C GLU A 81 11.08 -15.19 -3.29
N LYS A 82 11.24 -14.08 -4.02
CA LYS A 82 11.73 -12.85 -3.40
C LYS A 82 10.70 -12.30 -2.42
N VAL A 83 9.47 -12.14 -2.91
CA VAL A 83 8.39 -11.58 -2.10
C VAL A 83 8.13 -12.45 -0.87
N LEU A 84 7.97 -13.75 -1.07
CA LEU A 84 7.63 -14.67 0.02
C LEU A 84 8.76 -14.76 1.04
N ALA A 85 10.00 -14.71 0.57
CA ALA A 85 11.14 -14.81 1.46
C ALA A 85 11.36 -13.50 2.22
N PHE A 86 11.02 -12.39 1.59
CA PHE A 86 11.18 -11.08 2.21
C PHE A 86 10.10 -10.85 3.26
N ALA A 87 8.88 -11.26 2.94
CA ALA A 87 7.75 -11.12 3.85
C ALA A 87 7.99 -11.87 5.16
N LYS A 88 8.32 -13.15 5.06
CA LYS A 88 8.47 -14.02 6.23
C LYS A 88 9.47 -13.45 7.24
N SER A 89 10.47 -12.76 6.74
CA SER A 89 11.55 -12.26 7.58
C SER A 89 11.21 -10.90 8.19
N THR A 90 10.01 -10.42 7.90
CA THR A 90 9.53 -9.16 8.45
C THR A 90 8.14 -9.34 9.05
N GLY A 91 7.70 -10.60 9.15
CA GLY A 91 6.41 -10.91 9.71
C GLY A 91 5.34 -10.97 8.66
N VAL A 92 4.97 -9.78 8.18
CA VAL A 92 3.95 -9.58 7.13
C VAL A 92 2.85 -10.63 7.12
N THR A 93 1.78 -10.39 7.86
CA THR A 93 0.64 -11.29 7.84
C THR A 93 -0.45 -10.76 6.92
N TYR A 94 -0.07 -9.85 6.03
CA TYR A 94 -0.99 -9.32 5.03
C TYR A 94 -0.53 -9.73 3.65
N PRO A 95 -1.46 -9.95 2.71
CA PRO A 95 -1.14 -10.42 1.36
C PRO A 95 -0.24 -9.46 0.58
N LEU A 96 0.75 -10.03 -0.07
CA LEU A 96 1.62 -9.26 -0.94
C LEU A 96 1.39 -9.66 -2.38
N GLY A 97 1.50 -8.70 -3.28
CA GLY A 97 1.37 -8.97 -4.68
C GLY A 97 2.60 -8.54 -5.43
N LEU A 98 2.90 -9.21 -6.52
CA LEU A 98 4.09 -8.92 -7.29
C LEU A 98 3.72 -8.43 -8.68
N ASP A 99 4.32 -7.34 -9.11
CA ASP A 99 4.03 -6.80 -10.42
C ASP A 99 5.32 -6.64 -11.24
N PRO A 100 5.76 -7.74 -11.88
CA PRO A 100 7.03 -7.77 -12.63
C PRO A 100 7.08 -6.70 -13.73
N GLY A 101 8.17 -5.95 -13.75
CA GLY A 101 8.31 -4.89 -14.72
C GLY A 101 7.72 -3.58 -14.27
N ALA A 102 7.36 -3.51 -12.98
CA ALA A 102 6.77 -2.33 -12.39
C ALA A 102 5.55 -1.84 -13.18
N ASP A 103 4.62 -2.75 -13.42
CA ASP A 103 3.41 -2.40 -14.17
C ASP A 103 2.37 -1.76 -13.26
N ILE A 104 2.04 -2.44 -12.17
CA ILE A 104 1.10 -1.89 -11.20
C ILE A 104 1.77 -0.71 -10.52
N PHE A 105 3.08 -0.79 -10.40
CA PHE A 105 3.89 0.33 -9.97
C PHE A 105 3.72 1.50 -10.94
N ALA A 106 3.62 1.17 -12.23
CA ALA A 106 3.44 2.18 -13.28
C ALA A 106 2.03 2.76 -13.27
N LYS A 107 1.11 2.11 -12.57
CA LYS A 107 -0.23 2.66 -12.40
C LYS A 107 -0.20 3.89 -11.49
N TYR A 108 0.90 4.06 -10.77
CA TYR A 108 1.03 5.15 -9.82
C TYR A 108 2.29 5.98 -10.09
N ALA A 109 3.33 5.31 -10.55
CA ALA A 109 4.61 5.96 -10.81
C ALA A 109 5.15 5.54 -12.17
N LEU A 110 6.36 5.94 -12.49
CA LEU A 110 7.01 5.50 -13.72
C LEU A 110 7.67 4.15 -13.51
N ARG A 111 7.81 3.36 -14.57
CA ARG A 111 8.36 2.02 -14.45
C ARG A 111 9.86 2.08 -14.16
N ASP A 112 10.42 3.26 -14.35
CA ASP A 112 11.83 3.52 -14.08
C ASP A 112 12.01 4.23 -12.75
N ALA A 113 10.90 4.55 -12.09
CA ALA A 113 10.92 5.33 -10.86
C ALA A 113 11.48 4.53 -9.69
N GLY A 114 12.00 5.27 -8.71
CA GLY A 114 12.60 4.66 -7.54
C GLY A 114 11.62 3.84 -6.70
N ILE A 115 12.15 2.89 -5.96
CA ILE A 115 11.36 1.96 -5.15
C ILE A 115 11.02 2.59 -3.79
N THR A 116 10.37 1.81 -2.91
CA THR A 116 10.02 2.22 -1.54
C THR A 116 9.07 3.41 -1.55
N ARG A 117 7.80 3.14 -1.79
CA ARG A 117 6.78 4.17 -1.87
C ARG A 117 5.50 3.70 -1.20
N ASN A 118 4.94 4.55 -0.36
CA ASN A 118 3.70 4.24 0.35
C ASN A 118 2.56 5.06 -0.23
N VAL A 119 1.49 4.38 -0.61
CA VAL A 119 0.34 5.04 -1.21
C VAL A 119 -0.92 4.71 -0.40
N LEU A 120 -1.77 5.70 -0.19
CA LEU A 120 -3.03 5.47 0.52
C LEU A 120 -4.20 5.97 -0.31
N ILE A 121 -5.14 5.08 -0.60
CA ILE A 121 -6.34 5.42 -1.33
C ILE A 121 -7.54 5.46 -0.39
N ASP A 122 -8.35 6.50 -0.52
CA ASP A 122 -9.54 6.65 0.31
C ASP A 122 -10.65 5.73 -0.19
N ARG A 123 -11.76 5.68 0.53
CA ARG A 123 -12.81 4.73 0.24
C ARG A 123 -13.57 5.10 -1.04
N GLU A 124 -13.42 6.33 -1.51
CA GLU A 124 -14.03 6.75 -2.76
C GLU A 124 -13.18 6.27 -3.94
N GLY A 125 -11.88 6.12 -3.69
CA GLY A 125 -10.97 5.67 -4.73
C GLY A 125 -9.93 6.72 -5.09
N LYS A 126 -9.85 7.76 -4.28
CA LYS A 126 -8.91 8.85 -4.52
C LYS A 126 -7.67 8.72 -3.63
N ILE A 127 -6.57 9.28 -4.11
CA ILE A 127 -5.31 9.24 -3.38
C ILE A 127 -5.34 10.27 -2.25
N VAL A 128 -4.92 9.86 -1.06
CA VAL A 128 -4.89 10.79 0.08
C VAL A 128 -3.51 10.83 0.73
N LYS A 129 -2.54 10.10 0.19
CA LYS A 129 -1.21 10.05 0.80
C LYS A 129 -0.17 9.45 -0.14
N LEU A 130 0.92 10.19 -0.33
CA LEU A 130 2.08 9.69 -1.07
C LEU A 130 3.33 9.85 -0.23
N THR A 131 3.94 8.75 0.14
CA THR A 131 5.15 8.78 0.94
C THR A 131 6.28 8.03 0.24
N ARG A 132 7.47 8.62 0.22
CA ARG A 132 8.63 7.95 -0.34
C ARG A 132 9.54 7.51 0.79
N LEU A 133 9.82 6.21 0.83
CA LEU A 133 10.67 5.61 1.86
C LEU A 133 9.96 5.61 3.21
N TYR A 134 10.37 4.71 4.09
CA TYR A 134 9.84 4.70 5.44
C TYR A 134 10.39 5.89 6.23
N ASN A 135 9.69 7.00 6.14
CA ASN A 135 10.00 8.16 6.98
C ASN A 135 9.28 7.97 8.30
N GLU A 136 10.05 7.87 9.37
CA GLU A 136 9.54 7.46 10.67
C GLU A 136 8.45 8.40 11.18
N GLU A 137 8.72 9.69 11.21
CA GLU A 137 7.72 10.69 11.61
C GLU A 137 6.51 10.64 10.68
N GLU A 138 6.76 10.46 9.40
CA GLU A 138 5.71 10.37 8.39
C GLU A 138 4.82 9.16 8.68
N PHE A 139 5.45 8.04 8.95
CA PHE A 139 4.76 6.80 9.27
C PHE A 139 3.87 6.98 10.49
N ALA A 140 4.40 7.65 11.51
CA ALA A 140 3.63 7.93 12.72
C ALA A 140 2.37 8.72 12.38
N SER A 141 2.53 9.75 11.55
CA SER A 141 1.41 10.56 11.09
C SER A 141 0.44 9.70 10.29
N LEU A 142 0.99 8.79 9.48
CA LEU A 142 0.20 7.90 8.65
C LEU A 142 -0.64 6.96 9.52
N VAL A 143 -0.05 6.51 10.63
CA VAL A 143 -0.76 5.67 11.59
C VAL A 143 -2.03 6.37 12.07
N GLN A 144 -1.86 7.57 12.60
CA GLN A 144 -3.00 8.35 13.09
C GLN A 144 -3.97 8.67 11.95
N GLN A 145 -3.40 8.95 10.79
CA GLN A 145 -4.18 9.22 9.59
C GLN A 145 -5.11 8.05 9.26
N ILE A 146 -4.56 6.85 9.26
CA ILE A 146 -5.35 5.65 8.97
C ILE A 146 -6.36 5.39 10.09
N ASN A 147 -5.96 5.61 11.33
CA ASN A 147 -6.85 5.43 12.48
C ASN A 147 -8.12 6.25 12.32
N GLU A 148 -7.97 7.48 11.81
CA GLU A 148 -9.10 8.37 11.57
C GLU A 148 -9.92 7.91 10.37
N MET A 149 -9.23 7.37 9.36
CA MET A 149 -9.90 6.86 8.17
C MET A 149 -10.81 5.70 8.54
N LEU A 150 -10.47 5.04 9.64
CA LEU A 150 -11.26 3.92 10.15
C LEU A 150 -12.30 4.40 11.16
N LYS A 151 -12.39 5.72 11.37
CA LYS A 151 -13.44 6.28 12.19
C LYS A 151 -14.50 6.92 11.31
N GLU A 152 -14.08 7.99 10.63
CA GLU A 152 -14.91 8.71 9.65
C GLU A 152 -16.29 9.10 10.19
N GLY A 153 -17.23 8.17 10.15
CA GLY A 153 -18.60 8.47 10.50
C GLY A 153 -19.37 8.99 9.31
N HIS A 154 -18.82 10.03 8.70
CA HIS A 154 -19.32 10.57 7.45
C HIS A 154 -18.15 11.18 6.69
N HIS A 155 -17.91 10.68 5.49
CA HIS A 155 -16.74 11.07 4.70
C HIS A 155 -16.79 12.53 4.27
N HIS A 156 -17.85 13.24 4.66
CA HIS A 156 -17.98 14.66 4.38
C HIS A 156 -18.55 15.40 5.60
N HIS A 157 -18.40 14.80 6.77
CA HIS A 157 -18.87 15.42 8.02
C HIS A 157 -18.34 14.65 9.22
N HIS A 158 -17.26 15.14 9.80
CA HIS A 158 -16.63 14.49 10.95
C HIS A 158 -16.43 15.51 12.07
N HIS A 159 -16.53 15.06 13.31
CA HIS A 159 -16.32 15.92 14.46
C HIS A 159 -15.48 15.19 15.50
N MET A 1 15.30 8.05 -10.14
CA MET A 1 16.06 8.80 -9.12
C MET A 1 15.31 10.05 -8.70
N SER A 2 14.58 10.64 -9.63
CA SER A 2 13.80 11.84 -9.35
C SER A 2 12.39 11.48 -8.89
N LEU A 3 11.64 12.48 -8.48
CA LEU A 3 10.27 12.27 -8.02
C LEU A 3 9.35 12.16 -9.24
N GLY A 4 9.19 10.94 -9.73
CA GLY A 4 8.38 10.72 -10.91
C GLY A 4 7.03 10.12 -10.59
N TYR A 5 6.18 10.93 -9.96
CA TYR A 5 4.82 10.52 -9.66
C TYR A 5 3.85 11.02 -10.72
N ILE A 6 3.07 10.12 -11.29
CA ILE A 6 2.06 10.53 -12.26
C ILE A 6 0.70 10.70 -11.57
N VAL A 7 0.51 9.98 -10.48
CA VAL A 7 -0.69 10.14 -9.67
C VAL A 7 -0.39 11.13 -8.53
N ARG A 8 -1.42 11.78 -8.02
CA ARG A 8 -1.24 12.89 -7.09
C ARG A 8 -2.02 12.65 -5.81
N ILE A 9 -1.71 13.43 -4.78
CA ILE A 9 -2.45 13.35 -3.52
C ILE A 9 -3.88 13.86 -3.73
N GLY A 10 -4.84 12.98 -3.50
CA GLY A 10 -6.23 13.33 -3.67
C GLY A 10 -6.77 12.89 -5.01
N GLU A 11 -5.89 12.41 -5.86
CA GLU A 11 -6.26 12.00 -7.21
C GLU A 11 -6.74 10.56 -7.19
N MET A 12 -7.61 10.22 -8.14
CA MET A 12 -8.16 8.87 -8.23
C MET A 12 -7.09 7.86 -8.58
N ALA A 13 -7.03 6.79 -7.82
CA ALA A 13 -6.06 5.73 -8.06
C ALA A 13 -6.51 4.83 -9.19
N PRO A 14 -5.62 4.58 -10.17
CA PRO A 14 -5.90 3.64 -11.26
C PRO A 14 -6.18 2.23 -10.73
N ASP A 15 -7.09 1.55 -11.38
CA ASP A 15 -7.49 0.21 -10.95
C ASP A 15 -6.63 -0.84 -11.61
N PHE A 16 -6.64 -2.05 -11.06
CA PHE A 16 -5.76 -3.11 -11.51
C PHE A 16 -6.15 -4.43 -10.87
N THR A 17 -5.65 -5.53 -11.44
CA THR A 17 -5.88 -6.85 -10.88
C THR A 17 -4.53 -7.52 -10.60
N ILE A 18 -4.11 -7.51 -9.35
CA ILE A 18 -2.79 -8.02 -8.99
C ILE A 18 -2.90 -9.40 -8.35
N THR A 19 -1.90 -10.24 -8.59
CA THR A 19 -1.87 -11.58 -8.06
C THR A 19 -1.10 -11.62 -6.74
N LEU A 20 -1.78 -11.99 -5.67
CA LEU A 20 -1.18 -12.02 -4.34
C LEU A 20 -0.37 -13.31 -4.12
N THR A 21 0.37 -13.31 -3.02
CA THR A 21 1.21 -14.44 -2.63
C THR A 21 0.40 -15.74 -2.47
N ASP A 22 -0.88 -15.59 -2.16
CA ASP A 22 -1.76 -16.74 -1.96
C ASP A 22 -2.28 -17.26 -3.29
N GLY A 23 -2.00 -16.53 -4.36
CA GLY A 23 -2.54 -16.88 -5.65
C GLY A 23 -3.86 -16.21 -5.91
N LYS A 24 -4.16 -15.21 -5.09
CA LYS A 24 -5.39 -14.45 -5.20
C LYS A 24 -5.20 -13.25 -6.12
N GLN A 25 -5.90 -13.23 -7.23
CA GLN A 25 -5.87 -12.08 -8.09
C GLN A 25 -6.96 -11.11 -7.67
N VAL A 26 -6.54 -9.95 -7.17
CA VAL A 26 -7.48 -8.99 -6.62
C VAL A 26 -7.50 -7.70 -7.45
N THR A 27 -8.70 -7.30 -7.82
CA THR A 27 -8.92 -6.06 -8.53
C THR A 27 -9.26 -4.96 -7.53
N LEU A 28 -8.70 -3.76 -7.73
CA LEU A 28 -8.90 -2.66 -6.80
C LEU A 28 -10.39 -2.31 -6.72
N SER A 29 -11.08 -2.47 -7.84
CA SER A 29 -12.51 -2.21 -7.93
C SER A 29 -13.31 -3.04 -6.91
N SER A 30 -12.72 -4.15 -6.47
CA SER A 30 -13.39 -5.01 -5.49
C SER A 30 -13.20 -4.47 -4.08
N LEU A 31 -12.35 -3.47 -3.94
CA LEU A 31 -12.10 -2.84 -2.65
C LEU A 31 -12.47 -1.37 -2.68
N ARG A 32 -12.93 -0.90 -3.84
CA ARG A 32 -13.40 0.48 -3.98
C ARG A 32 -14.66 0.66 -3.16
N GLY A 33 -14.51 1.29 -2.02
CA GLY A 33 -15.59 1.38 -1.06
C GLY A 33 -15.07 1.20 0.35
N LYS A 34 -13.90 0.59 0.44
CA LYS A 34 -13.22 0.42 1.72
C LYS A 34 -11.92 1.21 1.71
N VAL A 35 -11.31 1.35 2.88
CA VAL A 35 -10.01 1.97 2.99
C VAL A 35 -8.94 0.96 2.61
N VAL A 36 -8.12 1.29 1.61
CA VAL A 36 -7.15 0.34 1.10
C VAL A 36 -5.74 0.90 1.18
N MET A 37 -4.91 0.31 2.01
CA MET A 37 -3.52 0.73 2.14
C MET A 37 -2.62 -0.15 1.28
N LEU A 38 -1.84 0.49 0.42
CA LEU A 38 -0.88 -0.20 -0.41
C LEU A 38 0.53 0.27 -0.09
N GLN A 39 1.50 -0.59 -0.32
CA GLN A 39 2.89 -0.19 -0.26
C GLN A 39 3.65 -0.85 -1.40
N PHE A 40 4.63 -0.18 -1.94
CA PHE A 40 5.46 -0.75 -3.00
C PHE A 40 6.86 -1.02 -2.48
N THR A 41 7.29 -2.27 -2.58
CA THR A 41 8.56 -2.69 -2.03
C THR A 41 9.34 -3.55 -3.03
N ALA A 42 10.56 -3.87 -2.65
CA ALA A 42 11.42 -4.75 -3.43
C ALA A 42 12.35 -5.49 -2.48
N SER A 43 12.91 -6.60 -2.92
CA SER A 43 13.67 -7.48 -2.05
C SER A 43 15.01 -6.86 -1.65
N TRP A 44 15.48 -5.90 -2.43
CA TRP A 44 16.78 -5.27 -2.18
C TRP A 44 16.64 -3.97 -1.40
N CYS A 45 15.42 -3.62 -1.01
CA CYS A 45 15.18 -2.37 -0.31
C CYS A 45 15.34 -2.55 1.20
N GLY A 46 16.42 -2.00 1.74
CA GLY A 46 16.69 -2.10 3.16
C GLY A 46 15.87 -1.11 3.97
N VAL A 47 15.34 -0.10 3.30
CA VAL A 47 14.48 0.88 3.95
C VAL A 47 13.11 0.28 4.22
N CYS A 48 12.57 -0.39 3.21
CA CYS A 48 11.28 -1.07 3.32
C CYS A 48 11.29 -2.04 4.49
N ARG A 49 12.45 -2.63 4.77
CA ARG A 49 12.60 -3.61 5.84
C ARG A 49 12.37 -2.98 7.23
N LYS A 50 12.14 -1.67 7.26
CA LYS A 50 11.76 -0.98 8.48
C LYS A 50 10.24 -0.83 8.55
N GLU A 51 9.70 -0.22 7.51
CA GLU A 51 8.27 0.08 7.47
C GLU A 51 7.43 -1.17 7.30
N MET A 52 7.94 -2.17 6.58
CA MET A 52 7.20 -3.42 6.36
C MET A 52 6.72 -4.02 7.70
N PRO A 53 7.63 -4.31 8.66
CA PRO A 53 7.22 -4.80 9.98
C PRO A 53 6.41 -3.76 10.76
N PHE A 54 6.75 -2.48 10.63
CA PHE A 54 5.98 -1.43 11.29
C PHE A 54 4.54 -1.38 10.79
N ILE A 55 4.37 -1.47 9.48
CA ILE A 55 3.06 -1.48 8.86
C ILE A 55 2.21 -2.61 9.40
N GLU A 56 2.74 -3.83 9.34
CA GLU A 56 1.97 -4.99 9.76
C GLU A 56 1.67 -4.93 11.26
N LYS A 57 2.64 -4.45 12.04
CA LYS A 57 2.52 -4.45 13.49
C LYS A 57 1.37 -3.57 13.99
N ASP A 58 1.34 -2.31 13.58
CA ASP A 58 0.36 -1.38 14.12
C ASP A 58 -0.75 -1.01 13.14
N ILE A 59 -0.53 -1.25 11.86
CA ILE A 59 -1.58 -1.01 10.88
C ILE A 59 -2.34 -2.30 10.60
N TRP A 60 -1.61 -3.35 10.22
CA TRP A 60 -2.23 -4.61 9.87
C TRP A 60 -2.90 -5.26 11.08
N LEU A 61 -2.12 -5.75 12.04
CA LEU A 61 -2.67 -6.50 13.18
C LEU A 61 -3.76 -5.74 13.92
N LYS A 62 -3.77 -4.42 13.82
CA LYS A 62 -4.75 -3.60 14.53
C LYS A 62 -6.00 -3.34 13.69
N HIS A 63 -5.82 -3.14 12.39
CA HIS A 63 -6.94 -2.67 11.55
C HIS A 63 -7.31 -3.66 10.44
N LYS A 64 -6.47 -4.68 10.22
CA LYS A 64 -6.55 -5.56 9.04
C LYS A 64 -7.96 -5.88 8.57
N ASP A 65 -8.80 -6.36 9.46
CA ASP A 65 -10.15 -6.72 9.09
C ASP A 65 -11.05 -5.50 9.21
N ASN A 66 -11.42 -5.21 10.46
CA ASN A 66 -12.37 -4.16 10.79
C ASN A 66 -13.74 -4.47 10.20
N ALA A 67 -13.83 -4.30 8.89
CA ALA A 67 -15.03 -4.47 8.09
C ALA A 67 -14.83 -3.69 6.81
N ASP A 68 -14.23 -2.52 6.98
CA ASP A 68 -14.03 -1.58 5.89
C ASP A 68 -12.55 -1.39 5.60
N PHE A 69 -11.68 -2.22 6.17
CA PHE A 69 -10.25 -2.02 5.96
C PHE A 69 -9.68 -3.06 5.01
N ALA A 70 -8.75 -2.63 4.17
CA ALA A 70 -8.01 -3.52 3.28
C ALA A 70 -6.55 -3.07 3.18
N LEU A 71 -5.63 -4.04 3.10
CA LEU A 71 -4.22 -3.74 3.02
C LEU A 71 -3.52 -4.72 2.07
N ILE A 72 -2.94 -4.20 1.00
CA ILE A 72 -2.24 -5.03 0.01
C ILE A 72 -0.86 -4.44 -0.29
N GLY A 73 0.17 -5.27 -0.17
CA GLY A 73 1.51 -4.83 -0.50
C GLY A 73 1.89 -5.26 -1.89
N ILE A 74 2.59 -4.40 -2.63
CA ILE A 74 2.96 -4.70 -3.99
C ILE A 74 4.48 -4.68 -4.17
N ASP A 75 5.03 -5.79 -4.65
CA ASP A 75 6.44 -5.83 -5.01
C ASP A 75 6.60 -5.39 -6.46
N ARG A 76 7.40 -4.34 -6.65
CA ARG A 76 7.48 -3.62 -7.92
C ARG A 76 7.69 -4.51 -9.12
N ASP A 77 8.62 -5.45 -9.02
CA ASP A 77 8.98 -6.29 -10.14
C ASP A 77 9.50 -7.64 -9.68
N GLU A 78 9.31 -7.93 -8.40
CA GLU A 78 9.82 -9.15 -7.80
C GLU A 78 8.88 -10.32 -8.12
N PRO A 79 9.44 -11.44 -8.61
CA PRO A 79 8.67 -12.67 -8.84
C PRO A 79 8.27 -13.37 -7.53
N LEU A 80 7.56 -14.48 -7.68
CA LEU A 80 6.93 -15.19 -6.54
C LEU A 80 7.92 -15.43 -5.40
N GLU A 81 9.01 -16.13 -5.69
CA GLU A 81 9.92 -16.54 -4.64
C GLU A 81 10.64 -15.37 -3.99
N LYS A 82 10.88 -14.30 -4.75
CA LYS A 82 11.47 -13.09 -4.19
C LYS A 82 10.54 -12.47 -3.16
N VAL A 83 9.28 -12.25 -3.58
CA VAL A 83 8.26 -11.66 -2.73
C VAL A 83 8.12 -12.42 -1.41
N LEU A 84 7.93 -13.72 -1.52
CA LEU A 84 7.72 -14.56 -0.34
C LEU A 84 8.96 -14.56 0.56
N ALA A 85 10.14 -14.57 -0.05
CA ALA A 85 11.38 -14.59 0.71
C ALA A 85 11.59 -13.28 1.45
N PHE A 86 11.31 -12.16 0.79
CA PHE A 86 11.44 -10.86 1.40
C PHE A 86 10.44 -10.72 2.55
N ALA A 87 9.21 -11.16 2.31
CA ALA A 87 8.15 -11.09 3.30
C ALA A 87 8.54 -11.85 4.57
N LYS A 88 8.89 -13.12 4.40
CA LYS A 88 9.18 -14.00 5.53
C LYS A 88 10.42 -13.55 6.31
N SER A 89 11.26 -12.76 5.68
CA SER A 89 12.46 -12.23 6.33
C SER A 89 12.11 -11.04 7.23
N THR A 90 11.00 -10.37 6.92
CA THR A 90 10.57 -9.24 7.73
C THR A 90 9.37 -9.62 8.60
N GLY A 91 8.67 -10.66 8.19
CA GLY A 91 7.48 -11.12 8.87
C GLY A 91 6.30 -11.10 7.94
N VAL A 92 5.76 -9.90 7.75
CA VAL A 92 4.65 -9.62 6.85
C VAL A 92 3.50 -10.62 6.98
N THR A 93 2.62 -10.33 7.92
CA THR A 93 1.43 -11.14 8.14
C THR A 93 0.31 -10.78 7.15
N TYR A 94 0.60 -9.85 6.23
CA TYR A 94 -0.39 -9.43 5.24
C TYR A 94 0.04 -9.86 3.84
N PRO A 95 -0.92 -10.07 2.93
CA PRO A 95 -0.64 -10.54 1.58
C PRO A 95 0.10 -9.52 0.71
N LEU A 96 1.12 -9.98 0.03
CA LEU A 96 1.83 -9.18 -0.95
C LEU A 96 1.43 -9.63 -2.35
N GLY A 97 1.67 -8.78 -3.33
CA GLY A 97 1.31 -9.12 -4.70
C GLY A 97 2.45 -8.90 -5.66
N LEU A 98 2.50 -9.71 -6.70
CA LEU A 98 3.56 -9.62 -7.69
C LEU A 98 3.20 -8.62 -8.77
N ASP A 99 4.13 -7.76 -9.11
CA ASP A 99 3.99 -6.90 -10.28
C ASP A 99 5.14 -7.17 -11.26
N PRO A 100 5.11 -8.31 -11.98
CA PRO A 100 6.18 -8.67 -12.90
C PRO A 100 6.30 -7.69 -14.06
N GLY A 101 7.29 -6.83 -14.00
CA GLY A 101 7.51 -5.87 -15.07
C GLY A 101 7.25 -4.45 -14.62
N ALA A 102 6.86 -4.29 -13.35
CA ALA A 102 6.60 -2.98 -12.76
C ALA A 102 5.50 -2.25 -13.52
N ASP A 103 4.47 -2.99 -13.91
CA ASP A 103 3.35 -2.44 -14.67
C ASP A 103 2.40 -1.70 -13.74
N ILE A 104 2.03 -2.33 -12.63
CA ILE A 104 1.15 -1.72 -11.66
C ILE A 104 1.87 -0.55 -11.01
N PHE A 105 3.17 -0.72 -10.78
CA PHE A 105 4.00 0.34 -10.27
C PHE A 105 3.97 1.53 -11.21
N ALA A 106 4.10 1.26 -12.52
CA ALA A 106 4.12 2.29 -13.55
C ALA A 106 2.76 2.99 -13.66
N LYS A 107 1.71 2.34 -13.20
CA LYS A 107 0.37 2.93 -13.22
C LYS A 107 0.26 4.01 -12.14
N TYR A 108 1.17 3.99 -11.19
CA TYR A 108 1.15 4.96 -10.11
C TYR A 108 2.32 5.93 -10.17
N ALA A 109 3.47 5.45 -10.64
CA ALA A 109 4.66 6.29 -10.74
C ALA A 109 5.68 5.67 -11.69
N LEU A 110 6.74 6.42 -11.97
CA LEU A 110 7.80 5.92 -12.84
C LEU A 110 8.60 4.85 -12.13
N ARG A 111 8.82 3.74 -12.82
CA ARG A 111 9.56 2.62 -12.26
C ARG A 111 11.01 3.01 -12.02
N ASP A 112 11.49 3.91 -12.87
CA ASP A 112 12.87 4.38 -12.81
C ASP A 112 13.01 5.51 -11.80
N ALA A 113 11.88 5.97 -11.28
CA ALA A 113 11.88 7.07 -10.32
C ALA A 113 12.35 6.59 -8.95
N GLY A 114 11.67 5.59 -8.41
CA GLY A 114 12.00 5.09 -7.10
C GLY A 114 11.41 3.72 -6.86
N ILE A 115 11.08 3.43 -5.60
CA ILE A 115 10.50 2.15 -5.23
C ILE A 115 9.81 2.23 -3.87
N THR A 116 10.57 2.57 -2.84
CA THR A 116 10.05 2.62 -1.48
C THR A 116 9.03 3.73 -1.29
N ARG A 117 7.77 3.34 -1.14
CA ARG A 117 6.69 4.30 -0.99
C ARG A 117 5.41 3.63 -0.49
N ASN A 118 4.65 4.36 0.30
CA ASN A 118 3.36 3.87 0.77
C ASN A 118 2.24 4.64 0.09
N VAL A 119 1.23 3.92 -0.34
CA VAL A 119 0.11 4.51 -1.06
C VAL A 119 -1.18 4.26 -0.30
N LEU A 120 -1.68 5.27 0.40
CA LEU A 120 -2.93 5.13 1.12
C LEU A 120 -4.10 5.49 0.22
N ILE A 121 -4.85 4.48 -0.18
CA ILE A 121 -6.01 4.67 -1.03
C ILE A 121 -7.27 4.82 -0.20
N ASP A 122 -7.93 5.96 -0.39
CA ASP A 122 -9.14 6.31 0.32
C ASP A 122 -10.33 5.49 -0.19
N ARG A 123 -11.39 5.46 0.62
CA ARG A 123 -12.61 4.71 0.31
C ARG A 123 -13.16 5.01 -1.08
N GLU A 124 -13.02 6.25 -1.55
CA GLU A 124 -13.60 6.64 -2.82
C GLU A 124 -12.67 6.25 -3.96
N GLY A 125 -11.47 5.79 -3.59
CA GLY A 125 -10.51 5.36 -4.58
C GLY A 125 -9.50 6.44 -4.91
N LYS A 126 -9.19 7.29 -3.94
CA LYS A 126 -8.23 8.36 -4.15
C LYS A 126 -6.98 8.12 -3.31
N ILE A 127 -5.82 8.52 -3.82
CA ILE A 127 -4.59 8.37 -3.05
C ILE A 127 -4.37 9.61 -2.19
N VAL A 128 -4.68 9.51 -0.91
CA VAL A 128 -4.63 10.67 -0.03
C VAL A 128 -3.30 10.76 0.71
N LYS A 129 -2.43 9.76 0.53
CA LYS A 129 -1.16 9.78 1.22
C LYS A 129 -0.06 9.20 0.36
N LEU A 130 0.83 10.08 -0.11
CA LEU A 130 2.05 9.67 -0.78
C LEU A 130 3.20 9.71 0.22
N THR A 131 3.62 8.54 0.67
CA THR A 131 4.70 8.47 1.64
C THR A 131 6.01 8.05 0.98
N ARG A 132 7.04 8.86 1.17
CA ARG A 132 8.35 8.54 0.65
C ARG A 132 9.19 7.87 1.73
N LEU A 133 9.42 6.56 1.57
CA LEU A 133 10.18 5.73 2.52
C LEU A 133 9.70 5.87 3.97
N TYR A 134 10.39 5.18 4.87
CA TYR A 134 10.02 5.15 6.27
C TYR A 134 10.65 6.31 7.04
N ASN A 135 9.79 7.17 7.58
CA ASN A 135 10.20 8.24 8.48
C ASN A 135 9.23 8.30 9.65
N GLU A 136 9.76 8.48 10.86
CA GLU A 136 8.95 8.51 12.08
C GLU A 136 7.72 9.41 11.94
N GLU A 137 7.96 10.70 11.73
CA GLU A 137 6.89 11.69 11.61
C GLU A 137 5.92 11.30 10.50
N GLU A 138 6.48 10.95 9.36
CA GLU A 138 5.72 10.60 8.17
C GLU A 138 4.83 9.38 8.42
N PHE A 139 5.43 8.35 8.98
CA PHE A 139 4.72 7.11 9.24
C PHE A 139 3.66 7.33 10.32
N ALA A 140 4.01 8.13 11.33
CA ALA A 140 3.06 8.49 12.36
C ALA A 140 1.87 9.24 11.77
N SER A 141 2.14 10.16 10.85
CA SER A 141 1.08 10.89 10.17
C SER A 141 0.22 9.95 9.36
N LEU A 142 0.86 8.96 8.74
CA LEU A 142 0.16 7.95 7.97
C LEU A 142 -0.82 7.20 8.86
N VAL A 143 -0.32 6.71 10.00
CA VAL A 143 -1.15 5.96 10.95
C VAL A 143 -2.31 6.82 11.47
N GLN A 144 -2.01 8.06 11.83
CA GLN A 144 -3.02 8.98 12.34
C GLN A 144 -4.13 9.18 11.31
N GLN A 145 -3.73 9.37 10.06
CA GLN A 145 -4.69 9.56 8.98
C GLN A 145 -5.51 8.28 8.75
N ILE A 146 -4.84 7.13 8.87
CA ILE A 146 -5.53 5.85 8.78
C ILE A 146 -6.60 5.75 9.86
N ASN A 147 -6.29 6.26 11.05
CA ASN A 147 -7.26 6.29 12.13
C ASN A 147 -8.50 7.07 11.74
N GLU A 148 -8.31 8.20 11.05
CA GLU A 148 -9.43 8.98 10.52
C GLU A 148 -10.17 8.20 9.43
N MET A 149 -9.43 7.46 8.63
CA MET A 149 -10.03 6.66 7.56
C MET A 149 -10.96 5.62 8.16
N LEU A 150 -10.60 5.17 9.35
CA LEU A 150 -11.40 4.22 10.10
C LEU A 150 -12.50 4.95 10.87
N LYS A 151 -12.48 6.28 10.83
CA LYS A 151 -13.54 7.10 11.40
C LYS A 151 -14.45 7.61 10.30
N GLU A 152 -13.95 7.56 9.07
CA GLU A 152 -14.62 8.16 7.93
C GLU A 152 -16.07 7.76 7.79
N GLY A 153 -16.90 8.74 8.08
CA GLY A 153 -18.31 8.71 7.85
C GLY A 153 -18.83 10.12 7.93
N HIS A 154 -17.95 11.05 7.55
CA HIS A 154 -18.19 12.47 7.78
C HIS A 154 -17.36 13.34 6.83
N HIS A 155 -16.22 12.81 6.38
CA HIS A 155 -15.24 13.61 5.67
C HIS A 155 -15.59 13.75 4.19
N HIS A 156 -16.17 12.70 3.62
CA HIS A 156 -16.58 12.73 2.22
C HIS A 156 -17.91 13.45 2.04
N HIS A 157 -17.85 14.77 2.04
CA HIS A 157 -19.02 15.57 1.80
C HIS A 157 -19.03 16.03 0.35
N HIS A 158 -19.80 15.36 -0.49
CA HIS A 158 -19.93 15.74 -1.89
C HIS A 158 -20.81 16.98 -2.01
N HIS A 159 -21.50 17.30 -0.92
CA HIS A 159 -22.34 18.47 -0.83
C HIS A 159 -22.59 18.79 0.64
N MET A 1 12.02 18.43 -4.31
CA MET A 1 12.28 18.91 -5.69
C MET A 1 11.75 17.92 -6.71
N SER A 2 12.38 16.74 -6.76
CA SER A 2 11.98 15.71 -7.71
C SER A 2 11.47 14.49 -6.95
N LEU A 3 10.32 13.98 -7.37
CA LEU A 3 9.73 12.78 -6.78
C LEU A 3 9.10 11.91 -7.85
N GLY A 4 8.87 10.65 -7.52
CA GLY A 4 8.31 9.73 -8.48
C GLY A 4 6.83 9.51 -8.30
N TYR A 5 6.03 10.36 -8.96
CA TYR A 5 4.59 10.21 -8.98
C TYR A 5 4.02 10.69 -10.30
N ILE A 6 3.10 9.92 -10.86
CA ILE A 6 2.37 10.36 -12.05
C ILE A 6 0.91 10.65 -11.69
N VAL A 7 0.55 10.30 -10.46
CA VAL A 7 -0.82 10.51 -9.99
C VAL A 7 -0.90 11.73 -9.09
N ARG A 8 -2.13 12.15 -8.79
CA ARG A 8 -2.35 13.37 -8.00
C ARG A 8 -3.00 13.00 -6.66
N ILE A 9 -2.94 13.93 -5.72
CA ILE A 9 -3.63 13.74 -4.45
C ILE A 9 -5.11 14.06 -4.62
N GLY A 10 -5.95 13.08 -4.33
CA GLY A 10 -7.38 13.22 -4.53
C GLY A 10 -7.80 12.64 -5.86
N GLU A 11 -6.82 12.10 -6.58
CA GLU A 11 -7.04 11.55 -7.91
C GLU A 11 -7.58 10.13 -7.82
N MET A 12 -8.28 9.70 -8.86
CA MET A 12 -8.79 8.35 -8.94
C MET A 12 -7.65 7.34 -9.02
N ALA A 13 -7.67 6.36 -8.14
CA ALA A 13 -6.65 5.32 -8.13
C ALA A 13 -6.76 4.46 -9.38
N PRO A 14 -5.63 4.25 -10.07
CA PRO A 14 -5.58 3.40 -11.27
C PRO A 14 -5.86 1.95 -10.93
N ASP A 15 -6.98 1.44 -11.42
CA ASP A 15 -7.42 0.09 -11.08
C ASP A 15 -6.51 -0.94 -11.72
N PHE A 16 -6.34 -2.06 -11.03
CA PHE A 16 -5.44 -3.11 -11.49
C PHE A 16 -5.86 -4.45 -10.91
N THR A 17 -5.33 -5.52 -11.48
CA THR A 17 -5.56 -6.86 -10.96
C THR A 17 -4.22 -7.46 -10.52
N ILE A 18 -3.98 -7.47 -9.22
CA ILE A 18 -2.71 -7.90 -8.68
C ILE A 18 -2.78 -9.36 -8.23
N THR A 19 -1.72 -10.10 -8.52
CA THR A 19 -1.63 -11.49 -8.10
C THR A 19 -0.87 -11.58 -6.78
N LEU A 20 -1.54 -12.09 -5.76
CA LEU A 20 -0.93 -12.25 -4.45
C LEU A 20 0.04 -13.43 -4.45
N THR A 21 0.72 -13.61 -3.32
CA THR A 21 1.76 -14.63 -3.17
C THR A 21 1.23 -16.04 -3.46
N ASP A 22 -0.03 -16.28 -3.15
CA ASP A 22 -0.62 -17.60 -3.30
C ASP A 22 -1.48 -17.68 -4.56
N GLY A 23 -1.29 -16.72 -5.46
CA GLY A 23 -1.95 -16.77 -6.75
C GLY A 23 -3.31 -16.10 -6.75
N LYS A 24 -3.65 -15.43 -5.66
CA LYS A 24 -4.94 -14.75 -5.57
C LYS A 24 -4.90 -13.42 -6.31
N GLN A 25 -5.62 -13.36 -7.41
CA GLN A 25 -5.69 -12.13 -8.19
C GLN A 25 -6.87 -11.29 -7.75
N VAL A 26 -6.58 -10.14 -7.19
CA VAL A 26 -7.62 -9.24 -6.72
C VAL A 26 -7.57 -7.92 -7.47
N THR A 27 -8.71 -7.27 -7.60
CA THR A 27 -8.81 -6.01 -8.29
C THR A 27 -8.89 -4.85 -7.31
N LEU A 28 -8.47 -3.68 -7.73
CA LEU A 28 -8.61 -2.48 -6.92
C LEU A 28 -10.10 -2.15 -6.80
N SER A 29 -10.81 -2.42 -7.88
CA SER A 29 -12.25 -2.27 -7.94
C SER A 29 -12.95 -3.15 -6.90
N SER A 30 -12.28 -4.21 -6.47
CA SER A 30 -12.83 -5.10 -5.46
C SER A 30 -12.68 -4.49 -4.06
N LEU A 31 -11.88 -3.45 -3.98
CA LEU A 31 -11.62 -2.77 -2.71
C LEU A 31 -12.22 -1.37 -2.72
N ARG A 32 -12.83 -0.98 -3.83
CA ARG A 32 -13.47 0.33 -3.94
C ARG A 32 -14.66 0.40 -3.00
N GLY A 33 -14.45 1.08 -1.89
CA GLY A 33 -15.47 1.14 -0.85
C GLY A 33 -14.83 1.13 0.51
N LYS A 34 -13.62 0.60 0.58
CA LYS A 34 -12.82 0.62 1.79
C LYS A 34 -11.56 1.43 1.56
N VAL A 35 -10.92 1.89 2.63
CA VAL A 35 -9.66 2.58 2.50
C VAL A 35 -8.57 1.60 2.09
N VAL A 36 -7.84 1.93 1.03
CA VAL A 36 -6.87 1.01 0.49
C VAL A 36 -5.45 1.52 0.71
N MET A 37 -4.68 0.79 1.50
CA MET A 37 -3.28 1.13 1.69
C MET A 37 -2.42 0.26 0.77
N LEU A 38 -1.67 0.92 -0.09
CA LEU A 38 -0.79 0.24 -1.02
C LEU A 38 0.67 0.51 -0.67
N GLN A 39 1.43 -0.55 -0.45
CA GLN A 39 2.85 -0.44 -0.15
C GLN A 39 3.66 -1.05 -1.29
N PHE A 40 4.37 -0.20 -2.02
CA PHE A 40 5.22 -0.66 -3.11
C PHE A 40 6.61 -0.98 -2.58
N THR A 41 6.99 -2.25 -2.66
CA THR A 41 8.21 -2.72 -2.03
C THR A 41 9.03 -3.58 -3.01
N ALA A 42 10.09 -4.19 -2.47
CA ALA A 42 10.98 -5.05 -3.23
C ALA A 42 11.95 -5.71 -2.27
N SER A 43 12.31 -6.96 -2.50
CA SER A 43 13.11 -7.71 -1.54
C SER A 43 14.56 -7.20 -1.49
N TRP A 44 14.96 -6.42 -2.49
CA TRP A 44 16.32 -5.90 -2.54
C TRP A 44 16.42 -4.58 -1.78
N CYS A 45 15.29 -4.13 -1.23
CA CYS A 45 15.27 -2.89 -0.50
C CYS A 45 15.48 -3.12 0.99
N GLY A 46 16.62 -2.64 1.50
CA GLY A 46 16.92 -2.78 2.91
C GLY A 46 16.14 -1.82 3.77
N VAL A 47 15.89 -0.62 3.25
CA VAL A 47 15.14 0.41 3.98
C VAL A 47 13.73 -0.07 4.29
N CYS A 48 13.09 -0.66 3.29
CA CYS A 48 11.68 -1.07 3.41
C CYS A 48 11.50 -2.11 4.51
N ARG A 49 12.61 -2.71 4.93
CA ARG A 49 12.60 -3.68 6.01
C ARG A 49 12.36 -3.00 7.35
N LYS A 50 12.25 -1.68 7.32
CA LYS A 50 11.86 -0.90 8.49
C LYS A 50 10.34 -0.74 8.53
N GLU A 51 9.77 -0.19 7.46
CA GLU A 51 8.34 0.03 7.39
C GLU A 51 7.57 -1.28 7.40
N MET A 52 8.15 -2.35 6.86
CA MET A 52 7.49 -3.65 6.86
C MET A 52 7.03 -4.05 8.28
N PRO A 53 7.97 -4.24 9.25
CA PRO A 53 7.59 -4.54 10.64
C PRO A 53 6.69 -3.46 11.26
N PHE A 54 6.96 -2.20 10.94
CA PHE A 54 6.16 -1.11 11.50
C PHE A 54 4.73 -1.11 10.98
N ILE A 55 4.56 -1.30 9.68
CA ILE A 55 3.23 -1.37 9.08
C ILE A 55 2.47 -2.57 9.64
N GLU A 56 3.17 -3.69 9.77
CA GLU A 56 2.59 -4.90 10.32
C GLU A 56 2.04 -4.65 11.72
N LYS A 57 2.90 -4.09 12.58
CA LYS A 57 2.56 -3.89 13.98
C LYS A 57 1.54 -2.75 14.18
N ASP A 58 1.84 -1.58 13.66
CA ASP A 58 1.07 -0.37 13.98
C ASP A 58 -0.14 -0.18 13.07
N ILE A 59 -0.09 -0.71 11.87
CA ILE A 59 -1.19 -0.54 10.92
C ILE A 59 -2.01 -1.80 10.76
N TRP A 60 -1.37 -2.86 10.28
CA TRP A 60 -2.06 -4.10 9.96
C TRP A 60 -2.74 -4.71 11.18
N LEU A 61 -1.94 -5.12 12.15
CA LEU A 61 -2.43 -5.81 13.33
C LEU A 61 -3.64 -5.12 13.97
N LYS A 62 -3.69 -3.80 13.87
CA LYS A 62 -4.74 -3.01 14.49
C LYS A 62 -6.09 -3.20 13.78
N HIS A 63 -6.07 -3.29 12.45
CA HIS A 63 -7.32 -3.32 11.69
C HIS A 63 -7.38 -4.53 10.76
N LYS A 64 -6.27 -4.79 10.07
CA LYS A 64 -6.17 -5.84 9.05
C LYS A 64 -7.18 -5.60 7.92
N ASP A 65 -8.43 -6.02 8.12
CA ASP A 65 -9.50 -5.69 7.19
C ASP A 65 -10.44 -4.70 7.85
N ASN A 66 -10.75 -4.98 9.12
CA ASN A 66 -11.57 -4.11 9.97
C ASN A 66 -13.03 -4.16 9.53
N ALA A 67 -13.28 -3.60 8.34
CA ALA A 67 -14.62 -3.44 7.77
C ALA A 67 -14.55 -2.41 6.65
N ASP A 68 -13.58 -1.52 6.78
CA ASP A 68 -13.43 -0.40 5.86
C ASP A 68 -11.95 -0.15 5.58
N PHE A 69 -11.15 -1.21 5.68
CA PHE A 69 -9.72 -1.10 5.47
C PHE A 69 -9.21 -2.24 4.59
N ALA A 70 -8.23 -1.94 3.76
CA ALA A 70 -7.55 -2.93 2.96
C ALA A 70 -6.06 -2.59 2.83
N LEU A 71 -5.21 -3.59 2.95
CA LEU A 71 -3.76 -3.37 2.88
C LEU A 71 -3.11 -4.47 2.04
N ILE A 72 -2.54 -4.09 0.91
CA ILE A 72 -1.84 -5.04 0.05
C ILE A 72 -0.42 -4.53 -0.25
N GLY A 73 0.55 -5.40 -0.06
CA GLY A 73 1.93 -5.03 -0.37
C GLY A 73 2.31 -5.41 -1.78
N ILE A 74 2.62 -4.43 -2.61
CA ILE A 74 2.91 -4.67 -4.01
C ILE A 74 4.40 -4.59 -4.28
N ASP A 75 4.98 -5.67 -4.74
CA ASP A 75 6.40 -5.67 -5.10
C ASP A 75 6.56 -5.15 -6.52
N ARG A 76 7.62 -4.38 -6.76
CA ARG A 76 7.79 -3.69 -8.03
C ARG A 76 8.34 -4.59 -9.12
N ASP A 77 9.30 -5.45 -8.78
CA ASP A 77 10.04 -6.16 -9.82
C ASP A 77 10.63 -7.48 -9.35
N GLU A 78 10.33 -7.89 -8.13
CA GLU A 78 10.80 -9.17 -7.62
C GLU A 78 9.82 -10.28 -7.99
N PRO A 79 10.35 -11.41 -8.50
CA PRO A 79 9.53 -12.56 -8.90
C PRO A 79 8.87 -13.27 -7.71
N LEU A 80 8.24 -14.40 -8.01
CA LEU A 80 7.37 -15.12 -7.06
C LEU A 80 8.13 -15.53 -5.80
N GLU A 81 9.22 -16.27 -5.96
CA GLU A 81 9.93 -16.81 -4.81
C GLU A 81 10.56 -15.72 -3.95
N LYS A 82 10.99 -14.65 -4.60
CA LYS A 82 11.56 -13.51 -3.89
C LYS A 82 10.54 -12.90 -2.93
N VAL A 83 9.33 -12.64 -3.43
CA VAL A 83 8.28 -12.06 -2.61
C VAL A 83 7.89 -13.01 -1.47
N LEU A 84 7.75 -14.28 -1.79
CA LEU A 84 7.38 -15.29 -0.78
C LEU A 84 8.42 -15.39 0.32
N ALA A 85 9.68 -15.46 -0.06
CA ALA A 85 10.77 -15.60 0.90
C ALA A 85 10.96 -14.32 1.70
N PHE A 86 10.66 -13.19 1.08
CA PHE A 86 10.81 -11.90 1.74
C PHE A 86 9.70 -11.70 2.79
N ALA A 87 8.47 -11.96 2.39
CA ALA A 87 7.30 -11.77 3.24
C ALA A 87 7.47 -12.45 4.60
N LYS A 88 7.74 -13.75 4.56
CA LYS A 88 7.79 -14.56 5.79
C LYS A 88 9.04 -14.23 6.62
N SER A 89 9.96 -13.49 6.04
CA SER A 89 11.17 -13.08 6.75
C SER A 89 11.00 -11.70 7.36
N THR A 90 10.07 -10.92 6.82
CA THR A 90 9.83 -9.57 7.31
C THR A 90 8.75 -9.56 8.40
N GLY A 91 8.16 -10.71 8.65
CA GLY A 91 7.13 -10.82 9.69
C GLY A 91 5.77 -10.39 9.19
N VAL A 92 5.71 -10.01 7.92
CA VAL A 92 4.49 -9.55 7.29
C VAL A 92 3.47 -10.68 7.18
N THR A 93 2.28 -10.46 7.75
CA THR A 93 1.22 -11.44 7.67
C THR A 93 0.19 -11.05 6.61
N TYR A 94 0.19 -9.77 6.23
CA TYR A 94 -0.72 -9.31 5.19
C TYR A 94 -0.21 -9.71 3.82
N PRO A 95 -1.12 -10.09 2.92
CA PRO A 95 -0.77 -10.60 1.60
C PRO A 95 0.02 -9.61 0.76
N LEU A 96 1.10 -10.11 0.19
CA LEU A 96 1.88 -9.33 -0.75
C LEU A 96 1.56 -9.80 -2.17
N GLY A 97 1.61 -8.88 -3.11
CA GLY A 97 1.37 -9.22 -4.49
C GLY A 97 2.55 -8.84 -5.34
N LEU A 98 2.84 -9.65 -6.34
CA LEU A 98 3.97 -9.40 -7.20
C LEU A 98 3.54 -8.71 -8.47
N ASP A 99 4.26 -7.67 -8.84
CA ASP A 99 4.02 -6.95 -10.08
C ASP A 99 5.24 -7.09 -11.00
N PRO A 100 5.41 -8.27 -11.61
CA PRO A 100 6.58 -8.56 -12.46
C PRO A 100 6.65 -7.67 -13.68
N GLY A 101 7.54 -6.70 -13.64
CA GLY A 101 7.70 -5.77 -14.74
C GLY A 101 7.33 -4.36 -14.34
N ALA A 102 6.87 -4.21 -13.10
CA ALA A 102 6.48 -2.92 -12.54
C ALA A 102 5.39 -2.26 -13.40
N ASP A 103 4.36 -3.01 -13.76
CA ASP A 103 3.26 -2.47 -14.54
C ASP A 103 2.30 -1.71 -13.63
N ILE A 104 1.90 -2.37 -12.55
CA ILE A 104 1.04 -1.75 -11.55
C ILE A 104 1.77 -0.56 -10.94
N PHE A 105 3.06 -0.75 -10.70
CA PHE A 105 3.91 0.31 -10.19
C PHE A 105 3.97 1.48 -11.17
N ALA A 106 4.06 1.16 -12.46
CA ALA A 106 4.13 2.19 -13.50
C ALA A 106 2.83 2.97 -13.61
N LYS A 107 1.74 2.37 -13.15
CA LYS A 107 0.44 3.03 -13.14
C LYS A 107 0.37 4.09 -12.05
N TYR A 108 1.32 4.06 -11.14
CA TYR A 108 1.35 5.02 -10.03
C TYR A 108 2.56 5.95 -10.14
N ALA A 109 3.67 5.44 -10.64
CA ALA A 109 4.88 6.22 -10.73
C ALA A 109 5.83 5.63 -11.77
N LEU A 110 6.86 6.39 -12.11
CA LEU A 110 7.89 5.90 -13.01
C LEU A 110 8.67 4.78 -12.35
N ARG A 111 8.97 3.75 -13.12
CA ARG A 111 9.61 2.54 -12.61
C ARG A 111 11.00 2.84 -12.06
N ASP A 112 11.62 3.88 -12.60
CA ASP A 112 12.97 4.29 -12.22
C ASP A 112 12.94 5.33 -11.11
N ALA A 113 11.78 5.95 -10.91
CA ALA A 113 11.66 7.09 -10.01
C ALA A 113 11.55 6.66 -8.54
N GLY A 114 12.43 5.76 -8.12
CA GLY A 114 12.43 5.32 -6.73
C GLY A 114 11.53 4.10 -6.53
N ILE A 115 11.96 3.18 -5.67
CA ILE A 115 11.24 1.94 -5.46
C ILE A 115 10.15 2.08 -4.39
N THR A 116 10.53 2.36 -3.15
CA THR A 116 9.59 2.37 -2.04
C THR A 116 8.57 3.49 -2.19
N ARG A 117 7.29 3.13 -2.09
CA ARG A 117 6.23 4.12 -2.18
C ARG A 117 5.08 3.75 -1.27
N ASN A 118 4.60 4.72 -0.49
CA ASN A 118 3.45 4.51 0.37
C ASN A 118 2.25 5.25 -0.20
N VAL A 119 1.22 4.50 -0.55
CA VAL A 119 0.03 5.08 -1.17
C VAL A 119 -1.19 4.78 -0.31
N LEU A 120 -1.85 5.83 0.17
CA LEU A 120 -3.07 5.65 0.93
C LEU A 120 -4.27 6.14 0.14
N ILE A 121 -5.19 5.22 -0.11
CA ILE A 121 -6.40 5.51 -0.86
C ILE A 121 -7.59 5.61 0.09
N ASP A 122 -8.51 6.53 -0.19
CA ASP A 122 -9.70 6.69 0.65
C ASP A 122 -10.71 5.61 0.30
N ARG A 123 -11.79 5.52 1.07
CA ARG A 123 -12.77 4.47 0.89
C ARG A 123 -13.70 4.75 -0.28
N GLU A 124 -13.27 5.60 -1.19
CA GLU A 124 -13.97 5.77 -2.45
C GLU A 124 -13.10 5.21 -3.58
N GLY A 125 -11.79 5.38 -3.44
CA GLY A 125 -10.88 5.02 -4.52
C GLY A 125 -10.03 6.19 -4.96
N LYS A 126 -9.89 7.19 -4.10
CA LYS A 126 -9.05 8.35 -4.38
C LYS A 126 -7.74 8.24 -3.61
N ILE A 127 -6.63 8.53 -4.27
CA ILE A 127 -5.32 8.53 -3.62
C ILE A 127 -5.15 9.82 -2.83
N VAL A 128 -5.31 9.73 -1.51
CA VAL A 128 -5.37 10.92 -0.68
C VAL A 128 -4.05 11.20 0.05
N LYS A 129 -3.21 10.19 0.22
CA LYS A 129 -1.97 10.36 0.97
C LYS A 129 -0.79 9.78 0.21
N LEU A 130 0.15 10.65 -0.15
CA LEU A 130 1.39 10.25 -0.80
C LEU A 130 2.53 10.30 0.19
N THR A 131 2.97 9.14 0.65
CA THR A 131 4.04 9.06 1.63
C THR A 131 5.32 8.51 1.00
N ARG A 132 6.43 9.19 1.26
CA ARG A 132 7.70 8.80 0.68
C ARG A 132 8.44 7.86 1.63
N LEU A 133 8.49 6.58 1.26
CA LEU A 133 9.14 5.51 2.05
C LEU A 133 8.78 5.60 3.53
N TYR A 134 9.58 4.96 4.37
CA TYR A 134 9.39 5.04 5.81
C TYR A 134 10.06 6.28 6.39
N ASN A 135 9.35 7.39 6.34
CA ASN A 135 9.71 8.54 7.12
C ASN A 135 9.03 8.42 8.47
N GLU A 136 9.80 8.39 9.53
CA GLU A 136 9.28 8.05 10.86
C GLU A 136 8.14 8.98 11.29
N GLU A 137 8.34 10.28 11.14
CA GLU A 137 7.33 11.26 11.51
C GLU A 137 6.12 11.15 10.58
N GLU A 138 6.40 10.97 9.30
CA GLU A 138 5.36 10.83 8.29
C GLU A 138 4.53 9.57 8.53
N PHE A 139 5.22 8.50 8.90
CA PHE A 139 4.58 7.22 9.20
C PHE A 139 3.68 7.35 10.42
N ALA A 140 4.15 8.10 11.41
CA ALA A 140 3.37 8.35 12.62
C ALA A 140 2.06 9.05 12.26
N SER A 141 2.16 10.09 11.43
CA SER A 141 0.98 10.80 10.95
C SER A 141 0.11 9.86 10.10
N LEU A 142 0.76 9.04 9.28
CA LEU A 142 0.07 8.12 8.39
C LEU A 142 -0.80 7.13 9.18
N VAL A 143 -0.22 6.50 10.21
CA VAL A 143 -0.95 5.56 11.03
C VAL A 143 -2.15 6.23 11.70
N GLN A 144 -1.91 7.39 12.29
CA GLN A 144 -2.96 8.15 12.95
C GLN A 144 -4.05 8.51 11.94
N GLN A 145 -3.63 8.94 10.76
CA GLN A 145 -4.55 9.29 9.69
C GLN A 145 -5.40 8.07 9.30
N ILE A 146 -4.75 6.92 9.13
CA ILE A 146 -5.44 5.68 8.80
C ILE A 146 -6.52 5.37 9.83
N ASN A 147 -6.16 5.44 11.10
CA ASN A 147 -7.11 5.26 12.19
C ASN A 147 -8.30 6.20 12.05
N GLU A 148 -8.02 7.46 11.74
CA GLU A 148 -9.06 8.47 11.60
C GLU A 148 -9.81 8.32 10.26
N MET A 149 -9.28 7.51 9.37
CA MET A 149 -9.99 7.17 8.14
C MET A 149 -11.05 6.13 8.46
N LEU A 150 -10.68 5.20 9.34
CA LEU A 150 -11.59 4.17 9.82
C LEU A 150 -12.62 4.79 10.77
N LYS A 151 -12.17 5.73 11.58
CA LYS A 151 -13.01 6.38 12.57
C LYS A 151 -13.80 7.53 11.95
N GLU A 152 -13.17 8.19 10.99
CA GLU A 152 -13.72 9.36 10.31
C GLU A 152 -14.15 10.45 11.28
N GLY A 153 -13.21 11.33 11.59
CA GLY A 153 -13.51 12.46 12.44
C GLY A 153 -13.61 13.75 11.65
N HIS A 154 -13.70 13.61 10.33
CA HIS A 154 -13.74 14.76 9.45
C HIS A 154 -15.18 15.24 9.29
N HIS A 155 -16.08 14.26 9.16
CA HIS A 155 -17.54 14.52 9.15
C HIS A 155 -17.99 15.26 7.90
N HIS A 156 -17.70 16.56 7.83
CA HIS A 156 -18.17 17.38 6.72
C HIS A 156 -17.19 18.51 6.41
N HIS A 157 -16.30 18.24 5.47
CA HIS A 157 -15.38 19.25 4.99
C HIS A 157 -15.79 19.67 3.59
N HIS A 158 -16.32 20.89 3.47
CA HIS A 158 -16.79 21.39 2.18
C HIS A 158 -15.66 21.51 1.18
N HIS A 159 -15.89 21.01 -0.01
CA HIS A 159 -14.99 21.21 -1.13
C HIS A 159 -15.62 22.23 -2.08
N MET A 1 15.43 10.50 -9.40
CA MET A 1 15.24 11.20 -8.12
C MET A 1 14.34 10.38 -7.20
N SER A 2 13.99 10.94 -6.05
CA SER A 2 13.12 10.24 -5.10
C SER A 2 11.65 10.37 -5.50
N LEU A 3 11.33 11.46 -6.20
CA LEU A 3 9.97 11.70 -6.65
C LEU A 3 9.77 11.19 -8.08
N GLY A 4 8.53 11.21 -8.54
CA GLY A 4 8.23 10.76 -9.88
C GLY A 4 6.85 10.16 -9.98
N TYR A 5 5.88 10.84 -9.37
CA TYR A 5 4.50 10.37 -9.37
C TYR A 5 3.76 10.90 -10.59
N ILE A 6 3.03 10.03 -11.25
CA ILE A 6 2.19 10.45 -12.36
C ILE A 6 0.75 10.67 -11.88
N VAL A 7 0.44 10.15 -10.70
CA VAL A 7 -0.90 10.29 -10.14
C VAL A 7 -0.99 11.50 -9.22
N ARG A 8 -2.18 12.07 -9.11
CA ARG A 8 -2.39 13.27 -8.31
C ARG A 8 -3.06 12.93 -6.98
N ILE A 9 -3.00 13.86 -6.04
CA ILE A 9 -3.73 13.72 -4.80
C ILE A 9 -5.17 14.17 -5.01
N GLY A 10 -6.11 13.31 -4.66
CA GLY A 10 -7.50 13.56 -4.94
C GLY A 10 -7.94 12.84 -6.20
N GLU A 11 -6.96 12.31 -6.92
CA GLU A 11 -7.18 11.59 -8.16
C GLU A 11 -7.71 10.20 -7.86
N MET A 12 -8.51 9.65 -8.77
CA MET A 12 -9.03 8.31 -8.58
C MET A 12 -7.97 7.29 -8.95
N ALA A 13 -7.62 6.45 -7.99
CA ALA A 13 -6.55 5.49 -8.15
C ALA A 13 -6.79 4.57 -9.34
N PRO A 14 -5.82 4.50 -10.26
CA PRO A 14 -5.87 3.62 -11.43
C PRO A 14 -6.13 2.16 -11.03
N ASP A 15 -7.26 1.64 -11.45
CA ASP A 15 -7.69 0.31 -11.06
C ASP A 15 -6.79 -0.75 -11.66
N PHE A 16 -6.44 -1.75 -10.88
CA PHE A 16 -5.56 -2.81 -11.34
C PHE A 16 -5.93 -4.14 -10.71
N THR A 17 -5.47 -5.22 -11.31
CA THR A 17 -5.65 -6.55 -10.76
C THR A 17 -4.29 -7.21 -10.58
N ILE A 18 -3.91 -7.43 -9.34
CA ILE A 18 -2.58 -7.97 -9.05
C ILE A 18 -2.68 -9.32 -8.37
N THR A 19 -1.75 -10.20 -8.69
CA THR A 19 -1.70 -11.52 -8.10
C THR A 19 -0.97 -11.50 -6.76
N LEU A 20 -1.62 -12.03 -5.73
CA LEU A 20 -1.02 -12.10 -4.42
C LEU A 20 -0.09 -13.30 -4.31
N THR A 21 0.56 -13.43 -3.16
CA THR A 21 1.55 -14.47 -2.90
C THR A 21 1.01 -15.87 -3.13
N ASP A 22 -0.26 -16.07 -2.81
CA ASP A 22 -0.87 -17.39 -2.87
C ASP A 22 -1.74 -17.52 -4.11
N GLY A 23 -1.49 -16.67 -5.11
CA GLY A 23 -2.16 -16.77 -6.38
C GLY A 23 -3.56 -16.23 -6.33
N LYS A 24 -3.77 -15.16 -5.58
CA LYS A 24 -5.06 -14.52 -5.51
C LYS A 24 -5.06 -13.23 -6.32
N GLN A 25 -5.97 -13.15 -7.27
CA GLN A 25 -6.12 -11.96 -8.09
C GLN A 25 -7.08 -10.98 -7.42
N VAL A 26 -6.57 -9.82 -7.04
CA VAL A 26 -7.41 -8.81 -6.43
C VAL A 26 -7.48 -7.58 -7.34
N THR A 27 -8.64 -6.96 -7.35
CA THR A 27 -8.87 -5.79 -8.18
C THR A 27 -9.26 -4.62 -7.30
N LEU A 28 -8.83 -3.41 -7.66
CA LEU A 28 -9.15 -2.22 -6.88
C LEU A 28 -10.66 -2.00 -6.83
N SER A 29 -11.34 -2.33 -7.92
CA SER A 29 -12.79 -2.26 -7.97
C SER A 29 -13.42 -3.05 -6.82
N SER A 30 -12.82 -4.20 -6.51
CA SER A 30 -13.31 -5.04 -5.43
C SER A 30 -12.98 -4.44 -4.06
N LEU A 31 -11.98 -3.58 -4.03
CA LEU A 31 -11.55 -2.95 -2.78
C LEU A 31 -12.11 -1.54 -2.62
N ARG A 32 -12.89 -1.08 -3.60
CA ARG A 32 -13.54 0.23 -3.49
C ARG A 32 -14.51 0.21 -2.30
N GLY A 33 -14.67 1.35 -1.65
CA GLY A 33 -15.57 1.44 -0.53
C GLY A 33 -14.84 1.43 0.78
N LYS A 34 -13.67 0.82 0.79
CA LYS A 34 -12.83 0.76 1.98
C LYS A 34 -11.60 1.63 1.78
N VAL A 35 -10.89 1.92 2.86
CA VAL A 35 -9.62 2.63 2.76
C VAL A 35 -8.51 1.63 2.43
N VAL A 36 -7.85 1.85 1.31
CA VAL A 36 -6.88 0.90 0.79
C VAL A 36 -5.46 1.46 0.94
N MET A 37 -4.56 0.65 1.47
CA MET A 37 -3.17 1.07 1.66
C MET A 37 -2.25 0.25 0.75
N LEU A 38 -1.58 0.95 -0.16
CA LEU A 38 -0.65 0.31 -1.08
C LEU A 38 0.77 0.68 -0.73
N GLN A 39 1.55 -0.30 -0.27
CA GLN A 39 2.96 -0.06 -0.03
C GLN A 39 3.77 -0.76 -1.11
N PHE A 40 4.63 0.00 -1.76
CA PHE A 40 5.48 -0.55 -2.81
C PHE A 40 6.82 -0.94 -2.22
N THR A 41 7.09 -2.23 -2.24
CA THR A 41 8.26 -2.78 -1.59
C THR A 41 9.17 -3.43 -2.64
N ALA A 42 10.32 -3.87 -2.19
CA ALA A 42 11.27 -4.55 -3.05
C ALA A 42 12.08 -5.53 -2.24
N SER A 43 12.18 -6.75 -2.74
CA SER A 43 12.91 -7.80 -2.05
C SER A 43 14.41 -7.48 -1.97
N TRP A 44 14.85 -6.44 -2.68
CA TRP A 44 16.24 -6.03 -2.65
C TRP A 44 16.41 -4.69 -1.93
N CYS A 45 15.35 -4.24 -1.26
CA CYS A 45 15.40 -2.99 -0.54
C CYS A 45 15.47 -3.21 0.97
N GLY A 46 16.58 -2.81 1.58
CA GLY A 46 16.76 -2.96 3.00
C GLY A 46 16.01 -1.91 3.80
N VAL A 47 15.36 -0.99 3.10
CA VAL A 47 14.53 0.02 3.75
C VAL A 47 13.15 -0.55 4.05
N CYS A 48 12.66 -1.37 3.13
CA CYS A 48 11.35 -2.00 3.25
C CYS A 48 11.31 -2.92 4.48
N ARG A 49 12.46 -3.46 4.86
CA ARG A 49 12.55 -4.35 6.00
C ARG A 49 12.36 -3.60 7.31
N LYS A 50 12.23 -2.29 7.23
CA LYS A 50 11.85 -1.49 8.38
C LYS A 50 10.40 -1.08 8.25
N GLU A 51 10.05 -0.61 7.05
CA GLU A 51 8.71 -0.13 6.76
C GLU A 51 7.67 -1.21 7.00
N MET A 52 7.83 -2.34 6.34
CA MET A 52 6.83 -3.40 6.34
C MET A 52 6.51 -3.93 7.74
N PRO A 53 7.53 -4.34 8.55
CA PRO A 53 7.31 -4.76 9.93
C PRO A 53 6.61 -3.70 10.78
N PHE A 54 7.01 -2.43 10.59
CA PHE A 54 6.36 -1.34 11.32
C PHE A 54 4.92 -1.16 10.85
N ILE A 55 4.72 -1.20 9.52
CA ILE A 55 3.38 -1.08 8.95
C ILE A 55 2.44 -2.11 9.54
N GLU A 56 2.84 -3.38 9.49
CA GLU A 56 1.97 -4.43 9.97
C GLU A 56 1.74 -4.29 11.48
N LYS A 57 2.81 -3.98 12.20
CA LYS A 57 2.76 -3.91 13.67
C LYS A 57 1.72 -2.91 14.17
N ASP A 58 1.74 -1.69 13.62
CA ASP A 58 0.88 -0.64 14.17
C ASP A 58 -0.31 -0.33 13.28
N ILE A 59 -0.26 -0.72 12.02
CA ILE A 59 -1.37 -0.47 11.13
C ILE A 59 -2.21 -1.73 10.93
N TRP A 60 -1.59 -2.77 10.39
CA TRP A 60 -2.31 -4.01 10.06
C TRP A 60 -2.84 -4.71 11.31
N LEU A 61 -1.95 -4.98 12.27
CA LEU A 61 -2.32 -5.71 13.49
C LEU A 61 -3.52 -5.08 14.20
N LYS A 62 -3.66 -3.77 14.07
CA LYS A 62 -4.73 -3.05 14.77
C LYS A 62 -6.01 -3.02 13.94
N HIS A 63 -5.85 -3.04 12.62
CA HIS A 63 -6.96 -2.77 11.70
C HIS A 63 -7.22 -3.90 10.72
N LYS A 64 -6.82 -5.13 11.07
CA LYS A 64 -7.01 -6.29 10.19
C LYS A 64 -8.36 -6.34 9.53
N ASP A 65 -8.31 -5.85 8.31
CA ASP A 65 -9.43 -5.78 7.38
C ASP A 65 -10.49 -4.80 7.85
N ASN A 66 -10.93 -5.01 9.07
CA ASN A 66 -11.96 -4.19 9.72
C ASN A 66 -13.22 -4.03 8.86
N ALA A 67 -13.33 -4.81 7.77
CA ALA A 67 -14.39 -4.67 6.78
C ALA A 67 -14.39 -3.28 6.14
N ASP A 68 -13.30 -2.53 6.33
CA ASP A 68 -13.21 -1.15 5.82
C ASP A 68 -11.76 -0.73 5.57
N PHE A 69 -10.83 -1.66 5.71
CA PHE A 69 -9.42 -1.35 5.50
C PHE A 69 -8.74 -2.44 4.71
N ALA A 70 -8.21 -2.08 3.55
CA ALA A 70 -7.59 -3.05 2.66
C ALA A 70 -6.10 -2.74 2.49
N LEU A 71 -5.25 -3.57 3.08
CA LEU A 71 -3.81 -3.36 3.00
C LEU A 71 -3.18 -4.39 2.05
N ILE A 72 -2.52 -3.90 1.01
CA ILE A 72 -1.85 -4.75 0.04
C ILE A 72 -0.41 -4.28 -0.17
N GLY A 73 0.55 -5.19 -0.03
CA GLY A 73 1.94 -4.85 -0.30
C GLY A 73 2.35 -5.29 -1.68
N ILE A 74 2.95 -4.41 -2.45
CA ILE A 74 3.29 -4.71 -3.84
C ILE A 74 4.80 -4.62 -4.08
N ASP A 75 5.40 -5.69 -4.60
CA ASP A 75 6.81 -5.66 -4.97
C ASP A 75 6.95 -5.11 -6.39
N ARG A 76 8.00 -4.33 -6.61
CA ARG A 76 8.18 -3.60 -7.86
C ARG A 76 8.61 -4.49 -9.02
N ASP A 77 9.35 -5.55 -8.74
CA ASP A 77 9.96 -6.31 -9.83
C ASP A 77 10.38 -7.72 -9.45
N GLU A 78 10.59 -7.98 -8.17
CA GLU A 78 11.02 -9.30 -7.74
C GLU A 78 9.87 -10.31 -7.82
N PRO A 79 10.13 -11.46 -8.47
CA PRO A 79 9.12 -12.50 -8.74
C PRO A 79 8.58 -13.20 -7.49
N LEU A 80 7.88 -14.31 -7.74
CA LEU A 80 7.11 -15.03 -6.73
C LEU A 80 7.97 -15.48 -5.56
N GLU A 81 9.06 -16.19 -5.84
CA GLU A 81 9.88 -16.79 -4.79
C GLU A 81 10.50 -15.72 -3.90
N LYS A 82 10.75 -14.55 -4.46
CA LYS A 82 11.29 -13.44 -3.71
C LYS A 82 10.28 -12.94 -2.69
N VAL A 83 9.08 -12.61 -3.17
CA VAL A 83 8.03 -12.06 -2.32
C VAL A 83 7.75 -12.98 -1.13
N LEU A 84 7.66 -14.28 -1.39
CA LEU A 84 7.37 -15.26 -0.34
C LEU A 84 8.54 -15.39 0.65
N ALA A 85 9.75 -15.11 0.17
CA ALA A 85 10.92 -15.20 1.02
C ALA A 85 11.15 -13.90 1.79
N PHE A 86 10.89 -12.78 1.14
CA PHE A 86 11.10 -11.47 1.74
C PHE A 86 10.10 -11.24 2.88
N ALA A 87 8.85 -11.61 2.65
CA ALA A 87 7.80 -11.47 3.67
C ALA A 87 8.18 -12.20 4.95
N LYS A 88 8.53 -13.46 4.83
CA LYS A 88 8.84 -14.29 5.99
C LYS A 88 10.11 -13.80 6.69
N SER A 89 10.93 -13.07 5.95
CA SER A 89 12.17 -12.52 6.50
C SER A 89 11.90 -11.22 7.26
N THR A 90 10.65 -10.77 7.26
CA THR A 90 10.27 -9.58 8.01
C THR A 90 9.07 -9.87 8.92
N GLY A 91 8.29 -10.88 8.54
CA GLY A 91 7.09 -11.21 9.26
C GLY A 91 5.89 -11.17 8.33
N VAL A 92 5.43 -9.95 8.09
CA VAL A 92 4.33 -9.66 7.18
C VAL A 92 3.12 -10.59 7.34
N THR A 93 2.24 -10.18 8.23
CA THR A 93 1.00 -10.90 8.48
C THR A 93 -0.12 -10.47 7.52
N TYR A 94 0.26 -9.73 6.49
CA TYR A 94 -0.69 -9.25 5.49
C TYR A 94 -0.26 -9.72 4.10
N PRO A 95 -1.22 -9.86 3.15
CA PRO A 95 -0.92 -10.36 1.80
C PRO A 95 -0.07 -9.39 0.98
N LEU A 96 0.86 -9.97 0.23
CA LEU A 96 1.68 -9.22 -0.70
C LEU A 96 1.35 -9.64 -2.12
N GLY A 97 1.54 -8.73 -3.06
CA GLY A 97 1.35 -9.01 -4.46
C GLY A 97 2.61 -8.73 -5.24
N LEU A 98 2.82 -9.47 -6.31
CA LEU A 98 4.03 -9.31 -7.10
C LEU A 98 3.73 -8.61 -8.42
N ASP A 99 4.47 -7.54 -8.69
CA ASP A 99 4.32 -6.78 -9.93
C ASP A 99 5.61 -6.88 -10.76
N PRO A 100 5.81 -8.01 -11.46
CA PRO A 100 7.04 -8.24 -12.23
C PRO A 100 7.15 -7.36 -13.47
N GLY A 101 7.92 -6.29 -13.35
CA GLY A 101 8.09 -5.37 -14.46
C GLY A 101 7.76 -3.96 -14.08
N ALA A 102 7.22 -3.79 -12.87
CA ALA A 102 6.84 -2.48 -12.35
C ALA A 102 5.73 -1.85 -13.18
N ASP A 103 4.73 -2.64 -13.54
CA ASP A 103 3.59 -2.15 -14.31
C ASP A 103 2.59 -1.46 -13.39
N ILE A 104 2.21 -2.16 -12.33
CA ILE A 104 1.30 -1.60 -11.35
C ILE A 104 1.97 -0.43 -10.65
N PHE A 105 3.28 -0.56 -10.45
CA PHE A 105 4.08 0.52 -9.91
C PHE A 105 4.07 1.71 -10.85
N ALA A 106 4.21 1.44 -12.15
CA ALA A 106 4.26 2.49 -13.17
C ALA A 106 2.93 3.20 -13.30
N LYS A 107 1.85 2.55 -12.87
CA LYS A 107 0.53 3.15 -12.93
C LYS A 107 0.37 4.25 -11.87
N TYR A 108 1.33 4.30 -10.94
CA TYR A 108 1.29 5.30 -9.88
C TYR A 108 2.49 6.24 -9.98
N ALA A 109 3.65 5.68 -10.25
CA ALA A 109 4.87 6.47 -10.35
C ALA A 109 5.80 5.86 -11.39
N LEU A 110 6.75 6.64 -11.86
CA LEU A 110 7.71 6.14 -12.84
C LEU A 110 8.52 5.02 -12.23
N ARG A 111 8.61 3.90 -12.94
CA ARG A 111 9.27 2.68 -12.45
C ARG A 111 10.65 3.00 -11.91
N ASP A 112 11.37 3.81 -12.65
CA ASP A 112 12.77 4.06 -12.39
C ASP A 112 12.97 5.39 -11.67
N ALA A 113 11.88 5.90 -11.09
CA ALA A 113 11.92 7.14 -10.33
C ALA A 113 12.02 6.84 -8.83
N GLY A 114 12.37 5.60 -8.52
CA GLY A 114 12.47 5.17 -7.13
C GLY A 114 11.73 3.88 -6.90
N ILE A 115 11.73 3.38 -5.67
CA ILE A 115 11.04 2.13 -5.37
C ILE A 115 10.04 2.27 -4.22
N THR A 116 10.52 2.39 -3.00
CA THR A 116 9.67 2.25 -1.83
C THR A 116 8.75 3.47 -1.64
N ARG A 117 7.45 3.24 -1.72
CA ARG A 117 6.45 4.30 -1.58
C ARG A 117 5.24 3.78 -0.84
N ASN A 118 4.52 4.68 -0.18
CA ASN A 118 3.26 4.34 0.47
C ASN A 118 2.14 5.19 -0.10
N VAL A 119 1.14 4.54 -0.68
CA VAL A 119 0.01 5.21 -1.28
C VAL A 119 -1.27 4.85 -0.54
N LEU A 120 -1.98 5.85 -0.05
CA LEU A 120 -3.23 5.60 0.67
C LEU A 120 -4.43 6.03 -0.18
N ILE A 121 -5.30 5.07 -0.43
CA ILE A 121 -6.50 5.31 -1.21
C ILE A 121 -7.72 5.41 -0.29
N ASP A 122 -8.52 6.44 -0.50
CA ASP A 122 -9.73 6.64 0.29
C ASP A 122 -10.86 5.73 -0.20
N ARG A 123 -11.89 5.59 0.62
CA ARG A 123 -13.06 4.76 0.28
C ARG A 123 -13.70 5.22 -1.04
N GLU A 124 -13.59 6.51 -1.33
CA GLU A 124 -14.14 7.07 -2.55
C GLU A 124 -13.28 6.71 -3.77
N GLY A 125 -12.29 5.84 -3.55
CA GLY A 125 -11.46 5.35 -4.62
C GLY A 125 -10.45 6.39 -5.05
N LYS A 126 -10.27 7.41 -4.25
CA LYS A 126 -9.39 8.51 -4.58
C LYS A 126 -8.18 8.55 -3.65
N ILE A 127 -7.01 8.82 -4.21
CA ILE A 127 -5.77 8.81 -3.46
C ILE A 127 -5.64 10.06 -2.60
N VAL A 128 -5.33 9.88 -1.31
CA VAL A 128 -5.26 11.02 -0.40
C VAL A 128 -3.85 11.24 0.15
N LYS A 129 -3.01 10.21 0.12
CA LYS A 129 -1.68 10.31 0.73
C LYS A 129 -0.60 9.75 -0.16
N LEU A 130 0.32 10.62 -0.57
CA LEU A 130 1.52 10.24 -1.29
C LEU A 130 2.73 10.40 -0.40
N THR A 131 3.44 9.32 -0.12
CA THR A 131 4.64 9.41 0.71
C THR A 131 5.68 8.37 0.26
N ARG A 132 6.92 8.58 0.70
CA ARG A 132 8.04 7.77 0.23
C ARG A 132 8.65 6.97 1.38
N LEU A 133 8.57 5.64 1.25
CA LEU A 133 9.19 4.68 2.18
C LEU A 133 8.90 4.98 3.66
N TYR A 134 9.63 4.28 4.53
CA TYR A 134 9.45 4.42 5.96
C TYR A 134 10.19 5.64 6.49
N ASN A 135 9.42 6.59 6.98
CA ASN A 135 9.94 7.77 7.65
C ASN A 135 9.20 7.95 8.97
N GLU A 136 9.93 8.20 10.05
CA GLU A 136 9.35 8.37 11.38
C GLU A 136 8.10 9.27 11.36
N GLU A 137 8.28 10.52 10.94
CA GLU A 137 7.19 11.49 10.91
C GLU A 137 6.06 11.03 10.01
N GLU A 138 6.40 10.66 8.78
CA GLU A 138 5.41 10.25 7.79
C GLU A 138 4.66 8.99 8.23
N PHE A 139 5.37 8.04 8.83
CA PHE A 139 4.74 6.83 9.31
C PHE A 139 3.79 7.16 10.47
N ALA A 140 4.22 8.04 11.35
CA ALA A 140 3.39 8.51 12.45
C ALA A 140 2.14 9.20 11.89
N SER A 141 2.34 10.01 10.87
CA SER A 141 1.24 10.70 10.22
C SER A 141 0.33 9.70 9.51
N LEU A 142 0.94 8.65 8.95
CA LEU A 142 0.19 7.61 8.27
C LEU A 142 -0.69 6.85 9.24
N VAL A 143 -0.09 6.35 10.31
CA VAL A 143 -0.81 5.50 11.24
C VAL A 143 -1.98 6.27 11.88
N GLN A 144 -1.76 7.53 12.24
CA GLN A 144 -2.82 8.35 12.80
C GLN A 144 -3.88 8.64 11.76
N GLN A 145 -3.44 8.93 10.54
CA GLN A 145 -4.35 9.15 9.42
C GLN A 145 -5.23 7.92 9.21
N ILE A 146 -4.58 6.78 9.12
CA ILE A 146 -5.27 5.51 8.92
C ILE A 146 -6.18 5.20 10.10
N ASN A 147 -5.71 5.48 11.31
CA ASN A 147 -6.50 5.29 12.51
C ASN A 147 -7.84 6.02 12.42
N GLU A 148 -7.83 7.20 11.80
CA GLU A 148 -9.05 7.99 11.68
C GLU A 148 -9.82 7.62 10.42
N MET A 149 -9.12 7.13 9.40
CA MET A 149 -9.77 6.66 8.18
C MET A 149 -10.63 5.46 8.49
N LEU A 150 -10.26 4.76 9.56
CA LEU A 150 -11.00 3.61 10.04
C LEU A 150 -12.19 4.05 10.90
N LYS A 151 -12.27 5.35 11.19
CA LYS A 151 -13.44 5.88 11.89
C LYS A 151 -14.39 6.45 10.87
N GLU A 152 -13.95 7.54 10.24
CA GLU A 152 -14.74 8.31 9.29
C GLU A 152 -16.15 8.59 9.84
N GLY A 153 -17.10 7.70 9.54
CA GLY A 153 -18.45 7.87 10.05
C GLY A 153 -19.39 6.74 9.67
N HIS A 154 -19.13 6.10 8.53
CA HIS A 154 -20.03 5.09 7.98
C HIS A 154 -19.92 3.73 8.70
N HIS A 155 -19.05 3.62 9.71
CA HIS A 155 -18.89 2.33 10.39
C HIS A 155 -20.04 2.07 11.36
N HIS A 156 -21.13 1.54 10.82
CA HIS A 156 -22.31 1.19 11.59
C HIS A 156 -22.86 -0.14 11.09
N HIS A 157 -23.76 -0.73 11.87
CA HIS A 157 -24.48 -1.91 11.41
C HIS A 157 -25.89 -1.92 12.00
N HIS A 158 -26.81 -1.29 11.30
CA HIS A 158 -28.20 -1.25 11.75
C HIS A 158 -29.12 -1.18 10.53
N HIS A 159 -29.75 -2.31 10.22
CA HIS A 159 -30.66 -2.38 9.10
C HIS A 159 -32.02 -2.86 9.59
N MET A 1 10.50 18.50 -6.99
CA MET A 1 9.10 18.16 -6.67
C MET A 1 8.78 16.76 -7.17
N SER A 2 7.84 16.09 -6.49
CA SER A 2 7.46 14.72 -6.81
C SER A 2 8.61 13.76 -6.47
N LEU A 3 8.35 12.47 -6.62
CA LEU A 3 9.34 11.43 -6.38
C LEU A 3 9.32 10.47 -7.56
N GLY A 4 8.83 10.98 -8.69
CA GLY A 4 8.65 10.15 -9.87
C GLY A 4 7.20 9.76 -10.04
N TYR A 5 6.35 10.35 -9.22
CA TYR A 5 4.91 10.06 -9.24
C TYR A 5 4.24 10.66 -10.46
N ILE A 6 3.38 9.88 -11.09
CA ILE A 6 2.53 10.39 -12.15
C ILE A 6 1.13 10.62 -11.60
N VAL A 7 0.87 10.00 -10.45
CA VAL A 7 -0.39 10.15 -9.75
C VAL A 7 -0.17 10.94 -8.47
N ARG A 8 -1.09 11.84 -8.17
CA ARG A 8 -0.90 12.82 -7.12
C ARG A 8 -1.98 12.74 -6.05
N ILE A 9 -1.89 13.63 -5.07
CA ILE A 9 -2.87 13.69 -3.97
C ILE A 9 -4.19 14.24 -4.49
N GLY A 10 -5.24 13.46 -4.31
CA GLY A 10 -6.56 13.88 -4.72
C GLY A 10 -6.99 13.20 -6.01
N GLU A 11 -6.03 12.68 -6.75
CA GLU A 11 -6.33 12.01 -8.00
C GLU A 11 -6.79 10.59 -7.74
N MET A 12 -7.61 10.05 -8.62
CA MET A 12 -8.10 8.70 -8.47
C MET A 12 -7.04 7.70 -8.90
N ALA A 13 -6.90 6.65 -8.13
CA ALA A 13 -5.91 5.62 -8.40
C ALA A 13 -6.42 4.68 -9.50
N PRO A 14 -5.59 4.43 -10.53
CA PRO A 14 -5.94 3.50 -11.61
C PRO A 14 -6.17 2.10 -11.08
N ASP A 15 -7.33 1.54 -11.40
CA ASP A 15 -7.71 0.22 -10.89
C ASP A 15 -6.73 -0.82 -11.41
N PHE A 16 -6.37 -1.74 -10.54
CA PHE A 16 -5.44 -2.78 -10.89
C PHE A 16 -5.97 -4.13 -10.43
N THR A 17 -5.62 -5.17 -11.16
CA THR A 17 -5.91 -6.52 -10.73
C THR A 17 -4.60 -7.19 -10.33
N ILE A 18 -4.33 -7.22 -9.04
CA ILE A 18 -3.06 -7.73 -8.55
C ILE A 18 -3.18 -9.19 -8.17
N THR A 19 -2.12 -9.94 -8.40
CA THR A 19 -2.09 -11.34 -8.03
C THR A 19 -1.29 -11.53 -6.74
N LEU A 20 -1.95 -12.03 -5.72
CA LEU A 20 -1.31 -12.27 -4.44
C LEU A 20 -0.40 -13.49 -4.50
N THR A 21 0.36 -13.72 -3.43
CA THR A 21 1.36 -14.78 -3.38
C THR A 21 0.76 -16.16 -3.63
N ASP A 22 -0.51 -16.33 -3.28
CA ASP A 22 -1.15 -17.63 -3.39
C ASP A 22 -2.06 -17.69 -4.61
N GLY A 23 -1.82 -16.79 -5.56
CA GLY A 23 -2.54 -16.81 -6.81
C GLY A 23 -3.93 -16.24 -6.71
N LYS A 24 -4.07 -15.16 -5.96
CA LYS A 24 -5.35 -14.49 -5.82
C LYS A 24 -5.36 -13.17 -6.57
N GLN A 25 -6.21 -13.07 -7.56
CA GLN A 25 -6.34 -11.85 -8.35
C GLN A 25 -7.47 -11.00 -7.79
N VAL A 26 -7.13 -9.80 -7.35
CA VAL A 26 -8.11 -8.90 -6.79
C VAL A 26 -8.02 -7.51 -7.44
N THR A 27 -9.18 -7.00 -7.84
CA THR A 27 -9.28 -5.67 -8.42
C THR A 27 -9.33 -4.59 -7.34
N LEU A 28 -8.91 -3.39 -7.70
CA LEU A 28 -8.91 -2.28 -6.75
C LEU A 28 -10.33 -1.91 -6.33
N SER A 29 -11.26 -1.93 -7.29
CA SER A 29 -12.67 -1.64 -7.00
C SER A 29 -13.27 -2.68 -6.06
N SER A 30 -12.63 -3.83 -5.95
CA SER A 30 -13.10 -4.86 -5.03
C SER A 30 -12.75 -4.49 -3.59
N LEU A 31 -11.80 -3.57 -3.45
CA LEU A 31 -11.41 -3.08 -2.14
C LEU A 31 -12.07 -1.73 -1.85
N ARG A 32 -12.62 -1.10 -2.90
CA ARG A 32 -13.32 0.17 -2.75
C ARG A 32 -14.45 0.06 -1.73
N GLY A 33 -14.80 1.18 -1.12
CA GLY A 33 -15.73 1.17 -0.03
C GLY A 33 -15.01 1.10 1.29
N LYS A 34 -13.78 0.62 1.23
CA LYS A 34 -12.90 0.58 2.38
C LYS A 34 -11.68 1.44 2.09
N VAL A 35 -10.86 1.68 3.09
CA VAL A 35 -9.59 2.35 2.83
C VAL A 35 -8.59 1.34 2.30
N VAL A 36 -7.89 1.71 1.25
CA VAL A 36 -6.95 0.78 0.64
C VAL A 36 -5.52 1.24 0.86
N MET A 37 -4.80 0.51 1.68
CA MET A 37 -3.39 0.77 1.91
C MET A 37 -2.54 -0.03 0.95
N LEU A 38 -1.54 0.62 0.39
CA LEU A 38 -0.65 0.01 -0.59
C LEU A 38 0.80 0.33 -0.25
N GLN A 39 1.67 -0.62 -0.47
CA GLN A 39 3.09 -0.43 -0.23
C GLN A 39 3.87 -1.06 -1.38
N PHE A 40 4.82 -0.34 -1.94
CA PHE A 40 5.64 -0.87 -3.02
C PHE A 40 7.02 -1.21 -2.49
N THR A 41 7.40 -2.47 -2.62
CA THR A 41 8.64 -2.94 -2.03
C THR A 41 9.41 -3.84 -2.99
N ALA A 42 10.53 -4.38 -2.49
CA ALA A 42 11.38 -5.30 -3.23
C ALA A 42 12.40 -5.90 -2.26
N SER A 43 13.04 -6.98 -2.65
CA SER A 43 13.93 -7.71 -1.75
C SER A 43 15.17 -6.89 -1.39
N TRP A 44 15.59 -6.04 -2.31
CA TRP A 44 16.81 -5.26 -2.14
C TRP A 44 16.53 -3.92 -1.44
N CYS A 45 15.28 -3.72 -1.03
CA CYS A 45 14.91 -2.49 -0.36
C CYS A 45 15.21 -2.57 1.14
N GLY A 46 16.42 -2.17 1.52
CA GLY A 46 16.81 -2.21 2.92
C GLY A 46 16.04 -1.25 3.79
N VAL A 47 15.70 -0.08 3.25
CA VAL A 47 14.92 0.91 3.99
C VAL A 47 13.53 0.35 4.29
N CYS A 48 13.00 -0.41 3.36
CA CYS A 48 11.68 -1.01 3.51
C CYS A 48 11.66 -2.01 4.66
N ARG A 49 12.84 -2.46 5.09
CA ARG A 49 12.92 -3.39 6.21
C ARG A 49 12.51 -2.70 7.51
N LYS A 50 12.31 -1.38 7.44
CA LYS A 50 11.68 -0.63 8.51
C LYS A 50 10.17 -0.63 8.34
N GLU A 51 9.73 -0.13 7.19
CA GLU A 51 8.31 0.09 6.93
C GLU A 51 7.52 -1.21 6.89
N MET A 52 8.08 -2.26 6.29
CA MET A 52 7.35 -3.54 6.15
C MET A 52 6.85 -4.06 7.52
N PRO A 53 7.75 -4.29 8.51
CA PRO A 53 7.33 -4.76 9.84
C PRO A 53 6.48 -3.72 10.57
N PHE A 54 6.81 -2.45 10.43
CA PHE A 54 6.04 -1.39 11.07
C PHE A 54 4.62 -1.32 10.52
N ILE A 55 4.48 -1.45 9.21
CA ILE A 55 3.16 -1.46 8.59
C ILE A 55 2.33 -2.62 9.12
N GLU A 56 2.97 -3.75 9.36
CA GLU A 56 2.28 -4.88 9.95
C GLU A 56 1.92 -4.56 11.41
N LYS A 57 2.94 -4.34 12.23
CA LYS A 57 2.76 -4.14 13.66
C LYS A 57 1.80 -3.00 13.99
N ASP A 58 1.91 -1.89 13.28
CA ASP A 58 1.17 -0.69 13.64
C ASP A 58 -0.08 -0.48 12.78
N ILE A 59 -0.10 -1.01 11.58
CA ILE A 59 -1.25 -0.84 10.71
C ILE A 59 -2.07 -2.13 10.60
N TRP A 60 -1.44 -3.19 10.10
CA TRP A 60 -2.14 -4.45 9.84
C TRP A 60 -2.67 -5.07 11.12
N LEU A 61 -1.75 -5.40 12.03
CA LEU A 61 -2.07 -6.11 13.27
C LEU A 61 -3.27 -5.52 13.99
N LYS A 62 -3.45 -4.22 13.87
CA LYS A 62 -4.54 -3.53 14.54
C LYS A 62 -5.88 -3.85 13.88
N HIS A 63 -5.95 -3.63 12.57
CA HIS A 63 -7.25 -3.69 11.87
C HIS A 63 -7.37 -4.95 11.03
N LYS A 64 -6.32 -5.26 10.29
CA LYS A 64 -6.30 -6.35 9.30
C LYS A 64 -7.43 -6.18 8.27
N ASP A 65 -8.65 -6.55 8.65
CA ASP A 65 -9.81 -6.31 7.80
C ASP A 65 -10.58 -5.09 8.29
N ASN A 66 -11.10 -5.18 9.52
CA ASN A 66 -11.73 -4.05 10.21
C ASN A 66 -13.04 -3.63 9.54
N ALA A 67 -13.48 -4.41 8.54
CA ALA A 67 -14.69 -4.14 7.78
C ALA A 67 -14.55 -2.94 6.83
N ASP A 68 -13.58 -2.07 7.10
CA ASP A 68 -13.39 -0.88 6.29
C ASP A 68 -11.92 -0.63 5.97
N PHE A 69 -11.09 -1.65 6.14
CA PHE A 69 -9.67 -1.51 5.88
C PHE A 69 -9.19 -2.58 4.89
N ALA A 70 -8.26 -2.19 4.02
CA ALA A 70 -7.60 -3.14 3.14
C ALA A 70 -6.12 -2.81 3.06
N LEU A 71 -5.28 -3.84 3.04
CA LEU A 71 -3.83 -3.63 2.97
C LEU A 71 -3.22 -4.64 2.01
N ILE A 72 -2.66 -4.15 0.92
CA ILE A 72 -2.00 -5.01 -0.06
C ILE A 72 -0.58 -4.54 -0.29
N GLY A 73 0.38 -5.43 -0.03
CA GLY A 73 1.77 -5.11 -0.31
C GLY A 73 2.13 -5.48 -1.73
N ILE A 74 2.74 -4.58 -2.46
CA ILE A 74 3.03 -4.81 -3.87
C ILE A 74 4.54 -4.82 -4.12
N ASP A 75 5.04 -5.92 -4.65
CA ASP A 75 6.44 -5.99 -5.05
C ASP A 75 6.59 -5.37 -6.42
N ARG A 76 7.66 -4.61 -6.62
CA ARG A 76 7.84 -3.82 -7.83
C ARG A 76 7.81 -4.68 -9.09
N ASP A 77 8.60 -5.74 -9.12
CA ASP A 77 8.72 -6.56 -10.32
C ASP A 77 9.48 -7.85 -10.08
N GLU A 78 9.67 -8.24 -8.83
CA GLU A 78 10.40 -9.45 -8.52
C GLU A 78 9.45 -10.64 -8.41
N PRO A 79 9.94 -11.84 -8.77
CA PRO A 79 9.11 -13.07 -8.80
C PRO A 79 8.74 -13.60 -7.41
N LEU A 80 8.10 -14.76 -7.42
CA LEU A 80 7.54 -15.39 -6.23
C LEU A 80 8.58 -15.56 -5.13
N GLU A 81 9.70 -16.17 -5.45
CA GLU A 81 10.69 -16.53 -4.45
C GLU A 81 11.24 -15.31 -3.72
N LYS A 82 11.18 -14.15 -4.36
CA LYS A 82 11.52 -12.90 -3.69
C LYS A 82 10.42 -12.51 -2.71
N VAL A 83 9.22 -12.33 -3.24
CA VAL A 83 8.08 -11.87 -2.46
C VAL A 83 7.82 -12.77 -1.25
N LEU A 84 7.79 -14.07 -1.49
CA LEU A 84 7.51 -15.05 -0.44
C LEU A 84 8.59 -15.05 0.63
N ALA A 85 9.84 -14.94 0.21
CA ALA A 85 10.96 -15.00 1.13
C ALA A 85 11.12 -13.68 1.89
N PHE A 86 10.81 -12.58 1.21
CA PHE A 86 10.95 -11.25 1.80
C PHE A 86 9.94 -11.06 2.93
N ALA A 87 8.68 -11.39 2.66
CA ALA A 87 7.59 -11.19 3.63
C ALA A 87 7.90 -11.84 4.98
N LYS A 88 8.27 -13.11 4.95
CA LYS A 88 8.53 -13.88 6.17
C LYS A 88 9.70 -13.29 6.95
N SER A 89 10.63 -12.68 6.23
CA SER A 89 11.86 -12.19 6.82
C SER A 89 11.80 -10.68 7.09
N THR A 90 10.62 -10.10 6.94
CA THR A 90 10.42 -8.70 7.27
C THR A 90 9.21 -8.51 8.19
N GLY A 91 8.69 -9.62 8.71
CA GLY A 91 7.55 -9.56 9.61
C GLY A 91 6.29 -9.08 8.91
N VAL A 92 6.06 -9.60 7.72
CA VAL A 92 4.88 -9.23 6.94
C VAL A 92 3.79 -10.29 7.07
N THR A 93 2.82 -10.02 7.90
CA THR A 93 1.69 -10.91 8.09
C THR A 93 0.60 -10.64 7.06
N TYR A 94 0.62 -9.45 6.48
CA TYR A 94 -0.35 -9.08 5.45
C TYR A 94 0.07 -9.61 4.09
N PRO A 95 -0.91 -10.03 3.26
CA PRO A 95 -0.63 -10.61 1.94
C PRO A 95 0.08 -9.65 1.00
N LEU A 96 1.02 -10.20 0.24
CA LEU A 96 1.74 -9.42 -0.75
C LEU A 96 1.34 -9.89 -2.15
N GLY A 97 1.41 -8.98 -3.09
CA GLY A 97 1.16 -9.32 -4.46
C GLY A 97 2.34 -8.94 -5.33
N LEU A 98 2.55 -9.69 -6.40
CA LEU A 98 3.68 -9.46 -7.27
C LEU A 98 3.26 -8.68 -8.50
N ASP A 99 4.02 -7.65 -8.84
CA ASP A 99 3.78 -6.87 -10.04
C ASP A 99 4.88 -7.13 -11.06
N PRO A 100 4.76 -8.22 -11.85
CA PRO A 100 5.81 -8.62 -12.79
C PRO A 100 6.10 -7.57 -13.86
N GLY A 101 7.18 -6.84 -13.68
CA GLY A 101 7.60 -5.88 -14.68
C GLY A 101 7.24 -4.45 -14.33
N ALA A 102 6.82 -4.22 -13.08
CA ALA A 102 6.48 -2.88 -12.61
C ALA A 102 5.33 -2.29 -13.43
N ASP A 103 4.31 -3.10 -13.68
CA ASP A 103 3.15 -2.70 -14.48
C ASP A 103 2.19 -1.88 -13.63
N ILE A 104 1.85 -2.41 -12.47
CA ILE A 104 1.00 -1.72 -11.52
C ILE A 104 1.76 -0.51 -10.98
N PHE A 105 3.05 -0.71 -10.75
CA PHE A 105 3.96 0.34 -10.32
C PHE A 105 3.95 1.49 -11.33
N ALA A 106 3.89 1.14 -12.61
CA ALA A 106 3.88 2.11 -13.69
C ALA A 106 2.60 2.94 -13.71
N LYS A 107 1.50 2.33 -13.30
CA LYS A 107 0.22 3.05 -13.26
C LYS A 107 0.14 4.01 -12.08
N TYR A 108 1.16 4.00 -11.24
CA TYR A 108 1.20 4.90 -10.09
C TYR A 108 2.37 5.87 -10.18
N ALA A 109 3.36 5.54 -10.99
CA ALA A 109 4.53 6.39 -11.18
C ALA A 109 5.40 5.87 -12.29
N LEU A 110 6.50 6.55 -12.56
CA LEU A 110 7.48 6.08 -13.52
C LEU A 110 8.12 4.80 -13.02
N ARG A 111 8.51 3.93 -13.93
CA ARG A 111 9.14 2.67 -13.55
C ARG A 111 10.57 2.93 -13.07
N ASP A 112 11.06 4.12 -13.38
CA ASP A 112 12.40 4.53 -12.99
C ASP A 112 12.35 5.43 -11.76
N ALA A 113 11.21 5.41 -11.07
CA ALA A 113 11.01 6.27 -9.90
C ALA A 113 11.37 5.54 -8.62
N GLY A 114 11.20 6.22 -7.48
CA GLY A 114 11.53 5.65 -6.20
C GLY A 114 10.63 4.48 -5.83
N ILE A 115 11.22 3.46 -5.21
CA ILE A 115 10.48 2.26 -4.84
C ILE A 115 9.90 2.39 -3.42
N THR A 116 10.68 2.95 -2.51
CA THR A 116 10.26 3.11 -1.12
C THR A 116 9.12 4.13 -1.00
N ARG A 117 7.90 3.64 -0.79
CA ARG A 117 6.73 4.51 -0.80
C ARG A 117 5.49 3.81 -0.25
N ASN A 118 4.78 4.51 0.63
CA ASN A 118 3.50 4.04 1.14
C ASN A 118 2.38 4.84 0.47
N VAL A 119 1.40 4.14 -0.06
CA VAL A 119 0.32 4.78 -0.80
C VAL A 119 -1.03 4.47 -0.15
N LEU A 120 -1.69 5.50 0.34
CA LEU A 120 -3.00 5.30 0.94
C LEU A 120 -4.10 5.81 0.03
N ILE A 121 -4.93 4.89 -0.43
CA ILE A 121 -6.07 5.21 -1.26
C ILE A 121 -7.31 5.33 -0.38
N ASP A 122 -8.09 6.37 -0.61
CA ASP A 122 -9.27 6.63 0.21
C ASP A 122 -10.43 5.73 -0.23
N ARG A 123 -11.53 5.83 0.49
CA ARG A 123 -12.71 5.03 0.25
C ARG A 123 -13.31 5.29 -1.14
N GLU A 124 -13.07 6.49 -1.65
CA GLU A 124 -13.60 6.89 -2.95
C GLU A 124 -12.61 6.58 -4.08
N GLY A 125 -11.51 5.90 -3.76
CA GLY A 125 -10.61 5.43 -4.79
C GLY A 125 -9.57 6.47 -5.18
N LYS A 126 -9.41 7.48 -4.35
CA LYS A 126 -8.49 8.57 -4.64
C LYS A 126 -7.33 8.54 -3.66
N ILE A 127 -6.14 8.87 -4.15
CA ILE A 127 -4.95 8.81 -3.33
C ILE A 127 -4.85 10.06 -2.46
N VAL A 128 -4.84 9.85 -1.14
CA VAL A 128 -4.80 10.97 -0.22
C VAL A 128 -3.47 11.09 0.50
N LYS A 129 -2.59 10.11 0.33
CA LYS A 129 -1.34 10.10 1.06
C LYS A 129 -0.24 9.42 0.26
N LEU A 130 0.72 10.21 -0.19
CA LEU A 130 1.91 9.69 -0.83
C LEU A 130 3.08 9.78 0.14
N THR A 131 3.47 8.63 0.66
CA THR A 131 4.55 8.57 1.64
C THR A 131 5.89 8.41 0.95
N ARG A 132 6.89 9.12 1.44
CA ARG A 132 8.24 9.00 0.90
C ARG A 132 9.04 8.10 1.82
N LEU A 133 9.30 6.87 1.35
CA LEU A 133 9.96 5.82 2.15
C LEU A 133 9.41 5.75 3.56
N TYR A 134 10.13 5.11 4.45
CA TYR A 134 9.76 5.10 5.85
C TYR A 134 10.39 6.31 6.55
N ASN A 135 9.64 7.39 6.62
CA ASN A 135 10.03 8.53 7.43
C ASN A 135 9.35 8.41 8.78
N GLU A 136 10.12 8.57 9.85
CA GLU A 136 9.67 8.26 11.20
C GLU A 136 8.32 8.90 11.53
N GLU A 137 8.27 10.23 11.54
CA GLU A 137 7.04 10.96 11.89
C GLU A 137 5.97 10.74 10.83
N GLU A 138 6.40 10.57 9.59
CA GLU A 138 5.49 10.41 8.46
C GLU A 138 4.64 9.16 8.61
N PHE A 139 5.29 8.06 8.98
CA PHE A 139 4.60 6.80 9.16
C PHE A 139 3.60 6.91 10.31
N ALA A 140 4.01 7.57 11.40
CA ALA A 140 3.15 7.74 12.55
C ALA A 140 1.89 8.52 12.19
N SER A 141 2.07 9.58 11.41
CA SER A 141 0.94 10.39 10.96
C SER A 141 0.02 9.57 10.07
N LEU A 142 0.62 8.74 9.22
CA LEU A 142 -0.13 7.88 8.32
C LEU A 142 -0.99 6.88 9.10
N VAL A 143 -0.42 6.28 10.14
CA VAL A 143 -1.13 5.31 10.97
C VAL A 143 -2.40 5.94 11.57
N GLN A 144 -2.22 7.08 12.23
CA GLN A 144 -3.36 7.77 12.85
C GLN A 144 -4.39 8.18 11.81
N GLN A 145 -3.87 8.65 10.67
CA GLN A 145 -4.71 9.05 9.55
C GLN A 145 -5.58 7.88 9.09
N ILE A 146 -4.96 6.72 8.90
CA ILE A 146 -5.68 5.52 8.49
C ILE A 146 -6.77 5.16 9.49
N ASN A 147 -6.45 5.27 10.77
CA ASN A 147 -7.38 4.92 11.84
C ASN A 147 -8.69 5.67 11.70
N GLU A 148 -8.61 6.97 11.47
CA GLU A 148 -9.81 7.80 11.35
C GLU A 148 -10.38 7.73 9.93
N MET A 149 -9.53 7.44 8.96
CA MET A 149 -9.94 7.31 7.56
C MET A 149 -10.98 6.22 7.41
N LEU A 150 -10.84 5.21 8.24
CA LEU A 150 -11.78 4.11 8.30
C LEU A 150 -13.16 4.62 8.68
N LYS A 151 -13.19 5.56 9.61
CA LYS A 151 -14.43 5.97 10.24
C LYS A 151 -15.10 7.09 9.44
N GLU A 152 -14.27 7.91 8.78
CA GLU A 152 -14.75 8.85 7.77
C GLU A 152 -15.68 9.91 8.36
N GLY A 153 -16.91 9.99 7.84
CA GLY A 153 -17.87 10.97 8.31
C GLY A 153 -18.44 10.64 9.66
N HIS A 154 -18.18 9.41 10.12
CA HIS A 154 -18.65 8.93 11.42
C HIS A 154 -20.17 8.82 11.46
N HIS A 155 -20.70 7.76 10.86
CA HIS A 155 -22.12 7.44 11.01
C HIS A 155 -22.33 6.76 12.36
N HIS A 156 -22.76 7.58 13.33
CA HIS A 156 -22.74 7.23 14.75
C HIS A 156 -21.30 7.20 15.26
N HIS A 157 -21.12 7.44 16.56
CA HIS A 157 -19.82 7.84 17.11
C HIS A 157 -19.57 9.27 16.66
N HIS A 158 -20.66 10.02 16.70
CA HIS A 158 -20.75 11.37 16.21
C HIS A 158 -22.10 11.90 16.69
N HIS A 159 -23.03 10.96 16.76
CA HIS A 159 -24.30 11.13 17.43
C HIS A 159 -24.93 9.75 17.56
N MET A 1 6.85 16.47 -12.79
CA MET A 1 7.72 17.41 -12.04
C MET A 1 8.78 16.63 -11.30
N SER A 2 9.25 17.17 -10.17
CA SER A 2 10.22 16.46 -9.33
C SER A 2 9.69 15.07 -8.98
N LEU A 3 10.47 14.05 -9.31
CA LEU A 3 10.08 12.64 -9.15
C LEU A 3 9.01 12.26 -10.17
N GLY A 4 9.08 11.03 -10.65
CA GLY A 4 8.17 10.59 -11.70
C GLY A 4 6.82 10.17 -11.18
N TYR A 5 6.14 11.06 -10.49
CA TYR A 5 4.78 10.79 -10.03
C TYR A 5 3.76 11.26 -11.05
N ILE A 6 2.95 10.34 -11.53
CA ILE A 6 1.92 10.68 -12.50
C ILE A 6 0.61 11.00 -11.79
N VAL A 7 0.45 10.47 -10.59
CA VAL A 7 -0.73 10.72 -9.79
C VAL A 7 -0.43 11.71 -8.67
N ARG A 8 -1.46 12.37 -8.18
CA ARG A 8 -1.30 13.44 -7.20
C ARG A 8 -2.17 13.17 -5.99
N ILE A 9 -2.09 14.04 -4.99
CA ILE A 9 -2.97 13.96 -3.84
C ILE A 9 -4.36 14.45 -4.22
N GLY A 10 -5.30 13.53 -4.26
CA GLY A 10 -6.66 13.86 -4.65
C GLY A 10 -7.10 13.09 -5.87
N GLU A 11 -6.14 12.65 -6.67
CA GLU A 11 -6.44 11.89 -7.87
C GLU A 11 -7.01 10.53 -7.50
N MET A 12 -7.78 9.94 -8.39
CA MET A 12 -8.36 8.64 -8.14
C MET A 12 -7.40 7.53 -8.52
N ALA A 13 -7.35 6.49 -7.71
CA ALA A 13 -6.44 5.38 -7.93
C ALA A 13 -6.82 4.58 -9.17
N PRO A 14 -5.85 4.32 -10.06
CA PRO A 14 -6.06 3.50 -11.26
C PRO A 14 -6.26 2.04 -10.91
N ASP A 15 -7.41 1.49 -11.30
CA ASP A 15 -7.77 0.12 -10.96
C ASP A 15 -6.80 -0.88 -11.59
N PHE A 16 -6.57 -1.99 -10.89
CA PHE A 16 -5.65 -3.02 -11.35
C PHE A 16 -5.99 -4.36 -10.70
N THR A 17 -5.54 -5.44 -11.34
CA THR A 17 -5.72 -6.77 -10.79
C THR A 17 -4.35 -7.38 -10.50
N ILE A 18 -4.01 -7.48 -9.23
CA ILE A 18 -2.70 -7.98 -8.83
C ILE A 18 -2.80 -9.38 -8.24
N THR A 19 -1.78 -10.18 -8.47
CA THR A 19 -1.71 -11.53 -7.92
C THR A 19 -0.91 -11.52 -6.62
N LEU A 20 -1.48 -12.12 -5.58
CA LEU A 20 -0.82 -12.20 -4.29
C LEU A 20 0.14 -13.38 -4.24
N THR A 21 0.81 -13.52 -3.10
CA THR A 21 1.84 -14.54 -2.91
C THR A 21 1.31 -15.96 -3.11
N ASP A 22 0.05 -16.18 -2.79
CA ASP A 22 -0.54 -17.50 -2.87
C ASP A 22 -1.38 -17.66 -4.13
N GLY A 23 -1.27 -16.69 -5.02
CA GLY A 23 -1.97 -16.78 -6.29
C GLY A 23 -3.34 -16.12 -6.28
N LYS A 24 -3.66 -15.41 -5.20
CA LYS A 24 -4.94 -14.70 -5.12
C LYS A 24 -4.90 -13.43 -5.94
N GLN A 25 -5.78 -13.32 -6.90
CA GLN A 25 -5.85 -12.13 -7.74
C GLN A 25 -6.96 -11.22 -7.24
N VAL A 26 -6.57 -10.04 -6.78
CA VAL A 26 -7.53 -9.06 -6.28
C VAL A 26 -7.54 -7.84 -7.19
N THR A 27 -8.66 -7.14 -7.22
CA THR A 27 -8.78 -5.97 -8.06
C THR A 27 -9.17 -4.76 -7.19
N LEU A 28 -8.63 -3.59 -7.53
CA LEU A 28 -8.84 -2.39 -6.72
C LEU A 28 -10.31 -1.98 -6.72
N SER A 29 -10.95 -2.09 -7.87
CA SER A 29 -12.37 -1.77 -8.01
C SER A 29 -13.23 -2.66 -7.12
N SER A 30 -12.69 -3.81 -6.73
CA SER A 30 -13.40 -4.71 -5.83
C SER A 30 -13.26 -4.24 -4.38
N LEU A 31 -12.19 -3.51 -4.11
CA LEU A 31 -11.93 -2.97 -2.78
C LEU A 31 -12.41 -1.53 -2.67
N ARG A 32 -13.01 -1.05 -3.76
CA ARG A 32 -13.53 0.30 -3.83
C ARG A 32 -14.54 0.57 -2.71
N GLY A 33 -14.31 1.64 -1.98
CA GLY A 33 -15.19 2.01 -0.88
C GLY A 33 -14.56 1.72 0.46
N LYS A 34 -13.36 1.18 0.43
CA LYS A 34 -12.59 0.95 1.64
C LYS A 34 -11.33 1.79 1.63
N VAL A 35 -10.75 2.02 2.80
CA VAL A 35 -9.46 2.66 2.86
C VAL A 35 -8.36 1.64 2.53
N VAL A 36 -7.79 1.79 1.35
CA VAL A 36 -6.84 0.80 0.84
C VAL A 36 -5.42 1.35 0.88
N MET A 37 -4.56 0.65 1.60
CA MET A 37 -3.15 1.02 1.65
C MET A 37 -2.34 0.16 0.68
N LEU A 38 -1.70 0.81 -0.26
CA LEU A 38 -0.85 0.13 -1.22
C LEU A 38 0.62 0.42 -0.92
N GLN A 39 1.33 -0.59 -0.48
CA GLN A 39 2.72 -0.44 -0.09
C GLN A 39 3.63 -1.00 -1.19
N PHE A 40 4.26 -0.10 -1.93
CA PHE A 40 5.11 -0.50 -3.04
C PHE A 40 6.56 -0.62 -2.59
N THR A 41 7.17 -1.77 -2.87
CA THR A 41 8.53 -2.03 -2.43
C THR A 41 9.17 -3.11 -3.30
N ALA A 42 10.29 -3.64 -2.84
CA ALA A 42 10.97 -4.72 -3.52
C ALA A 42 11.73 -5.57 -2.50
N SER A 43 11.99 -6.82 -2.86
CA SER A 43 12.63 -7.76 -1.97
C SER A 43 14.08 -7.37 -1.64
N TRP A 44 14.61 -6.38 -2.34
CA TRP A 44 15.97 -5.94 -2.10
C TRP A 44 16.00 -4.60 -1.35
N CYS A 45 14.83 -4.11 -0.96
CA CYS A 45 14.74 -2.84 -0.25
C CYS A 45 15.01 -3.03 1.24
N GLY A 46 16.11 -2.46 1.71
CA GLY A 46 16.46 -2.58 3.12
C GLY A 46 15.67 -1.63 4.00
N VAL A 47 15.35 -0.45 3.47
CA VAL A 47 14.60 0.55 4.24
C VAL A 47 13.19 0.07 4.55
N CYS A 48 12.59 -0.63 3.58
CA CYS A 48 11.24 -1.12 3.73
C CYS A 48 11.15 -2.19 4.82
N ARG A 49 12.30 -2.73 5.19
CA ARG A 49 12.38 -3.72 6.25
C ARG A 49 12.21 -3.07 7.62
N LYS A 50 12.07 -1.75 7.61
CA LYS A 50 11.68 -1.00 8.80
C LYS A 50 10.16 -0.80 8.78
N GLU A 51 9.70 -0.21 7.69
CA GLU A 51 8.30 0.18 7.57
C GLU A 51 7.38 -1.03 7.62
N MET A 52 7.70 -2.12 6.92
CA MET A 52 6.81 -3.28 6.87
C MET A 52 6.48 -3.82 8.26
N PRO A 53 7.49 -4.16 9.10
CA PRO A 53 7.25 -4.59 10.48
C PRO A 53 6.41 -3.58 11.25
N PHE A 54 6.66 -2.29 11.02
CA PHE A 54 5.85 -1.25 11.63
C PHE A 54 4.43 -1.26 11.07
N ILE A 55 4.33 -1.36 9.75
CA ILE A 55 3.05 -1.39 9.05
C ILE A 55 2.19 -2.55 9.52
N GLU A 56 2.72 -3.77 9.45
CA GLU A 56 1.96 -4.94 9.83
C GLU A 56 1.59 -4.88 11.31
N LYS A 57 2.47 -4.34 12.13
CA LYS A 57 2.25 -4.29 13.57
C LYS A 57 1.18 -3.27 13.96
N ASP A 58 1.31 -2.03 13.49
CA ASP A 58 0.46 -0.95 13.97
C ASP A 58 -0.59 -0.53 12.96
N ILE A 59 -0.47 -0.98 11.74
CA ILE A 59 -1.51 -0.73 10.75
C ILE A 59 -2.34 -1.98 10.52
N TRP A 60 -1.67 -3.08 10.18
CA TRP A 60 -2.36 -4.32 9.89
C TRP A 60 -2.96 -4.94 11.14
N LEU A 61 -2.13 -5.37 12.09
CA LEU A 61 -2.60 -6.06 13.30
C LEU A 61 -3.78 -5.34 13.95
N LYS A 62 -3.79 -4.02 13.86
CA LYS A 62 -4.81 -3.20 14.50
C LYS A 62 -6.14 -3.24 13.74
N HIS A 63 -6.09 -3.35 12.40
CA HIS A 63 -7.32 -3.26 11.60
C HIS A 63 -7.51 -4.47 10.69
N LYS A 64 -6.42 -4.88 10.03
CA LYS A 64 -6.42 -5.99 9.06
C LYS A 64 -7.44 -5.78 7.95
N ASP A 65 -8.65 -6.28 8.15
CA ASP A 65 -9.75 -6.04 7.23
C ASP A 65 -10.75 -5.09 7.85
N ASN A 66 -11.13 -5.39 9.10
CA ASN A 66 -12.05 -4.57 9.88
C ASN A 66 -13.46 -4.66 9.32
N ALA A 67 -13.65 -4.05 8.17
CA ALA A 67 -14.94 -3.93 7.51
C ALA A 67 -14.83 -2.96 6.35
N ASP A 68 -13.84 -2.07 6.43
CA ASP A 68 -13.68 -1.02 5.44
C ASP A 68 -12.21 -0.66 5.25
N PHE A 69 -11.33 -1.61 5.55
CA PHE A 69 -9.89 -1.37 5.44
C PHE A 69 -9.22 -2.48 4.62
N ALA A 70 -8.29 -2.10 3.77
CA ALA A 70 -7.55 -3.06 2.97
C ALA A 70 -6.06 -2.67 2.91
N LEU A 71 -5.19 -3.65 3.08
CA LEU A 71 -3.75 -3.41 3.06
C LEU A 71 -3.06 -4.44 2.18
N ILE A 72 -2.42 -3.98 1.11
CA ILE A 72 -1.73 -4.87 0.20
C ILE A 72 -0.30 -4.38 -0.03
N GLY A 73 0.67 -5.27 0.18
CA GLY A 73 2.05 -4.93 -0.11
C GLY A 73 2.43 -5.40 -1.49
N ILE A 74 3.02 -4.53 -2.29
CA ILE A 74 3.29 -4.85 -3.68
C ILE A 74 4.78 -4.78 -3.98
N ASP A 75 5.35 -5.88 -4.47
CA ASP A 75 6.73 -5.88 -4.91
C ASP A 75 6.78 -5.42 -6.36
N ARG A 76 7.69 -4.51 -6.65
CA ARG A 76 7.70 -3.81 -7.93
C ARG A 76 8.51 -4.54 -9.00
N ASP A 77 9.43 -5.41 -8.62
CA ASP A 77 10.31 -5.98 -9.63
C ASP A 77 10.84 -7.37 -9.29
N GLU A 78 10.69 -7.81 -8.04
CA GLU A 78 11.12 -9.14 -7.67
C GLU A 78 9.99 -10.16 -7.88
N PRO A 79 10.32 -11.30 -8.51
CA PRO A 79 9.33 -12.34 -8.84
C PRO A 79 8.76 -13.09 -7.62
N LEU A 80 8.05 -14.19 -7.92
CA LEU A 80 7.23 -14.90 -6.94
C LEU A 80 8.05 -15.40 -5.75
N GLU A 81 9.12 -16.15 -6.03
CA GLU A 81 9.90 -16.80 -4.97
C GLU A 81 10.56 -15.76 -4.06
N LYS A 82 10.94 -14.63 -4.65
CA LYS A 82 11.53 -13.54 -3.90
C LYS A 82 10.55 -13.01 -2.86
N VAL A 83 9.35 -12.65 -3.31
CA VAL A 83 8.34 -12.07 -2.44
C VAL A 83 8.01 -13.00 -1.27
N LEU A 84 7.91 -14.29 -1.55
CA LEU A 84 7.60 -15.28 -0.52
C LEU A 84 8.72 -15.39 0.51
N ALA A 85 9.95 -15.42 0.01
CA ALA A 85 11.12 -15.54 0.89
C ALA A 85 11.38 -14.24 1.64
N PHE A 86 10.98 -13.13 1.05
CA PHE A 86 11.18 -11.82 1.64
C PHE A 86 10.22 -11.58 2.81
N ALA A 87 8.95 -11.86 2.59
CA ALA A 87 7.92 -11.70 3.64
C ALA A 87 8.26 -12.54 4.86
N LYS A 88 8.44 -13.84 4.65
CA LYS A 88 8.65 -14.79 5.75
C LYS A 88 9.86 -14.44 6.61
N SER A 89 10.82 -13.73 6.04
CA SER A 89 12.05 -13.45 6.74
C SER A 89 11.92 -12.22 7.64
N THR A 90 10.89 -11.42 7.41
CA THR A 90 10.62 -10.27 8.25
C THR A 90 9.36 -10.47 9.07
N GLY A 91 8.49 -11.33 8.55
CA GLY A 91 7.22 -11.60 9.18
C GLY A 91 6.09 -11.34 8.22
N VAL A 92 5.76 -10.06 8.07
CA VAL A 92 4.73 -9.58 7.16
C VAL A 92 3.44 -10.39 7.25
N THR A 93 2.63 -10.03 8.24
CA THR A 93 1.35 -10.69 8.47
C THR A 93 0.33 -10.32 7.38
N TYR A 94 0.58 -9.23 6.67
CA TYR A 94 -0.32 -8.80 5.60
C TYR A 94 0.15 -9.36 4.26
N PRO A 95 -0.78 -9.81 3.40
CA PRO A 95 -0.44 -10.42 2.11
C PRO A 95 0.31 -9.49 1.17
N LEU A 96 1.29 -10.04 0.48
CA LEU A 96 2.04 -9.30 -0.52
C LEU A 96 1.62 -9.75 -1.91
N GLY A 97 1.74 -8.85 -2.87
CA GLY A 97 1.49 -9.19 -4.25
C GLY A 97 2.69 -8.86 -5.11
N LEU A 98 2.83 -9.55 -6.23
CA LEU A 98 3.98 -9.35 -7.10
C LEU A 98 3.59 -8.61 -8.37
N ASP A 99 4.36 -7.57 -8.67
CA ASP A 99 4.19 -6.80 -9.90
C ASP A 99 5.46 -6.89 -10.75
N PRO A 100 5.70 -8.04 -11.40
CA PRO A 100 6.91 -8.26 -12.21
C PRO A 100 6.97 -7.36 -13.43
N GLY A 101 7.82 -6.35 -13.35
CA GLY A 101 7.98 -5.43 -14.46
C GLY A 101 7.63 -4.01 -14.09
N ALA A 102 7.22 -3.82 -12.84
CA ALA A 102 6.84 -2.52 -12.31
C ALA A 102 5.70 -1.89 -13.13
N ASP A 103 4.70 -2.68 -13.48
CA ASP A 103 3.60 -2.18 -14.30
C ASP A 103 2.53 -1.57 -13.42
N ILE A 104 2.12 -2.31 -12.41
CA ILE A 104 1.19 -1.79 -11.42
C ILE A 104 1.84 -0.62 -10.69
N PHE A 105 3.15 -0.73 -10.51
CA PHE A 105 3.96 0.35 -9.96
C PHE A 105 3.90 1.56 -10.89
N ALA A 106 3.97 1.31 -12.20
CA ALA A 106 3.96 2.37 -13.20
C ALA A 106 2.62 3.10 -13.27
N LYS A 107 1.58 2.43 -12.80
CA LYS A 107 0.24 3.02 -12.80
C LYS A 107 0.13 4.13 -11.76
N TYR A 108 1.18 4.29 -10.96
CA TYR A 108 1.19 5.30 -9.91
C TYR A 108 2.40 6.23 -10.07
N ALA A 109 3.50 5.67 -10.55
CA ALA A 109 4.72 6.44 -10.75
C ALA A 109 5.58 5.76 -11.79
N LEU A 110 6.54 6.49 -12.34
CA LEU A 110 7.45 5.93 -13.33
C LEU A 110 8.17 4.71 -12.76
N ARG A 111 8.51 3.77 -13.63
CA ARG A 111 9.10 2.51 -13.19
C ARG A 111 10.51 2.73 -12.68
N ASP A 112 11.04 3.90 -12.96
CA ASP A 112 12.37 4.31 -12.52
C ASP A 112 12.29 5.23 -11.30
N ALA A 113 11.07 5.63 -10.94
CA ALA A 113 10.88 6.60 -9.86
C ALA A 113 11.01 5.95 -8.49
N GLY A 114 12.24 5.68 -8.09
CA GLY A 114 12.50 5.10 -6.79
C GLY A 114 12.07 3.64 -6.72
N ILE A 115 11.49 3.27 -5.58
CA ILE A 115 11.01 1.90 -5.41
C ILE A 115 10.02 1.81 -4.24
N THR A 116 10.45 2.22 -3.06
CA THR A 116 9.62 2.10 -1.87
C THR A 116 8.72 3.31 -1.71
N ARG A 117 7.42 3.10 -1.87
CA ARG A 117 6.44 4.16 -1.76
C ARG A 117 5.19 3.64 -1.07
N ASN A 118 4.68 4.38 -0.11
CA ASN A 118 3.43 4.01 0.54
C ASN A 118 2.31 4.88 -0.01
N VAL A 119 1.33 4.23 -0.62
CA VAL A 119 0.21 4.94 -1.23
C VAL A 119 -1.08 4.63 -0.48
N LEU A 120 -1.76 5.65 -0.01
CA LEU A 120 -3.01 5.44 0.72
C LEU A 120 -4.20 5.94 -0.09
N ILE A 121 -5.12 5.04 -0.35
CA ILE A 121 -6.35 5.35 -1.07
C ILE A 121 -7.52 5.47 -0.08
N ASP A 122 -8.38 6.46 -0.29
CA ASP A 122 -9.49 6.71 0.61
C ASP A 122 -10.74 5.93 0.17
N ARG A 123 -11.84 6.19 0.85
CA ARG A 123 -13.09 5.47 0.64
C ARG A 123 -13.72 5.83 -0.71
N GLU A 124 -13.42 7.03 -1.22
CA GLU A 124 -13.93 7.46 -2.51
C GLU A 124 -13.11 6.87 -3.66
N GLY A 125 -11.93 6.35 -3.33
CA GLY A 125 -11.08 5.80 -4.35
C GLY A 125 -10.00 6.76 -4.78
N LYS A 126 -9.77 7.79 -3.96
CA LYS A 126 -8.78 8.81 -4.25
C LYS A 126 -7.51 8.57 -3.44
N ILE A 127 -6.39 9.05 -3.95
CA ILE A 127 -5.11 8.91 -3.27
C ILE A 127 -4.85 10.12 -2.38
N VAL A 128 -4.78 9.90 -1.07
CA VAL A 128 -4.68 11.00 -0.12
C VAL A 128 -3.27 11.16 0.46
N LYS A 129 -2.53 10.07 0.60
CA LYS A 129 -1.22 10.12 1.23
C LYS A 129 -0.15 9.54 0.32
N LEU A 130 0.76 10.41 -0.11
CA LEU A 130 1.90 10.01 -0.92
C LEU A 130 3.19 10.15 -0.12
N THR A 131 3.75 9.04 0.33
CA THR A 131 5.00 9.10 1.08
C THR A 131 6.04 8.18 0.44
N ARG A 132 7.30 8.46 0.72
CA ARG A 132 8.40 7.71 0.16
C ARG A 132 9.14 7.00 1.29
N LEU A 133 9.13 5.66 1.24
CA LEU A 133 9.75 4.80 2.25
C LEU A 133 9.33 5.15 3.68
N TYR A 134 9.95 4.46 4.64
CA TYR A 134 9.66 4.68 6.05
C TYR A 134 10.18 6.03 6.53
N ASN A 135 9.37 7.05 6.31
CA ASN A 135 9.62 8.37 6.85
C ASN A 135 9.02 8.44 8.25
N GLU A 136 9.78 8.96 9.21
CA GLU A 136 9.34 9.01 10.60
C GLU A 136 7.96 9.67 10.71
N GLU A 137 7.91 10.96 10.41
CA GLU A 137 6.68 11.72 10.46
C GLU A 137 5.60 11.10 9.59
N GLU A 138 5.89 10.99 8.30
CA GLU A 138 4.88 10.60 7.33
C GLU A 138 4.33 9.20 7.58
N PHE A 139 5.09 8.35 8.26
CA PHE A 139 4.57 7.06 8.66
C PHE A 139 3.62 7.26 9.84
N ALA A 140 4.04 8.07 10.80
CA ALA A 140 3.23 8.37 11.97
C ALA A 140 1.91 9.03 11.55
N SER A 141 1.99 10.05 10.70
CA SER A 141 0.78 10.71 10.21
C SER A 141 -0.09 9.75 9.41
N LEU A 142 0.55 8.87 8.64
CA LEU A 142 -0.18 7.91 7.81
C LEU A 142 -0.95 6.93 8.71
N VAL A 143 -0.26 6.35 9.68
CA VAL A 143 -0.88 5.39 10.59
C VAL A 143 -2.05 6.03 11.34
N GLN A 144 -1.81 7.21 11.92
CA GLN A 144 -2.84 7.89 12.70
C GLN A 144 -4.03 8.25 11.82
N GLN A 145 -3.74 8.68 10.60
CA GLN A 145 -4.79 9.00 9.63
C GLN A 145 -5.63 7.76 9.35
N ILE A 146 -4.95 6.64 9.12
CA ILE A 146 -5.63 5.37 8.88
C ILE A 146 -6.59 5.03 10.03
N ASN A 147 -6.12 5.19 11.26
CA ASN A 147 -6.94 4.95 12.43
C ASN A 147 -8.21 5.78 12.37
N GLU A 148 -8.07 7.02 11.96
CA GLU A 148 -9.20 7.93 11.85
C GLU A 148 -10.13 7.52 10.70
N MET A 149 -9.56 7.01 9.62
CA MET A 149 -10.34 6.60 8.47
C MET A 149 -11.15 5.35 8.78
N LEU A 150 -10.72 4.66 9.83
CA LEU A 150 -11.45 3.52 10.34
C LEU A 150 -12.58 3.95 11.28
N LYS A 151 -12.53 5.20 11.72
CA LYS A 151 -13.57 5.73 12.59
C LYS A 151 -14.59 6.50 11.75
N GLU A 152 -14.07 7.29 10.80
CA GLU A 152 -14.89 8.05 9.86
C GLU A 152 -15.79 9.04 10.59
N GLY A 153 -16.89 9.40 9.97
CA GLY A 153 -17.79 10.37 10.55
C GLY A 153 -17.62 11.72 9.92
N HIS A 154 -18.47 12.04 8.95
CA HIS A 154 -18.36 13.29 8.21
C HIS A 154 -18.80 14.48 9.04
N HIS A 155 -19.24 14.20 10.27
CA HIS A 155 -19.55 15.25 11.24
C HIS A 155 -18.41 15.30 12.27
N HIS A 156 -17.21 14.98 11.82
CA HIS A 156 -16.02 14.97 12.67
C HIS A 156 -15.55 16.42 12.94
N HIS A 157 -16.47 17.23 13.43
CA HIS A 157 -16.20 18.62 13.76
C HIS A 157 -17.04 19.01 14.97
N HIS A 158 -16.60 20.00 15.73
CA HIS A 158 -17.38 20.47 16.86
C HIS A 158 -18.42 21.49 16.38
N HIS A 159 -19.31 21.02 15.52
CA HIS A 159 -20.36 21.84 14.94
C HIS A 159 -21.29 20.96 14.11
N MET A 1 9.05 18.94 -5.73
CA MET A 1 7.87 18.64 -6.57
C MET A 1 7.98 17.26 -7.19
N SER A 2 9.03 17.03 -7.96
CA SER A 2 9.24 15.75 -8.63
C SER A 2 9.60 14.67 -7.61
N LEU A 3 8.62 13.82 -7.29
CA LEU A 3 8.84 12.73 -6.35
C LEU A 3 8.86 11.39 -7.09
N GLY A 4 8.77 11.47 -8.42
CA GLY A 4 8.77 10.26 -9.23
C GLY A 4 7.38 9.74 -9.50
N TYR A 5 6.39 10.41 -8.91
CA TYR A 5 5.00 10.04 -9.11
C TYR A 5 4.43 10.77 -10.32
N ILE A 6 3.54 10.12 -11.04
CA ILE A 6 2.76 10.79 -12.07
C ILE A 6 1.34 10.98 -11.57
N VAL A 7 1.05 10.34 -10.44
CA VAL A 7 -0.23 10.47 -9.78
C VAL A 7 -0.12 11.55 -8.70
N ARG A 8 -1.25 12.13 -8.29
CA ARG A 8 -1.23 13.28 -7.41
C ARG A 8 -2.10 13.05 -6.18
N ILE A 9 -1.99 13.93 -5.20
CA ILE A 9 -2.85 13.91 -4.03
C ILE A 9 -4.21 14.51 -4.37
N GLY A 10 -5.24 13.70 -4.27
CA GLY A 10 -6.58 14.15 -4.62
C GLY A 10 -7.13 13.38 -5.80
N GLU A 11 -6.23 12.86 -6.63
CA GLU A 11 -6.61 12.07 -7.79
C GLU A 11 -7.26 10.77 -7.34
N MET A 12 -8.13 10.22 -8.16
CA MET A 12 -8.71 8.93 -7.86
C MET A 12 -7.75 7.82 -8.25
N ALA A 13 -7.60 6.86 -7.36
CA ALA A 13 -6.65 5.76 -7.56
C ALA A 13 -6.98 4.98 -8.83
N PRO A 14 -5.94 4.70 -9.65
CA PRO A 14 -6.11 3.94 -10.89
C PRO A 14 -6.50 2.49 -10.63
N ASP A 15 -6.79 1.77 -11.70
CA ASP A 15 -7.12 0.36 -11.62
C ASP A 15 -5.86 -0.47 -11.38
N PHE A 16 -6.05 -1.70 -10.95
CA PHE A 16 -5.00 -2.69 -10.95
C PHE A 16 -5.58 -4.03 -10.55
N THR A 17 -5.01 -5.09 -11.07
CA THR A 17 -5.36 -6.43 -10.67
C THR A 17 -4.09 -7.21 -10.38
N ILE A 18 -3.78 -7.32 -9.09
CA ILE A 18 -2.50 -7.88 -8.68
C ILE A 18 -2.64 -9.33 -8.26
N THR A 19 -1.59 -10.11 -8.48
CA THR A 19 -1.58 -11.50 -8.07
C THR A 19 -0.84 -11.64 -6.74
N LEU A 20 -1.58 -12.05 -5.71
CA LEU A 20 -1.01 -12.20 -4.38
C LEU A 20 -0.13 -13.43 -4.28
N THR A 21 0.55 -13.57 -3.14
CA THR A 21 1.45 -14.69 -2.87
C THR A 21 0.76 -16.03 -3.04
N ASP A 22 -0.55 -16.04 -2.84
CA ASP A 22 -1.32 -17.27 -2.85
C ASP A 22 -1.96 -17.48 -4.23
N GLY A 23 -1.48 -16.73 -5.21
CA GLY A 23 -2.00 -16.85 -6.56
C GLY A 23 -3.39 -16.26 -6.68
N LYS A 24 -3.66 -15.27 -5.87
CA LYS A 24 -4.99 -14.66 -5.82
C LYS A 24 -4.95 -13.26 -6.42
N GLN A 25 -5.74 -13.05 -7.47
CA GLN A 25 -5.77 -11.78 -8.15
C GLN A 25 -6.95 -10.94 -7.68
N VAL A 26 -6.68 -9.70 -7.27
CA VAL A 26 -7.73 -8.79 -6.83
C VAL A 26 -7.68 -7.48 -7.62
N THR A 27 -8.83 -6.85 -7.78
CA THR A 27 -8.92 -5.59 -8.49
C THR A 27 -9.32 -4.47 -7.53
N LEU A 28 -8.74 -3.28 -7.73
CA LEU A 28 -8.99 -2.14 -6.85
C LEU A 28 -10.48 -1.74 -6.89
N SER A 29 -11.09 -1.83 -8.06
CA SER A 29 -12.48 -1.43 -8.25
C SER A 29 -13.41 -2.19 -7.31
N SER A 30 -13.02 -3.40 -6.93
CA SER A 30 -13.83 -4.24 -6.07
C SER A 30 -13.72 -3.79 -4.60
N LEU A 31 -12.66 -3.07 -4.29
CA LEU A 31 -12.39 -2.65 -2.93
C LEU A 31 -12.75 -1.18 -2.71
N ARG A 32 -13.57 -0.63 -3.60
CA ARG A 32 -14.02 0.75 -3.47
C ARG A 32 -14.97 0.90 -2.27
N GLY A 33 -14.92 2.06 -1.63
CA GLY A 33 -15.80 2.33 -0.50
C GLY A 33 -15.08 2.18 0.82
N LYS A 34 -14.03 1.37 0.83
CA LYS A 34 -13.25 1.15 2.04
C LYS A 34 -11.85 1.69 1.85
N VAL A 35 -11.16 1.93 2.94
CA VAL A 35 -9.82 2.50 2.88
C VAL A 35 -8.82 1.46 2.41
N VAL A 36 -8.23 1.70 1.25
CA VAL A 36 -7.30 0.77 0.66
C VAL A 36 -5.88 1.29 0.78
N MET A 37 -5.02 0.50 1.41
CA MET A 37 -3.64 0.88 1.59
C MET A 37 -2.75 0.03 0.71
N LEU A 38 -1.80 0.68 0.05
CA LEU A 38 -0.87 0.00 -0.84
C LEU A 38 0.55 0.41 -0.52
N GLN A 39 1.47 -0.53 -0.66
CA GLN A 39 2.88 -0.23 -0.55
C GLN A 39 3.65 -0.99 -1.61
N PHE A 40 4.55 -0.28 -2.28
CA PHE A 40 5.36 -0.87 -3.33
C PHE A 40 6.75 -1.19 -2.78
N THR A 41 6.98 -2.48 -2.56
CA THR A 41 8.18 -2.93 -1.89
C THR A 41 9.06 -3.77 -2.82
N ALA A 42 10.15 -4.29 -2.27
CA ALA A 42 11.09 -5.13 -3.00
C ALA A 42 12.05 -5.76 -2.01
N SER A 43 12.39 -7.02 -2.21
CA SER A 43 13.22 -7.75 -1.24
C SER A 43 14.64 -7.18 -1.19
N TRP A 44 15.05 -6.53 -2.27
CA TRP A 44 16.40 -5.96 -2.35
C TRP A 44 16.47 -4.58 -1.70
N CYS A 45 15.34 -4.09 -1.22
CA CYS A 45 15.30 -2.76 -0.62
C CYS A 45 15.58 -2.82 0.88
N GLY A 46 16.36 -1.86 1.35
CA GLY A 46 16.64 -1.76 2.78
C GLY A 46 15.68 -0.81 3.48
N VAL A 47 15.16 0.17 2.75
CA VAL A 47 14.26 1.17 3.32
C VAL A 47 12.94 0.53 3.73
N CYS A 48 12.45 -0.39 2.90
CA CYS A 48 11.20 -1.09 3.17
C CYS A 48 11.29 -1.91 4.47
N ARG A 49 12.50 -2.12 4.95
CA ARG A 49 12.69 -2.90 6.16
C ARG A 49 12.39 -2.05 7.40
N LYS A 50 12.07 -0.79 7.19
CA LYS A 50 11.45 0.04 8.22
C LYS A 50 9.95 -0.16 8.21
N GLU A 51 9.37 -0.09 7.01
CA GLU A 51 7.92 -0.09 6.87
C GLU A 51 7.35 -1.47 7.11
N MET A 52 8.10 -2.51 6.74
CA MET A 52 7.70 -3.88 7.01
C MET A 52 7.29 -4.08 8.47
N PRO A 53 8.21 -3.92 9.46
CA PRO A 53 7.84 -4.04 10.88
C PRO A 53 6.81 -3.01 11.31
N PHE A 54 6.93 -1.78 10.81
CA PHE A 54 6.04 -0.70 11.20
C PHE A 54 4.61 -0.93 10.73
N ILE A 55 4.43 -1.30 9.46
CA ILE A 55 3.10 -1.56 8.92
C ILE A 55 2.44 -2.72 9.66
N GLU A 56 3.18 -3.82 9.80
CA GLU A 56 2.68 -5.00 10.51
C GLU A 56 2.26 -4.64 11.93
N LYS A 57 3.09 -3.86 12.60
CA LYS A 57 2.86 -3.49 13.98
C LYS A 57 1.65 -2.59 14.15
N ASP A 58 1.56 -1.54 13.35
CA ASP A 58 0.53 -0.53 13.58
C ASP A 58 -0.60 -0.54 12.56
N ILE A 59 -0.28 -0.52 11.28
CA ILE A 59 -1.33 -0.40 10.28
C ILE A 59 -2.11 -1.70 10.15
N TRP A 60 -1.39 -2.80 10.01
CA TRP A 60 -2.01 -4.10 9.83
C TRP A 60 -2.65 -4.57 11.13
N LEU A 61 -1.82 -4.90 12.10
CA LEU A 61 -2.23 -5.54 13.36
C LEU A 61 -3.53 -4.97 13.96
N LYS A 62 -3.70 -3.66 13.90
CA LYS A 62 -4.84 -3.02 14.58
C LYS A 62 -6.15 -3.25 13.83
N HIS A 63 -6.08 -3.33 12.50
CA HIS A 63 -7.30 -3.42 11.70
C HIS A 63 -7.32 -4.68 10.84
N LYS A 64 -6.17 -4.97 10.23
CA LYS A 64 -6.02 -6.06 9.28
C LYS A 64 -7.09 -6.02 8.17
N ASP A 65 -8.19 -6.71 8.38
CA ASP A 65 -9.29 -6.68 7.45
C ASP A 65 -10.27 -5.56 7.82
N ASN A 66 -10.85 -5.65 9.02
CA ASN A 66 -11.74 -4.63 9.57
C ASN A 66 -12.98 -4.45 8.69
N ALA A 67 -13.15 -5.35 7.71
CA ALA A 67 -14.27 -5.32 6.77
C ALA A 67 -14.22 -4.13 5.79
N ASP A 68 -13.50 -3.08 6.17
CA ASP A 68 -13.46 -1.85 5.38
C ASP A 68 -12.04 -1.29 5.34
N PHE A 69 -11.08 -2.18 5.57
CA PHE A 69 -9.67 -1.83 5.43
C PHE A 69 -9.00 -2.84 4.52
N ALA A 70 -8.53 -2.37 3.37
CA ALA A 70 -7.90 -3.26 2.41
C ALA A 70 -6.43 -2.92 2.25
N LEU A 71 -5.57 -3.74 2.83
CA LEU A 71 -4.13 -3.52 2.74
C LEU A 71 -3.52 -4.51 1.75
N ILE A 72 -2.99 -3.97 0.65
CA ILE A 72 -2.35 -4.80 -0.36
C ILE A 72 -0.90 -4.37 -0.54
N GLY A 73 0.01 -5.28 -0.25
CA GLY A 73 1.41 -5.02 -0.47
C GLY A 73 1.83 -5.45 -1.86
N ILE A 74 2.53 -4.58 -2.57
CA ILE A 74 2.88 -4.85 -3.95
C ILE A 74 4.39 -4.87 -4.12
N ASP A 75 4.95 -5.99 -4.55
CA ASP A 75 6.37 -6.02 -4.87
C ASP A 75 6.57 -5.56 -6.30
N ARG A 76 7.58 -4.71 -6.48
CA ARG A 76 7.80 -4.03 -7.74
C ARG A 76 8.22 -4.96 -8.86
N ASP A 77 9.15 -5.86 -8.57
CA ASP A 77 9.79 -6.62 -9.65
C ASP A 77 10.44 -7.91 -9.17
N GLU A 78 10.21 -8.29 -7.92
CA GLU A 78 10.74 -9.54 -7.40
C GLU A 78 9.78 -10.69 -7.68
N PRO A 79 10.33 -11.85 -8.09
CA PRO A 79 9.53 -13.05 -8.39
C PRO A 79 8.90 -13.69 -7.15
N LEU A 80 8.28 -14.84 -7.35
CA LEU A 80 7.43 -15.50 -6.35
C LEU A 80 8.21 -15.80 -5.06
N GLU A 81 9.29 -16.55 -5.19
CA GLU A 81 10.02 -17.03 -4.02
C GLU A 81 10.67 -15.87 -3.25
N LYS A 82 11.12 -14.87 -3.99
CA LYS A 82 11.71 -13.68 -3.38
C LYS A 82 10.72 -12.98 -2.46
N VAL A 83 9.52 -12.73 -2.96
CA VAL A 83 8.47 -12.07 -2.20
C VAL A 83 8.10 -12.89 -0.95
N LEU A 84 7.87 -14.19 -1.15
CA LEU A 84 7.46 -15.07 -0.06
C LEU A 84 8.51 -15.14 1.04
N ALA A 85 9.74 -15.43 0.65
CA ALA A 85 10.83 -15.57 1.62
C ALA A 85 11.11 -14.26 2.33
N PHE A 86 11.00 -13.14 1.61
CA PHE A 86 11.26 -11.84 2.19
C PHE A 86 10.19 -11.47 3.22
N ALA A 87 8.93 -11.76 2.90
CA ALA A 87 7.83 -11.47 3.83
C ALA A 87 7.96 -12.34 5.06
N LYS A 88 8.32 -13.59 4.82
CA LYS A 88 8.56 -14.57 5.86
C LYS A 88 9.68 -14.11 6.81
N SER A 89 10.63 -13.35 6.27
CA SER A 89 11.78 -12.92 7.05
C SER A 89 11.62 -11.48 7.58
N THR A 90 10.50 -10.84 7.24
CA THR A 90 10.26 -9.47 7.69
C THR A 90 9.09 -9.41 8.66
N GLY A 91 8.41 -10.54 8.85
CA GLY A 91 7.31 -10.61 9.79
C GLY A 91 5.98 -10.28 9.13
N VAL A 92 6.04 -9.90 7.87
CA VAL A 92 4.86 -9.54 7.10
C VAL A 92 3.86 -10.69 7.06
N THR A 93 2.66 -10.41 7.52
CA THR A 93 1.58 -11.39 7.49
C THR A 93 0.47 -10.91 6.56
N TYR A 94 0.49 -9.62 6.22
CA TYR A 94 -0.45 -9.10 5.23
C TYR A 94 -0.07 -9.60 3.84
N PRO A 95 -1.07 -9.88 2.99
CA PRO A 95 -0.82 -10.44 1.66
C PRO A 95 -0.03 -9.51 0.74
N LEU A 96 1.06 -10.04 0.22
CA LEU A 96 1.85 -9.34 -0.76
C LEU A 96 1.51 -9.86 -2.15
N GLY A 97 1.69 -9.02 -3.14
CA GLY A 97 1.53 -9.43 -4.51
C GLY A 97 2.78 -9.20 -5.30
N LEU A 98 2.95 -9.94 -6.38
CA LEU A 98 4.14 -9.82 -7.20
C LEU A 98 3.78 -9.32 -8.58
N ASP A 99 4.32 -8.18 -8.97
CA ASP A 99 4.07 -7.63 -10.30
C ASP A 99 5.36 -7.54 -11.12
N PRO A 100 5.86 -8.68 -11.63
CA PRO A 100 7.08 -8.71 -12.44
C PRO A 100 6.98 -7.81 -13.67
N GLY A 101 7.69 -6.70 -13.63
CA GLY A 101 7.61 -5.72 -14.69
C GLY A 101 7.41 -4.33 -14.13
N ALA A 102 6.79 -4.28 -12.95
CA ALA A 102 6.56 -3.03 -12.22
C ALA A 102 5.58 -2.12 -12.97
N ASP A 103 4.74 -2.73 -13.79
CA ASP A 103 3.76 -1.97 -14.57
C ASP A 103 2.66 -1.41 -13.67
N ILE A 104 2.20 -2.22 -12.73
CA ILE A 104 1.22 -1.76 -11.74
C ILE A 104 1.82 -0.63 -10.91
N PHE A 105 3.13 -0.71 -10.69
CA PHE A 105 3.86 0.33 -10.01
C PHE A 105 3.96 1.58 -10.88
N ALA A 106 4.16 1.35 -12.18
CA ALA A 106 4.40 2.44 -13.15
C ALA A 106 3.18 3.33 -13.33
N LYS A 107 1.98 2.78 -13.14
CA LYS A 107 0.77 3.58 -13.28
C LYS A 107 0.51 4.43 -12.03
N TYR A 108 1.38 4.28 -11.03
CA TYR A 108 1.37 5.12 -9.84
C TYR A 108 2.61 6.01 -9.81
N ALA A 109 3.77 5.38 -9.97
CA ALA A 109 5.04 6.09 -9.95
C ALA A 109 5.99 5.52 -11.00
N LEU A 110 6.90 6.35 -11.49
CA LEU A 110 7.84 5.93 -12.52
C LEU A 110 8.73 4.79 -12.03
N ARG A 111 8.97 3.82 -12.90
CA ARG A 111 9.80 2.66 -12.56
C ARG A 111 11.24 3.08 -12.31
N ASP A 112 11.62 4.18 -12.92
CA ASP A 112 12.95 4.75 -12.79
C ASP A 112 13.07 5.61 -11.53
N ALA A 113 11.93 5.85 -10.89
CA ALA A 113 11.90 6.69 -9.69
C ALA A 113 12.41 5.93 -8.46
N GLY A 114 12.62 4.62 -8.63
CA GLY A 114 13.20 3.84 -7.56
C GLY A 114 12.24 2.81 -6.98
N ILE A 115 12.10 2.82 -5.67
CA ILE A 115 11.30 1.84 -4.96
C ILE A 115 10.80 2.42 -3.63
N THR A 116 9.95 1.69 -2.93
CA THR A 116 9.45 2.07 -1.61
C THR A 116 8.48 3.24 -1.71
N ARG A 117 7.24 2.93 -2.03
CA ARG A 117 6.20 3.95 -2.17
C ARG A 117 4.95 3.46 -1.43
N ASN A 118 4.37 4.32 -0.62
CA ASN A 118 3.18 3.95 0.14
C ASN A 118 2.01 4.81 -0.30
N VAL A 119 0.98 4.16 -0.81
CA VAL A 119 -0.19 4.84 -1.34
C VAL A 119 -1.41 4.53 -0.47
N LEU A 120 -2.15 5.56 -0.08
CA LEU A 120 -3.35 5.37 0.70
C LEU A 120 -4.57 5.89 -0.05
N ILE A 121 -5.53 4.99 -0.27
CA ILE A 121 -6.77 5.31 -0.95
C ILE A 121 -7.88 5.50 0.06
N ASP A 122 -8.67 6.55 -0.12
CA ASP A 122 -9.72 6.87 0.83
C ASP A 122 -11.02 6.15 0.47
N ARG A 123 -12.06 6.45 1.24
CA ARG A 123 -13.35 5.79 1.12
C ARG A 123 -14.07 6.17 -0.18
N GLU A 124 -13.72 7.32 -0.76
CA GLU A 124 -14.26 7.72 -2.05
C GLU A 124 -13.55 7.02 -3.20
N GLY A 125 -12.29 6.65 -2.96
CA GLY A 125 -11.50 6.02 -4.00
C GLY A 125 -10.37 6.90 -4.48
N LYS A 126 -10.09 7.96 -3.73
CA LYS A 126 -9.05 8.92 -4.09
C LYS A 126 -7.75 8.60 -3.35
N ILE A 127 -6.65 9.11 -3.86
CA ILE A 127 -5.36 8.98 -3.19
C ILE A 127 -5.08 10.23 -2.36
N VAL A 128 -5.14 10.08 -1.04
CA VAL A 128 -5.03 11.22 -0.15
C VAL A 128 -3.71 11.20 0.63
N LYS A 129 -2.88 10.20 0.38
CA LYS A 129 -1.64 10.03 1.13
C LYS A 129 -0.68 9.14 0.37
N LEU A 130 0.43 9.70 -0.07
CA LEU A 130 1.46 8.92 -0.73
C LEU A 130 2.85 9.34 -0.26
N THR A 131 3.46 8.51 0.56
CA THR A 131 4.78 8.78 1.07
C THR A 131 5.83 8.03 0.27
N ARG A 132 7.04 8.54 0.28
CA ARG A 132 8.13 7.93 -0.43
C ARG A 132 9.26 7.60 0.53
N LEU A 133 9.78 6.39 0.43
CA LEU A 133 10.91 5.96 1.26
C LEU A 133 10.51 5.89 2.72
N TYR A 134 9.27 5.47 2.97
CA TYR A 134 8.71 5.34 4.32
C TYR A 134 8.47 6.69 4.97
N ASN A 135 9.53 7.45 5.25
CA ASN A 135 9.45 8.74 5.95
C ASN A 135 8.93 8.54 7.37
N GLU A 136 9.81 8.82 8.34
CA GLU A 136 9.53 8.58 9.75
C GLU A 136 8.18 9.19 10.16
N GLU A 137 8.04 10.48 9.93
CA GLU A 137 6.87 11.24 10.36
C GLU A 137 5.70 11.09 9.40
N GLU A 138 5.99 11.02 8.11
CA GLU A 138 4.94 10.87 7.11
C GLU A 138 4.21 9.54 7.31
N PHE A 139 4.97 8.50 7.65
CA PHE A 139 4.37 7.21 7.94
C PHE A 139 3.62 7.27 9.26
N ALA A 140 4.21 7.94 10.25
CA ALA A 140 3.57 8.11 11.55
C ALA A 140 2.21 8.80 11.41
N SER A 141 2.19 9.91 10.69
CA SER A 141 0.94 10.61 10.42
C SER A 141 -0.04 9.73 9.65
N LEU A 142 0.50 8.89 8.78
CA LEU A 142 -0.31 7.99 7.97
C LEU A 142 -0.98 6.94 8.86
N VAL A 143 -0.24 6.39 9.82
CA VAL A 143 -0.77 5.39 10.75
C VAL A 143 -1.95 5.95 11.54
N GLN A 144 -1.77 7.11 12.15
CA GLN A 144 -2.83 7.72 12.92
C GLN A 144 -4.02 8.04 12.01
N GLN A 145 -3.71 8.48 10.80
CA GLN A 145 -4.72 8.76 9.80
C GLN A 145 -5.49 7.49 9.43
N ILE A 146 -4.80 6.35 9.39
CA ILE A 146 -5.43 5.06 9.16
C ILE A 146 -6.54 4.83 10.18
N ASN A 147 -6.19 4.97 11.45
CA ASN A 147 -7.13 4.79 12.54
C ASN A 147 -8.37 5.64 12.35
N GLU A 148 -8.18 6.90 11.98
CA GLU A 148 -9.29 7.82 11.75
C GLU A 148 -10.13 7.37 10.57
N MET A 149 -9.49 6.85 9.53
CA MET A 149 -10.19 6.38 8.34
C MET A 149 -11.15 5.27 8.72
N LEU A 150 -10.76 4.54 9.75
CA LEU A 150 -11.56 3.45 10.28
C LEU A 150 -12.51 3.96 11.36
N LYS A 151 -12.24 5.16 11.86
CA LYS A 151 -12.97 5.71 12.98
C LYS A 151 -14.00 6.75 12.50
N GLU A 152 -13.97 7.01 11.19
CA GLU A 152 -14.94 7.87 10.48
C GLU A 152 -16.30 7.90 11.19
N GLY A 153 -17.01 6.76 11.14
CA GLY A 153 -18.26 6.59 11.86
C GLY A 153 -19.17 7.81 11.83
N HIS A 154 -19.47 8.30 10.63
CA HIS A 154 -20.29 9.50 10.45
C HIS A 154 -21.55 9.51 11.31
N HIS A 155 -22.58 8.80 10.86
CA HIS A 155 -23.89 8.80 11.53
C HIS A 155 -24.39 10.24 11.66
N HIS A 156 -25.20 10.50 12.69
CA HIS A 156 -25.59 11.87 13.01
C HIS A 156 -25.14 12.19 14.43
N HIS A 157 -24.14 11.46 14.88
CA HIS A 157 -23.58 11.62 16.22
C HIS A 157 -22.23 10.92 16.30
N HIS A 158 -21.16 11.64 16.01
CA HIS A 158 -19.81 11.09 16.08
C HIS A 158 -19.13 11.56 17.37
N HIS A 159 -19.89 12.30 18.17
CA HIS A 159 -19.46 12.73 19.49
C HIS A 159 -20.67 13.21 20.26
N MET A 1 12.95 14.53 -4.02
CA MET A 1 13.72 15.07 -5.15
C MET A 1 13.32 14.34 -6.43
N SER A 2 13.98 13.23 -6.72
CA SER A 2 13.65 12.42 -7.88
C SER A 2 12.44 11.56 -7.58
N LEU A 3 11.26 12.08 -7.90
CA LEU A 3 10.01 11.35 -7.68
C LEU A 3 9.04 11.63 -8.81
N GLY A 4 8.94 10.70 -9.74
CA GLY A 4 8.08 10.88 -10.90
C GLY A 4 6.67 10.38 -10.65
N TYR A 5 5.93 11.11 -9.82
CA TYR A 5 4.54 10.76 -9.54
C TYR A 5 3.61 11.26 -10.63
N ILE A 6 2.90 10.34 -11.26
CA ILE A 6 1.91 10.71 -12.26
C ILE A 6 0.54 10.86 -11.62
N VAL A 7 0.37 10.22 -10.47
CA VAL A 7 -0.88 10.31 -9.71
C VAL A 7 -0.68 11.27 -8.54
N ARG A 8 -1.75 11.96 -8.17
CA ARG A 8 -1.64 13.07 -7.23
C ARG A 8 -2.49 12.85 -5.99
N ILE A 9 -2.29 13.70 -4.98
CA ILE A 9 -3.08 13.64 -3.77
C ILE A 9 -4.47 14.23 -4.01
N GLY A 10 -5.49 13.48 -3.67
CA GLY A 10 -6.84 13.89 -3.94
C GLY A 10 -7.30 13.36 -5.28
N GLU A 11 -6.36 12.80 -6.02
CA GLU A 11 -6.60 12.27 -7.34
C GLU A 11 -6.94 10.78 -7.23
N MET A 12 -7.73 10.27 -8.16
CA MET A 12 -8.24 8.92 -8.05
C MET A 12 -7.20 7.89 -8.50
N ALA A 13 -7.20 6.74 -7.83
CA ALA A 13 -6.23 5.69 -8.11
C ALA A 13 -6.71 4.79 -9.24
N PRO A 14 -5.82 4.47 -10.20
CA PRO A 14 -6.13 3.57 -11.30
C PRO A 14 -6.25 2.12 -10.84
N ASP A 15 -7.21 1.40 -11.39
CA ASP A 15 -7.46 0.02 -11.01
C ASP A 15 -6.41 -0.90 -11.64
N PHE A 16 -6.32 -2.12 -11.13
CA PHE A 16 -5.32 -3.08 -11.57
C PHE A 16 -5.69 -4.48 -11.09
N THR A 17 -5.10 -5.49 -11.70
CA THR A 17 -5.28 -6.86 -11.27
C THR A 17 -3.93 -7.50 -10.98
N ILE A 18 -3.67 -7.75 -9.72
CA ILE A 18 -2.35 -8.19 -9.29
C ILE A 18 -2.37 -9.63 -8.79
N THR A 19 -1.24 -10.31 -8.92
CA THR A 19 -1.07 -11.67 -8.46
C THR A 19 -0.59 -11.67 -7.02
N LEU A 20 -1.30 -12.38 -6.15
CA LEU A 20 -0.89 -12.50 -4.75
C LEU A 20 0.16 -13.58 -4.58
N THR A 21 0.63 -13.75 -3.35
CA THR A 21 1.70 -14.69 -3.01
C THR A 21 1.35 -16.13 -3.38
N ASP A 22 0.08 -16.45 -3.41
CA ASP A 22 -0.37 -17.80 -3.72
C ASP A 22 -0.68 -17.94 -5.21
N GLY A 23 -0.86 -16.80 -5.87
CA GLY A 23 -1.21 -16.81 -7.27
C GLY A 23 -2.59 -16.23 -7.52
N LYS A 24 -3.26 -15.80 -6.47
CA LYS A 24 -4.59 -15.20 -6.59
C LYS A 24 -4.54 -13.88 -7.33
N GLN A 25 -5.35 -13.77 -8.36
CA GLN A 25 -5.53 -12.52 -9.07
C GLN A 25 -6.65 -11.72 -8.41
N VAL A 26 -6.32 -10.52 -7.96
CA VAL A 26 -7.33 -9.65 -7.36
C VAL A 26 -7.37 -8.32 -8.09
N THR A 27 -8.53 -7.69 -8.08
CA THR A 27 -8.71 -6.42 -8.73
C THR A 27 -8.89 -5.33 -7.67
N LEU A 28 -8.52 -4.09 -7.98
CA LEU A 28 -8.68 -3.01 -7.03
C LEU A 28 -10.17 -2.79 -6.76
N SER A 29 -10.98 -2.99 -7.80
CA SER A 29 -12.42 -2.90 -7.71
C SER A 29 -13.00 -3.85 -6.66
N SER A 30 -12.26 -4.91 -6.34
CA SER A 30 -12.70 -5.88 -5.33
C SER A 30 -12.65 -5.26 -3.94
N LEU A 31 -11.82 -4.25 -3.78
CA LEU A 31 -11.66 -3.55 -2.51
C LEU A 31 -12.12 -2.11 -2.64
N ARG A 32 -12.77 -1.81 -3.76
CA ARG A 32 -13.28 -0.47 -4.03
C ARG A 32 -14.50 -0.17 -3.18
N GLY A 33 -14.30 0.62 -2.15
CA GLY A 33 -15.38 0.99 -1.25
C GLY A 33 -14.86 1.18 0.16
N LYS A 34 -13.75 0.53 0.44
CA LYS A 34 -13.09 0.65 1.73
C LYS A 34 -11.74 1.31 1.58
N VAL A 35 -11.07 1.58 2.70
CA VAL A 35 -9.75 2.18 2.67
C VAL A 35 -8.72 1.14 2.24
N VAL A 36 -7.92 1.48 1.25
CA VAL A 36 -6.95 0.54 0.72
C VAL A 36 -5.54 1.11 0.78
N MET A 37 -4.71 0.52 1.63
CA MET A 37 -3.32 0.97 1.76
C MET A 37 -2.40 0.12 0.89
N LEU A 38 -1.62 0.79 0.06
CA LEU A 38 -0.62 0.11 -0.77
C LEU A 38 0.77 0.64 -0.50
N GLN A 39 1.72 -0.26 -0.41
CA GLN A 39 3.11 0.13 -0.34
C GLN A 39 3.89 -0.60 -1.42
N PHE A 40 4.66 0.15 -2.18
CA PHE A 40 5.45 -0.43 -3.27
C PHE A 40 6.82 -0.81 -2.76
N THR A 41 7.05 -2.11 -2.69
CA THR A 41 8.18 -2.67 -1.98
C THR A 41 9.08 -3.47 -2.92
N ALA A 42 10.30 -3.78 -2.46
CA ALA A 42 11.19 -4.69 -3.16
C ALA A 42 11.99 -5.48 -2.14
N SER A 43 12.32 -6.72 -2.48
CA SER A 43 12.97 -7.63 -1.55
C SER A 43 14.34 -7.12 -1.07
N TRP A 44 14.94 -6.22 -1.83
CA TRP A 44 16.29 -5.74 -1.54
C TRP A 44 16.28 -4.35 -0.91
N CYS A 45 15.09 -3.80 -0.65
CA CYS A 45 14.99 -2.48 -0.04
C CYS A 45 15.22 -2.55 1.47
N GLY A 46 16.41 -2.16 1.89
CA GLY A 46 16.75 -2.17 3.30
C GLY A 46 15.93 -1.20 4.11
N VAL A 47 15.69 -0.02 3.57
CA VAL A 47 14.89 1.00 4.25
C VAL A 47 13.47 0.50 4.49
N CYS A 48 12.95 -0.24 3.53
CA CYS A 48 11.59 -0.77 3.61
C CYS A 48 11.51 -1.89 4.65
N ARG A 49 12.65 -2.42 5.07
CA ARG A 49 12.69 -3.46 6.07
C ARG A 49 12.41 -2.87 7.46
N LYS A 50 12.36 -1.55 7.53
CA LYS A 50 11.76 -0.87 8.68
C LYS A 50 10.25 -0.81 8.47
N GLU A 51 9.91 -0.40 7.26
CA GLU A 51 8.55 -0.11 6.85
C GLU A 51 7.63 -1.34 7.01
N MET A 52 8.00 -2.43 6.34
CA MET A 52 7.19 -3.65 6.30
C MET A 52 6.77 -4.10 7.72
N PRO A 53 7.72 -4.36 8.64
CA PRO A 53 7.39 -4.79 10.01
C PRO A 53 6.57 -3.75 10.77
N PHE A 54 6.89 -2.48 10.58
CA PHE A 54 6.16 -1.41 11.25
C PHE A 54 4.71 -1.35 10.76
N ILE A 55 4.52 -1.46 9.45
CA ILE A 55 3.18 -1.51 8.87
C ILE A 55 2.40 -2.67 9.47
N GLU A 56 3.04 -3.83 9.51
CA GLU A 56 2.46 -5.03 10.11
C GLU A 56 2.05 -4.76 11.56
N LYS A 57 3.01 -4.27 12.33
CA LYS A 57 2.84 -4.07 13.76
C LYS A 57 1.74 -3.07 14.11
N ASP A 58 1.87 -1.83 13.64
CA ASP A 58 1.03 -0.75 14.16
C ASP A 58 -0.06 -0.29 13.21
N ILE A 59 0.00 -0.67 11.95
CA ILE A 59 -1.07 -0.30 11.03
C ILE A 59 -1.98 -1.49 10.76
N TRP A 60 -1.37 -2.56 10.26
CA TRP A 60 -2.08 -3.76 9.89
C TRP A 60 -2.78 -4.37 11.10
N LEU A 61 -2.02 -4.88 12.05
CA LEU A 61 -2.57 -5.58 13.23
C LEU A 61 -3.68 -4.80 13.95
N LYS A 62 -3.71 -3.49 13.78
CA LYS A 62 -4.67 -2.66 14.51
C LYS A 62 -6.00 -2.53 13.76
N HIS A 63 -5.95 -2.43 12.44
CA HIS A 63 -7.16 -2.13 11.67
C HIS A 63 -7.38 -3.09 10.50
N LYS A 64 -6.46 -4.05 10.35
CA LYS A 64 -6.37 -4.92 9.16
C LYS A 64 -7.72 -5.38 8.60
N ASP A 65 -8.55 -5.93 9.45
CA ASP A 65 -9.79 -6.53 8.99
C ASP A 65 -10.87 -5.46 8.86
N ASN A 66 -11.52 -5.17 9.99
CA ASN A 66 -12.65 -4.27 10.00
C ASN A 66 -13.71 -4.81 9.04
N ALA A 67 -14.54 -3.94 8.49
CA ALA A 67 -15.40 -4.31 7.39
C ALA A 67 -14.94 -3.58 6.15
N ASP A 68 -14.09 -2.58 6.38
CA ASP A 68 -13.66 -1.68 5.32
C ASP A 68 -12.21 -1.25 5.48
N PHE A 69 -11.33 -2.16 5.88
CA PHE A 69 -9.91 -1.85 5.79
C PHE A 69 -9.20 -2.88 4.90
N ALA A 70 -8.46 -2.38 3.93
CA ALA A 70 -7.67 -3.24 3.06
C ALA A 70 -6.23 -2.76 2.96
N LEU A 71 -5.30 -3.70 2.90
CA LEU A 71 -3.88 -3.38 2.81
C LEU A 71 -3.17 -4.45 1.98
N ILE A 72 -2.49 -4.03 0.92
CA ILE A 72 -1.77 -4.97 0.07
C ILE A 72 -0.35 -4.47 -0.16
N GLY A 73 0.63 -5.34 0.07
CA GLY A 73 2.01 -4.99 -0.22
C GLY A 73 2.35 -5.31 -1.65
N ILE A 74 2.96 -4.37 -2.36
CA ILE A 74 3.15 -4.50 -3.79
C ILE A 74 4.62 -4.48 -4.15
N ASP A 75 5.18 -5.63 -4.54
CA ASP A 75 6.59 -5.66 -4.93
C ASP A 75 6.75 -5.09 -6.34
N ARG A 76 7.85 -4.38 -6.56
CA ARG A 76 8.04 -3.63 -7.79
C ARG A 76 8.30 -4.54 -9.00
N ASP A 77 8.91 -5.71 -8.77
CA ASP A 77 9.30 -6.57 -9.90
C ASP A 77 9.40 -8.05 -9.50
N GLU A 78 9.80 -8.31 -8.26
CA GLU A 78 10.21 -9.64 -7.84
C GLU A 78 9.09 -10.67 -7.96
N PRO A 79 9.42 -11.89 -8.38
CA PRO A 79 8.46 -12.99 -8.52
C PRO A 79 8.03 -13.58 -7.19
N LEU A 80 7.15 -14.57 -7.24
CA LEU A 80 6.60 -15.22 -6.06
C LEU A 80 7.69 -15.63 -5.08
N GLU A 81 8.65 -16.41 -5.58
CA GLU A 81 9.69 -17.01 -4.75
C GLU A 81 10.39 -15.99 -3.86
N LYS A 82 10.58 -14.78 -4.36
CA LYS A 82 11.26 -13.75 -3.60
C LYS A 82 10.30 -13.06 -2.64
N VAL A 83 9.12 -12.72 -3.14
CA VAL A 83 8.10 -12.07 -2.33
C VAL A 83 7.75 -12.90 -1.09
N LEU A 84 7.54 -14.20 -1.28
CA LEU A 84 7.19 -15.09 -0.18
C LEU A 84 8.26 -15.09 0.90
N ALA A 85 9.49 -15.31 0.51
CA ALA A 85 10.61 -15.34 1.44
C ALA A 85 10.79 -13.99 2.13
N PHE A 86 10.58 -12.91 1.39
CA PHE A 86 10.74 -11.56 1.94
C PHE A 86 9.70 -11.29 3.02
N ALA A 87 8.45 -11.69 2.78
CA ALA A 87 7.38 -11.51 3.75
C ALA A 87 7.65 -12.36 4.98
N LYS A 88 8.06 -13.58 4.71
CA LYS A 88 8.38 -14.57 5.74
C LYS A 88 9.50 -14.08 6.65
N SER A 89 10.37 -13.23 6.13
CA SER A 89 11.52 -12.76 6.87
C SER A 89 11.30 -11.36 7.45
N THR A 90 10.13 -10.77 7.19
CA THR A 90 9.82 -9.45 7.70
C THR A 90 8.62 -9.49 8.65
N GLY A 91 8.09 -10.68 8.88
CA GLY A 91 7.01 -10.86 9.83
C GLY A 91 5.66 -10.47 9.26
N VAL A 92 5.60 -10.34 7.95
CA VAL A 92 4.38 -9.92 7.27
C VAL A 92 3.33 -11.02 7.24
N THR A 93 2.13 -10.68 7.70
CA THR A 93 0.99 -11.59 7.61
C THR A 93 0.03 -11.14 6.52
N TYR A 94 0.04 -9.85 6.20
CA TYR A 94 -0.83 -9.31 5.16
C TYR A 94 -0.39 -9.77 3.79
N PRO A 95 -1.35 -10.00 2.87
CA PRO A 95 -1.06 -10.49 1.52
C PRO A 95 -0.18 -9.54 0.72
N LEU A 96 0.81 -10.11 0.05
CA LEU A 96 1.65 -9.34 -0.84
C LEU A 96 1.38 -9.73 -2.28
N GLY A 97 1.35 -8.75 -3.15
CA GLY A 97 1.20 -9.00 -4.55
C GLY A 97 2.45 -8.61 -5.29
N LEU A 98 2.78 -9.35 -6.34
CA LEU A 98 3.98 -9.06 -7.12
C LEU A 98 3.60 -8.38 -8.43
N ASP A 99 4.40 -7.38 -8.80
CA ASP A 99 4.18 -6.64 -10.03
C ASP A 99 5.39 -6.79 -10.96
N PRO A 100 5.46 -7.90 -11.71
CA PRO A 100 6.61 -8.17 -12.58
C PRO A 100 6.74 -7.16 -13.72
N GLY A 101 7.72 -6.27 -13.59
CA GLY A 101 7.96 -5.29 -14.63
C GLY A 101 7.57 -3.88 -14.22
N ALA A 102 7.23 -3.73 -12.94
CA ALA A 102 6.81 -2.44 -12.39
C ALA A 102 5.67 -1.80 -13.21
N ASP A 103 4.70 -2.62 -13.62
CA ASP A 103 3.57 -2.13 -14.42
C ASP A 103 2.52 -1.49 -13.53
N ILE A 104 2.14 -2.18 -12.46
CA ILE A 104 1.21 -1.64 -11.49
C ILE A 104 1.86 -0.48 -10.76
N PHE A 105 3.18 -0.57 -10.61
CA PHE A 105 3.97 0.54 -10.10
C PHE A 105 3.80 1.73 -11.03
N ALA A 106 3.81 1.45 -12.33
CA ALA A 106 3.66 2.49 -13.37
C ALA A 106 2.27 3.12 -13.34
N LYS A 107 1.29 2.37 -12.83
CA LYS A 107 -0.07 2.90 -12.69
C LYS A 107 -0.10 4.06 -11.69
N TYR A 108 0.87 4.09 -10.80
CA TYR A 108 0.88 5.06 -9.72
C TYR A 108 2.01 6.07 -9.83
N ALA A 109 2.96 5.80 -10.73
CA ALA A 109 4.10 6.68 -10.94
C ALA A 109 5.00 6.09 -12.01
N LEU A 110 6.06 6.81 -12.35
CA LEU A 110 7.04 6.28 -13.29
C LEU A 110 7.77 5.10 -12.66
N ARG A 111 7.91 4.01 -13.42
CA ARG A 111 8.51 2.78 -12.94
C ARG A 111 9.87 3.05 -12.31
N ASP A 112 10.68 3.74 -13.08
CA ASP A 112 12.08 3.98 -12.74
C ASP A 112 12.26 5.32 -12.02
N ALA A 113 11.19 5.80 -11.42
CA ALA A 113 11.23 7.05 -10.68
C ALA A 113 11.49 6.81 -9.20
N GLY A 114 11.76 5.55 -8.85
CA GLY A 114 12.07 5.23 -7.47
C GLY A 114 11.43 3.93 -7.03
N ILE A 115 11.39 3.71 -5.72
CA ILE A 115 10.77 2.53 -5.13
C ILE A 115 10.64 2.75 -3.63
N THR A 116 9.70 2.05 -3.00
CA THR A 116 9.42 2.18 -1.58
C THR A 116 8.67 3.47 -1.30
N ARG A 117 7.36 3.35 -1.22
CA ARG A 117 6.47 4.49 -1.02
C ARG A 117 5.14 4.02 -0.49
N ASN A 118 4.53 4.84 0.36
CA ASN A 118 3.26 4.51 0.96
C ASN A 118 2.14 5.27 0.27
N VAL A 119 1.21 4.53 -0.30
CA VAL A 119 0.09 5.09 -1.03
C VAL A 119 -1.22 4.69 -0.35
N LEU A 120 -1.89 5.64 0.26
CA LEU A 120 -3.15 5.35 0.93
C LEU A 120 -4.32 5.77 0.06
N ILE A 121 -5.12 4.79 -0.35
CA ILE A 121 -6.31 5.03 -1.13
C ILE A 121 -7.52 5.07 -0.20
N ASP A 122 -8.38 6.06 -0.39
CA ASP A 122 -9.57 6.20 0.43
C ASP A 122 -10.72 5.37 -0.12
N ARG A 123 -11.84 5.40 0.60
CA ARG A 123 -13.01 4.62 0.25
C ARG A 123 -13.64 5.09 -1.07
N GLU A 124 -13.40 6.35 -1.42
CA GLU A 124 -13.97 6.92 -2.62
C GLU A 124 -13.15 6.51 -3.85
N GLY A 125 -11.92 6.08 -3.61
CA GLY A 125 -11.08 5.63 -4.70
C GLY A 125 -9.98 6.63 -5.01
N LYS A 126 -9.79 7.59 -4.12
CA LYS A 126 -8.78 8.62 -4.32
C LYS A 126 -7.57 8.32 -3.44
N ILE A 127 -6.42 8.89 -3.81
CA ILE A 127 -5.23 8.76 -3.00
C ILE A 127 -5.10 9.98 -2.09
N VAL A 128 -4.97 9.75 -0.79
CA VAL A 128 -4.98 10.84 0.17
C VAL A 128 -3.59 11.11 0.71
N LYS A 129 -2.72 10.12 0.63
CA LYS A 129 -1.43 10.25 1.27
C LYS A 129 -0.31 9.63 0.44
N LEU A 130 0.71 10.43 0.19
CA LEU A 130 1.93 9.98 -0.45
C LEU A 130 3.09 10.10 0.54
N THR A 131 3.71 8.99 0.89
CA THR A 131 4.94 9.02 1.68
C THR A 131 6.06 8.29 0.95
N ARG A 132 7.22 8.92 0.89
CA ARG A 132 8.38 8.34 0.23
C ARG A 132 9.24 7.60 1.25
N LEU A 133 9.43 6.30 1.01
CA LEU A 133 10.24 5.45 1.88
C LEU A 133 9.62 5.39 3.28
N TYR A 134 10.25 4.64 4.17
CA TYR A 134 9.85 4.67 5.57
C TYR A 134 10.51 5.84 6.26
N ASN A 135 9.77 6.92 6.39
CA ASN A 135 10.22 8.07 7.15
C ASN A 135 9.42 8.14 8.43
N GLU A 136 10.12 8.08 9.56
CA GLU A 136 9.51 7.99 10.88
C GLU A 136 8.31 8.94 11.05
N GLU A 137 8.54 10.24 10.83
CA GLU A 137 7.48 11.24 11.00
C GLU A 137 6.26 10.92 10.13
N GLU A 138 6.50 10.59 8.86
CA GLU A 138 5.40 10.35 7.93
C GLU A 138 4.67 9.06 8.23
N PHE A 139 5.40 8.05 8.68
CA PHE A 139 4.77 6.80 9.08
C PHE A 139 3.90 7.03 10.31
N ALA A 140 4.41 7.83 11.25
CA ALA A 140 3.66 8.21 12.42
C ALA A 140 2.40 8.99 12.02
N SER A 141 2.56 9.89 11.06
CA SER A 141 1.44 10.66 10.53
C SER A 141 0.44 9.74 9.87
N LEU A 142 0.95 8.72 9.18
CA LEU A 142 0.12 7.73 8.54
C LEU A 142 -0.73 7.01 9.57
N VAL A 143 -0.09 6.49 10.62
CA VAL A 143 -0.80 5.75 11.68
C VAL A 143 -1.98 6.55 12.23
N GLN A 144 -1.71 7.81 12.60
CA GLN A 144 -2.76 8.68 13.11
C GLN A 144 -3.85 8.87 12.06
N GLN A 145 -3.43 9.04 10.81
CA GLN A 145 -4.35 9.20 9.70
C GLN A 145 -5.19 7.94 9.52
N ILE A 146 -4.55 6.77 9.62
CA ILE A 146 -5.24 5.50 9.47
C ILE A 146 -6.38 5.41 10.48
N ASN A 147 -6.09 5.76 11.73
CA ASN A 147 -7.09 5.78 12.77
C ASN A 147 -8.27 6.67 12.38
N GLU A 148 -7.96 7.84 11.83
CA GLU A 148 -9.00 8.79 11.44
C GLU A 148 -9.76 8.31 10.20
N MET A 149 -9.06 7.64 9.29
CA MET A 149 -9.68 7.13 8.07
C MET A 149 -10.71 6.07 8.40
N LEU A 150 -10.53 5.44 9.55
CA LEU A 150 -11.47 4.44 10.04
C LEU A 150 -12.69 5.11 10.69
N LYS A 151 -12.55 6.38 11.06
CA LYS A 151 -13.66 7.12 11.66
C LYS A 151 -14.29 8.07 10.64
N GLU A 152 -13.53 8.37 9.59
CA GLU A 152 -13.94 9.25 8.49
C GLU A 152 -14.80 10.45 8.94
N GLY A 153 -16.10 10.41 8.67
CA GLY A 153 -16.94 11.56 8.93
C GLY A 153 -17.46 11.63 10.36
N HIS A 154 -16.68 11.12 11.30
CA HIS A 154 -17.07 11.18 12.72
C HIS A 154 -16.30 12.30 13.41
N HIS A 155 -15.47 13.01 12.64
CA HIS A 155 -14.70 14.13 13.19
C HIS A 155 -15.42 15.44 12.89
N HIS A 156 -16.65 15.33 12.39
CA HIS A 156 -17.47 16.51 12.11
C HIS A 156 -18.92 16.24 12.50
N HIS A 157 -19.71 17.30 12.60
CA HIS A 157 -21.11 17.21 13.02
C HIS A 157 -21.99 16.76 11.85
N HIS A 158 -21.42 15.95 10.96
CA HIS A 158 -22.05 15.57 9.69
C HIS A 158 -22.19 16.78 8.79
N HIS A 159 -21.44 17.81 9.13
CA HIS A 159 -21.43 19.06 8.40
C HIS A 159 -20.24 19.90 8.89
N MET A 1 12.04 17.64 -3.75
CA MET A 1 12.37 16.42 -4.55
C MET A 1 11.32 16.23 -5.63
N SER A 2 11.62 15.37 -6.61
CA SER A 2 10.74 15.16 -7.74
C SER A 2 9.62 14.16 -7.43
N LEU A 3 9.85 13.33 -6.40
CA LEU A 3 8.90 12.28 -5.99
C LEU A 3 8.84 11.15 -7.02
N GLY A 4 8.52 11.49 -8.26
CA GLY A 4 8.46 10.49 -9.31
C GLY A 4 7.05 10.02 -9.58
N TYR A 5 6.10 10.64 -8.88
CA TYR A 5 4.69 10.30 -9.05
C TYR A 5 4.12 10.97 -10.28
N ILE A 6 3.39 10.19 -11.08
CA ILE A 6 2.75 10.72 -12.27
C ILE A 6 1.26 10.94 -11.99
N VAL A 7 0.81 10.48 -10.83
CA VAL A 7 -0.57 10.61 -10.43
C VAL A 7 -0.68 11.61 -9.27
N ARG A 8 -1.86 12.17 -9.07
CA ARG A 8 -2.01 13.29 -8.16
C ARG A 8 -2.97 13.00 -7.01
N ILE A 9 -2.93 13.86 -5.99
CA ILE A 9 -3.79 13.72 -4.83
C ILE A 9 -5.20 14.17 -5.16
N GLY A 10 -6.18 13.42 -4.69
CA GLY A 10 -7.57 13.77 -4.93
C GLY A 10 -8.15 13.04 -6.12
N GLU A 11 -7.28 12.67 -7.05
CA GLU A 11 -7.70 11.94 -8.23
C GLU A 11 -8.18 10.54 -7.85
N MET A 12 -9.10 10.00 -8.63
CA MET A 12 -9.57 8.65 -8.38
C MET A 12 -8.47 7.67 -8.75
N ALA A 13 -8.09 6.83 -7.80
CA ALA A 13 -7.03 5.86 -8.00
C ALA A 13 -7.30 4.98 -9.21
N PRO A 14 -6.26 4.67 -9.99
CA PRO A 14 -6.39 3.82 -11.17
C PRO A 14 -6.76 2.38 -10.83
N ASP A 15 -7.01 1.59 -11.85
CA ASP A 15 -7.33 0.18 -11.67
C ASP A 15 -6.05 -0.61 -11.42
N PHE A 16 -6.22 -1.89 -11.13
CA PHE A 16 -5.15 -2.86 -11.20
C PHE A 16 -5.65 -4.21 -10.72
N THR A 17 -5.15 -5.25 -11.34
CA THR A 17 -5.46 -6.61 -10.94
C THR A 17 -4.15 -7.37 -10.74
N ILE A 18 -3.73 -7.50 -9.49
CA ILE A 18 -2.42 -8.03 -9.20
C ILE A 18 -2.51 -9.45 -8.65
N THR A 19 -1.52 -10.26 -8.96
CA THR A 19 -1.44 -11.62 -8.48
C THR A 19 -0.84 -11.63 -7.08
N LEU A 20 -1.53 -12.28 -6.15
CA LEU A 20 -1.08 -12.34 -4.77
C LEU A 20 -0.08 -13.48 -4.56
N THR A 21 0.42 -13.57 -3.34
CA THR A 21 1.47 -14.52 -2.97
C THR A 21 1.03 -15.98 -3.13
N ASP A 22 -0.28 -16.23 -3.10
CA ASP A 22 -0.79 -17.58 -3.18
C ASP A 22 -1.39 -17.85 -4.56
N GLY A 23 -1.17 -16.92 -5.48
CA GLY A 23 -1.62 -17.11 -6.83
C GLY A 23 -3.02 -16.59 -7.09
N LYS A 24 -3.54 -15.79 -6.16
CA LYS A 24 -4.84 -15.15 -6.36
C LYS A 24 -4.68 -13.87 -7.15
N GLN A 25 -5.79 -13.27 -7.55
CA GLN A 25 -5.75 -11.99 -8.24
C GLN A 25 -6.84 -11.09 -7.70
N VAL A 26 -6.47 -9.88 -7.31
CA VAL A 26 -7.42 -8.92 -6.79
C VAL A 26 -7.47 -7.67 -7.66
N THR A 27 -8.63 -7.04 -7.70
CA THR A 27 -8.81 -5.82 -8.47
C THR A 27 -9.17 -4.66 -7.53
N LEU A 28 -8.66 -3.47 -7.82
CA LEU A 28 -8.92 -2.30 -6.98
C LEU A 28 -10.41 -1.94 -6.98
N SER A 29 -11.12 -2.36 -8.02
CA SER A 29 -12.54 -2.12 -8.12
C SER A 29 -13.28 -2.80 -6.96
N SER A 30 -12.82 -3.99 -6.59
CA SER A 30 -13.44 -4.75 -5.51
C SER A 30 -13.11 -4.13 -4.15
N LEU A 31 -12.01 -3.39 -4.11
CA LEU A 31 -11.55 -2.79 -2.87
C LEU A 31 -12.17 -1.41 -2.64
N ARG A 32 -12.87 -0.89 -3.65
CA ARG A 32 -13.52 0.41 -3.54
C ARG A 32 -14.56 0.38 -2.41
N GLY A 33 -14.79 1.54 -1.80
CA GLY A 33 -15.69 1.62 -0.66
C GLY A 33 -14.92 1.50 0.63
N LYS A 34 -13.75 0.88 0.53
CA LYS A 34 -12.90 0.65 1.68
C LYS A 34 -11.57 1.37 1.50
N VAL A 35 -10.89 1.64 2.60
CA VAL A 35 -9.58 2.28 2.53
C VAL A 35 -8.55 1.29 1.98
N VAL A 36 -7.78 1.74 1.01
CA VAL A 36 -6.80 0.87 0.38
C VAL A 36 -5.39 1.43 0.56
N MET A 37 -4.51 0.63 1.13
CA MET A 37 -3.12 1.04 1.29
C MET A 37 -2.22 0.26 0.35
N LEU A 38 -1.58 0.98 -0.55
CA LEU A 38 -0.65 0.37 -1.50
C LEU A 38 0.78 0.66 -1.11
N GLN A 39 1.45 -0.33 -0.54
CA GLN A 39 2.84 -0.18 -0.14
C GLN A 39 3.74 -0.87 -1.15
N PHE A 40 4.52 -0.09 -1.89
CA PHE A 40 5.37 -0.63 -2.94
C PHE A 40 6.75 -0.96 -2.41
N THR A 41 7.13 -2.22 -2.51
CA THR A 41 8.37 -2.71 -1.92
C THR A 41 9.05 -3.72 -2.85
N ALA A 42 10.19 -4.26 -2.41
CA ALA A 42 10.87 -5.34 -3.12
C ALA A 42 11.85 -6.03 -2.18
N SER A 43 12.19 -7.26 -2.51
CA SER A 43 13.05 -8.08 -1.66
C SER A 43 14.46 -7.49 -1.54
N TRP A 44 14.93 -6.83 -2.59
CA TRP A 44 16.30 -6.32 -2.62
C TRP A 44 16.44 -4.97 -1.94
N CYS A 45 15.38 -4.51 -1.28
CA CYS A 45 15.43 -3.23 -0.58
C CYS A 45 15.67 -3.43 0.92
N GLY A 46 16.63 -2.69 1.45
CA GLY A 46 16.93 -2.74 2.87
C GLY A 46 16.11 -1.74 3.67
N VAL A 47 15.73 -0.64 3.05
CA VAL A 47 14.94 0.39 3.71
C VAL A 47 13.54 -0.13 4.03
N CYS A 48 13.02 -0.96 3.14
CA CYS A 48 11.72 -1.59 3.35
C CYS A 48 11.74 -2.55 4.52
N ARG A 49 12.94 -2.93 4.96
CA ARG A 49 13.09 -3.80 6.12
C ARG A 49 12.89 -3.00 7.41
N LYS A 50 12.71 -1.69 7.25
CA LYS A 50 12.16 -0.84 8.30
C LYS A 50 10.67 -0.70 8.06
N GLU A 51 10.38 -0.31 6.82
CA GLU A 51 9.02 0.01 6.37
C GLU A 51 8.05 -1.15 6.60
N MET A 52 8.27 -2.25 5.89
CA MET A 52 7.34 -3.38 5.89
C MET A 52 7.05 -3.92 7.30
N PRO A 53 8.08 -4.21 8.12
CA PRO A 53 7.86 -4.66 9.50
C PRO A 53 7.00 -3.69 10.30
N PHE A 54 7.19 -2.40 10.08
CA PHE A 54 6.37 -1.40 10.75
C PHE A 54 4.94 -1.37 10.17
N ILE A 55 4.83 -1.55 8.86
CA ILE A 55 3.52 -1.59 8.20
C ILE A 55 2.64 -2.65 8.84
N GLU A 56 3.13 -3.88 8.85
CA GLU A 56 2.36 -5.00 9.40
C GLU A 56 2.16 -4.85 10.90
N LYS A 57 3.22 -4.47 11.59
CA LYS A 57 3.23 -4.46 13.05
C LYS A 57 2.20 -3.49 13.60
N ASP A 58 2.09 -2.32 13.00
CA ASP A 58 1.12 -1.35 13.44
C ASP A 58 -0.07 -1.29 12.49
N ILE A 59 0.17 -0.87 11.25
CA ILE A 59 -0.91 -0.60 10.30
C ILE A 59 -1.83 -1.80 10.16
N TRP A 60 -1.23 -2.97 9.99
CA TRP A 60 -1.99 -4.20 9.81
C TRP A 60 -2.62 -4.65 11.12
N LEU A 61 -1.79 -4.92 12.13
CA LEU A 61 -2.28 -5.50 13.39
C LEU A 61 -3.45 -4.74 14.00
N LYS A 62 -3.46 -3.43 13.84
CA LYS A 62 -4.49 -2.59 14.46
C LYS A 62 -5.84 -2.71 13.76
N HIS A 63 -5.83 -3.03 12.47
CA HIS A 63 -7.07 -3.01 11.69
C HIS A 63 -7.32 -4.32 10.96
N LYS A 64 -6.28 -4.86 10.34
CA LYS A 64 -6.34 -6.07 9.52
C LYS A 64 -7.52 -6.07 8.55
N ASP A 65 -8.66 -6.58 8.99
CA ASP A 65 -9.85 -6.61 8.17
C ASP A 65 -10.64 -5.32 8.32
N ASN A 66 -11.25 -5.13 9.50
CA ASN A 66 -12.01 -3.91 9.82
C ASN A 66 -13.25 -3.74 8.92
N ALA A 67 -13.41 -4.66 7.96
CA ALA A 67 -14.49 -4.62 6.96
C ALA A 67 -14.33 -3.45 5.98
N ASP A 68 -13.36 -2.59 6.23
CA ASP A 68 -13.15 -1.41 5.40
C ASP A 68 -11.67 -1.19 5.13
N PHE A 69 -10.84 -2.14 5.53
CA PHE A 69 -9.41 -1.95 5.43
C PHE A 69 -8.78 -2.95 4.47
N ALA A 70 -8.17 -2.42 3.41
CA ALA A 70 -7.50 -3.25 2.43
C ALA A 70 -6.02 -2.85 2.31
N LEU A 71 -5.15 -3.71 2.82
CA LEU A 71 -3.71 -3.45 2.79
C LEU A 71 -3.04 -4.53 1.96
N ILE A 72 -2.35 -4.12 0.89
CA ILE A 72 -1.65 -5.07 0.05
C ILE A 72 -0.22 -4.62 -0.18
N GLY A 73 0.73 -5.53 0.01
CA GLY A 73 2.11 -5.22 -0.25
C GLY A 73 2.46 -5.48 -1.70
N ILE A 74 2.83 -4.45 -2.41
CA ILE A 74 3.05 -4.55 -3.84
C ILE A 74 4.54 -4.58 -4.15
N ASP A 75 5.05 -5.71 -4.61
CA ASP A 75 6.45 -5.81 -4.99
C ASP A 75 6.65 -5.23 -6.39
N ARG A 76 7.74 -4.51 -6.57
CA ARG A 76 7.98 -3.76 -7.80
C ARG A 76 8.44 -4.65 -8.94
N ASP A 77 9.17 -5.71 -8.64
CA ASP A 77 9.82 -6.48 -9.69
C ASP A 77 10.27 -7.89 -9.27
N GLU A 78 10.34 -8.16 -7.98
CA GLU A 78 10.78 -9.47 -7.51
C GLU A 78 9.66 -10.50 -7.65
N PRO A 79 10.00 -11.71 -8.13
CA PRO A 79 9.03 -12.78 -8.38
C PRO A 79 8.39 -13.38 -7.12
N LEU A 80 7.60 -14.42 -7.34
CA LEU A 80 6.73 -15.02 -6.34
C LEU A 80 7.49 -15.41 -5.06
N GLU A 81 8.48 -16.28 -5.22
CA GLU A 81 9.17 -16.88 -4.09
C GLU A 81 9.86 -15.82 -3.23
N LYS A 82 10.40 -14.80 -3.87
CA LYS A 82 11.08 -13.72 -3.17
C LYS A 82 10.12 -12.96 -2.28
N VAL A 83 8.97 -12.59 -2.83
CA VAL A 83 7.95 -11.88 -2.08
C VAL A 83 7.58 -12.65 -0.81
N LEU A 84 7.37 -13.96 -0.95
CA LEU A 84 7.05 -14.81 0.17
C LEU A 84 8.18 -14.83 1.19
N ALA A 85 9.39 -15.07 0.70
CA ALA A 85 10.56 -15.17 1.57
C ALA A 85 10.82 -13.86 2.32
N PHE A 86 10.67 -12.74 1.62
CA PHE A 86 10.92 -11.43 2.21
C PHE A 86 9.89 -11.12 3.30
N ALA A 87 8.63 -11.41 3.02
CA ALA A 87 7.57 -11.18 4.00
C ALA A 87 7.73 -12.12 5.19
N LYS A 88 8.11 -13.34 4.89
CA LYS A 88 8.39 -14.36 5.89
C LYS A 88 9.51 -13.91 6.83
N SER A 89 10.53 -13.27 6.28
CA SER A 89 11.71 -12.91 7.04
C SER A 89 11.54 -11.56 7.76
N THR A 90 10.59 -10.76 7.31
CA THR A 90 10.37 -9.45 7.92
C THR A 90 9.30 -9.52 9.01
N GLY A 91 8.34 -10.43 8.85
CA GLY A 91 7.29 -10.59 9.84
C GLY A 91 5.94 -10.18 9.31
N VAL A 92 5.93 -9.70 8.07
CA VAL A 92 4.72 -9.23 7.40
C VAL A 92 3.60 -10.27 7.49
N THR A 93 2.52 -9.91 8.17
CA THR A 93 1.39 -10.80 8.37
C THR A 93 0.25 -10.49 7.41
N TYR A 94 0.44 -9.48 6.55
CA TYR A 94 -0.59 -9.13 5.57
C TYR A 94 -0.20 -9.67 4.20
N PRO A 95 -1.19 -9.95 3.32
CA PRO A 95 -0.94 -10.49 1.99
C PRO A 95 -0.24 -9.51 1.06
N LEU A 96 0.56 -10.05 0.16
CA LEU A 96 1.29 -9.23 -0.79
C LEU A 96 0.98 -9.68 -2.22
N GLY A 97 1.23 -8.78 -3.16
CA GLY A 97 1.11 -9.11 -4.55
C GLY A 97 2.38 -8.79 -5.30
N LEU A 98 2.68 -9.55 -6.33
CA LEU A 98 3.90 -9.36 -7.08
C LEU A 98 3.61 -8.69 -8.42
N ASP A 99 4.38 -7.67 -8.74
CA ASP A 99 4.22 -6.95 -10.00
C ASP A 99 5.52 -7.02 -10.82
N PRO A 100 5.81 -8.18 -11.44
CA PRO A 100 7.02 -8.36 -12.25
C PRO A 100 7.02 -7.47 -13.49
N GLY A 101 7.75 -6.38 -13.41
CA GLY A 101 7.82 -5.45 -14.52
C GLY A 101 7.47 -4.03 -14.11
N ALA A 102 7.03 -3.90 -12.86
CA ALA A 102 6.68 -2.60 -12.29
C ALA A 102 5.59 -1.91 -13.10
N ASP A 103 4.56 -2.66 -13.50
CA ASP A 103 3.48 -2.10 -14.31
C ASP A 103 2.38 -1.56 -13.41
N ILE A 104 2.00 -2.35 -12.41
CA ILE A 104 1.08 -1.89 -11.38
C ILE A 104 1.73 -0.73 -10.65
N PHE A 105 3.04 -0.86 -10.51
CA PHE A 105 3.89 0.18 -9.95
C PHE A 105 3.88 1.43 -10.84
N ALA A 106 3.87 1.21 -12.16
CA ALA A 106 3.97 2.28 -13.15
C ALA A 106 2.72 3.14 -13.24
N LYS A 107 1.56 2.56 -12.99
CA LYS A 107 0.31 3.31 -13.17
C LYS A 107 0.04 4.26 -11.99
N TYR A 108 0.93 4.22 -11.00
CA TYR A 108 0.90 5.20 -9.91
C TYR A 108 2.06 6.17 -10.02
N ALA A 109 3.21 5.68 -10.45
CA ALA A 109 4.40 6.50 -10.62
C ALA A 109 5.27 5.87 -11.68
N LEU A 110 6.26 6.60 -12.19
CA LEU A 110 7.14 6.05 -13.22
C LEU A 110 7.84 4.81 -12.69
N ARG A 111 8.40 4.01 -13.59
CA ARG A 111 8.83 2.65 -13.24
C ARG A 111 10.12 2.60 -12.44
N ASP A 112 10.07 3.28 -11.30
CA ASP A 112 11.11 3.28 -10.29
C ASP A 112 10.77 4.36 -9.28
N ALA A 113 11.00 5.60 -9.71
CA ALA A 113 10.75 6.80 -8.89
C ALA A 113 11.33 6.66 -7.49
N GLY A 114 12.37 5.86 -7.34
CA GLY A 114 12.86 5.51 -6.03
C GLY A 114 11.92 4.55 -5.33
N ILE A 115 12.33 3.30 -5.24
CA ILE A 115 11.50 2.27 -4.60
C ILE A 115 11.33 2.59 -3.11
N THR A 116 10.39 1.89 -2.47
CA THR A 116 10.04 2.15 -1.08
C THR A 116 9.20 3.41 -1.00
N ARG A 117 7.88 3.25 -1.13
CA ARG A 117 6.96 4.36 -1.13
C ARG A 117 5.56 3.88 -0.74
N ASN A 118 4.83 4.74 -0.05
CA ASN A 118 3.51 4.39 0.44
C ASN A 118 2.44 5.20 -0.27
N VAL A 119 1.55 4.51 -0.95
CA VAL A 119 0.43 5.14 -1.64
C VAL A 119 -0.87 4.79 -0.93
N LEU A 120 -1.44 5.76 -0.25
CA LEU A 120 -2.67 5.54 0.49
C LEU A 120 -3.86 6.04 -0.33
N ILE A 121 -4.89 5.21 -0.39
CA ILE A 121 -6.10 5.55 -1.11
C ILE A 121 -7.27 5.68 -0.15
N ASP A 122 -8.06 6.73 -0.31
CA ASP A 122 -9.26 6.93 0.48
C ASP A 122 -10.31 5.89 0.13
N ARG A 123 -11.27 5.69 1.02
CA ARG A 123 -12.25 4.63 0.86
C ARG A 123 -13.19 4.87 -0.31
N GLU A 124 -13.32 6.13 -0.73
CA GLU A 124 -14.12 6.44 -1.90
C GLU A 124 -13.36 6.07 -3.17
N GLY A 125 -12.06 5.92 -3.03
CA GLY A 125 -11.23 5.54 -4.15
C GLY A 125 -10.33 6.66 -4.64
N LYS A 126 -10.26 7.74 -3.87
CA LYS A 126 -9.40 8.86 -4.22
C LYS A 126 -8.02 8.69 -3.60
N ILE A 127 -7.00 9.02 -4.35
CA ILE A 127 -5.64 8.95 -3.84
C ILE A 127 -5.42 10.04 -2.83
N VAL A 128 -5.06 9.64 -1.61
CA VAL A 128 -5.15 10.53 -0.48
C VAL A 128 -3.77 10.88 0.11
N LYS A 129 -2.81 9.97 0.04
CA LYS A 129 -1.52 10.19 0.68
C LYS A 129 -0.39 9.57 -0.14
N LEU A 130 0.45 10.44 -0.70
CA LEU A 130 1.63 10.01 -1.42
C LEU A 130 2.89 10.41 -0.66
N THR A 131 3.60 9.43 -0.14
CA THR A 131 4.87 9.71 0.52
C THR A 131 5.96 8.80 -0.01
N ARG A 132 7.21 9.19 0.23
CA ARG A 132 8.34 8.41 -0.22
C ARG A 132 9.08 7.81 0.97
N LEU A 133 9.37 6.51 0.86
CA LEU A 133 10.08 5.73 1.88
C LEU A 133 9.45 5.80 3.26
N TYR A 134 9.96 4.98 4.17
CA TYR A 134 9.50 4.96 5.54
C TYR A 134 10.22 6.04 6.34
N ASN A 135 9.58 7.19 6.45
CA ASN A 135 10.06 8.26 7.30
C ASN A 135 9.35 8.16 8.64
N GLU A 136 10.11 8.24 9.73
CA GLU A 136 9.58 7.94 11.06
C GLU A 136 8.34 8.78 11.39
N GLU A 137 8.47 10.10 11.33
CA GLU A 137 7.35 11.01 11.61
C GLU A 137 6.24 10.83 10.59
N GLU A 138 6.63 10.51 9.37
CA GLU A 138 5.68 10.33 8.27
C GLU A 138 4.79 9.12 8.55
N PHE A 139 5.41 8.04 8.98
CA PHE A 139 4.68 6.83 9.32
C PHE A 139 3.70 7.09 10.44
N ALA A 140 4.15 7.83 11.45
CA ALA A 140 3.29 8.19 12.58
C ALA A 140 2.06 8.95 12.11
N SER A 141 2.27 9.90 11.21
CA SER A 141 1.16 10.67 10.62
C SER A 141 0.25 9.75 9.82
N LEU A 142 0.85 8.87 9.04
CA LEU A 142 0.11 7.94 8.19
C LEU A 142 -0.79 7.04 9.04
N VAL A 143 -0.25 6.52 10.15
CA VAL A 143 -1.00 5.67 11.06
C VAL A 143 -2.25 6.39 11.56
N GLN A 144 -2.04 7.53 12.22
CA GLN A 144 -3.14 8.30 12.82
C GLN A 144 -4.18 8.68 11.77
N GLN A 145 -3.72 8.99 10.56
CA GLN A 145 -4.61 9.32 9.48
C GLN A 145 -5.51 8.14 9.14
N ILE A 146 -4.90 6.98 8.88
CA ILE A 146 -5.65 5.76 8.55
C ILE A 146 -6.65 5.42 9.65
N ASN A 147 -6.21 5.56 10.90
CA ASN A 147 -7.07 5.30 12.04
C ASN A 147 -8.38 6.07 11.89
N GLU A 148 -8.28 7.38 11.71
CA GLU A 148 -9.46 8.23 11.57
C GLU A 148 -10.24 7.88 10.30
N MET A 149 -9.55 7.38 9.28
CA MET A 149 -10.18 7.08 8.00
C MET A 149 -11.26 6.02 8.16
N LEU A 150 -11.02 5.07 9.05
CA LEU A 150 -12.02 4.03 9.31
C LEU A 150 -12.89 4.35 10.52
N LYS A 151 -12.54 5.37 11.29
CA LYS A 151 -13.40 5.79 12.39
C LYS A 151 -14.44 6.77 11.88
N GLU A 152 -13.93 7.91 11.41
CA GLU A 152 -14.71 9.07 10.98
C GLU A 152 -16.01 9.29 11.77
N GLY A 153 -17.07 8.56 11.43
CA GLY A 153 -18.37 8.83 12.01
C GLY A 153 -18.92 10.13 11.48
N HIS A 154 -18.44 10.51 10.30
CA HIS A 154 -18.80 11.79 9.72
C HIS A 154 -19.89 11.60 8.67
N HIS A 155 -20.16 10.34 8.33
CA HIS A 155 -21.25 10.02 7.41
C HIS A 155 -22.59 10.13 8.12
N HIS A 156 -23.20 11.30 8.01
CA HIS A 156 -24.54 11.53 8.55
C HIS A 156 -25.54 10.51 7.97
N HIS A 157 -26.37 9.95 8.83
CA HIS A 157 -27.24 8.84 8.43
C HIS A 157 -28.49 9.32 7.69
N HIS A 158 -29.04 10.46 8.10
CA HIS A 158 -30.24 10.97 7.45
C HIS A 158 -30.38 12.48 7.67
N HIS A 159 -29.33 13.09 8.20
CA HIS A 159 -29.34 14.52 8.48
C HIS A 159 -27.92 15.01 8.70
N MET A 1 15.15 6.53 -9.97
CA MET A 1 16.07 7.65 -9.66
C MET A 1 15.28 8.92 -9.36
N SER A 2 14.57 9.41 -10.36
CA SER A 2 13.76 10.61 -10.20
C SER A 2 12.33 10.22 -9.89
N LEU A 3 11.82 10.67 -8.73
CA LEU A 3 10.47 10.33 -8.31
C LEU A 3 9.43 10.88 -9.28
N GLY A 4 9.07 10.06 -10.26
CA GLY A 4 8.13 10.48 -11.28
C GLY A 4 6.70 10.25 -10.87
N TYR A 5 6.18 11.14 -10.04
CA TYR A 5 4.78 11.05 -9.63
C TYR A 5 3.88 11.67 -10.69
N ILE A 6 3.23 10.80 -11.46
CA ILE A 6 2.32 11.24 -12.51
C ILE A 6 0.88 11.26 -12.01
N VAL A 7 0.72 11.08 -10.70
CA VAL A 7 -0.58 11.01 -10.08
C VAL A 7 -0.75 12.15 -9.08
N ARG A 8 -2.00 12.56 -8.84
CA ARG A 8 -2.28 13.71 -7.98
C ARG A 8 -2.80 13.26 -6.63
N ILE A 9 -2.77 14.17 -5.66
CA ILE A 9 -3.41 13.93 -4.38
C ILE A 9 -4.89 14.26 -4.49
N GLY A 10 -5.72 13.25 -4.29
CA GLY A 10 -7.14 13.40 -4.50
C GLY A 10 -7.55 12.82 -5.84
N GLU A 11 -6.56 12.28 -6.56
CA GLU A 11 -6.77 11.70 -7.87
C GLU A 11 -7.56 10.41 -7.76
N MET A 12 -8.42 10.15 -8.73
CA MET A 12 -9.15 8.89 -8.80
C MET A 12 -8.19 7.76 -9.11
N ALA A 13 -8.00 6.88 -8.13
CA ALA A 13 -7.06 5.77 -8.26
C ALA A 13 -7.41 4.88 -9.44
N PRO A 14 -6.39 4.51 -10.24
CA PRO A 14 -6.57 3.63 -11.40
C PRO A 14 -6.79 2.18 -10.97
N ASP A 15 -7.06 1.34 -11.96
CA ASP A 15 -7.31 -0.08 -11.74
C ASP A 15 -6.00 -0.84 -11.62
N PHE A 16 -6.11 -2.07 -11.18
CA PHE A 16 -5.03 -3.04 -11.30
C PHE A 16 -5.51 -4.38 -10.75
N THR A 17 -5.06 -5.45 -11.38
CA THR A 17 -5.32 -6.79 -10.89
C THR A 17 -4.00 -7.46 -10.57
N ILE A 18 -3.72 -7.58 -9.28
CA ILE A 18 -2.42 -7.99 -8.82
C ILE A 18 -2.46 -9.37 -8.18
N THR A 19 -1.46 -10.18 -8.47
CA THR A 19 -1.37 -11.51 -7.92
C THR A 19 -0.63 -11.48 -6.58
N LEU A 20 -1.34 -11.88 -5.53
CA LEU A 20 -0.77 -11.90 -4.19
C LEU A 20 0.08 -13.15 -3.97
N THR A 21 0.83 -13.13 -2.87
CA THR A 21 1.72 -14.22 -2.49
C THR A 21 1.01 -15.57 -2.41
N ASP A 22 -0.29 -15.51 -2.11
CA ASP A 22 -1.07 -16.70 -1.88
C ASP A 22 -1.74 -17.15 -3.17
N GLY A 23 -1.27 -16.61 -4.29
CA GLY A 23 -1.83 -16.97 -5.58
C GLY A 23 -3.20 -16.37 -5.79
N LYS A 24 -3.44 -15.26 -5.14
CA LYS A 24 -4.74 -14.62 -5.19
C LYS A 24 -4.67 -13.34 -6.01
N GLN A 25 -5.44 -13.29 -7.07
CA GLN A 25 -5.47 -12.11 -7.91
C GLN A 25 -6.62 -11.21 -7.50
N VAL A 26 -6.29 -10.02 -7.03
CA VAL A 26 -7.30 -9.07 -6.59
C VAL A 26 -7.26 -7.83 -7.47
N THR A 27 -8.40 -7.18 -7.62
CA THR A 27 -8.50 -5.97 -8.41
C THR A 27 -8.78 -4.79 -7.48
N LEU A 28 -8.18 -3.64 -7.79
CA LEU A 28 -8.33 -2.44 -6.97
C LEU A 28 -9.81 -2.03 -6.88
N SER A 29 -10.54 -2.25 -7.97
CA SER A 29 -11.95 -1.89 -8.03
C SER A 29 -12.78 -2.68 -7.02
N SER A 30 -12.30 -3.86 -6.64
CA SER A 30 -13.03 -4.72 -5.73
C SER A 30 -12.95 -4.22 -4.29
N LEU A 31 -11.95 -3.41 -4.02
CA LEU A 31 -11.74 -2.87 -2.68
C LEU A 31 -12.19 -1.41 -2.61
N ARG A 32 -12.77 -0.92 -3.70
CA ARG A 32 -13.27 0.45 -3.75
C ARG A 32 -14.44 0.62 -2.79
N GLY A 33 -14.19 1.35 -1.73
CA GLY A 33 -15.15 1.50 -0.67
C GLY A 33 -14.46 1.43 0.67
N LYS A 34 -13.36 0.70 0.71
CA LYS A 34 -12.54 0.59 1.90
C LYS A 34 -11.39 1.59 1.83
N VAL A 35 -10.65 1.70 2.92
CA VAL A 35 -9.40 2.44 2.91
C VAL A 35 -8.28 1.51 2.42
N VAL A 36 -7.80 1.77 1.22
CA VAL A 36 -6.85 0.88 0.58
C VAL A 36 -5.42 1.44 0.66
N MET A 37 -4.57 0.75 1.41
CA MET A 37 -3.18 1.15 1.53
C MET A 37 -2.32 0.32 0.59
N LEU A 38 -1.58 1.00 -0.27
CA LEU A 38 -0.66 0.34 -1.19
C LEU A 38 0.78 0.63 -0.78
N GLN A 39 1.49 -0.39 -0.34
CA GLN A 39 2.87 -0.23 0.06
C GLN A 39 3.77 -0.87 -1.00
N PHE A 40 4.45 -0.04 -1.78
CA PHE A 40 5.34 -0.56 -2.81
C PHE A 40 6.68 -0.92 -2.19
N THR A 41 7.13 -2.14 -2.44
CA THR A 41 8.30 -2.66 -1.77
C THR A 41 9.15 -3.49 -2.73
N ALA A 42 10.29 -3.94 -2.24
CA ALA A 42 11.19 -4.77 -3.00
C ALA A 42 11.99 -5.66 -2.05
N SER A 43 12.08 -6.94 -2.38
CA SER A 43 12.75 -7.92 -1.54
C SER A 43 14.25 -7.64 -1.38
N TRP A 44 14.78 -6.69 -2.15
CA TRP A 44 16.18 -6.34 -2.06
C TRP A 44 16.37 -4.96 -1.42
N CYS A 45 15.31 -4.43 -0.82
CA CYS A 45 15.39 -3.14 -0.17
C CYS A 45 15.34 -3.29 1.35
N GLY A 46 16.45 -3.00 2.01
CA GLY A 46 16.53 -3.12 3.45
C GLY A 46 15.70 -2.08 4.17
N VAL A 47 15.42 -0.96 3.49
CA VAL A 47 14.60 0.11 4.05
C VAL A 47 13.18 -0.40 4.31
N CYS A 48 12.72 -1.29 3.44
CA CYS A 48 11.39 -1.86 3.56
C CYS A 48 11.30 -2.75 4.79
N ARG A 49 12.44 -3.24 5.27
CA ARG A 49 12.47 -4.08 6.45
C ARG A 49 12.23 -3.24 7.71
N LYS A 50 12.10 -1.94 7.53
CA LYS A 50 11.70 -1.07 8.61
C LYS A 50 10.21 -0.78 8.50
N GLU A 51 9.79 -0.22 7.37
CA GLU A 51 8.39 0.19 7.19
C GLU A 51 7.43 -1.00 7.24
N MET A 52 7.74 -2.05 6.49
CA MET A 52 6.80 -3.18 6.37
C MET A 52 6.48 -3.82 7.72
N PRO A 53 7.50 -4.20 8.53
CA PRO A 53 7.27 -4.72 9.89
C PRO A 53 6.53 -3.72 10.78
N PHE A 54 6.85 -2.44 10.64
CA PHE A 54 6.13 -1.43 11.41
C PHE A 54 4.68 -1.32 10.95
N ILE A 55 4.48 -1.37 9.63
CA ILE A 55 3.12 -1.33 9.08
C ILE A 55 2.29 -2.51 9.59
N GLU A 56 2.83 -3.72 9.53
CA GLU A 56 2.09 -4.89 9.97
C GLU A 56 1.88 -4.85 11.48
N LYS A 57 2.87 -4.33 12.19
CA LYS A 57 2.85 -4.29 13.64
C LYS A 57 1.72 -3.42 14.16
N ASP A 58 1.53 -2.26 13.56
CA ASP A 58 0.45 -1.38 13.99
C ASP A 58 -0.69 -1.37 12.98
N ILE A 59 -0.42 -0.87 11.78
CA ILE A 59 -1.48 -0.59 10.80
C ILE A 59 -2.29 -1.85 10.49
N TRP A 60 -1.60 -2.96 10.29
CA TRP A 60 -2.25 -4.21 9.94
C TRP A 60 -2.93 -4.85 11.14
N LEU A 61 -2.15 -5.15 12.17
CA LEU A 61 -2.62 -5.92 13.33
C LEU A 61 -3.88 -5.33 13.96
N LYS A 62 -4.04 -4.01 13.90
CA LYS A 62 -5.20 -3.36 14.52
C LYS A 62 -6.46 -3.54 13.70
N HIS A 63 -6.30 -3.76 12.41
CA HIS A 63 -7.45 -3.79 11.51
C HIS A 63 -7.59 -5.10 10.75
N LYS A 64 -6.47 -5.64 10.28
CA LYS A 64 -6.46 -6.76 9.33
C LYS A 64 -7.25 -6.38 8.08
N ASP A 65 -8.51 -6.76 8.03
CA ASP A 65 -9.40 -6.29 6.97
C ASP A 65 -10.43 -5.34 7.55
N ASN A 66 -10.80 -5.61 8.81
CA ASN A 66 -11.82 -4.86 9.53
C ASN A 66 -13.19 -5.11 8.90
N ALA A 67 -13.33 -4.60 7.69
CA ALA A 67 -14.55 -4.63 6.89
C ALA A 67 -14.44 -3.51 5.86
N ASP A 68 -13.77 -2.45 6.31
CA ASP A 68 -13.63 -1.23 5.52
C ASP A 68 -12.14 -0.86 5.38
N PHE A 69 -11.27 -1.83 5.61
CA PHE A 69 -9.83 -1.59 5.52
C PHE A 69 -9.19 -2.58 4.55
N ALA A 70 -8.20 -2.09 3.79
CA ALA A 70 -7.47 -2.94 2.86
C ALA A 70 -6.00 -2.54 2.82
N LEU A 71 -5.11 -3.51 2.96
CA LEU A 71 -3.68 -3.23 2.93
C LEU A 71 -2.98 -4.24 2.02
N ILE A 72 -2.43 -3.75 0.92
CA ILE A 72 -1.73 -4.61 -0.02
C ILE A 72 -0.29 -4.12 -0.20
N GLY A 73 0.66 -5.00 0.05
CA GLY A 73 2.04 -4.68 -0.23
C GLY A 73 2.42 -5.11 -1.62
N ILE A 74 3.13 -4.28 -2.36
CA ILE A 74 3.44 -4.58 -3.75
C ILE A 74 4.94 -4.64 -3.97
N ASP A 75 5.48 -5.86 -4.09
CA ASP A 75 6.87 -6.02 -4.50
C ASP A 75 6.91 -5.88 -6.01
N ARG A 76 7.84 -5.10 -6.51
CA ARG A 76 7.84 -4.73 -7.92
C ARG A 76 8.22 -5.91 -8.83
N ASP A 77 9.42 -5.86 -9.36
CA ASP A 77 9.82 -6.77 -10.43
C ASP A 77 10.36 -8.09 -9.90
N GLU A 78 10.03 -8.42 -8.67
CA GLU A 78 10.51 -9.65 -8.05
C GLU A 78 9.48 -10.76 -8.13
N PRO A 79 9.95 -12.00 -8.35
CA PRO A 79 9.08 -13.18 -8.42
C PRO A 79 8.58 -13.64 -7.05
N LEU A 80 7.70 -14.64 -7.04
CA LEU A 80 7.08 -15.15 -5.83
C LEU A 80 8.10 -15.47 -4.75
N GLU A 81 9.13 -16.24 -5.10
CA GLU A 81 10.13 -16.69 -4.14
C GLU A 81 10.71 -15.52 -3.34
N LYS A 82 10.94 -14.39 -4.02
CA LYS A 82 11.46 -13.21 -3.37
C LYS A 82 10.44 -12.64 -2.40
N VAL A 83 9.23 -12.42 -2.90
CA VAL A 83 8.17 -11.78 -2.14
C VAL A 83 7.82 -12.60 -0.89
N LEU A 84 7.64 -13.92 -1.06
CA LEU A 84 7.29 -14.80 0.04
C LEU A 84 8.35 -14.78 1.14
N ALA A 85 9.60 -14.93 0.73
CA ALA A 85 10.70 -14.99 1.68
C ALA A 85 10.90 -13.66 2.39
N PHE A 86 10.69 -12.57 1.68
CA PHE A 86 10.88 -11.25 2.24
C PHE A 86 9.77 -10.92 3.23
N ALA A 87 8.55 -11.35 2.92
CA ALA A 87 7.40 -11.13 3.79
C ALA A 87 7.59 -11.82 5.14
N LYS A 88 7.95 -13.10 5.10
CA LYS A 88 8.08 -13.89 6.31
C LYS A 88 9.27 -13.42 7.16
N SER A 89 10.29 -12.89 6.49
CA SER A 89 11.49 -12.42 7.18
C SER A 89 11.32 -10.99 7.72
N THR A 90 10.17 -10.39 7.45
CA THR A 90 9.87 -9.07 8.00
C THR A 90 8.68 -9.14 8.97
N GLY A 91 8.04 -10.30 9.02
CA GLY A 91 6.92 -10.48 9.93
C GLY A 91 5.62 -9.99 9.34
N VAL A 92 5.67 -9.57 8.09
CA VAL A 92 4.52 -9.06 7.39
C VAL A 92 3.42 -10.11 7.29
N THR A 93 2.30 -9.83 7.94
CA THR A 93 1.18 -10.75 7.96
C THR A 93 0.09 -10.33 6.97
N TYR A 94 0.39 -9.32 6.16
CA TYR A 94 -0.52 -8.92 5.09
C TYR A 94 0.00 -9.40 3.74
N PRO A 95 -0.90 -9.77 2.84
CA PRO A 95 -0.53 -10.29 1.52
C PRO A 95 0.23 -9.27 0.67
N LEU A 96 1.23 -9.77 -0.04
CA LEU A 96 2.00 -8.94 -0.94
C LEU A 96 1.74 -9.39 -2.37
N GLY A 97 1.73 -8.44 -3.30
CA GLY A 97 1.50 -8.76 -4.68
C GLY A 97 2.74 -8.50 -5.52
N LEU A 98 2.75 -9.06 -6.73
CA LEU A 98 3.89 -8.91 -7.64
C LEU A 98 3.58 -7.88 -8.72
N ASP A 99 4.60 -7.17 -9.16
CA ASP A 99 4.46 -6.24 -10.28
C ASP A 99 5.57 -6.48 -11.32
N PRO A 100 5.51 -7.60 -12.05
CA PRO A 100 6.51 -7.94 -13.08
C PRO A 100 6.47 -6.98 -14.26
N GLY A 101 7.51 -6.17 -14.38
CA GLY A 101 7.57 -5.20 -15.45
C GLY A 101 7.39 -3.78 -14.95
N ALA A 102 7.18 -3.66 -13.63
CA ALA A 102 6.89 -2.38 -13.00
C ALA A 102 5.71 -1.69 -13.65
N ASP A 103 4.69 -2.47 -14.00
CA ASP A 103 3.55 -1.95 -14.74
C ASP A 103 2.54 -1.32 -13.80
N ILE A 104 2.25 -2.00 -12.70
CA ILE A 104 1.33 -1.48 -11.70
C ILE A 104 1.96 -0.25 -11.06
N PHE A 105 3.28 -0.31 -10.91
CA PHE A 105 4.04 0.83 -10.41
C PHE A 105 3.93 1.99 -11.40
N ALA A 106 3.93 1.66 -12.69
CA ALA A 106 3.79 2.65 -13.75
C ALA A 106 2.39 3.26 -13.77
N LYS A 107 1.43 2.54 -13.24
CA LYS A 107 0.06 3.03 -13.16
C LYS A 107 -0.08 4.00 -12.00
N TYR A 108 0.99 4.18 -11.24
CA TYR A 108 0.99 5.09 -10.11
C TYR A 108 2.21 6.03 -10.14
N ALA A 109 3.09 5.83 -11.12
CA ALA A 109 4.30 6.65 -11.27
C ALA A 109 5.08 6.21 -12.51
N LEU A 110 6.25 6.81 -12.72
CA LEU A 110 7.14 6.37 -13.80
C LEU A 110 7.78 5.04 -13.40
N ARG A 111 8.25 4.27 -14.38
CA ARG A 111 8.79 2.94 -14.10
C ARG A 111 10.20 3.03 -13.54
N ASP A 112 10.77 4.22 -13.60
CA ASP A 112 12.05 4.48 -12.94
C ASP A 112 11.79 4.92 -11.50
N ALA A 113 11.22 6.12 -11.38
CA ALA A 113 10.90 6.79 -10.10
C ALA A 113 11.71 6.25 -8.91
N GLY A 114 11.18 5.23 -8.26
CA GLY A 114 11.84 4.63 -7.13
C GLY A 114 11.26 3.28 -6.81
N ILE A 115 11.08 3.00 -5.52
CA ILE A 115 10.47 1.75 -5.11
C ILE A 115 9.74 1.93 -3.78
N THR A 116 10.42 2.49 -2.80
CA THR A 116 9.87 2.70 -1.48
C THR A 116 8.90 3.89 -1.46
N ARG A 117 7.61 3.58 -1.35
CA ARG A 117 6.58 4.61 -1.31
C ARG A 117 5.30 4.03 -0.71
N ASN A 118 4.69 4.78 0.19
CA ASN A 118 3.45 4.33 0.83
C ASN A 118 2.28 5.14 0.31
N VAL A 119 1.33 4.47 -0.31
CA VAL A 119 0.18 5.13 -0.91
C VAL A 119 -1.09 4.77 -0.15
N LEU A 120 -1.96 5.75 0.08
CA LEU A 120 -3.25 5.49 0.70
C LEU A 120 -4.39 5.97 -0.19
N ILE A 121 -5.28 5.06 -0.51
CA ILE A 121 -6.48 5.38 -1.27
C ILE A 121 -7.66 5.47 -0.32
N ASP A 122 -8.45 6.53 -0.45
CA ASP A 122 -9.59 6.75 0.42
C ASP A 122 -10.77 5.88 -0.01
N ARG A 123 -11.88 5.99 0.73
CA ARG A 123 -13.03 5.14 0.51
C ARG A 123 -13.75 5.45 -0.81
N GLU A 124 -13.59 6.67 -1.31
CA GLU A 124 -14.14 7.02 -2.61
C GLU A 124 -13.26 6.45 -3.71
N GLY A 125 -11.99 6.26 -3.40
CA GLY A 125 -11.05 5.75 -4.37
C GLY A 125 -10.06 6.81 -4.79
N LYS A 126 -9.94 7.86 -3.98
CA LYS A 126 -9.00 8.94 -4.28
C LYS A 126 -7.67 8.70 -3.57
N ILE A 127 -6.58 8.92 -4.27
CA ILE A 127 -5.25 8.79 -3.70
C ILE A 127 -4.92 10.03 -2.88
N VAL A 128 -5.09 9.94 -1.57
CA VAL A 128 -4.99 11.12 -0.72
C VAL A 128 -3.65 11.21 0.01
N LYS A 129 -2.82 10.19 -0.15
CA LYS A 129 -1.55 10.16 0.56
C LYS A 129 -0.45 9.50 -0.26
N LEU A 130 0.51 10.30 -0.68
CA LEU A 130 1.71 9.80 -1.32
C LEU A 130 2.88 9.97 -0.38
N THR A 131 3.33 8.88 0.20
CA THR A 131 4.37 8.94 1.21
C THR A 131 5.69 8.38 0.68
N ARG A 132 6.79 8.81 1.28
CA ARG A 132 8.11 8.34 0.93
C ARG A 132 8.48 7.13 1.77
N LEU A 133 9.63 6.53 1.47
CA LEU A 133 10.17 5.41 2.26
C LEU A 133 10.09 5.67 3.76
N TYR A 134 10.20 4.60 4.54
CA TYR A 134 10.02 4.65 6.00
C TYR A 134 10.72 5.84 6.66
N ASN A 135 9.93 6.87 6.89
CA ASN A 135 10.31 7.95 7.78
C ASN A 135 9.35 7.91 8.95
N GLU A 136 9.89 7.93 10.16
CA GLU A 136 9.09 7.73 11.36
C GLU A 136 7.92 8.72 11.44
N GLU A 137 8.18 9.98 11.13
CA GLU A 137 7.13 11.00 11.09
C GLU A 137 6.07 10.65 10.05
N GLU A 138 6.50 10.34 8.84
CA GLU A 138 5.58 10.01 7.75
C GLU A 138 4.80 8.74 8.06
N PHE A 139 5.46 7.73 8.62
CA PHE A 139 4.80 6.51 9.04
C PHE A 139 3.79 6.81 10.14
N ALA A 140 4.17 7.66 11.09
CA ALA A 140 3.29 8.04 12.18
C ALA A 140 2.08 8.79 11.65
N SER A 141 2.29 9.66 10.68
CA SER A 141 1.20 10.41 10.07
C SER A 141 0.27 9.45 9.34
N LEU A 142 0.82 8.35 8.84
CA LEU A 142 0.05 7.34 8.14
C LEU A 142 -0.82 6.55 9.10
N VAL A 143 -0.19 5.91 10.08
CA VAL A 143 -0.92 5.04 11.00
C VAL A 143 -2.02 5.81 11.74
N GLN A 144 -1.72 7.06 12.10
CA GLN A 144 -2.71 7.91 12.75
C GLN A 144 -3.84 8.25 11.79
N GLN A 145 -3.46 8.67 10.60
CA GLN A 145 -4.42 9.00 9.53
C GLN A 145 -5.32 7.80 9.24
N ILE A 146 -4.72 6.64 9.06
CA ILE A 146 -5.47 5.43 8.74
C ILE A 146 -6.39 5.03 9.89
N ASN A 147 -5.90 5.10 11.11
CA ASN A 147 -6.70 4.76 12.28
C ASN A 147 -7.93 5.65 12.38
N GLU A 148 -7.76 6.93 12.09
CA GLU A 148 -8.88 7.87 12.15
C GLU A 148 -9.83 7.66 10.96
N MET A 149 -9.31 7.14 9.85
CA MET A 149 -10.16 6.80 8.71
C MET A 149 -11.10 5.67 9.09
N LEU A 150 -10.62 4.85 10.03
CA LEU A 150 -11.41 3.76 10.59
C LEU A 150 -12.34 4.28 11.68
N LYS A 151 -12.01 5.44 12.24
CA LYS A 151 -12.81 6.01 13.31
C LYS A 151 -13.71 7.14 12.81
N GLU A 152 -13.59 7.47 11.52
CA GLU A 152 -14.41 8.50 10.91
C GLU A 152 -15.88 8.07 10.82
N GLY A 153 -16.52 8.13 11.97
CA GLY A 153 -17.95 8.07 12.04
C GLY A 153 -18.45 9.36 12.66
N HIS A 154 -17.54 10.33 12.72
CA HIS A 154 -17.81 11.62 13.36
C HIS A 154 -18.82 12.38 12.54
N HIS A 155 -18.75 12.18 11.24
CA HIS A 155 -19.61 12.87 10.29
C HIS A 155 -20.67 11.93 9.75
N HIS A 156 -21.03 10.93 10.56
CA HIS A 156 -22.00 9.92 10.13
C HIS A 156 -23.42 10.48 10.19
N HIS A 157 -23.74 11.33 9.22
CA HIS A 157 -25.09 11.86 9.08
C HIS A 157 -25.49 11.87 7.61
N HIS A 158 -24.67 11.23 6.79
CA HIS A 158 -24.92 11.16 5.36
C HIS A 158 -25.53 9.81 5.00
N HIS A 159 -25.22 8.81 5.80
CA HIS A 159 -25.74 7.45 5.60
C HIS A 159 -25.20 6.52 6.69
N MET A 1 3.68 18.79 -5.75
CA MET A 1 4.98 18.08 -5.85
C MET A 1 4.74 16.58 -5.72
N SER A 2 5.62 15.79 -6.32
CA SER A 2 5.52 14.35 -6.26
C SER A 2 6.91 13.73 -6.46
N LEU A 3 7.30 12.86 -5.54
CA LEU A 3 8.62 12.24 -5.60
C LEU A 3 8.62 11.06 -6.56
N GLY A 4 8.72 11.35 -7.85
CA GLY A 4 8.76 10.31 -8.85
C GLY A 4 7.43 9.61 -9.03
N TYR A 5 6.36 10.39 -9.02
CA TYR A 5 5.01 9.87 -9.21
C TYR A 5 4.43 10.36 -10.52
N ILE A 6 3.53 9.59 -11.11
CA ILE A 6 2.77 10.05 -12.27
C ILE A 6 1.32 10.27 -11.87
N VAL A 7 1.03 10.02 -10.60
CA VAL A 7 -0.32 10.18 -10.06
C VAL A 7 -0.32 11.30 -9.03
N ARG A 8 -1.50 11.82 -8.70
CA ARG A 8 -1.59 13.00 -7.85
C ARG A 8 -2.57 12.80 -6.69
N ILE A 9 -2.52 13.71 -5.72
CA ILE A 9 -3.36 13.63 -4.53
C ILE A 9 -4.78 14.11 -4.85
N GLY A 10 -5.76 13.42 -4.28
CA GLY A 10 -7.15 13.79 -4.50
C GLY A 10 -7.73 13.11 -5.72
N GLU A 11 -6.85 12.59 -6.56
CA GLU A 11 -7.25 11.95 -7.79
C GLU A 11 -7.63 10.50 -7.53
N MET A 12 -8.40 9.95 -8.45
CA MET A 12 -8.93 8.60 -8.32
C MET A 12 -7.84 7.58 -8.65
N ALA A 13 -7.70 6.59 -7.78
CA ALA A 13 -6.69 5.55 -7.96
C ALA A 13 -7.02 4.66 -9.16
N PRO A 14 -6.05 4.45 -10.05
CA PRO A 14 -6.22 3.59 -11.22
C PRO A 14 -6.38 2.13 -10.82
N ASP A 15 -7.45 1.51 -11.28
CA ASP A 15 -7.74 0.11 -10.96
C ASP A 15 -6.69 -0.81 -11.55
N PHE A 16 -6.40 -1.88 -10.83
CA PHE A 16 -5.44 -2.86 -11.27
C PHE A 16 -5.80 -4.24 -10.75
N THR A 17 -5.37 -5.26 -11.47
CA THR A 17 -5.52 -6.64 -11.01
C THR A 17 -4.15 -7.27 -10.83
N ILE A 18 -3.74 -7.44 -9.59
CA ILE A 18 -2.41 -7.93 -9.28
C ILE A 18 -2.49 -9.34 -8.69
N THR A 19 -1.49 -10.15 -9.01
CA THR A 19 -1.44 -11.51 -8.51
C THR A 19 -0.78 -11.56 -7.14
N LEU A 20 -1.45 -12.19 -6.18
CA LEU A 20 -0.93 -12.31 -4.83
C LEU A 20 0.09 -13.42 -4.73
N THR A 21 0.63 -13.59 -3.52
CA THR A 21 1.67 -14.57 -3.25
C THR A 21 1.18 -16.01 -3.44
N ASP A 22 -0.14 -16.20 -3.42
CA ASP A 22 -0.70 -17.54 -3.55
C ASP A 22 -1.33 -17.73 -4.93
N GLY A 23 -1.07 -16.77 -5.81
CA GLY A 23 -1.52 -16.89 -7.19
C GLY A 23 -2.88 -16.27 -7.43
N LYS A 24 -3.44 -15.63 -6.41
CA LYS A 24 -4.75 -15.00 -6.55
C LYS A 24 -4.65 -13.61 -7.14
N GLN A 25 -5.33 -13.38 -8.24
CA GLN A 25 -5.36 -12.05 -8.83
C GLN A 25 -6.50 -11.25 -8.23
N VAL A 26 -6.16 -10.16 -7.55
CA VAL A 26 -7.16 -9.30 -6.94
C VAL A 26 -7.26 -8.00 -7.70
N THR A 27 -8.46 -7.44 -7.74
CA THR A 27 -8.70 -6.21 -8.44
C THR A 27 -9.01 -5.09 -7.44
N LEU A 28 -8.57 -3.87 -7.73
CA LEU A 28 -8.77 -2.73 -6.85
C LEU A 28 -10.28 -2.51 -6.63
N SER A 29 -11.03 -2.59 -7.71
CA SER A 29 -12.49 -2.43 -7.65
C SER A 29 -13.15 -3.49 -6.79
N SER A 30 -12.46 -4.62 -6.58
CA SER A 30 -13.00 -5.70 -5.77
C SER A 30 -12.90 -5.36 -4.28
N LEU A 31 -12.06 -4.38 -3.97
CA LEU A 31 -11.89 -3.94 -2.59
C LEU A 31 -12.29 -2.47 -2.45
N ARG A 32 -13.07 -2.00 -3.42
CA ARG A 32 -13.53 -0.62 -3.40
C ARG A 32 -14.62 -0.42 -2.35
N GLY A 33 -14.76 0.82 -1.89
CA GLY A 33 -15.71 1.12 -0.85
C GLY A 33 -15.03 1.31 0.49
N LYS A 34 -13.92 0.59 0.66
CA LYS A 34 -13.18 0.62 1.90
C LYS A 34 -11.80 1.24 1.68
N VAL A 35 -11.06 1.45 2.76
CA VAL A 35 -9.74 2.04 2.66
C VAL A 35 -8.73 1.00 2.22
N VAL A 36 -7.94 1.34 1.23
CA VAL A 36 -6.96 0.41 0.69
C VAL A 36 -5.55 0.98 0.83
N MET A 37 -4.73 0.36 1.65
CA MET A 37 -3.35 0.78 1.79
C MET A 37 -2.48 0.02 0.81
N LEU A 38 -1.56 0.73 0.20
CA LEU A 38 -0.70 0.17 -0.84
C LEU A 38 0.76 0.43 -0.53
N GLN A 39 1.53 -0.63 -0.43
CA GLN A 39 2.96 -0.51 -0.14
C GLN A 39 3.79 -1.04 -1.30
N PHE A 40 4.42 -0.15 -2.04
CA PHE A 40 5.25 -0.52 -3.18
C PHE A 40 6.69 -0.72 -2.72
N THR A 41 7.14 -1.96 -2.78
CA THR A 41 8.43 -2.32 -2.23
C THR A 41 9.14 -3.34 -3.13
N ALA A 42 10.24 -3.88 -2.65
CA ALA A 42 10.98 -4.92 -3.34
C ALA A 42 11.70 -5.77 -2.31
N SER A 43 12.29 -6.87 -2.73
CA SER A 43 12.97 -7.77 -1.81
C SER A 43 14.38 -7.27 -1.49
N TRP A 44 14.87 -6.32 -2.27
CA TRP A 44 16.24 -5.85 -2.13
C TRP A 44 16.34 -4.50 -1.39
N CYS A 45 15.22 -3.87 -1.07
CA CYS A 45 15.27 -2.58 -0.40
C CYS A 45 15.34 -2.73 1.12
N GLY A 46 16.51 -2.45 1.68
CA GLY A 46 16.71 -2.60 3.11
C GLY A 46 16.06 -1.50 3.93
N VAL A 47 15.56 -0.47 3.26
CA VAL A 47 14.83 0.59 3.94
C VAL A 47 13.42 0.13 4.28
N CYS A 48 12.79 -0.51 3.31
CA CYS A 48 11.42 -0.99 3.46
C CYS A 48 11.32 -2.05 4.55
N ARG A 49 12.44 -2.70 4.84
CA ARG A 49 12.50 -3.71 5.90
C ARG A 49 12.36 -3.08 7.28
N LYS A 50 12.25 -1.76 7.33
CA LYS A 50 11.93 -1.07 8.56
C LYS A 50 10.45 -0.69 8.57
N GLU A 51 10.00 -0.10 7.47
CA GLU A 51 8.63 0.37 7.37
C GLU A 51 7.63 -0.78 7.39
N MET A 52 7.89 -1.85 6.64
CA MET A 52 6.91 -2.93 6.52
C MET A 52 6.65 -3.65 7.86
N PRO A 53 7.68 -3.91 8.72
CA PRO A 53 7.43 -4.39 10.09
C PRO A 53 6.62 -3.38 10.91
N PHE A 54 6.95 -2.09 10.78
CA PHE A 54 6.18 -1.06 11.48
C PHE A 54 4.75 -1.00 10.96
N ILE A 55 4.59 -1.10 9.64
CA ILE A 55 3.27 -1.17 9.02
C ILE A 55 2.50 -2.37 9.56
N GLU A 56 3.14 -3.54 9.52
CA GLU A 56 2.58 -4.77 10.07
C GLU A 56 2.06 -4.54 11.49
N LYS A 57 2.90 -3.93 12.31
CA LYS A 57 2.60 -3.75 13.73
C LYS A 57 1.48 -2.73 13.97
N ASP A 58 1.52 -1.58 13.32
CA ASP A 58 0.57 -0.51 13.62
C ASP A 58 -0.49 -0.33 12.53
N ILE A 59 -0.08 -0.23 11.28
CA ILE A 59 -1.03 0.03 10.22
C ILE A 59 -1.90 -1.20 9.96
N TRP A 60 -1.26 -2.36 9.95
CA TRP A 60 -1.96 -3.60 9.67
C TRP A 60 -2.65 -4.12 10.94
N LEU A 61 -1.88 -4.72 11.85
CA LEU A 61 -2.43 -5.41 13.03
C LEU A 61 -3.54 -4.64 13.75
N LYS A 62 -3.44 -3.31 13.78
CA LYS A 62 -4.37 -2.50 14.56
C LYS A 62 -5.66 -2.19 13.80
N HIS A 63 -5.61 -2.19 12.46
CA HIS A 63 -6.76 -1.77 11.67
C HIS A 63 -7.16 -2.79 10.63
N LYS A 64 -6.31 -3.80 10.45
CA LYS A 64 -6.36 -4.72 9.30
C LYS A 64 -7.75 -5.17 8.90
N ASP A 65 -8.54 -5.60 9.86
CA ASP A 65 -9.82 -6.19 9.56
C ASP A 65 -10.86 -5.11 9.32
N ASN A 66 -11.43 -4.63 10.43
CA ASN A 66 -12.61 -3.76 10.38
C ASN A 66 -13.65 -4.41 9.46
N ALA A 67 -14.53 -3.62 8.88
CA ALA A 67 -15.37 -4.10 7.80
C ALA A 67 -14.87 -3.49 6.50
N ASP A 68 -13.97 -2.52 6.63
CA ASP A 68 -13.55 -1.70 5.51
C ASP A 68 -12.08 -1.31 5.58
N PHE A 69 -11.21 -2.23 6.00
CA PHE A 69 -9.78 -1.95 5.85
C PHE A 69 -9.14 -2.99 4.94
N ALA A 70 -8.40 -2.50 3.95
CA ALA A 70 -7.63 -3.37 3.08
C ALA A 70 -6.19 -2.88 2.96
N LEU A 71 -5.25 -3.81 2.88
CA LEU A 71 -3.84 -3.47 2.74
C LEU A 71 -3.15 -4.47 1.82
N ILE A 72 -2.56 -3.98 0.74
CA ILE A 72 -1.87 -4.83 -0.21
C ILE A 72 -0.44 -4.35 -0.43
N GLY A 73 0.51 -5.25 -0.27
CA GLY A 73 1.90 -4.91 -0.55
C GLY A 73 2.28 -5.33 -1.96
N ILE A 74 2.92 -4.46 -2.70
CA ILE A 74 3.23 -4.72 -4.10
C ILE A 74 4.74 -4.69 -4.33
N ASP A 75 5.28 -5.74 -4.94
CA ASP A 75 6.68 -5.77 -5.33
C ASP A 75 6.83 -5.19 -6.73
N ARG A 76 7.93 -4.49 -6.97
CA ARG A 76 8.13 -3.76 -8.22
C ARG A 76 8.33 -4.67 -9.42
N ASP A 77 8.96 -5.83 -9.22
CA ASP A 77 9.32 -6.70 -10.34
C ASP A 77 9.53 -8.16 -9.91
N GLU A 78 10.05 -8.35 -8.71
CA GLU A 78 10.59 -9.65 -8.30
C GLU A 78 9.47 -10.68 -8.08
N PRO A 79 9.71 -11.93 -8.55
CA PRO A 79 8.69 -12.99 -8.59
C PRO A 79 8.31 -13.59 -7.24
N LEU A 80 7.54 -14.68 -7.31
CA LEU A 80 6.91 -15.30 -6.15
C LEU A 80 7.89 -15.65 -5.05
N GLU A 81 8.86 -16.50 -5.37
CA GLU A 81 9.78 -17.03 -4.36
C GLU A 81 10.55 -15.90 -3.68
N LYS A 82 10.85 -14.88 -4.45
CA LYS A 82 11.47 -13.67 -3.94
C LYS A 82 10.59 -12.98 -2.92
N VAL A 83 9.35 -12.72 -3.31
CA VAL A 83 8.39 -12.03 -2.45
C VAL A 83 8.04 -12.87 -1.22
N LEU A 84 7.81 -14.17 -1.44
CA LEU A 84 7.44 -15.07 -0.35
C LEU A 84 8.54 -15.17 0.70
N ALA A 85 9.77 -15.34 0.25
CA ALA A 85 10.91 -15.43 1.16
C ALA A 85 11.14 -14.11 1.87
N PHE A 86 10.90 -13.02 1.15
CA PHE A 86 11.06 -11.68 1.70
C PHE A 86 10.02 -11.40 2.79
N ALA A 87 8.74 -11.63 2.47
CA ALA A 87 7.66 -11.45 3.43
C ALA A 87 7.90 -12.28 4.68
N LYS A 88 8.21 -13.56 4.47
CA LYS A 88 8.51 -14.49 5.54
C LYS A 88 9.58 -13.95 6.49
N SER A 89 10.54 -13.21 5.95
CA SER A 89 11.66 -12.74 6.74
C SER A 89 11.38 -11.39 7.37
N THR A 90 10.15 -10.91 7.23
CA THR A 90 9.72 -9.66 7.83
C THR A 90 8.38 -9.84 8.55
N GLY A 91 7.93 -11.08 8.64
CA GLY A 91 6.68 -11.39 9.29
C GLY A 91 5.53 -11.35 8.31
N VAL A 92 5.19 -10.14 7.90
CA VAL A 92 4.14 -9.82 6.93
C VAL A 92 2.98 -10.83 6.90
N THR A 93 1.91 -10.52 7.61
CA THR A 93 0.73 -11.37 7.59
C THR A 93 -0.28 -10.87 6.55
N TYR A 94 -0.04 -9.66 6.03
CA TYR A 94 -0.87 -9.11 4.97
C TYR A 94 -0.38 -9.59 3.60
N PRO A 95 -1.31 -9.90 2.69
CA PRO A 95 -0.96 -10.44 1.37
C PRO A 95 -0.13 -9.47 0.53
N LEU A 96 0.88 -10.02 -0.13
CA LEU A 96 1.69 -9.26 -1.05
C LEU A 96 1.40 -9.71 -2.48
N GLY A 97 1.53 -8.78 -3.41
CA GLY A 97 1.37 -9.11 -4.80
C GLY A 97 2.63 -8.79 -5.58
N LEU A 98 2.89 -9.56 -6.61
CA LEU A 98 4.08 -9.35 -7.43
C LEU A 98 3.71 -8.67 -8.73
N ASP A 99 4.46 -7.63 -9.06
CA ASP A 99 4.22 -6.87 -10.29
C ASP A 99 5.42 -7.00 -11.24
N PRO A 100 5.52 -8.12 -11.97
CA PRO A 100 6.65 -8.36 -12.87
C PRO A 100 6.66 -7.43 -14.07
N GLY A 101 7.55 -6.45 -14.04
CA GLY A 101 7.63 -5.50 -15.13
C GLY A 101 7.32 -4.08 -14.68
N ALA A 102 7.07 -3.93 -13.38
CA ALA A 102 6.74 -2.62 -12.80
C ALA A 102 5.54 -1.97 -13.49
N ASP A 103 4.53 -2.78 -13.85
CA ASP A 103 3.34 -2.27 -14.53
C ASP A 103 2.38 -1.62 -13.55
N ILE A 104 2.07 -2.33 -12.48
CA ILE A 104 1.21 -1.80 -11.43
C ILE A 104 1.92 -0.63 -10.76
N PHE A 105 3.25 -0.75 -10.67
CA PHE A 105 4.09 0.31 -10.15
C PHE A 105 4.04 1.53 -11.09
N ALA A 106 3.92 1.27 -12.39
CA ALA A 106 3.88 2.32 -13.41
C ALA A 106 2.55 3.07 -13.36
N LYS A 107 1.53 2.40 -12.84
CA LYS A 107 0.20 3.01 -12.73
C LYS A 107 0.17 4.04 -11.60
N TYR A 108 1.27 4.16 -10.87
CA TYR A 108 1.37 5.11 -9.77
C TYR A 108 2.65 5.95 -9.87
N ALA A 109 3.73 5.33 -10.33
CA ALA A 109 5.01 5.99 -10.42
C ALA A 109 5.67 5.72 -11.77
N LEU A 110 6.81 6.38 -12.01
CA LEU A 110 7.52 6.25 -13.27
C LEU A 110 8.35 4.97 -13.34
N ARG A 111 8.17 4.14 -12.33
CA ARG A 111 8.84 2.85 -12.19
C ARG A 111 10.30 3.04 -11.79
N ASP A 112 11.08 3.57 -12.73
CA ASP A 112 12.52 3.67 -12.59
C ASP A 112 12.90 4.94 -11.82
N ALA A 113 11.88 5.61 -11.31
CA ALA A 113 12.09 6.81 -10.51
C ALA A 113 12.34 6.44 -9.05
N GLY A 114 13.13 5.40 -8.83
CA GLY A 114 13.45 4.96 -7.49
C GLY A 114 12.41 4.00 -6.94
N ILE A 115 12.83 3.13 -6.04
CA ILE A 115 11.94 2.15 -5.42
C ILE A 115 11.29 2.76 -4.17
N THR A 116 10.31 2.05 -3.61
CA THR A 116 9.67 2.42 -2.34
C THR A 116 8.63 3.51 -2.54
N ARG A 117 7.37 3.11 -2.41
CA ARG A 117 6.24 4.04 -2.43
C ARG A 117 5.24 3.63 -1.35
N ASN A 118 4.81 4.58 -0.55
CA ASN A 118 3.79 4.30 0.45
C ASN A 118 2.54 5.08 0.12
N VAL A 119 1.46 4.37 -0.16
CA VAL A 119 0.24 5.00 -0.63
C VAL A 119 -0.97 4.57 0.18
N LEU A 120 -1.88 5.51 0.43
CA LEU A 120 -3.14 5.20 1.07
C LEU A 120 -4.30 5.61 0.17
N ILE A 121 -5.09 4.64 -0.22
CA ILE A 121 -6.26 4.87 -1.04
C ILE A 121 -7.48 5.09 -0.16
N ASP A 122 -8.10 6.25 -0.31
CA ASP A 122 -9.28 6.61 0.44
C ASP A 122 -10.46 5.74 0.01
N ARG A 123 -11.44 5.64 0.89
CA ARG A 123 -12.63 4.84 0.63
C ARG A 123 -13.47 5.45 -0.51
N GLU A 124 -13.19 6.70 -0.87
CA GLU A 124 -13.82 7.31 -2.03
C GLU A 124 -13.15 6.81 -3.31
N GLY A 125 -11.97 6.22 -3.14
CA GLY A 125 -11.22 5.71 -4.27
C GLY A 125 -10.15 6.67 -4.73
N LYS A 126 -9.70 7.52 -3.82
CA LYS A 126 -8.73 8.56 -4.14
C LYS A 126 -7.43 8.37 -3.38
N ILE A 127 -6.34 8.91 -3.92
CA ILE A 127 -5.08 8.90 -3.21
C ILE A 127 -4.98 10.11 -2.30
N VAL A 128 -4.95 9.86 -1.00
CA VAL A 128 -4.91 10.95 -0.03
C VAL A 128 -3.50 11.09 0.56
N LYS A 129 -2.69 10.07 0.42
CA LYS A 129 -1.37 10.05 1.02
C LYS A 129 -0.43 9.17 0.22
N LEU A 130 0.63 9.77 -0.31
CA LEU A 130 1.64 9.04 -1.04
C LEU A 130 3.02 9.59 -0.71
N THR A 131 3.76 8.84 0.08
CA THR A 131 5.05 9.27 0.58
C THR A 131 6.09 8.20 0.28
N ARG A 132 7.37 8.56 0.37
CA ARG A 132 8.43 7.60 0.07
C ARG A 132 9.25 7.28 1.30
N LEU A 133 9.49 5.98 1.49
CA LEU A 133 10.39 5.43 2.51
C LEU A 133 9.92 5.68 3.94
N TYR A 134 10.34 4.81 4.84
CA TYR A 134 9.99 4.90 6.23
C TYR A 134 10.56 6.15 6.88
N ASN A 135 9.70 7.14 7.06
CA ASN A 135 10.03 8.33 7.82
C ASN A 135 9.45 8.18 9.23
N GLU A 136 9.87 9.05 10.13
CA GLU A 136 9.41 8.98 11.51
C GLU A 136 8.03 9.60 11.62
N GLU A 137 7.98 10.91 11.42
CA GLU A 137 6.74 11.65 11.53
C GLU A 137 5.77 11.29 10.43
N GLU A 138 6.29 10.93 9.26
CA GLU A 138 5.43 10.51 8.15
C GLU A 138 4.68 9.23 8.50
N PHE A 139 5.35 8.30 9.17
CA PHE A 139 4.71 7.06 9.59
C PHE A 139 3.72 7.34 10.72
N ALA A 140 4.12 8.20 11.66
CA ALA A 140 3.25 8.60 12.76
C ALA A 140 2.00 9.29 12.22
N SER A 141 2.17 10.11 11.20
CA SER A 141 1.06 10.80 10.58
C SER A 141 0.11 9.81 9.92
N LEU A 142 0.67 8.78 9.29
CA LEU A 142 -0.12 7.73 8.67
C LEU A 142 -1.01 7.05 9.70
N VAL A 143 -0.43 6.68 10.83
CA VAL A 143 -1.17 6.01 11.89
C VAL A 143 -2.37 6.85 12.34
N GLN A 144 -2.14 8.12 12.61
CA GLN A 144 -3.21 9.02 13.03
C GLN A 144 -4.22 9.23 11.90
N GLN A 145 -3.71 9.41 10.69
CA GLN A 145 -4.53 9.60 9.50
C GLN A 145 -5.45 8.40 9.29
N ILE A 146 -4.87 7.21 9.30
CA ILE A 146 -5.64 5.99 9.10
C ILE A 146 -6.59 5.76 10.26
N ASN A 147 -6.19 6.23 11.44
CA ASN A 147 -7.04 6.13 12.62
C ASN A 147 -8.38 6.83 12.37
N GLU A 148 -8.31 8.01 11.75
CA GLU A 148 -9.50 8.78 11.38
C GLU A 148 -10.30 8.06 10.29
N MET A 149 -9.59 7.46 9.34
CA MET A 149 -10.23 6.75 8.23
C MET A 149 -11.10 5.63 8.76
N LEU A 150 -10.72 5.12 9.93
CA LEU A 150 -11.44 4.05 10.59
C LEU A 150 -12.54 4.61 11.51
N LYS A 151 -12.59 5.92 11.66
CA LYS A 151 -13.57 6.57 12.53
C LYS A 151 -14.70 7.20 11.73
N GLU A 152 -14.33 7.94 10.70
CA GLU A 152 -15.24 8.85 10.03
C GLU A 152 -16.48 8.17 9.46
N GLY A 153 -16.31 7.05 8.76
CA GLY A 153 -17.40 6.46 8.01
C GLY A 153 -17.68 7.26 6.74
N HIS A 154 -17.99 8.52 6.93
CA HIS A 154 -18.01 9.50 5.86
C HIS A 154 -17.10 10.64 6.30
N HIS A 155 -16.43 11.31 5.36
CA HIS A 155 -15.43 12.32 5.71
C HIS A 155 -16.02 13.35 6.66
N HIS A 156 -15.78 13.17 7.97
CA HIS A 156 -16.48 13.95 8.99
C HIS A 156 -15.78 15.26 9.30
N HIS A 157 -14.80 15.62 8.49
CA HIS A 157 -14.30 16.99 8.47
C HIS A 157 -15.25 17.82 7.61
N HIS A 158 -16.53 17.59 7.89
CA HIS A 158 -17.66 18.10 7.12
C HIS A 158 -18.90 17.42 7.66
N HIS A 159 -20.00 18.15 7.77
CA HIS A 159 -21.24 17.56 8.21
C HIS A 159 -21.86 16.73 7.10
#